data_9FMT
#
_entry.id   9FMT
#
_cell.length_a   1.00
_cell.length_b   1.00
_cell.length_c   1.00
_cell.angle_alpha   90.00
_cell.angle_beta   90.00
_cell.angle_gamma   90.00
#
_symmetry.space_group_name_H-M   'P 1'
#
_entity_poly.entity_id   1
_entity_poly.type   'polypeptide(L)'
_entity_poly.pdbx_seq_one_letter_code
;TPATQPLINAEPAVAAQTEQNPQVGQVMPGVQGADAPVVAQNGPSRDVKLTFAQIAPPPGSMVLRGINPNGSIEFGMRSD
EVVTKAMLNLEYTPSPSLLPVQSQLKVYLNDELMGVLPVTKEQLGKKTLAQMPINPLFITDFNRVRLEFVGHYQDVCENP
ASTTLWLDVGRSSGLDLTYQTLNVKNDLSHFPVPFFDPRDNRTNTLPMVFAGAPDVGLQQASAIVASWFGSRSGWRGQNF
PVLYNQLPDRNAIVFATNDKRPDFLRDHPAVKAPVIEMINHPQNPYVKLLVVFGRDDKDLLQAAKGIAQGNILFRGESVV
VNEVKPLLPRKPYDAPNWVRTDRPVTFGELKTYEEQLQSSGLEPAAINVSLNLPPDLYLMRSTGIDMDINYRYTMPPVKD
SSRMDISLNNQFLQSFNLSSKQEANRLLLRIPVLQGLLDGKTDVSIPALKLGATNQLRFDFEYMNPMPGGSVDNCITFQP
VQNHVVIGDDSTIDFSKYYHFIPMPDLRAFANAGFPFSRMADLSQTITVMPKAPNEAQMETLLNTVGFIGAQTGFPAINL
TVTDDGSTIQGKDADIMIIGGIPDKLKDDKQIDLLVQATESWVKTPMRQTPFPGIVPDESDRAAETRSTLTSSGAMAAVI
GFQSPYNDQRSVIALLADSPRGYEMLNDAVNDSGKRATMFGSVAVIRESGINSLRVGDVYYVGHLPWFERLWYALANHPI
LLAVLAAISVILLAWVLWRLLRIISRRRLNPDNE
;
_entity_poly.pdbx_strand_id   A,B,D,E,F,C
#
# COMPACT_ATOMS: atom_id res chain seq x y z
N ASN A 42 -7.81 -32.64 36.39
CA ASN A 42 -6.79 -33.02 37.36
C ASN A 42 -5.47 -33.33 36.68
N GLY A 43 -4.38 -32.87 37.27
CA GLY A 43 -3.06 -33.09 36.72
C GLY A 43 -2.07 -32.04 37.17
N PRO A 44 -0.78 -32.31 36.97
CA PRO A 44 0.25 -31.35 37.38
C PRO A 44 0.14 -30.05 36.61
N SER A 45 0.45 -28.95 37.28
CA SER A 45 0.45 -27.63 36.69
C SER A 45 1.87 -27.12 36.52
N ARG A 46 2.00 -26.05 35.73
CA ARG A 46 3.33 -25.50 35.41
C ARG A 46 3.14 -24.08 34.93
N ASP A 47 3.79 -23.13 35.59
CA ASP A 47 3.68 -21.72 35.27
C ASP A 47 4.87 -21.29 34.42
N VAL A 48 4.60 -20.61 33.32
CA VAL A 48 5.64 -20.20 32.37
C VAL A 48 5.43 -18.73 32.03
N LYS A 49 6.50 -17.94 32.13
CA LYS A 49 6.51 -16.55 31.69
C LYS A 49 7.37 -16.44 30.45
N LEU A 50 6.79 -15.98 29.35
CA LEU A 50 7.47 -15.87 28.07
C LEU A 50 7.60 -14.39 27.72
N THR A 51 8.75 -13.82 28.05
CA THR A 51 8.98 -12.41 27.76
C THR A 51 9.15 -12.19 26.26
N PHE A 52 8.90 -10.95 25.83
CA PHE A 52 9.02 -10.61 24.42
C PHE A 52 10.45 -10.78 23.93
N ALA A 53 11.44 -10.57 24.80
CA ALA A 53 12.84 -10.65 24.41
C ALA A 53 13.23 -12.04 23.93
N GLN A 54 12.45 -13.07 24.27
CA GLN A 54 12.75 -14.44 23.85
C GLN A 54 11.90 -14.90 22.68
N ILE A 55 10.60 -14.60 22.68
CA ILE A 55 9.67 -15.12 21.69
C ILE A 55 9.33 -14.08 20.64
N ALA A 56 10.01 -12.94 20.62
CA ALA A 56 9.82 -11.89 19.66
C ALA A 56 10.96 -11.89 18.64
N PRO A 57 10.88 -11.05 17.60
CA PRO A 57 12.03 -10.87 16.70
C PRO A 57 13.29 -10.51 17.48
N PRO A 58 14.46 -10.70 16.87
CA PRO A 58 15.72 -10.64 17.61
C PRO A 58 15.88 -9.38 18.46
N PRO A 59 15.48 -8.19 17.97
CA PRO A 59 15.58 -7.01 18.84
C PRO A 59 14.77 -7.14 20.13
N GLY A 60 13.64 -7.82 20.09
CA GLY A 60 12.82 -7.99 21.28
C GLY A 60 11.75 -6.93 21.43
N SER A 61 12.13 -5.67 21.26
CA SER A 61 11.18 -4.57 21.33
C SER A 61 10.46 -4.41 20.00
N MET A 62 9.23 -3.92 20.06
CA MET A 62 8.39 -3.72 18.90
C MET A 62 8.06 -2.24 18.76
N VAL A 63 8.29 -1.70 17.57
CA VAL A 63 7.91 -0.33 17.24
C VAL A 63 6.82 -0.40 16.18
N LEU A 64 5.61 -0.01 16.57
CA LEU A 64 4.45 -0.05 15.68
C LEU A 64 4.15 1.36 15.19
N ARG A 65 4.11 1.54 13.88
CA ARG A 65 3.85 2.83 13.26
C ARG A 65 2.63 2.73 12.36
N GLY A 66 2.28 3.85 11.73
CA GLY A 66 1.14 3.88 10.83
C GLY A 66 1.35 3.08 9.56
N ILE A 67 2.61 2.86 9.17
CA ILE A 67 2.91 2.06 7.99
C ILE A 67 3.02 0.58 8.32
N ASN A 68 3.59 0.25 9.48
CA ASN A 68 3.71 -1.13 9.94
C ASN A 68 3.12 -1.20 11.34
N PRO A 69 1.80 -1.31 11.45
CA PRO A 69 1.15 -1.33 12.77
C PRO A 69 0.95 -2.70 13.39
N ASN A 70 1.49 -3.76 12.81
CA ASN A 70 1.26 -5.12 13.28
C ASN A 70 2.54 -5.72 13.81
N GLY A 71 2.49 -6.22 15.04
CA GLY A 71 3.58 -6.97 15.63
C GLY A 71 3.06 -8.22 16.31
N SER A 72 3.63 -9.37 15.97
CA SER A 72 3.09 -10.65 16.41
C SER A 72 4.15 -11.46 17.15
N ILE A 73 3.73 -12.09 18.24
CA ILE A 73 4.54 -13.07 18.95
C ILE A 73 3.91 -14.43 18.72
N GLU A 74 4.70 -15.48 18.98
CA GLU A 74 4.31 -16.84 18.66
C GLU A 74 4.61 -17.76 19.83
N PHE A 75 3.69 -18.69 20.10
CA PHE A 75 3.93 -19.74 21.09
C PHE A 75 3.10 -20.95 20.71
N GLY A 76 3.53 -22.10 21.24
CA GLY A 76 2.88 -23.36 20.91
C GLY A 76 2.42 -24.14 22.12
N MET A 77 1.49 -25.08 21.90
CA MET A 77 0.95 -25.89 22.98
C MET A 77 1.13 -27.36 22.62
N ARG A 78 1.63 -28.14 23.57
CA ARG A 78 1.84 -29.56 23.35
C ARG A 78 0.50 -30.30 23.32
N SER A 79 0.54 -31.52 22.77
CA SER A 79 -0.65 -32.36 22.69
C SER A 79 -1.05 -32.95 24.03
N ASP A 80 -0.18 -32.91 25.04
CA ASP A 80 -0.48 -33.45 26.35
C ASP A 80 -0.65 -32.36 27.40
N GLU A 81 -0.80 -31.10 26.97
CA GLU A 81 -1.00 -29.99 27.89
C GLU A 81 -2.12 -29.10 27.38
N VAL A 82 -2.83 -28.48 28.33
CA VAL A 82 -3.89 -27.53 28.04
C VAL A 82 -3.66 -26.29 28.87
N VAL A 83 -3.80 -25.12 28.26
CA VAL A 83 -3.61 -23.86 28.97
C VAL A 83 -4.86 -23.56 29.78
N THR A 84 -4.70 -23.45 31.10
CA THR A 84 -5.80 -23.12 32.00
C THR A 84 -5.79 -21.67 32.44
N LYS A 85 -4.75 -20.90 32.08
CA LYS A 85 -4.66 -19.50 32.46
C LYS A 85 -3.67 -18.82 31.53
N ALA A 86 -4.05 -17.67 30.99
CA ALA A 86 -3.19 -16.91 30.09
C ALA A 86 -3.40 -15.43 30.34
N MET A 87 -2.30 -14.69 30.35
CA MET A 87 -2.34 -13.25 30.62
C MET A 87 -1.21 -12.58 29.87
N LEU A 88 -1.54 -11.53 29.11
CA LEU A 88 -0.56 -10.76 28.36
C LEU A 88 -0.27 -9.48 29.14
N ASN A 89 0.94 -9.36 29.66
CA ASN A 89 1.40 -8.14 30.33
C ASN A 89 2.15 -7.29 29.33
N LEU A 90 1.79 -6.02 29.23
CA LEU A 90 2.34 -5.10 28.24
C LEU A 90 2.97 -3.91 28.94
N GLU A 91 4.19 -3.58 28.55
CA GLU A 91 4.87 -2.35 28.95
C GLU A 91 5.14 -1.56 27.68
N TYR A 92 4.28 -0.58 27.40
CA TYR A 92 4.34 0.15 26.14
C TYR A 92 4.27 1.64 26.40
N THR A 93 4.85 2.41 25.47
CA THR A 93 4.86 3.86 25.54
C THR A 93 4.22 4.44 24.29
N PRO A 94 3.01 4.98 24.37
CA PRO A 94 2.41 5.62 23.19
C PRO A 94 3.07 6.96 22.91
N SER A 95 2.95 7.39 21.65
CA SER A 95 3.52 8.67 21.25
C SER A 95 2.77 9.81 21.93
N PRO A 96 3.47 10.87 22.34
CA PRO A 96 2.79 11.99 23.01
C PRO A 96 1.88 12.80 22.10
N SER A 97 1.93 12.60 20.79
CA SER A 97 1.11 13.35 19.85
C SER A 97 -0.16 12.62 19.45
N LEU A 98 -0.43 11.46 20.03
CA LEU A 98 -1.60 10.69 19.65
C LEU A 98 -2.88 11.32 20.17
N LEU A 99 -3.94 11.22 19.39
CA LEU A 99 -5.28 11.57 19.90
C LEU A 99 -5.73 10.47 20.86
N PRO A 100 -6.11 10.81 22.09
CA PRO A 100 -6.24 9.78 23.13
C PRO A 100 -7.18 8.64 22.82
N VAL A 101 -8.47 8.92 22.62
CA VAL A 101 -9.43 7.84 22.52
C VAL A 101 -9.44 7.22 21.12
N GLN A 102 -9.24 8.04 20.09
CA GLN A 102 -9.24 7.51 18.72
C GLN A 102 -8.09 6.55 18.50
N SER A 103 -6.96 6.76 19.16
CA SER A 103 -5.82 5.86 19.04
C SER A 103 -5.95 4.73 20.04
N GLN A 104 -5.80 3.49 19.56
CA GLN A 104 -6.00 2.31 20.38
C GLN A 104 -4.94 1.27 20.05
N LEU A 105 -4.75 0.35 20.99
CA LEU A 105 -3.90 -0.83 20.79
C LEU A 105 -4.78 -2.06 20.92
N LYS A 106 -4.82 -2.88 19.86
CA LYS A 106 -5.69 -4.04 19.80
C LYS A 106 -4.86 -5.32 19.93
N VAL A 107 -5.39 -6.27 20.68
CA VAL A 107 -4.72 -7.54 20.95
C VAL A 107 -5.54 -8.65 20.31
N TYR A 108 -4.89 -9.45 19.48
CA TYR A 108 -5.53 -10.57 18.80
C TYR A 108 -4.88 -11.88 19.21
N LEU A 109 -5.67 -12.94 19.22
CA LEU A 109 -5.18 -14.30 19.39
C LEU A 109 -5.83 -15.17 18.31
N ASN A 110 -5.01 -15.66 17.38
CA ASN A 110 -5.48 -16.48 16.27
C ASN A 110 -6.57 -15.74 15.48
N ASP A 111 -6.28 -14.48 15.16
CA ASP A 111 -7.19 -13.61 14.41
C ASP A 111 -8.53 -13.44 15.12
N GLU A 112 -8.51 -13.45 16.44
CA GLU A 112 -9.69 -13.20 17.25
C GLU A 112 -9.34 -12.16 18.30
N LEU A 113 -10.14 -11.10 18.40
CA LEU A 113 -9.84 -10.02 19.32
C LEU A 113 -9.97 -10.48 20.76
N MET A 114 -8.98 -10.17 21.58
CA MET A 114 -9.02 -10.47 23.00
C MET A 114 -9.36 -9.25 23.84
N GLY A 115 -9.27 -8.07 23.27
CA GLY A 115 -9.54 -6.83 23.98
C GLY A 115 -8.82 -5.68 23.35
N VAL A 116 -9.25 -4.48 23.70
CA VAL A 116 -8.68 -3.25 23.16
C VAL A 116 -8.28 -2.35 24.31
N LEU A 117 -7.14 -1.68 24.17
CA LEU A 117 -6.63 -0.77 25.18
C LEU A 117 -6.57 0.63 24.60
N PRO A 118 -7.59 1.47 24.82
CA PRO A 118 -7.53 2.84 24.32
C PRO A 118 -6.46 3.64 25.04
N VAL A 119 -5.88 4.58 24.31
CA VAL A 119 -4.89 5.49 24.88
C VAL A 119 -5.62 6.57 25.67
N THR A 120 -4.95 7.09 26.70
CA THR A 120 -5.54 8.11 27.55
C THR A 120 -4.60 9.31 27.62
N LYS A 121 -5.16 10.44 28.02
CA LYS A 121 -4.36 11.67 28.17
C LYS A 121 -3.25 11.47 29.18
N GLU A 122 -3.54 10.77 30.28
CA GLU A 122 -2.52 10.49 31.28
C GLU A 122 -1.51 9.46 30.80
N GLN A 123 -1.80 8.72 29.73
CA GLN A 123 -0.87 7.76 29.18
C GLN A 123 -0.05 8.29 28.02
N LEU A 124 -0.48 9.41 27.41
CA LEU A 124 0.23 9.97 26.26
C LEU A 124 1.68 10.29 26.61
N GLY A 125 2.60 9.63 25.93
CA GLY A 125 4.01 9.89 26.09
C GLY A 125 4.65 9.30 27.33
N LYS A 126 3.99 8.35 28.00
CA LYS A 126 4.48 7.79 29.23
C LYS A 126 4.42 6.27 29.17
N LYS A 127 5.31 5.62 29.92
CA LYS A 127 5.30 4.16 29.99
C LYS A 127 4.05 3.68 30.72
N THR A 128 3.35 2.73 30.11
CA THR A 128 2.08 2.24 30.63
C THR A 128 2.16 0.74 30.85
N LEU A 129 1.63 0.29 31.97
CA LEU A 129 1.56 -1.13 32.31
C LEU A 129 0.14 -1.61 32.04
N ALA A 130 0.00 -2.57 31.14
CA ALA A 130 -1.30 -3.10 30.75
C ALA A 130 -1.35 -4.59 30.99
N GLN A 131 -2.48 -5.07 31.50
CA GLN A 131 -2.71 -6.47 31.77
C GLN A 131 -3.97 -6.91 31.03
N MET A 132 -3.79 -7.76 30.02
CA MET A 132 -4.90 -8.21 29.19
C MET A 132 -5.10 -9.71 29.33
N PRO A 133 -6.23 -10.17 29.86
CA PRO A 133 -6.49 -11.61 29.92
C PRO A 133 -6.66 -12.21 28.54
N ILE A 134 -6.26 -13.47 28.42
CA ILE A 134 -6.34 -14.21 27.16
C ILE A 134 -7.23 -15.44 27.39
N ASN A 135 -8.20 -15.63 26.51
CA ASN A 135 -9.15 -16.73 26.64
C ASN A 135 -8.49 -18.04 26.23
N PRO A 136 -8.41 -19.04 27.12
CA PRO A 136 -7.81 -20.32 26.73
C PRO A 136 -8.59 -21.07 25.66
N LEU A 137 -9.87 -20.74 25.44
CA LEU A 137 -10.69 -21.50 24.50
C LEU A 137 -10.23 -21.33 23.05
N PHE A 138 -9.53 -20.25 22.74
CA PHE A 138 -9.04 -20.01 21.39
C PHE A 138 -7.57 -20.40 21.21
N ILE A 139 -6.99 -21.06 22.20
CA ILE A 139 -5.60 -21.49 22.14
C ILE A 139 -5.54 -22.88 21.51
N THR A 140 -4.68 -23.04 20.52
CA THR A 140 -4.53 -24.29 19.77
C THR A 140 -3.07 -24.74 19.84
N ASP A 141 -2.73 -25.74 19.02
CA ASP A 141 -1.39 -26.29 19.04
C ASP A 141 -0.35 -25.24 18.66
N PHE A 142 -0.65 -24.43 17.65
CA PHE A 142 0.20 -23.32 17.24
C PHE A 142 -0.61 -22.04 17.34
N ASN A 143 -0.08 -21.05 18.05
CA ASN A 143 -0.79 -19.82 18.34
C ASN A 143 0.00 -18.62 17.86
N ARG A 144 -0.71 -17.52 17.62
CA ARG A 144 -0.09 -16.30 17.12
C ARG A 144 -0.81 -15.11 17.74
N VAL A 145 -0.18 -14.46 18.70
CA VAL A 145 -0.72 -13.27 19.33
C VAL A 145 -0.22 -12.05 18.56
N ARG A 146 -1.15 -11.28 18.01
CA ARG A 146 -0.82 -10.13 17.19
C ARG A 146 -1.30 -8.85 17.87
N LEU A 147 -0.41 -7.87 17.95
CA LEU A 147 -0.74 -6.55 18.48
C LEU A 147 -0.97 -5.60 17.31
N GLU A 148 -2.14 -4.97 17.28
CA GLU A 148 -2.51 -4.03 16.23
C GLU A 148 -2.54 -2.62 16.81
N PHE A 149 -1.95 -1.67 16.08
CA PHE A 149 -1.86 -0.29 16.53
C PHE A 149 -2.72 0.58 15.62
N VAL A 150 -3.69 1.26 16.22
CA VAL A 150 -4.50 2.26 15.55
C VAL A 150 -4.07 3.61 16.11
N GLY A 151 -3.61 4.50 15.24
CA GLY A 151 -3.04 5.76 15.68
C GLY A 151 -3.54 6.95 14.89
N HIS A 152 -3.80 8.04 15.59
CA HIS A 152 -4.22 9.28 14.98
C HIS A 152 -3.64 10.44 15.77
N TYR A 153 -3.20 11.48 15.07
CA TYR A 153 -2.64 12.66 15.73
C TYR A 153 -3.34 13.96 15.38
N GLN A 154 -4.22 13.98 14.38
CA GLN A 154 -4.99 15.19 14.08
C GLN A 154 -6.25 14.79 13.33
N ASP A 155 -7.26 15.65 13.44
CA ASP A 155 -8.57 15.33 12.88
C ASP A 155 -8.57 15.41 11.35
N VAL A 156 -7.95 16.45 10.80
CA VAL A 156 -8.03 16.73 9.36
C VAL A 156 -6.64 16.60 8.75
N CYS A 157 -6.60 16.03 7.55
CA CYS A 157 -5.37 15.89 6.76
C CYS A 157 -4.33 15.05 7.51
N GLU A 158 -4.71 13.80 7.77
CA GLU A 158 -3.84 12.86 8.45
C GLU A 158 -2.81 12.30 7.47
N ASN A 159 -1.59 12.10 7.95
CA ASN A 159 -0.56 11.44 7.16
C ASN A 159 -0.28 10.06 7.76
N PRO A 160 -0.71 8.97 7.13
CA PRO A 160 -0.49 7.64 7.71
C PRO A 160 0.98 7.27 7.85
N ALA A 161 1.87 7.90 7.07
CA ALA A 161 3.29 7.62 7.14
C ALA A 161 4.03 8.58 8.07
N SER A 162 3.33 9.45 8.78
CA SER A 162 3.98 10.40 9.66
C SER A 162 4.75 9.68 10.76
N THR A 163 5.94 10.19 11.06
CA THR A 163 6.78 9.60 12.10
C THR A 163 6.21 9.82 13.49
N THR A 164 5.25 10.72 13.66
CA THR A 164 4.64 10.93 14.97
C THR A 164 3.85 9.72 15.43
N LEU A 165 3.26 8.98 14.50
CA LEU A 165 2.42 7.83 14.83
C LEU A 165 3.33 6.65 15.16
N TRP A 166 3.57 6.42 16.44
CA TRP A 166 4.35 5.26 16.86
C TRP A 166 3.90 4.82 18.24
N LEU A 167 4.15 3.54 18.52
CA LEU A 167 3.88 2.96 19.83
C LEU A 167 4.95 1.92 20.11
N ASP A 168 5.75 2.15 21.15
CA ASP A 168 6.87 1.28 21.47
C ASP A 168 6.45 0.27 22.53
N VAL A 169 6.60 -1.00 22.22
CA VAL A 169 6.32 -2.09 23.16
C VAL A 169 7.65 -2.63 23.66
N GLY A 170 7.87 -2.53 24.96
CA GLY A 170 9.13 -2.96 25.53
C GLY A 170 9.29 -4.46 25.53
N ARG A 171 10.55 -4.90 25.57
CA ARG A 171 10.84 -6.32 25.61
C ARG A 171 10.52 -6.96 26.95
N SER A 172 10.26 -6.15 27.98
CA SER A 172 9.83 -6.69 29.26
C SER A 172 8.39 -7.19 29.22
N SER A 173 7.63 -6.83 28.20
CA SER A 173 6.30 -7.39 28.02
C SER A 173 6.38 -8.89 27.80
N GLY A 174 5.39 -9.61 28.30
CA GLY A 174 5.45 -11.06 28.20
C GLY A 174 4.10 -11.71 28.36
N LEU A 175 4.10 -13.02 28.16
CA LEU A 175 2.91 -13.86 28.26
C LEU A 175 3.06 -14.78 29.46
N ASP A 176 2.09 -14.72 30.37
CA ASP A 176 2.07 -15.58 31.55
C ASP A 176 1.06 -16.70 31.32
N LEU A 177 1.56 -17.93 31.28
CA LEU A 177 0.74 -19.09 30.98
C LEU A 177 0.83 -20.10 32.12
N THR A 178 -0.24 -20.90 32.25
CA THR A 178 -0.28 -21.99 33.21
C THR A 178 -0.76 -23.24 32.49
N TYR A 179 0.16 -24.17 32.26
CA TYR A 179 -0.17 -25.43 31.60
C TYR A 179 -0.60 -26.48 32.62
N GLN A 180 -1.52 -27.34 32.20
CA GLN A 180 -1.92 -28.50 32.99
C GLN A 180 -1.73 -29.75 32.14
N THR A 181 -1.04 -30.74 32.71
CA THR A 181 -0.70 -31.95 31.97
C THR A 181 -1.93 -32.84 31.83
N LEU A 182 -2.18 -33.31 30.61
CA LEU A 182 -3.25 -34.26 30.36
C LEU A 182 -2.74 -35.68 30.51
N ASN A 183 -3.64 -36.57 30.89
CA ASN A 183 -3.31 -38.00 31.00
C ASN A 183 -3.65 -38.65 29.67
N VAL A 184 -2.69 -38.58 28.73
CA VAL A 184 -2.88 -39.16 27.41
C VAL A 184 -2.86 -40.68 27.52
N LYS A 185 -3.62 -41.32 26.63
CA LYS A 185 -3.67 -42.78 26.63
C LYS A 185 -2.38 -43.36 26.07
N ASN A 186 -2.02 -44.55 26.57
CA ASN A 186 -0.79 -45.22 26.16
C ASN A 186 -1.01 -45.82 24.77
N ASP A 187 -0.89 -44.96 23.76
CA ASP A 187 -1.03 -45.34 22.36
C ASP A 187 0.30 -45.16 21.66
N LEU A 188 0.74 -46.18 20.93
CA LEU A 188 1.97 -46.07 20.18
C LEU A 188 1.81 -45.29 18.89
N SER A 189 0.58 -45.00 18.47
CA SER A 189 0.36 -43.89 17.57
C SER A 189 0.61 -42.59 18.33
N HIS A 190 0.88 -41.53 17.58
CA HIS A 190 1.48 -40.33 18.15
C HIS A 190 2.79 -40.70 18.85
N PHE A 191 3.57 -41.59 18.23
CA PHE A 191 4.66 -42.24 18.94
C PHE A 191 5.65 -41.25 19.55
N PRO A 192 6.21 -40.29 18.81
CA PRO A 192 7.08 -39.33 19.48
C PRO A 192 6.35 -38.40 20.43
N VAL A 193 5.05 -38.15 20.22
CA VAL A 193 4.40 -36.97 20.80
C VAL A 193 4.63 -36.82 22.31
N PRO A 194 4.43 -37.84 23.14
CA PRO A 194 4.62 -37.64 24.59
C PRO A 194 6.07 -37.42 24.99
N PHE A 195 7.03 -37.83 24.17
CA PHE A 195 8.45 -37.72 24.51
C PHE A 195 9.10 -36.51 23.85
N PHE A 196 9.05 -36.44 22.53
CA PHE A 196 9.35 -35.25 21.76
C PHE A 196 8.07 -34.77 21.08
N ASP A 197 7.70 -33.52 21.33
CA ASP A 197 6.55 -32.91 20.67
C ASP A 197 7.02 -31.79 19.76
N PRO A 198 6.76 -31.86 18.45
CA PRO A 198 7.21 -30.79 17.55
C PRO A 198 6.58 -29.45 17.86
N ARG A 199 5.45 -29.42 18.57
CA ARG A 199 4.84 -28.16 18.97
C ARG A 199 5.56 -27.49 20.12
N ASP A 200 6.50 -28.18 20.75
CA ASP A 200 7.29 -27.62 21.85
C ASP A 200 8.59 -27.07 21.29
N ASN A 201 8.83 -25.77 21.50
CA ASN A 201 10.01 -25.10 20.99
C ASN A 201 11.20 -25.20 21.94
N ARG A 202 11.02 -25.81 23.10
CA ARG A 202 12.11 -25.93 24.07
C ARG A 202 13.07 -27.04 23.65
N THR A 203 14.17 -27.15 24.39
CA THR A 203 15.11 -28.24 24.19
C THR A 203 14.46 -29.56 24.59
N ASN A 204 14.56 -30.55 23.72
CA ASN A 204 13.93 -31.86 23.96
C ASN A 204 14.79 -32.62 24.94
N THR A 205 14.46 -32.50 26.23
CA THR A 205 15.15 -33.22 27.29
C THR A 205 14.49 -34.59 27.45
N LEU A 206 15.21 -35.65 27.09
CA LEU A 206 14.68 -37.00 27.12
C LEU A 206 15.62 -37.91 27.90
N PRO A 207 15.35 -38.15 29.17
CA PRO A 207 16.21 -39.05 29.95
C PRO A 207 16.19 -40.47 29.42
N MET A 208 17.31 -41.16 29.60
CA MET A 208 17.44 -42.56 29.25
C MET A 208 17.81 -43.35 30.51
N VAL A 209 17.07 -44.44 30.75
CA VAL A 209 17.22 -45.22 31.97
C VAL A 209 17.79 -46.58 31.61
N PHE A 210 18.87 -46.95 32.28
CA PHE A 210 19.51 -48.25 32.12
C PHE A 210 19.49 -48.99 33.44
N ALA A 211 19.83 -50.28 33.39
CA ALA A 211 19.91 -51.12 34.57
C ALA A 211 21.29 -51.09 35.22
N GLY A 212 22.21 -50.30 34.69
CA GLY A 212 23.58 -50.25 35.18
C GLY A 212 24.49 -49.72 34.09
N ALA A 213 25.74 -50.13 34.15
CA ALA A 213 26.69 -49.74 33.12
C ALA A 213 26.37 -50.50 31.83
N PRO A 214 26.04 -49.81 30.75
CA PRO A 214 25.66 -50.52 29.52
C PRO A 214 26.85 -51.20 28.86
N ASP A 215 26.56 -52.29 28.15
CA ASP A 215 27.56 -52.97 27.36
C ASP A 215 27.65 -52.31 25.98
N VAL A 216 28.40 -52.92 25.07
CA VAL A 216 28.58 -52.36 23.74
C VAL A 216 27.26 -52.33 22.98
N GLY A 217 26.49 -53.42 23.03
CA GLY A 217 25.22 -53.46 22.33
C GLY A 217 24.22 -52.46 22.87
N LEU A 218 24.14 -52.35 24.20
CA LEU A 218 23.25 -51.35 24.80
C LEU A 218 23.68 -49.94 24.42
N GLN A 219 24.98 -49.67 24.42
CA GLN A 219 25.47 -48.37 24.01
C GLN A 219 25.08 -48.06 22.57
N GLN A 220 25.24 -49.05 21.68
CA GLN A 220 24.89 -48.85 20.28
C GLN A 220 23.39 -48.61 20.10
N ALA A 221 22.56 -49.37 20.82
CA ALA A 221 21.11 -49.20 20.69
C ALA A 221 20.66 -47.84 21.22
N SER A 222 21.19 -47.43 22.39
CA SER A 222 20.86 -46.12 22.91
C SER A 222 21.35 -45.01 22.00
N ALA A 223 22.52 -45.20 21.37
CA ALA A 223 23.01 -44.22 20.41
C ALA A 223 22.09 -44.12 19.21
N ILE A 224 21.58 -45.24 18.71
CA ILE A 224 20.66 -45.20 17.57
C ILE A 224 19.38 -44.45 17.95
N VAL A 225 18.83 -44.76 19.12
CA VAL A 225 17.60 -44.10 19.54
C VAL A 225 17.83 -42.60 19.72
N ALA A 226 18.95 -42.23 20.34
CA ALA A 226 19.26 -40.81 20.54
C ALA A 226 19.47 -40.10 19.21
N SER A 227 20.12 -40.78 18.25
CA SER A 227 20.30 -40.18 16.93
C SER A 227 18.98 -39.94 16.23
N TRP A 228 18.06 -40.90 16.33
CA TRP A 228 16.75 -40.71 15.71
C TRP A 228 16.01 -39.55 16.38
N PHE A 229 16.05 -39.48 17.70
CA PHE A 229 15.36 -38.40 18.39
C PHE A 229 15.97 -37.05 18.08
N GLY A 230 17.29 -37.00 17.93
CA GLY A 230 17.94 -35.76 17.51
C GLY A 230 17.58 -35.38 16.10
N SER A 231 17.45 -36.36 15.21
CA SER A 231 17.00 -36.07 13.86
C SER A 231 15.60 -35.49 13.87
N ARG A 232 14.73 -36.02 14.74
CA ARG A 232 13.37 -35.49 14.84
C ARG A 232 13.36 -34.08 15.42
N SER A 233 14.19 -33.82 16.44
CA SER A 233 14.26 -32.52 17.10
C SER A 233 15.57 -31.85 16.69
N GLY A 234 15.50 -30.86 15.82
CA GLY A 234 16.68 -30.29 15.23
C GLY A 234 17.13 -29.02 15.92
N TRP A 235 16.77 -27.87 15.35
CA TRP A 235 17.11 -26.58 15.93
C TRP A 235 16.68 -26.45 17.39
N ARG A 236 15.74 -27.27 17.85
CA ARG A 236 15.26 -27.16 19.22
C ARG A 236 16.34 -27.52 20.23
N GLY A 237 17.25 -28.40 19.87
CA GLY A 237 18.27 -28.86 20.79
C GLY A 237 17.92 -30.20 21.40
N GLN A 238 18.94 -30.87 21.92
CA GLN A 238 18.79 -32.21 22.48
C GLN A 238 19.48 -32.29 23.83
N ASN A 239 18.98 -33.20 24.67
CA ASN A 239 19.56 -33.44 25.99
C ASN A 239 19.07 -34.80 26.46
N PHE A 240 20.00 -35.69 26.77
CA PHE A 240 19.68 -37.07 27.13
C PHE A 240 20.32 -37.41 28.47
N PRO A 241 19.70 -36.99 29.58
CA PRO A 241 20.19 -37.41 30.90
C PRO A 241 20.15 -38.92 31.04
N VAL A 242 21.12 -39.46 31.75
CA VAL A 242 21.28 -40.91 31.91
C VAL A 242 21.13 -41.25 33.38
N LEU A 243 20.25 -42.20 33.66
CA LEU A 243 19.98 -42.67 35.02
C LEU A 243 20.17 -44.18 35.07
N TYR A 244 20.91 -44.65 36.08
CA TYR A 244 21.18 -46.07 36.25
C TYR A 244 20.29 -46.62 37.36
N ASN A 245 19.38 -47.52 37.00
CA ASN A 245 18.53 -48.23 37.96
C ASN A 245 17.76 -47.26 38.85
N GLN A 246 17.25 -46.18 38.26
CA GLN A 246 16.53 -45.18 39.02
C GLN A 246 15.50 -44.52 38.12
N LEU A 247 14.27 -44.40 38.62
CA LEU A 247 13.19 -43.82 37.84
C LEU A 247 13.39 -42.32 37.64
N PRO A 248 12.98 -41.78 36.50
CA PRO A 248 13.09 -40.33 36.28
C PRO A 248 11.85 -39.59 36.76
N ASP A 249 11.86 -38.26 36.61
CA ASP A 249 10.73 -37.42 37.00
C ASP A 249 9.96 -36.89 35.80
N ARG A 250 10.29 -37.34 34.59
CA ARG A 250 9.63 -36.89 33.37
C ARG A 250 9.54 -38.08 32.42
N ASN A 251 9.09 -37.80 31.20
CA ASN A 251 9.03 -38.84 30.17
C ASN A 251 10.44 -39.28 29.80
N ALA A 252 10.63 -40.59 29.68
CA ALA A 252 11.96 -41.13 29.44
C ALA A 252 11.86 -42.46 28.72
N ILE A 253 13.00 -42.92 28.21
CA ILE A 253 13.13 -44.21 27.54
C ILE A 253 13.86 -45.15 28.47
N VAL A 254 13.32 -46.36 28.62
CA VAL A 254 13.89 -47.38 29.50
C VAL A 254 14.34 -48.56 28.67
N PHE A 255 15.59 -48.95 28.82
CA PHE A 255 16.16 -50.11 28.15
C PHE A 255 16.31 -51.25 29.15
N ALA A 256 15.73 -52.41 28.80
CA ALA A 256 15.72 -53.55 29.71
C ALA A 256 16.01 -54.82 28.92
N THR A 257 16.52 -55.82 29.64
CA THR A 257 16.84 -57.12 29.10
C THR A 257 16.39 -58.17 30.09
N ASN A 258 16.03 -59.36 29.59
CA ASN A 258 15.54 -60.42 30.47
C ASN A 258 16.53 -60.73 31.57
N ASP A 259 17.83 -60.53 31.32
CA ASP A 259 18.84 -60.74 32.35
C ASP A 259 19.10 -59.48 33.17
N LYS A 260 19.24 -58.33 32.50
CA LYS A 260 19.55 -57.06 33.15
C LYS A 260 18.32 -56.16 33.06
N ARG A 261 17.69 -55.90 34.20
CA ARG A 261 16.50 -55.08 34.28
C ARG A 261 16.63 -54.03 35.37
N PRO A 262 16.00 -52.87 35.19
CA PRO A 262 15.89 -51.91 36.29
C PRO A 262 15.02 -52.48 37.41
N ASP A 263 15.22 -51.94 38.62
CA ASP A 263 14.55 -52.48 39.79
C ASP A 263 13.04 -52.38 39.73
N PHE A 264 12.50 -51.46 38.92
CA PHE A 264 11.06 -51.27 38.84
C PHE A 264 10.41 -52.16 37.78
N LEU A 265 11.18 -52.97 37.06
CA LEU A 265 10.66 -53.90 36.08
C LEU A 265 10.94 -55.34 36.48
N ARG A 266 11.08 -55.61 37.77
CA ARG A 266 11.40 -56.96 38.23
C ARG A 266 10.28 -57.93 37.90
N ASP A 267 9.03 -57.51 38.08
CA ASP A 267 7.88 -58.37 37.85
C ASP A 267 7.48 -58.47 36.39
N HIS A 268 8.12 -57.71 35.50
CA HIS A 268 7.78 -57.76 34.08
C HIS A 268 8.11 -59.14 33.52
N PRO A 269 7.20 -59.78 32.79
CA PRO A 269 7.48 -61.11 32.26
C PRO A 269 8.57 -61.09 31.19
N ALA A 270 9.27 -62.21 31.08
CA ALA A 270 10.32 -62.33 30.07
C ALA A 270 9.71 -62.35 28.68
N VAL A 271 10.43 -61.75 27.72
CA VAL A 271 9.96 -61.64 26.35
C VAL A 271 10.75 -62.59 25.48
N LYS A 272 10.10 -63.08 24.43
CA LYS A 272 10.73 -63.93 23.44
C LYS A 272 11.10 -63.18 22.17
N ALA A 273 10.88 -61.88 22.14
CA ALA A 273 11.19 -61.05 20.98
C ALA A 273 11.34 -59.61 21.45
N PRO A 274 12.04 -58.77 20.69
CA PRO A 274 12.17 -57.35 21.08
C PRO A 274 10.83 -56.65 21.01
N VAL A 275 10.34 -56.19 22.16
CA VAL A 275 9.06 -55.49 22.24
C VAL A 275 9.30 -54.05 22.66
N ILE A 276 8.38 -53.17 22.26
CA ILE A 276 8.39 -51.77 22.64
C ILE A 276 7.06 -51.46 23.31
N GLU A 277 7.12 -50.98 24.54
CA GLU A 277 5.92 -50.76 25.34
C GLU A 277 5.87 -49.32 25.82
N MET A 278 4.69 -48.72 25.73
CA MET A 278 4.42 -47.41 26.32
C MET A 278 3.58 -47.65 27.57
N ILE A 279 4.18 -47.42 28.73
CA ILE A 279 3.54 -47.71 30.01
C ILE A 279 3.56 -46.46 30.87
N ASN A 280 2.67 -46.44 31.85
CA ASN A 280 2.61 -45.36 32.83
C ASN A 280 3.72 -45.50 33.86
N HIS A 281 4.21 -44.37 34.34
CA HIS A 281 5.16 -44.39 35.44
C HIS A 281 4.49 -44.98 36.68
N PRO A 282 5.17 -45.85 37.42
CA PRO A 282 4.51 -46.54 38.54
C PRO A 282 3.99 -45.61 39.62
N GLN A 283 4.56 -44.42 39.77
CA GLN A 283 4.14 -43.49 40.81
C GLN A 283 3.56 -42.19 40.27
N ASN A 284 3.64 -41.94 38.97
CA ASN A 284 3.09 -40.73 38.36
C ASN A 284 2.42 -41.10 37.05
N PRO A 285 1.10 -41.29 37.06
CA PRO A 285 0.40 -41.67 35.83
C PRO A 285 0.47 -40.65 34.72
N TYR A 286 0.80 -39.39 35.03
CA TYR A 286 0.81 -38.32 34.05
C TYR A 286 2.12 -38.24 33.26
N VAL A 287 3.13 -39.03 33.61
CA VAL A 287 4.37 -39.11 32.85
C VAL A 287 4.53 -40.54 32.36
N LYS A 288 5.03 -40.68 31.13
CA LYS A 288 5.06 -41.96 30.43
C LYS A 288 6.49 -42.45 30.27
N LEU A 289 6.62 -43.77 30.17
CA LEU A 289 7.91 -44.42 29.95
C LEU A 289 7.82 -45.33 28.74
N LEU A 290 8.80 -45.22 27.84
CA LEU A 290 8.91 -46.10 26.70
C LEU A 290 9.88 -47.22 27.05
N VAL A 291 9.36 -48.42 27.26
CA VAL A 291 10.17 -49.55 27.68
C VAL A 291 10.60 -50.33 26.43
N VAL A 292 11.88 -50.26 26.11
CA VAL A 292 12.46 -51.01 25.01
C VAL A 292 13.03 -52.31 25.60
N PHE A 293 12.31 -53.40 25.41
CA PHE A 293 12.63 -54.68 26.01
C PHE A 293 13.16 -55.64 24.95
N GLY A 294 14.00 -56.58 25.39
CA GLY A 294 14.54 -57.59 24.50
C GLY A 294 15.21 -58.69 25.28
N ARG A 295 15.50 -59.78 24.57
CA ARG A 295 16.22 -60.90 25.18
C ARG A 295 17.69 -60.58 25.39
N ASP A 296 18.29 -59.79 24.50
CA ASP A 296 19.72 -59.54 24.54
C ASP A 296 20.00 -58.21 23.84
N ASP A 297 21.29 -57.88 23.77
CA ASP A 297 21.70 -56.63 23.11
C ASP A 297 21.38 -56.64 21.63
N LYS A 298 21.42 -57.82 20.99
CA LYS A 298 21.02 -57.91 19.60
C LYS A 298 19.54 -57.56 19.43
N ASP A 299 18.69 -58.06 20.33
CA ASP A 299 17.28 -57.71 20.29
C ASP A 299 17.08 -56.22 20.53
N LEU A 300 17.85 -55.64 21.45
CA LEU A 300 17.76 -54.21 21.69
C LEU A 300 18.17 -53.41 20.47
N LEU A 301 19.22 -53.86 19.77
CA LEU A 301 19.64 -53.20 18.53
C LEU A 301 18.56 -53.29 17.47
N GLN A 302 17.91 -54.45 17.34
CA GLN A 302 16.82 -54.60 16.39
C GLN A 302 15.67 -53.66 16.73
N ALA A 303 15.32 -53.56 18.01
CA ALA A 303 14.25 -52.66 18.42
C ALA A 303 14.62 -51.20 18.15
N ALA A 304 15.87 -50.83 18.40
CA ALA A 304 16.31 -49.47 18.13
C ALA A 304 16.22 -49.14 16.64
N LYS A 305 16.63 -50.08 15.80
CA LYS A 305 16.53 -49.85 14.36
C LYS A 305 15.08 -49.78 13.92
N GLY A 306 14.21 -50.61 14.49
CA GLY A 306 12.79 -50.51 14.19
C GLY A 306 12.19 -49.18 14.60
N ILE A 307 12.64 -48.64 15.73
CA ILE A 307 12.22 -47.31 16.13
C ILE A 307 12.71 -46.28 15.11
N ALA A 308 13.96 -46.42 14.67
CA ALA A 308 14.57 -45.39 13.84
C ALA A 308 13.97 -45.35 12.44
N GLN A 309 13.66 -46.51 11.85
CA GLN A 309 13.20 -46.53 10.46
C GLN A 309 11.91 -47.33 10.28
N GLY A 310 11.13 -47.53 11.34
CA GLY A 310 9.86 -48.22 11.20
C GLY A 310 8.77 -47.68 12.10
N ASN A 311 8.87 -46.40 12.47
CA ASN A 311 7.93 -45.81 13.41
C ASN A 311 6.55 -45.55 12.81
N ILE A 312 6.42 -45.67 11.48
CA ILE A 312 5.12 -45.41 10.84
C ILE A 312 4.12 -46.52 11.06
N LEU A 313 4.57 -47.68 11.57
CA LEU A 313 3.69 -48.81 11.84
C LEU A 313 3.44 -49.00 13.32
N PHE A 314 3.85 -48.05 14.16
CA PHE A 314 3.61 -48.16 15.59
C PHE A 314 2.13 -47.97 15.89
N ARG A 315 1.57 -48.87 16.69
CA ARG A 315 0.16 -48.79 17.06
C ARG A 315 -0.06 -49.61 18.32
N GLY A 316 -1.15 -49.30 19.01
CA GLY A 316 -1.46 -50.01 20.24
C GLY A 316 -0.60 -49.55 21.41
N GLU A 317 -0.53 -50.41 22.42
CA GLU A 317 0.29 -50.17 23.59
C GLU A 317 1.55 -51.02 23.61
N SER A 318 1.77 -51.84 22.57
CA SER A 318 2.93 -52.71 22.51
C SER A 318 3.16 -53.12 21.07
N VAL A 319 4.39 -52.96 20.59
CA VAL A 319 4.78 -53.34 19.25
C VAL A 319 5.97 -54.29 19.34
N VAL A 320 5.88 -55.42 18.66
CA VAL A 320 6.96 -56.40 18.60
C VAL A 320 7.69 -56.23 17.29
N VAL A 321 9.01 -56.03 17.36
CA VAL A 321 9.82 -55.82 16.16
C VAL A 321 10.34 -57.17 15.70
N ASN A 322 10.02 -57.53 14.46
CA ASN A 322 10.38 -58.84 13.92
C ASN A 322 11.70 -58.80 13.16
N GLU A 323 11.79 -57.95 12.13
CA GLU A 323 12.99 -57.88 11.31
C GLU A 323 13.10 -56.50 10.67
N VAL A 324 14.32 -55.98 10.64
CA VAL A 324 14.64 -54.77 9.90
C VAL A 324 15.73 -55.14 8.89
N LYS A 325 15.45 -54.92 7.61
CA LYS A 325 16.34 -55.36 6.54
C LYS A 325 17.01 -54.16 5.89
N PRO A 326 18.33 -54.06 5.94
CA PRO A 326 19.02 -52.95 5.25
C PRO A 326 19.08 -53.16 3.75
N LEU A 327 18.02 -52.77 3.05
CA LEU A 327 17.92 -53.05 1.62
C LEU A 327 18.99 -52.31 0.82
N LEU A 328 19.19 -51.02 1.09
CA LEU A 328 20.11 -50.22 0.31
C LEU A 328 21.01 -49.37 1.21
N PRO A 329 22.28 -49.25 0.88
CA PRO A 329 23.18 -48.42 1.69
C PRO A 329 23.08 -46.95 1.31
N ARG A 330 23.64 -46.11 2.18
CA ARG A 330 23.67 -44.68 1.96
C ARG A 330 24.83 -44.30 1.05
N LYS A 331 24.63 -43.22 0.31
CA LYS A 331 25.66 -42.59 -0.50
C LYS A 331 26.26 -41.42 0.25
N PRO A 332 27.50 -41.03 -0.08
CA PRO A 332 28.10 -39.87 0.59
C PRO A 332 27.29 -38.60 0.37
N TYR A 333 27.20 -37.79 1.42
CA TYR A 333 26.59 -36.46 1.37
C TYR A 333 25.12 -36.51 0.95
N ASP A 334 24.40 -37.56 1.33
CA ASP A 334 22.97 -37.67 1.03
C ASP A 334 22.10 -37.39 2.25
N ALA A 335 22.60 -36.60 3.19
CA ALA A 335 21.81 -36.27 4.37
C ALA A 335 20.58 -35.48 3.98
N PRO A 336 19.42 -35.78 4.56
CA PRO A 336 18.19 -35.06 4.19
C PRO A 336 18.27 -33.56 4.42
N ASN A 337 18.99 -33.11 5.44
CA ASN A 337 19.04 -31.70 5.77
C ASN A 337 20.08 -30.93 4.97
N TRP A 338 20.83 -31.59 4.09
CA TRP A 338 21.85 -30.94 3.30
C TRP A 338 21.37 -30.71 1.87
N VAL A 339 21.90 -29.66 1.25
CA VAL A 339 21.58 -29.36 -0.14
C VAL A 339 22.21 -30.41 -1.04
N ARG A 340 21.41 -30.98 -1.94
CA ARG A 340 21.93 -31.97 -2.87
C ARG A 340 22.91 -31.32 -3.83
N THR A 341 24.05 -31.99 -4.05
CA THR A 341 25.12 -31.46 -4.87
C THR A 341 25.25 -32.19 -6.20
N ASP A 342 24.15 -32.73 -6.73
CA ASP A 342 24.15 -33.40 -8.02
C ASP A 342 23.43 -32.61 -9.12
N ARG A 343 22.52 -31.72 -8.76
CA ARG A 343 21.77 -30.93 -9.73
C ARG A 343 21.55 -29.54 -9.16
N PRO A 344 21.16 -28.58 -9.99
CA PRO A 344 20.81 -27.25 -9.47
C PRO A 344 19.51 -27.26 -8.70
N VAL A 345 19.59 -27.57 -7.39
CA VAL A 345 18.39 -27.71 -6.58
C VAL A 345 17.55 -26.44 -6.62
N THR A 346 16.24 -26.62 -6.64
CA THR A 346 15.29 -25.52 -6.71
C THR A 346 14.99 -24.98 -5.31
N PHE A 347 14.46 -23.76 -5.28
CA PHE A 347 14.10 -23.13 -4.01
C PHE A 347 12.89 -23.80 -3.36
N GLY A 348 12.07 -24.50 -4.14
CA GLY A 348 10.95 -25.22 -3.56
C GLY A 348 11.39 -26.33 -2.62
N GLU A 349 12.51 -26.98 -2.95
CA GLU A 349 13.05 -28.04 -2.11
C GLU A 349 13.79 -27.50 -0.88
N LEU A 350 14.08 -26.20 -0.84
CA LEU A 350 14.80 -25.63 0.28
C LEU A 350 13.88 -25.08 1.36
N LYS A 351 12.66 -24.67 1.01
CA LYS A 351 11.76 -24.08 1.99
C LYS A 351 11.21 -25.16 2.92
N THR A 352 11.04 -24.77 4.18
CA THR A 352 10.56 -25.68 5.22
C THR A 352 9.06 -25.61 5.44
N TYR A 353 8.39 -24.59 4.89
CA TYR A 353 6.95 -24.47 5.04
C TYR A 353 6.39 -23.66 3.89
N GLU A 354 5.14 -23.93 3.53
CA GLU A 354 4.47 -23.15 2.51
C GLU A 354 4.27 -21.71 3.00
N GLU A 355 4.13 -20.80 2.03
CA GLU A 355 3.97 -19.36 2.24
C GLU A 355 5.30 -18.72 2.65
N GLN A 356 6.40 -19.46 2.61
CA GLN A 356 7.69 -18.91 3.04
C GLN A 356 8.25 -17.94 2.01
N LEU A 357 8.09 -18.24 0.72
CA LEU A 357 8.68 -17.43 -0.35
C LEU A 357 7.74 -16.33 -0.82
N GLN A 358 6.80 -15.89 0.02
CA GLN A 358 5.92 -14.80 -0.34
C GLN A 358 5.64 -13.94 0.89
N SER A 359 5.59 -12.62 0.69
CA SER A 359 5.31 -11.67 1.76
C SER A 359 4.34 -10.62 1.25
N SER A 360 3.59 -10.04 2.19
CA SER A 360 2.59 -9.04 1.87
C SER A 360 2.64 -7.92 2.89
N GLY A 361 2.11 -6.76 2.51
CA GLY A 361 2.03 -5.60 3.37
C GLY A 361 2.55 -4.35 2.69
N LEU A 362 2.38 -3.23 3.40
CA LEU A 362 2.92 -1.96 2.92
C LEU A 362 4.44 -2.04 2.81
N GLU A 363 5.09 -2.59 3.83
CA GLU A 363 6.51 -2.93 3.80
C GLU A 363 6.60 -4.44 3.98
N PRO A 364 6.65 -5.20 2.89
CA PRO A 364 6.65 -6.66 3.01
C PRO A 364 7.85 -7.16 3.80
N ALA A 365 7.61 -8.22 4.56
CA ALA A 365 8.66 -8.81 5.39
C ALA A 365 9.71 -9.49 4.51
N ALA A 366 10.88 -9.69 5.09
CA ALA A 366 11.98 -10.32 4.37
C ALA A 366 11.68 -11.81 4.14
N ILE A 367 12.09 -12.29 2.97
CA ILE A 367 11.98 -13.70 2.64
C ILE A 367 13.31 -14.37 2.95
N ASN A 368 13.28 -15.41 3.78
CA ASN A 368 14.48 -16.08 4.25
C ASN A 368 14.51 -17.50 3.72
N VAL A 369 15.64 -17.89 3.15
CA VAL A 369 15.89 -19.26 2.68
C VAL A 369 17.15 -19.76 3.38
N SER A 370 17.06 -20.96 3.97
CA SER A 370 18.17 -21.55 4.69
C SER A 370 18.92 -22.52 3.77
N LEU A 371 20.24 -22.40 3.74
CA LEU A 371 21.09 -23.22 2.90
C LEU A 371 22.07 -23.98 3.80
N ASN A 372 21.83 -25.27 3.99
CA ASN A 372 22.73 -26.13 4.74
C ASN A 372 23.54 -26.97 3.76
N LEU A 373 24.85 -26.76 3.74
CA LEU A 373 25.75 -27.42 2.81
C LEU A 373 26.71 -28.33 3.54
N PRO A 374 27.21 -29.37 2.87
CA PRO A 374 28.34 -30.13 3.41
C PRO A 374 29.55 -29.22 3.60
N PRO A 375 30.28 -29.38 4.71
CA PRO A 375 31.38 -28.44 4.99
C PRO A 375 32.58 -28.59 4.06
N ASP A 376 32.73 -29.73 3.38
CA ASP A 376 33.88 -29.95 2.50
C ASP A 376 33.47 -29.65 1.07
N LEU A 377 33.38 -28.37 0.76
CA LEU A 377 33.09 -27.89 -0.58
C LEU A 377 34.24 -27.00 -1.03
N TYR A 378 34.95 -27.43 -2.07
CA TYR A 378 36.11 -26.69 -2.56
C TYR A 378 35.61 -25.46 -3.33
N LEU A 379 35.25 -24.43 -2.56
CA LEU A 379 34.77 -23.17 -3.11
C LEU A 379 35.82 -22.07 -3.00
N MET A 380 37.08 -22.42 -2.75
CA MET A 380 38.13 -21.45 -2.53
C MET A 380 38.74 -20.91 -3.81
N ARG A 381 38.32 -21.42 -4.97
CA ARG A 381 38.86 -20.97 -6.24
C ARG A 381 37.82 -20.55 -7.26
N SER A 382 36.54 -20.86 -7.05
CA SER A 382 35.51 -20.44 -7.99
C SER A 382 35.25 -18.94 -7.88
N THR A 383 34.98 -18.32 -9.03
CA THR A 383 34.67 -16.89 -9.03
C THR A 383 33.36 -16.61 -8.30
N GLY A 384 32.37 -17.49 -8.47
CA GLY A 384 31.10 -17.29 -7.80
C GLY A 384 30.24 -18.53 -7.94
N ILE A 385 29.09 -18.49 -7.26
CA ILE A 385 28.12 -19.58 -7.27
C ILE A 385 26.92 -19.12 -8.10
N ASP A 386 26.57 -19.90 -9.11
CA ASP A 386 25.46 -19.54 -9.99
C ASP A 386 24.14 -19.65 -9.24
N MET A 387 23.23 -18.71 -9.53
CA MET A 387 21.92 -18.69 -8.88
C MET A 387 20.96 -17.94 -9.78
N ASP A 388 19.97 -18.64 -10.32
CA ASP A 388 18.91 -18.04 -11.12
C ASP A 388 17.70 -17.83 -10.24
N ILE A 389 17.16 -16.61 -10.24
CA ILE A 389 16.09 -16.20 -9.34
C ILE A 389 14.91 -15.73 -10.17
N ASN A 390 13.73 -16.30 -9.91
CA ASN A 390 12.47 -15.84 -10.46
C ASN A 390 11.72 -15.12 -9.36
N TYR A 391 11.49 -13.82 -9.52
CA TYR A 391 10.82 -13.02 -8.52
C TYR A 391 9.73 -12.18 -9.16
N ARG A 392 8.59 -12.10 -8.49
CA ARG A 392 7.45 -11.30 -8.94
C ARG A 392 7.07 -10.32 -7.85
N TYR A 393 6.66 -9.13 -8.25
CA TYR A 393 6.37 -8.05 -7.31
C TYR A 393 5.30 -7.14 -7.89
N THR A 394 4.70 -6.35 -7.01
CA THR A 394 3.74 -5.34 -7.43
C THR A 394 4.49 -4.08 -7.85
N MET A 395 4.41 -3.75 -9.13
CA MET A 395 5.17 -2.61 -9.66
C MET A 395 4.62 -1.31 -9.09
N PRO A 396 5.49 -0.41 -8.62
CA PRO A 396 5.01 0.90 -8.20
C PRO A 396 4.47 1.67 -9.38
N PRO A 397 3.50 2.56 -9.16
CA PRO A 397 2.90 3.28 -10.30
C PRO A 397 3.89 4.14 -11.06
N VAL A 398 4.88 4.71 -10.37
CA VAL A 398 5.87 5.57 -10.99
C VAL A 398 7.26 5.03 -10.65
N LYS A 399 8.23 5.42 -11.47
CA LYS A 399 9.60 5.01 -11.24
C LYS A 399 10.14 5.65 -9.98
N ASP A 400 10.75 4.85 -9.12
CA ASP A 400 11.25 5.33 -7.84
C ASP A 400 12.48 4.51 -7.46
N SER A 401 12.87 4.58 -6.19
CA SER A 401 14.05 3.89 -5.69
C SER A 401 13.71 2.54 -5.07
N SER A 402 12.50 2.04 -5.26
CA SER A 402 12.15 0.72 -4.76
C SER A 402 13.01 -0.34 -5.40
N ARG A 403 13.51 -1.27 -4.60
CA ARG A 403 14.43 -2.28 -5.10
C ARG A 403 14.39 -3.50 -4.20
N MET A 404 14.89 -4.62 -4.73
CA MET A 404 15.05 -5.86 -3.99
C MET A 404 16.53 -6.05 -3.67
N ASP A 405 16.82 -6.32 -2.40
CA ASP A 405 18.19 -6.50 -1.94
C ASP A 405 18.40 -7.96 -1.56
N ILE A 406 19.40 -8.58 -2.16
CA ILE A 406 19.79 -9.95 -1.84
C ILE A 406 20.99 -9.89 -0.91
N SER A 407 20.88 -10.52 0.26
CA SER A 407 21.95 -10.54 1.23
C SER A 407 22.19 -11.96 1.70
N LEU A 408 23.46 -12.30 1.91
CA LEU A 408 23.87 -13.63 2.35
C LEU A 408 24.62 -13.49 3.66
N ASN A 409 24.17 -14.22 4.68
CA ASN A 409 24.76 -14.19 6.01
C ASN A 409 24.86 -12.77 6.54
N ASN A 410 23.76 -12.03 6.38
CA ASN A 410 23.64 -10.63 6.84
C ASN A 410 24.65 -9.72 6.14
N GLN A 411 25.05 -10.07 4.92
CA GLN A 411 25.97 -9.26 4.14
C GLN A 411 25.35 -8.99 2.77
N PHE A 412 25.25 -7.71 2.41
CA PHE A 412 24.62 -7.32 1.15
C PHE A 412 25.39 -7.89 -0.03
N LEU A 413 24.65 -8.40 -1.02
CA LEU A 413 25.24 -8.98 -2.22
C LEU A 413 24.91 -8.17 -3.46
N GLN A 414 23.62 -7.94 -3.74
CA GLN A 414 23.22 -7.26 -4.96
C GLN A 414 21.86 -6.62 -4.75
N SER A 415 21.56 -5.62 -5.58
CA SER A 415 20.29 -4.91 -5.54
C SER A 415 19.73 -4.81 -6.94
N PHE A 416 18.41 -5.00 -7.06
CA PHE A 416 17.72 -4.93 -8.35
C PHE A 416 16.58 -3.93 -8.23
N ASN A 417 16.59 -2.91 -9.08
CA ASN A 417 15.55 -1.91 -9.05
C ASN A 417 14.25 -2.48 -9.62
N LEU A 418 13.15 -2.25 -8.91
CA LEU A 418 11.85 -2.77 -9.31
C LEU A 418 11.09 -1.80 -10.21
N SER A 419 11.77 -1.29 -11.24
CA SER A 419 11.14 -0.39 -12.18
C SER A 419 11.53 -0.66 -13.63
N SER A 420 12.30 -1.70 -13.91
CA SER A 420 12.73 -2.00 -15.27
C SER A 420 11.56 -2.48 -16.13
N GLY A 440 11.33 -14.93 -15.78
CA GLY A 440 12.30 -13.92 -15.40
C GLY A 440 13.72 -14.43 -15.37
N LYS A 441 14.60 -13.79 -16.13
CA LYS A 441 16.01 -14.16 -16.20
C LYS A 441 16.83 -13.23 -15.31
N THR A 442 17.31 -13.74 -14.20
CA THR A 442 18.24 -13.02 -13.33
C THR A 442 19.39 -13.94 -12.93
N ASP A 443 20.60 -13.56 -13.33
CA ASP A 443 21.81 -14.32 -12.99
C ASP A 443 22.52 -13.60 -11.86
N VAL A 444 22.65 -14.28 -10.72
CA VAL A 444 23.32 -13.73 -9.54
C VAL A 444 24.48 -14.64 -9.20
N SER A 445 25.67 -14.06 -9.08
CA SER A 445 26.86 -14.79 -8.70
C SER A 445 27.16 -14.51 -7.23
N ILE A 446 27.24 -15.58 -6.43
CA ILE A 446 27.46 -15.48 -5.00
C ILE A 446 28.94 -15.74 -4.72
N PRO A 447 29.68 -14.78 -4.14
CA PRO A 447 31.04 -15.07 -3.69
C PRO A 447 31.11 -16.32 -2.83
N ALA A 448 31.94 -17.28 -3.23
CA ALA A 448 31.95 -18.60 -2.62
C ALA A 448 32.81 -18.69 -1.38
N LEU A 449 33.47 -17.61 -0.98
CA LEU A 449 34.33 -17.63 0.18
C LEU A 449 33.59 -17.45 1.50
N LYS A 450 32.30 -17.08 1.44
CA LYS A 450 31.52 -16.80 2.64
C LYS A 450 30.55 -17.93 2.99
N LEU A 451 30.70 -19.10 2.38
CA LEU A 451 29.76 -20.20 2.55
C LEU A 451 30.30 -21.17 3.61
N GLY A 452 29.49 -21.43 4.62
CA GLY A 452 29.83 -22.40 5.65
C GLY A 452 28.84 -23.54 5.70
N ALA A 453 28.70 -24.15 6.88
CA ALA A 453 27.74 -25.24 7.03
C ALA A 453 26.31 -24.73 6.98
N THR A 454 26.02 -23.66 7.71
CA THR A 454 24.69 -23.07 7.75
C THR A 454 24.75 -21.66 7.19
N ASN A 455 23.89 -21.37 6.22
CA ASN A 455 23.82 -20.07 5.58
C ASN A 455 22.37 -19.63 5.49
N GLN A 456 22.17 -18.31 5.45
CA GLN A 456 20.84 -17.71 5.39
C GLN A 456 20.79 -16.68 4.28
N LEU A 457 20.13 -17.02 3.18
CA LEU A 457 19.85 -16.07 2.13
C LEU A 457 18.63 -15.22 2.53
N ARG A 458 18.72 -13.92 2.25
CA ARG A 458 17.64 -13.00 2.57
C ARG A 458 17.30 -12.17 1.34
N PHE A 459 16.00 -11.94 1.13
CA PHE A 459 15.50 -11.12 0.04
C PHE A 459 14.70 -9.98 0.65
N ASP A 460 15.31 -8.81 0.73
CA ASP A 460 14.67 -7.62 1.30
C ASP A 460 14.06 -6.81 0.18
N PHE A 461 12.75 -6.59 0.25
CA PHE A 461 12.04 -5.76 -0.72
C PHE A 461 11.78 -4.41 -0.06
N GLU A 462 12.55 -3.40 -0.47
CA GLU A 462 12.41 -2.05 0.06
C GLU A 462 11.55 -1.25 -0.90
N TYR A 463 10.43 -0.73 -0.39
CA TYR A 463 9.46 0.00 -1.20
C TYR A 463 9.44 1.45 -0.76
N MET A 464 9.69 2.35 -1.71
CA MET A 464 9.40 3.76 -1.52
C MET A 464 7.99 4.00 -2.03
N ASN A 465 7.07 4.28 -1.11
CA ASN A 465 5.66 4.39 -1.46
C ASN A 465 5.28 5.84 -1.71
N PRO A 466 5.15 6.25 -2.97
CA PRO A 466 4.84 7.66 -3.27
C PRO A 466 3.38 8.00 -3.00
N MET A 467 3.02 7.96 -1.73
CA MET A 467 1.66 8.28 -1.34
C MET A 467 1.40 9.76 -1.53
N PRO A 468 0.39 10.14 -2.32
CA PRO A 468 0.20 11.56 -2.65
C PRO A 468 -0.66 12.29 -1.62
N GLY A 469 -0.27 13.53 -1.37
CA GLY A 469 -1.05 14.39 -0.50
C GLY A 469 -1.92 15.31 -1.33
N GLY A 470 -1.50 16.57 -1.45
CA GLY A 470 -2.24 17.52 -2.25
C GLY A 470 -1.61 18.90 -2.19
N SER A 471 -2.44 19.92 -1.98
CA SER A 471 -1.97 21.28 -1.79
C SER A 471 -2.19 21.69 -0.34
N VAL A 472 -1.67 22.87 0.01
CA VAL A 472 -1.92 23.43 1.33
C VAL A 472 -3.40 23.75 1.47
N ASP A 473 -4.01 24.28 0.41
CA ASP A 473 -5.43 24.63 0.45
C ASP A 473 -6.30 23.38 0.58
N ASN A 474 -6.06 22.39 -0.26
CA ASN A 474 -6.88 21.17 -0.30
C ASN A 474 -5.98 19.96 -0.11
N CYS A 475 -6.29 19.14 0.88
CA CYS A 475 -5.55 17.93 1.19
C CYS A 475 -6.39 16.70 0.86
N ILE A 476 -5.72 15.60 0.52
CA ILE A 476 -6.36 14.38 0.07
C ILE A 476 -6.06 13.27 1.06
N THR A 477 -7.10 12.60 1.53
CA THR A 477 -6.98 11.44 2.40
C THR A 477 -7.05 10.18 1.55
N PHE A 478 -6.07 9.30 1.72
CA PHE A 478 -5.90 8.12 0.88
C PHE A 478 -5.85 6.88 1.75
N GLN A 479 -6.05 5.73 1.10
CA GLN A 479 -5.94 4.43 1.74
C GLN A 479 -4.65 3.76 1.28
N PRO A 480 -3.71 3.47 2.16
CA PRO A 480 -2.48 2.79 1.73
C PRO A 480 -2.79 1.44 1.12
N VAL A 481 -2.04 1.09 0.08
CA VAL A 481 -2.23 -0.15 -0.68
C VAL A 481 -1.07 -1.08 -0.38
N GLN A 482 -1.38 -2.30 0.05
CA GLN A 482 -0.35 -3.26 0.40
C GLN A 482 0.34 -3.79 -0.85
N ASN A 483 1.55 -4.30 -0.67
CA ASN A 483 2.35 -4.86 -1.74
C ASN A 483 2.46 -6.37 -1.58
N HIS A 484 2.80 -7.04 -2.68
CA HIS A 484 3.00 -8.48 -2.69
C HIS A 484 4.33 -8.78 -3.38
N VAL A 485 5.12 -9.64 -2.76
CA VAL A 485 6.42 -10.04 -3.30
C VAL A 485 6.52 -11.55 -3.20
N VAL A 486 6.95 -12.20 -4.28
CA VAL A 486 7.05 -13.64 -4.35
C VAL A 486 8.37 -14.02 -4.99
N ILE A 487 9.08 -14.97 -4.38
CA ILE A 487 10.26 -15.59 -4.98
C ILE A 487 9.84 -16.93 -5.55
N GLY A 488 10.07 -17.12 -6.84
CA GLY A 488 9.59 -18.32 -7.51
C GLY A 488 10.22 -19.57 -6.95
N ASP A 489 9.43 -20.65 -6.92
CA ASP A 489 9.92 -21.94 -6.45
C ASP A 489 10.80 -22.64 -7.48
N ASP A 490 10.74 -22.20 -8.74
CA ASP A 490 11.60 -22.76 -9.77
C ASP A 490 12.98 -22.13 -9.79
N SER A 491 13.22 -21.09 -8.98
CA SER A 491 14.55 -20.51 -8.89
C SER A 491 15.53 -21.52 -8.30
N THR A 492 16.74 -21.55 -8.83
CA THR A 492 17.70 -22.58 -8.52
C THR A 492 19.03 -21.98 -8.08
N ILE A 493 19.73 -22.73 -7.23
CA ILE A 493 21.10 -22.44 -6.85
C ILE A 493 21.92 -23.70 -7.08
N ASP A 494 23.09 -23.55 -7.70
CA ASP A 494 23.85 -24.67 -8.21
C ASP A 494 25.08 -24.91 -7.35
N PHE A 495 25.23 -26.14 -6.86
CA PHE A 495 26.41 -26.56 -6.11
C PHE A 495 27.02 -27.84 -6.66
N SER A 496 26.65 -28.24 -7.87
CA SER A 496 27.01 -29.55 -8.40
C SER A 496 28.33 -29.56 -9.15
N LYS A 497 28.96 -28.42 -9.37
CA LYS A 497 30.20 -28.34 -10.13
C LYS A 497 31.41 -28.13 -9.24
N TYR A 498 31.38 -28.67 -8.02
CA TYR A 498 32.44 -28.47 -7.05
C TYR A 498 32.81 -29.79 -6.41
N TYR A 499 34.08 -29.89 -6.01
CA TYR A 499 34.63 -31.11 -5.42
C TYR A 499 34.70 -30.99 -3.91
N HIS A 500 34.95 -32.12 -3.26
CA HIS A 500 35.02 -32.21 -1.81
C HIS A 500 36.48 -32.22 -1.40
N PHE A 501 36.90 -31.16 -0.71
CA PHE A 501 38.31 -31.00 -0.34
C PHE A 501 38.35 -30.01 0.82
N ILE A 502 38.70 -30.50 2.01
CA ILE A 502 38.66 -29.66 3.21
C ILE A 502 40.00 -29.71 3.93
N PRO A 503 40.52 -28.56 4.38
CA PRO A 503 41.71 -28.55 5.23
C PRO A 503 41.33 -28.90 6.66
N MET A 504 41.68 -30.10 7.09
CA MET A 504 41.34 -30.59 8.41
C MET A 504 42.58 -30.66 9.29
N PRO A 505 42.43 -30.59 10.62
CA PRO A 505 41.19 -30.60 11.43
C PRO A 505 40.39 -29.31 11.34
N ASP A 506 39.06 -29.41 11.36
CA ASP A 506 38.16 -28.26 11.34
C ASP A 506 37.09 -28.49 12.40
N LEU A 507 37.39 -28.05 13.63
CA LEU A 507 36.43 -28.20 14.71
C LEU A 507 35.18 -27.36 14.49
N ARG A 508 35.28 -26.27 13.74
CA ARG A 508 34.06 -25.55 13.36
C ARG A 508 33.17 -26.42 12.47
N ALA A 509 33.78 -27.11 11.50
CA ALA A 509 33.02 -28.03 10.67
C ALA A 509 32.41 -29.14 11.51
N PHE A 510 33.17 -29.65 12.49
CA PHE A 510 32.61 -30.63 13.41
C PHE A 510 31.39 -30.07 14.14
N ALA A 511 31.59 -29.02 14.93
CA ALA A 511 30.53 -28.48 15.76
C ALA A 511 29.33 -27.98 14.95
N ASN A 512 29.49 -27.74 13.65
CA ASN A 512 28.37 -27.27 12.86
C ASN A 512 27.69 -28.35 12.03
N ALA A 513 28.38 -29.42 11.64
CA ALA A 513 27.74 -30.42 10.80
C ALA A 513 28.12 -31.87 11.08
N GLY A 514 28.94 -32.16 12.08
CA GLY A 514 29.42 -33.51 12.32
C GLY A 514 30.21 -34.10 11.15
N PHE A 515 30.98 -33.26 10.45
CA PHE A 515 31.43 -33.60 9.10
C PHE A 515 32.19 -34.92 9.02
N PRO A 516 33.26 -35.16 9.79
CA PRO A 516 34.02 -36.40 9.59
C PRO A 516 33.20 -37.64 9.84
N PHE A 517 32.10 -37.53 10.57
CA PHE A 517 31.17 -38.63 10.78
C PHE A 517 29.89 -38.50 10.00
N SER A 518 29.47 -37.29 9.65
CA SER A 518 28.26 -37.06 8.89
C SER A 518 28.48 -37.09 7.39
N ARG A 519 29.71 -37.38 6.93
CA ARG A 519 29.91 -37.69 5.52
C ARG A 519 28.99 -38.82 5.09
N MET A 520 28.82 -39.81 5.97
CA MET A 520 27.79 -40.83 5.82
C MET A 520 26.70 -40.53 6.83
N ALA A 521 25.46 -40.41 6.35
CA ALA A 521 24.36 -40.00 7.24
C ALA A 521 24.08 -41.02 8.33
N ASP A 522 24.29 -42.30 8.04
CA ASP A 522 24.03 -43.36 9.00
C ASP A 522 25.28 -43.76 9.79
N LEU A 523 26.38 -43.02 9.63
CA LEU A 523 27.60 -43.25 10.40
C LEU A 523 28.15 -44.66 10.16
N SER A 524 28.10 -45.12 8.91
CA SER A 524 28.63 -46.44 8.58
C SER A 524 30.15 -46.50 8.70
N GLN A 525 30.82 -45.35 8.53
CA GLN A 525 32.27 -45.28 8.55
C GLN A 525 32.78 -44.51 9.76
N THR A 526 32.15 -44.73 10.91
CA THR A 526 32.51 -44.08 12.16
C THR A 526 32.55 -45.12 13.25
N ILE A 527 33.65 -45.16 14.01
CA ILE A 527 33.82 -46.04 15.15
C ILE A 527 33.96 -45.19 16.39
N THR A 528 33.14 -45.46 17.40
CA THR A 528 33.16 -44.72 18.65
C THR A 528 33.80 -45.57 19.74
N VAL A 529 34.82 -45.04 20.38
CA VAL A 529 35.53 -45.73 21.45
C VAL A 529 35.01 -45.17 22.78
N MET A 530 34.55 -46.06 23.65
CA MET A 530 33.96 -45.70 24.93
C MET A 530 34.69 -46.45 26.04
N PRO A 531 34.63 -45.94 27.27
CA PRO A 531 35.26 -46.65 28.39
C PRO A 531 34.68 -48.05 28.57
N LYS A 532 35.42 -48.88 29.30
CA LYS A 532 35.03 -50.27 29.49
C LYS A 532 33.69 -50.38 30.20
N ALA A 533 33.52 -49.59 31.26
CA ALA A 533 32.26 -49.52 32.01
C ALA A 533 31.90 -48.05 32.14
N PRO A 534 31.27 -47.46 31.12
CA PRO A 534 31.01 -46.03 31.14
C PRO A 534 30.05 -45.64 32.25
N ASN A 535 30.22 -44.43 32.76
CA ASN A 535 29.33 -43.92 33.80
C ASN A 535 28.26 -43.04 33.16
N GLU A 536 27.44 -42.42 34.02
CA GLU A 536 26.34 -41.60 33.52
C GLU A 536 26.84 -40.42 32.70
N ALA A 537 27.92 -39.77 33.15
CA ALA A 537 28.43 -38.61 32.42
C ALA A 537 28.94 -39.01 31.04
N GLN A 538 29.66 -40.12 30.95
CA GLN A 538 30.21 -40.55 29.66
C GLN A 538 29.09 -40.99 28.72
N MET A 539 28.10 -41.71 29.24
CA MET A 539 26.94 -42.07 28.42
C MET A 539 26.21 -40.82 27.94
N GLU A 540 26.09 -39.82 28.81
CA GLU A 540 25.48 -38.56 28.42
C GLU A 540 26.25 -37.89 27.31
N THR A 541 27.58 -37.89 27.40
CA THR A 541 28.41 -37.29 26.36
C THR A 541 28.19 -37.99 25.03
N LEU A 542 28.22 -39.33 25.03
CA LEU A 542 28.03 -40.07 23.79
C LEU A 542 26.65 -39.78 23.19
N LEU A 543 25.61 -39.82 24.03
CA LEU A 543 24.25 -39.60 23.55
C LEU A 543 24.07 -38.19 23.01
N ASN A 544 24.63 -37.19 23.69
CA ASN A 544 24.47 -35.81 23.24
C ASN A 544 25.22 -35.57 21.92
N THR A 545 26.43 -36.12 21.79
CA THR A 545 27.16 -35.96 20.54
C THR A 545 26.42 -36.61 19.39
N VAL A 546 25.97 -37.86 19.58
CA VAL A 546 25.23 -38.55 18.53
C VAL A 546 23.94 -37.82 18.22
N GLY A 547 23.29 -37.26 19.25
CA GLY A 547 22.03 -36.56 19.03
C GLY A 547 22.20 -35.30 18.21
N PHE A 548 23.24 -34.52 18.51
CA PHE A 548 23.41 -33.29 17.73
C PHE A 548 23.90 -33.60 16.32
N ILE A 549 24.70 -34.66 16.15
CA ILE A 549 25.04 -35.08 14.79
C ILE A 549 23.79 -35.48 14.02
N GLY A 550 22.89 -36.22 14.66
CA GLY A 550 21.64 -36.58 14.01
C GLY A 550 20.76 -35.38 13.72
N ALA A 551 20.77 -34.38 14.60
CA ALA A 551 20.02 -33.16 14.34
C ALA A 551 20.55 -32.44 13.11
N GLN A 552 21.88 -32.38 12.95
CA GLN A 552 22.44 -31.74 11.78
C GLN A 552 22.16 -32.54 10.50
N THR A 553 22.26 -33.86 10.58
CA THR A 553 22.09 -34.69 9.39
C THR A 553 20.64 -34.80 8.95
N GLY A 554 19.73 -34.98 9.90
CA GLY A 554 18.37 -35.36 9.59
C GLY A 554 18.14 -36.85 9.46
N PHE A 555 19.16 -37.67 9.73
CA PHE A 555 19.09 -39.11 9.59
C PHE A 555 19.70 -39.78 10.82
N PRO A 556 19.08 -40.85 11.32
CA PRO A 556 19.65 -41.56 12.47
C PRO A 556 20.93 -42.29 12.12
N ALA A 557 21.77 -42.50 13.13
CA ALA A 557 23.02 -43.24 12.98
C ALA A 557 22.72 -44.74 13.11
N ILE A 558 22.18 -45.30 12.02
CA ILE A 558 21.77 -46.70 12.03
C ILE A 558 22.96 -47.63 12.17
N ASN A 559 24.02 -47.38 11.39
CA ASN A 559 25.15 -48.29 11.28
C ASN A 559 26.35 -47.83 12.10
N LEU A 560 26.12 -47.12 13.19
CA LEU A 560 27.21 -46.71 14.06
C LEU A 560 27.81 -47.92 14.77
N THR A 561 29.13 -47.95 14.88
CA THR A 561 29.84 -49.02 15.58
C THR A 561 30.49 -48.44 16.83
N VAL A 562 30.26 -49.10 17.97
CA VAL A 562 30.82 -48.70 19.25
C VAL A 562 31.69 -49.82 19.77
N THR A 563 32.88 -49.48 20.24
CA THR A 563 33.81 -50.45 20.82
C THR A 563 34.29 -49.94 22.17
N ASP A 564 34.64 -50.88 23.04
CA ASP A 564 35.15 -50.54 24.37
C ASP A 564 36.67 -50.61 24.46
N ASP A 565 37.34 -51.19 23.47
CA ASP A 565 38.79 -51.27 23.45
C ASP A 565 39.33 -50.66 22.17
N GLY A 566 40.42 -49.90 22.29
CA GLY A 566 41.03 -49.23 21.17
C GLY A 566 41.91 -50.07 20.29
N SER A 567 42.10 -51.35 20.61
CA SER A 567 42.89 -52.24 19.78
C SER A 567 42.11 -52.78 18.58
N THR A 568 40.79 -52.62 18.56
CA THR A 568 39.97 -53.09 17.45
C THR A 568 39.84 -52.08 16.33
N ILE A 569 40.32 -50.83 16.53
CA ILE A 569 40.25 -49.82 15.49
C ILE A 569 41.52 -49.76 14.66
N GLN A 570 42.50 -50.62 14.94
CA GLN A 570 43.74 -50.62 14.19
C GLN A 570 43.51 -51.14 12.77
N GLY A 571 44.01 -50.40 11.79
CA GLY A 571 43.86 -50.82 10.40
C GLY A 571 42.42 -50.85 9.91
N LYS A 572 41.63 -49.84 10.28
CA LYS A 572 40.24 -49.76 9.86
C LYS A 572 39.99 -48.41 9.20
N ASP A 573 39.35 -48.43 8.03
CA ASP A 573 39.07 -47.21 7.27
C ASP A 573 37.77 -46.59 7.78
N ALA A 574 37.88 -45.96 8.96
CA ALA A 574 36.74 -45.33 9.59
C ALA A 574 37.22 -44.21 10.49
N ASP A 575 36.41 -43.17 10.60
CA ASP A 575 36.69 -42.08 11.52
C ASP A 575 36.44 -42.52 12.96
N ILE A 576 37.26 -42.02 13.88
CA ILE A 576 37.25 -42.45 15.27
C ILE A 576 36.72 -41.31 16.13
N MET A 577 35.81 -41.65 17.04
CA MET A 577 35.30 -40.72 18.04
C MET A 577 35.60 -41.30 19.41
N ILE A 578 36.26 -40.52 20.26
CA ILE A 578 36.71 -40.97 21.57
C ILE A 578 36.04 -40.12 22.63
N ILE A 579 35.46 -40.77 23.64
CA ILE A 579 34.72 -40.07 24.68
C ILE A 579 35.41 -40.24 26.03
N GLY A 580 36.08 -41.37 26.22
CA GLY A 580 36.59 -41.71 27.55
C GLY A 580 38.10 -41.74 27.67
N GLY A 581 38.78 -40.80 27.03
CA GLY A 581 40.22 -40.74 27.13
C GLY A 581 40.94 -41.41 25.98
N ILE A 582 42.03 -40.80 25.53
CA ILE A 582 42.77 -41.32 24.38
C ILE A 582 43.50 -42.60 24.77
N PRO A 583 43.41 -43.67 23.98
CA PRO A 583 44.13 -44.90 24.33
C PRO A 583 45.63 -44.73 24.22
N ASP A 584 46.34 -45.69 24.80
CA ASP A 584 47.81 -45.63 24.83
C ASP A 584 48.40 -45.68 23.43
N LYS A 585 47.83 -46.50 22.56
CA LYS A 585 48.34 -46.61 21.19
C LYS A 585 48.21 -45.31 20.41
N LEU A 586 47.31 -44.42 20.82
CA LEU A 586 47.13 -43.14 20.17
C LEU A 586 47.75 -41.98 20.93
N LYS A 587 48.10 -42.18 22.20
CA LYS A 587 48.65 -41.08 22.99
C LYS A 587 49.99 -40.61 22.45
N ASP A 588 50.83 -41.53 21.98
CA ASP A 588 52.15 -41.18 21.49
C ASP A 588 52.13 -40.43 20.16
N ASP A 589 50.97 -40.36 19.50
CA ASP A 589 50.89 -39.69 18.22
C ASP A 589 51.23 -38.21 18.35
N LYS A 590 52.08 -37.71 17.44
CA LYS A 590 52.52 -36.33 17.50
C LYS A 590 51.42 -35.35 17.08
N GLN A 591 50.38 -35.83 16.39
CA GLN A 591 49.33 -34.94 15.92
C GLN A 591 48.51 -34.35 17.07
N ILE A 592 48.59 -34.93 18.26
CA ILE A 592 47.84 -34.41 19.40
C ILE A 592 48.45 -33.08 19.83
N ASP A 593 47.61 -32.06 19.99
CA ASP A 593 48.06 -30.74 20.39
C ASP A 593 47.60 -30.34 21.78
N LEU A 594 46.66 -31.07 22.38
CA LEU A 594 46.24 -30.80 23.75
C LEU A 594 45.82 -32.11 24.41
N LEU A 595 46.34 -32.36 25.61
CA LEU A 595 46.00 -33.54 26.38
C LEU A 595 45.67 -33.14 27.80
N VAL A 596 44.70 -33.82 28.40
CA VAL A 596 44.24 -33.55 29.76
C VAL A 596 44.38 -34.86 30.53
N GLN A 597 45.47 -35.01 31.29
CA GLN A 597 45.69 -36.19 32.12
C GLN A 597 45.41 -35.80 33.57
N ALA A 598 44.11 -35.84 33.92
CA ALA A 598 43.63 -35.48 35.25
C ALA A 598 44.08 -34.06 35.57
N THR A 599 44.92 -33.83 36.58
CA THR A 599 45.33 -32.48 36.92
C THR A 599 46.22 -31.88 35.84
N GLU A 600 47.17 -32.65 35.31
CA GLU A 600 48.11 -32.13 34.34
C GLU A 600 47.45 -31.92 32.98
N SER A 601 47.90 -30.87 32.29
CA SER A 601 47.38 -30.55 30.96
C SER A 601 48.43 -29.73 30.22
N TRP A 602 48.63 -30.07 28.94
CA TRP A 602 49.57 -29.36 28.09
C TRP A 602 48.93 -29.05 26.75
N VAL A 603 49.31 -27.91 26.18
CA VAL A 603 48.78 -27.44 24.91
C VAL A 603 49.92 -26.92 24.04
N LYS A 604 49.67 -26.89 22.74
CA LYS A 604 50.59 -26.31 21.77
C LYS A 604 49.93 -25.10 21.13
N THR A 605 50.64 -23.97 21.12
CA THR A 605 50.05 -22.75 20.59
C THR A 605 50.64 -22.43 19.22
N PRO A 606 49.84 -21.87 18.31
CA PRO A 606 50.32 -21.58 16.97
C PRO A 606 51.20 -20.33 16.94
N MET A 607 51.89 -20.16 15.80
CA MET A 607 52.74 -18.99 15.63
C MET A 607 51.93 -17.70 15.58
N ARG A 608 50.83 -17.71 14.83
CA ARG A 608 49.96 -16.54 14.73
C ARG A 608 48.52 -17.00 14.69
N GLN A 609 47.68 -16.41 15.54
CA GLN A 609 46.26 -16.72 15.62
C GLN A 609 45.49 -15.51 15.11
N THR A 610 45.17 -15.52 13.83
CA THR A 610 44.41 -14.44 13.23
C THR A 610 42.94 -14.53 13.66
N PRO A 611 42.29 -13.37 13.87
CA PRO A 611 40.87 -13.41 14.24
C PRO A 611 39.98 -13.86 13.10
N PHE A 612 40.20 -13.33 11.89
CA PHE A 612 39.43 -13.70 10.71
C PHE A 612 40.41 -14.06 9.60
N PRO A 613 40.91 -15.29 9.62
CA PRO A 613 41.92 -15.69 8.62
C PRO A 613 41.30 -15.89 7.25
N GLY A 614 42.16 -15.87 6.24
CA GLY A 614 41.71 -16.15 4.89
C GLY A 614 41.25 -17.58 4.74
N ILE A 615 40.41 -17.79 3.72
CA ILE A 615 39.85 -19.13 3.50
C ILE A 615 40.95 -20.13 3.19
N VAL A 616 41.93 -19.73 2.37
CA VAL A 616 43.07 -20.61 2.12
C VAL A 616 43.85 -20.81 3.40
N PRO A 617 44.33 -22.03 3.69
CA PRO A 617 45.05 -22.26 4.94
C PRO A 617 46.45 -21.66 4.88
N ASP A 618 47.04 -21.52 6.06
CA ASP A 618 48.42 -21.04 6.19
C ASP A 618 49.22 -21.96 7.11
N GLU A 619 50.27 -22.57 6.55
CA GLU A 619 51.04 -23.54 7.32
C GLU A 619 52.00 -22.86 8.28
N SER A 620 52.55 -21.71 7.88
CA SER A 620 53.51 -21.03 8.74
C SER A 620 52.87 -20.51 10.02
N ASP A 621 51.68 -19.93 9.90
CA ASP A 621 51.03 -19.34 11.08
C ASP A 621 50.46 -20.41 12.00
N ARG A 622 50.09 -21.57 11.45
N ARG A 622 50.09 -21.58 11.45
CA ARG A 622 49.56 -22.67 12.25
CA ARG A 622 49.56 -22.67 12.23
C ARG A 622 50.64 -23.57 12.83
C ARG A 622 50.64 -23.56 12.83
N ALA A 623 51.91 -23.30 12.52
CA ALA A 623 52.99 -24.11 13.07
C ALA A 623 53.09 -23.92 14.58
N ALA A 624 53.28 -25.03 15.29
CA ALA A 624 53.39 -24.98 16.74
C ALA A 624 54.64 -24.22 17.16
N GLU A 625 54.48 -23.30 18.10
CA GLU A 625 55.58 -22.46 18.59
C GLU A 625 56.06 -22.87 19.97
N THR A 626 55.14 -23.08 20.91
CA THR A 626 55.51 -23.45 22.27
C THR A 626 54.58 -24.54 22.77
N ARG A 627 55.08 -25.33 23.72
CA ARG A 627 54.30 -26.34 24.42
C ARG A 627 54.33 -26.02 25.91
N SER A 628 53.17 -25.67 26.46
CA SER A 628 53.06 -25.23 27.85
C SER A 628 52.30 -26.28 28.64
N THR A 629 52.91 -26.76 29.72
CA THR A 629 52.31 -27.76 30.60
C THR A 629 51.87 -27.10 31.90
N LEU A 630 50.61 -27.29 32.26
CA LEU A 630 50.02 -26.64 33.42
C LEU A 630 49.28 -27.67 34.26
N THR A 631 49.34 -27.51 35.59
CA THR A 631 48.64 -28.39 36.52
C THR A 631 47.77 -27.54 37.44
N SER A 632 46.50 -27.91 37.56
CA SER A 632 45.56 -27.18 38.39
C SER A 632 44.42 -28.12 38.79
N SER A 633 43.76 -27.78 39.90
CA SER A 633 42.62 -28.54 40.38
C SER A 633 41.30 -28.10 39.77
N GLY A 634 41.29 -27.01 39.01
CA GLY A 634 40.07 -26.57 38.38
C GLY A 634 39.62 -27.51 37.27
N ALA A 635 38.32 -27.51 37.02
CA ALA A 635 37.73 -28.40 36.03
C ALA A 635 37.87 -27.81 34.64
N MET A 636 38.16 -28.67 33.67
CA MET A 636 38.27 -28.26 32.29
C MET A 636 37.88 -29.43 31.39
N ALA A 637 37.39 -29.11 30.20
CA ALA A 637 37.04 -30.09 29.19
C ALA A 637 37.68 -29.70 27.87
N ALA A 638 37.86 -30.69 27.00
CA ALA A 638 38.58 -30.46 25.77
C ALA A 638 37.94 -31.23 24.62
N VAL A 639 37.90 -30.58 23.45
CA VAL A 639 37.55 -31.24 22.20
C VAL A 639 38.72 -31.03 21.25
N ILE A 640 39.38 -32.12 20.87
CA ILE A 640 40.56 -32.04 20.02
C ILE A 640 40.33 -32.90 18.79
N GLY A 641 40.98 -32.51 17.69
CA GLY A 641 40.90 -33.25 16.45
C GLY A 641 42.25 -33.38 15.77
N PHE A 642 42.54 -34.56 15.24
CA PHE A 642 43.81 -34.79 14.56
C PHE A 642 43.60 -35.86 13.50
N GLN A 643 44.70 -36.34 12.93
CA GLN A 643 44.68 -37.29 11.83
C GLN A 643 44.80 -38.72 12.37
N SER A 644 44.11 -39.64 11.71
CA SER A 644 44.17 -41.04 12.11
C SER A 644 45.50 -41.65 11.68
N PRO A 645 46.26 -42.25 12.59
CA PRO A 645 47.50 -42.92 12.19
C PRO A 645 47.30 -44.08 11.24
N TYR A 646 46.12 -44.70 11.24
CA TYR A 646 45.86 -45.89 10.45
C TYR A 646 45.32 -45.57 9.05
N ASN A 647 45.04 -44.32 8.75
CA ASN A 647 44.55 -43.94 7.43
C ASN A 647 44.75 -42.45 7.24
N ASP A 648 45.31 -42.06 6.10
CA ASP A 648 45.62 -40.65 5.86
C ASP A 648 44.37 -39.83 5.59
N GLN A 649 43.31 -40.42 5.08
CA GLN A 649 42.08 -39.71 4.76
C GLN A 649 41.07 -39.69 5.90
N ARG A 650 41.37 -40.39 7.01
CA ARG A 650 40.46 -40.45 8.15
C ARG A 650 40.93 -39.54 9.26
N SER A 651 40.00 -39.19 10.15
CA SER A 651 40.26 -38.23 11.21
C SER A 651 39.75 -38.77 12.53
N VAL A 652 40.31 -38.24 13.62
CA VAL A 652 39.95 -38.62 14.98
C VAL A 652 39.51 -37.37 15.72
N ILE A 653 38.34 -37.44 16.35
CA ILE A 653 37.82 -36.37 17.21
C ILE A 653 37.65 -36.95 18.60
N ALA A 654 38.26 -36.31 19.59
CA ALA A 654 38.23 -36.78 20.96
C ALA A 654 37.57 -35.75 21.86
N LEU A 655 36.64 -36.21 22.69
CA LEU A 655 35.99 -35.38 23.70
C LEU A 655 36.50 -35.81 25.07
N LEU A 656 37.30 -34.97 25.69
CA LEU A 656 38.01 -35.32 26.92
C LEU A 656 37.53 -34.46 28.08
N ALA A 657 37.42 -35.09 29.25
CA ALA A 657 37.08 -34.39 30.48
C ALA A 657 37.77 -35.10 31.64
N ASP A 658 38.31 -34.32 32.57
CA ASP A 658 39.08 -34.86 33.68
C ASP A 658 38.26 -35.14 34.92
N SER A 659 37.21 -34.36 35.15
CA SER A 659 36.41 -34.40 36.37
C SER A 659 34.93 -34.47 36.02
N PRO A 660 34.08 -34.83 36.99
CA PRO A 660 32.64 -34.74 36.74
C PRO A 660 32.18 -33.36 36.31
N ARG A 661 32.74 -32.30 36.89
CA ARG A 661 32.40 -30.96 36.45
C ARG A 661 32.88 -30.70 35.04
N GLY A 662 34.05 -31.25 34.68
CA GLY A 662 34.50 -31.16 33.30
C GLY A 662 33.56 -31.86 32.34
N TYR A 663 33.05 -33.02 32.73
CA TYR A 663 32.07 -33.72 31.89
C TYR A 663 30.79 -32.91 31.76
N GLU A 664 30.34 -32.28 32.85
CA GLU A 664 29.16 -31.44 32.79
C GLU A 664 29.36 -30.28 31.83
N MET A 665 30.51 -29.62 31.92
CA MET A 665 30.80 -28.51 31.01
C MET A 665 30.89 -28.98 29.56
N LEU A 666 31.50 -30.15 29.33
CA LEU A 666 31.59 -30.70 28.00
C LEU A 666 30.20 -30.99 27.43
N ASN A 667 29.33 -31.59 28.23
CA ASN A 667 27.97 -31.89 27.77
C ASN A 667 27.20 -30.61 27.48
N ASP A 668 27.34 -29.60 28.34
CA ASP A 668 26.65 -28.33 28.10
C ASP A 668 27.14 -27.67 26.81
N ALA A 669 28.46 -27.68 26.59
CA ALA A 669 28.99 -27.12 25.35
C ALA A 669 28.51 -27.89 24.13
N VAL A 670 28.41 -29.21 24.25
CA VAL A 670 27.93 -30.03 23.14
C VAL A 670 26.47 -29.72 22.82
N ASN A 671 25.63 -29.62 23.85
CA ASN A 671 24.20 -29.47 23.63
C ASN A 671 23.76 -28.03 23.48
N ASP A 672 24.66 -27.06 23.65
CA ASP A 672 24.33 -25.66 23.38
C ASP A 672 24.87 -25.27 22.01
N SER A 673 23.97 -24.90 21.11
CA SER A 673 24.38 -24.54 19.75
C SER A 673 25.22 -23.26 19.74
N GLY A 674 24.88 -22.30 20.62
CA GLY A 674 25.67 -21.08 20.69
C GLY A 674 27.10 -21.33 21.11
N LYS A 675 27.31 -22.20 22.10
CA LYS A 675 28.66 -22.56 22.49
C LYS A 675 29.36 -23.40 21.45
N ARG A 676 28.62 -24.29 20.77
CA ARG A 676 29.22 -25.12 19.74
C ARG A 676 29.71 -24.28 18.57
N ALA A 677 28.94 -23.26 18.18
CA ALA A 677 29.33 -22.42 17.05
C ALA A 677 30.59 -21.61 17.32
N THR A 678 31.04 -21.52 18.56
CA THR A 678 32.25 -20.80 18.91
C THR A 678 33.49 -21.67 18.92
N MET A 679 33.36 -22.95 18.56
CA MET A 679 34.51 -23.85 18.50
C MET A 679 35.04 -23.90 17.07
N PHE A 680 36.36 -23.88 16.95
CA PHE A 680 37.01 -23.93 15.65
C PHE A 680 38.43 -24.46 15.82
N GLY A 681 39.16 -24.52 14.71
CA GLY A 681 40.55 -24.95 14.77
C GLY A 681 40.68 -26.44 14.99
N SER A 682 41.77 -26.83 15.66
CA SER A 682 42.04 -28.22 15.97
C SER A 682 41.92 -28.55 17.45
N VAL A 683 41.89 -27.54 18.32
CA VAL A 683 41.79 -27.74 19.75
C VAL A 683 40.79 -26.74 20.29
N ALA A 684 39.81 -27.22 21.06
CA ALA A 684 38.84 -26.37 21.73
C ALA A 684 38.90 -26.66 23.22
N VAL A 685 39.16 -25.62 24.01
CA VAL A 685 39.30 -25.75 25.46
C VAL A 685 38.04 -25.20 26.11
N ILE A 686 37.40 -26.03 26.93
CA ILE A 686 36.17 -25.67 27.64
C ILE A 686 36.50 -25.53 29.11
N ARG A 687 36.30 -24.33 29.65
CA ARG A 687 36.54 -24.03 31.06
C ARG A 687 35.27 -23.40 31.63
N GLU A 688 35.36 -22.98 32.89
CA GLU A 688 34.23 -22.33 33.54
C GLU A 688 33.96 -20.94 33.00
N SER A 689 34.77 -20.45 32.06
CA SER A 689 34.60 -19.13 31.50
C SER A 689 34.02 -19.13 30.09
N GLY A 690 34.09 -20.23 29.39
CA GLY A 690 33.61 -20.29 28.03
C GLY A 690 34.43 -21.29 27.22
N ILE A 691 34.55 -21.02 25.93
CA ILE A 691 35.27 -21.89 24.99
C ILE A 691 36.32 -21.07 24.27
N ASN A 692 37.55 -21.55 24.27
CA ASN A 692 38.66 -20.95 23.54
C ASN A 692 39.25 -21.99 22.61
N SER A 693 39.59 -21.59 21.39
CA SER A 693 40.03 -22.51 20.36
C SER A 693 41.35 -22.05 19.77
N LEU A 694 42.09 -23.00 19.20
CA LEU A 694 43.38 -22.75 18.59
C LEU A 694 43.46 -23.41 17.23
N ARG A 695 44.06 -22.71 16.27
CA ARG A 695 44.33 -23.26 14.94
C ARG A 695 45.81 -23.63 14.89
N VAL A 696 46.12 -24.82 15.40
CA VAL A 696 47.49 -25.26 15.63
C VAL A 696 47.66 -26.68 15.14
N GLY A 697 48.82 -26.98 14.57
CA GLY A 697 49.19 -28.33 14.21
C GLY A 697 49.39 -28.50 12.72
N ASP A 698 49.70 -29.74 12.33
CA ASP A 698 49.87 -30.07 10.92
C ASP A 698 48.51 -30.08 10.23
N VAL A 699 48.48 -29.62 8.99
CA VAL A 699 47.26 -29.53 8.20
C VAL A 699 47.27 -30.65 7.17
N TYR A 700 46.23 -31.47 7.18
CA TYR A 700 46.05 -32.53 6.21
C TYR A 700 44.71 -32.33 5.50
N TYR A 701 44.66 -32.77 4.25
CA TYR A 701 43.50 -32.54 3.39
C TYR A 701 42.77 -33.85 3.15
N VAL A 702 41.45 -33.83 3.35
CA VAL A 702 40.60 -34.99 3.12
C VAL A 702 39.74 -34.71 1.90
N GLY A 703 39.76 -35.61 0.94
CA GLY A 703 39.05 -35.46 -0.31
C GLY A 703 39.94 -35.76 -1.51
N HIS A 704 39.37 -35.55 -2.69
CA HIS A 704 40.06 -35.82 -3.95
C HIS A 704 39.87 -34.63 -4.87
N LEU A 705 40.95 -33.91 -5.15
CA LEU A 705 40.93 -32.81 -6.10
C LEU A 705 41.61 -33.28 -7.39
N PRO A 706 40.89 -33.44 -8.48
CA PRO A 706 41.48 -34.04 -9.68
C PRO A 706 42.53 -33.14 -10.31
N TRP A 707 43.45 -33.78 -11.05
CA TRP A 707 44.51 -33.04 -11.73
C TRP A 707 43.94 -32.07 -12.76
N PHE A 708 42.82 -32.42 -13.39
CA PHE A 708 42.22 -31.56 -14.40
C PHE A 708 41.93 -30.16 -13.86
N GLU A 709 41.50 -30.08 -12.60
CA GLU A 709 41.29 -28.80 -11.94
C GLU A 709 42.46 -28.38 -11.08
N ARG A 710 43.25 -29.33 -10.58
CA ARG A 710 44.41 -28.99 -9.76
C ARG A 710 45.42 -28.19 -10.57
N LEU A 711 45.68 -28.59 -11.82
CA LEU A 711 46.58 -27.84 -12.68
C LEU A 711 45.98 -26.52 -13.12
N TRP A 712 44.67 -26.49 -13.38
CA TRP A 712 44.01 -25.24 -13.76
C TRP A 712 44.02 -24.22 -12.63
N TYR A 713 44.06 -24.67 -11.38
CA TYR A 713 44.14 -23.76 -10.24
C TYR A 713 45.42 -22.94 -10.24
N ALA A 714 46.47 -23.40 -10.93
CA ALA A 714 47.73 -22.67 -10.94
C ALA A 714 47.59 -21.29 -11.57
N LEU A 715 46.67 -21.14 -12.52
CA LEU A 715 46.46 -19.86 -13.17
C LEU A 715 45.25 -19.14 -12.57
N ASN B 42 27.24 -2.88 49.41
CA ASN B 42 28.27 -3.86 49.74
C ASN B 42 29.62 -3.44 49.17
N GLY B 43 29.78 -3.59 47.86
CA GLY B 43 31.01 -3.25 47.19
C GLY B 43 31.18 -1.75 47.06
N PRO B 44 32.40 -1.30 46.79
CA PRO B 44 32.65 0.13 46.62
C PRO B 44 31.95 0.67 45.37
N SER B 45 31.58 1.94 45.44
CA SER B 45 30.91 2.62 44.35
C SER B 45 31.86 3.60 43.68
N ARG B 46 31.48 4.01 42.47
CA ARG B 46 32.32 4.89 41.66
C ARG B 46 31.44 5.68 40.71
N ASP B 47 31.48 7.00 40.81
CA ASP B 47 30.69 7.89 39.99
C ASP B 47 31.54 8.39 38.82
N VAL B 48 31.01 8.25 37.60
CA VAL B 48 31.70 8.70 36.40
C VAL B 48 30.75 9.54 35.58
N LYS B 49 31.28 10.59 34.95
CA LYS B 49 30.55 11.42 34.01
C LYS B 49 31.15 11.22 32.63
N LEU B 50 30.31 10.83 31.68
CA LEU B 50 30.75 10.54 30.31
C LEU B 50 30.23 11.64 29.40
N THR B 51 31.02 12.71 29.28
CA THR B 51 30.65 13.83 28.43
C THR B 51 30.63 13.40 26.96
N PHE B 52 29.68 13.96 26.21
CA PHE B 52 29.56 13.63 24.79
C PHE B 52 30.84 13.93 24.03
N ALA B 53 31.58 14.96 24.46
CA ALA B 53 32.81 15.34 23.76
C ALA B 53 33.84 14.23 23.76
N GLN B 54 33.74 13.26 24.67
CA GLN B 54 34.69 12.17 24.76
C GLN B 54 34.21 10.89 24.10
N ILE B 55 32.91 10.56 24.23
CA ILE B 55 32.38 9.29 23.77
C ILE B 55 31.53 9.45 22.51
N ALA B 56 31.54 10.62 21.90
CA ALA B 56 30.80 10.90 20.69
C ALA B 56 31.75 10.95 19.49
N PRO B 57 31.22 11.10 18.28
CA PRO B 57 32.06 11.38 17.12
C PRO B 57 33.02 12.54 17.40
N PRO B 58 34.09 12.65 16.61
CA PRO B 58 35.18 13.59 16.96
C PRO B 58 34.71 15.02 17.17
N PRO B 59 33.73 15.52 16.40
CA PRO B 59 33.20 16.86 16.74
C PRO B 59 32.63 16.93 18.14
N GLY B 60 32.04 15.85 18.65
CA GLY B 60 31.45 15.86 19.97
C GLY B 60 29.98 16.20 19.96
N SER B 61 29.62 17.19 19.15
CA SER B 61 28.22 17.59 19.00
C SER B 61 27.55 16.69 17.96
N MET B 62 26.24 16.86 17.82
CA MET B 62 25.47 16.03 16.90
C MET B 62 24.24 16.80 16.46
N VAL B 63 24.10 17.00 15.16
CA VAL B 63 22.96 17.70 14.57
C VAL B 63 22.04 16.66 13.97
N LEU B 64 20.90 16.42 14.61
CA LEU B 64 19.94 15.43 14.15
C LEU B 64 18.97 16.08 13.18
N ARG B 65 18.91 15.57 11.95
CA ARG B 65 18.08 16.13 10.90
C ARG B 65 16.99 15.14 10.51
N GLY B 66 16.06 15.62 9.68
CA GLY B 66 15.01 14.76 9.17
C GLY B 66 15.52 13.69 8.22
N ILE B 67 16.71 13.88 7.66
CA ILE B 67 17.31 12.87 6.80
C ILE B 67 18.34 12.02 7.52
N ASN B 68 18.87 12.48 8.66
CA ASN B 68 19.78 11.72 9.50
C ASN B 68 19.30 11.85 10.94
N PRO B 69 18.21 11.15 11.30
CA PRO B 69 17.59 11.38 12.62
C PRO B 69 18.25 10.65 13.77
N ASN B 70 19.24 9.79 13.52
CA ASN B 70 19.81 8.95 14.55
C ASN B 70 21.24 9.38 14.87
N GLY B 71 21.57 9.35 16.15
CA GLY B 71 22.92 9.60 16.63
C GLY B 71 23.17 8.86 17.93
N SER B 72 24.29 8.17 18.03
CA SER B 72 24.52 7.23 19.11
C SER B 72 25.80 7.56 19.88
N ILE B 73 25.82 7.14 21.14
CA ILE B 73 27.01 7.14 21.97
C ILE B 73 27.20 5.73 22.51
N GLU B 74 28.45 5.39 22.81
CA GLU B 74 28.80 4.04 23.20
C GLU B 74 29.52 4.03 24.54
N PHE B 75 29.21 3.03 25.36
CA PHE B 75 29.93 2.82 26.60
C PHE B 75 29.83 1.35 26.99
N GLY B 76 30.91 0.83 27.58
CA GLY B 76 30.99 -0.55 28.00
C GLY B 76 30.97 -0.68 29.51
N MET B 77 30.68 -1.91 29.95
CA MET B 77 30.62 -2.24 31.37
C MET B 77 31.50 -3.43 31.65
N ARG B 78 32.33 -3.34 32.68
CA ARG B 78 33.24 -4.41 33.03
C ARG B 78 32.48 -5.60 33.60
N SER B 79 33.13 -6.77 33.55
CA SER B 79 32.55 -7.99 34.08
C SER B 79 32.47 -8.00 35.60
N ASP B 80 33.20 -7.10 36.27
CA ASP B 80 33.19 -7.03 37.73
C ASP B 80 32.54 -5.74 38.23
N GLU B 81 31.73 -5.09 37.39
CA GLU B 81 31.02 -3.88 37.79
C GLU B 81 29.59 -3.96 37.32
N VAL B 82 28.71 -3.27 38.05
CA VAL B 82 27.29 -3.19 37.71
C VAL B 82 26.84 -1.75 37.88
N VAL B 83 26.05 -1.27 36.93
CA VAL B 83 25.55 0.11 36.99
C VAL B 83 24.35 0.15 37.92
N THR B 84 24.45 0.98 38.96
CA THR B 84 23.37 1.13 39.93
C THR B 84 22.54 2.39 39.72
N LYS B 85 23.05 3.36 38.97
CA LYS B 85 22.32 4.60 38.72
C LYS B 85 22.84 5.21 37.44
N ALA B 86 21.95 5.39 36.46
CA ALA B 86 22.31 5.96 35.16
C ALA B 86 21.34 7.07 34.81
N MET B 87 21.87 8.22 34.42
CA MET B 87 21.07 9.38 34.05
C MET B 87 21.73 10.09 32.87
N LEU B 88 20.95 10.34 31.83
CA LEU B 88 21.44 11.00 30.63
C LEU B 88 21.02 12.47 30.67
N ASN B 89 22.00 13.35 30.77
CA ASN B 89 21.76 14.79 30.75
C ASN B 89 21.96 15.31 29.34
N LEU B 90 20.94 15.99 28.81
CA LEU B 90 20.94 16.44 27.42
C LEU B 90 20.84 17.96 27.36
N GLU B 91 21.63 18.56 26.48
CA GLU B 91 21.56 19.98 26.17
C GLU B 91 21.36 20.10 24.66
N TYR B 92 20.13 20.40 24.25
CA TYR B 92 19.78 20.41 22.85
C TYR B 92 18.97 21.66 22.53
N THR B 93 19.01 22.06 21.26
CA THR B 93 18.26 23.21 20.77
C THR B 93 17.41 22.78 19.58
N PRO B 94 16.12 22.52 19.80
CA PRO B 94 15.24 22.24 18.66
C PRO B 94 15.06 23.46 17.78
N SER B 95 14.94 23.21 16.48
CA SER B 95 14.78 24.30 15.54
C SER B 95 13.43 24.97 15.72
N PRO B 96 13.34 26.28 15.51
CA PRO B 96 12.03 26.90 15.33
C PRO B 96 11.37 26.39 14.07
N SER B 97 10.10 26.76 13.91
CA SER B 97 9.24 26.23 12.85
C SER B 97 8.96 24.74 13.02
N LEU B 98 9.23 24.21 14.21
CA LEU B 98 8.95 22.81 14.50
C LEU B 98 7.60 22.69 15.19
N LEU B 99 6.78 21.77 14.71
CA LEU B 99 5.47 21.55 15.31
C LEU B 99 5.67 21.01 16.72
N PRO B 100 5.16 21.68 17.75
CA PRO B 100 5.61 21.39 19.13
C PRO B 100 5.41 19.96 19.57
N VAL B 101 4.16 19.50 19.63
CA VAL B 101 3.90 18.18 20.18
C VAL B 101 4.25 17.07 19.20
N GLN B 102 4.19 17.34 17.91
CA GLN B 102 4.52 16.31 16.91
C GLN B 102 6.01 16.07 16.83
N SER B 103 6.83 17.09 17.07
CA SER B 103 8.28 16.94 17.07
C SER B 103 8.74 16.49 18.44
N GLN B 104 9.48 15.39 18.48
CA GLN B 104 9.91 14.78 19.73
C GLN B 104 11.34 14.28 19.58
N LEU B 105 11.98 14.03 20.72
CA LEU B 105 13.31 13.41 20.77
C LEU B 105 13.21 12.13 21.57
N LYS B 106 13.55 11.01 20.95
CA LYS B 106 13.45 9.69 21.57
C LYS B 106 14.83 9.20 21.98
N VAL B 107 14.91 8.61 23.16
CA VAL B 107 16.14 8.06 23.69
C VAL B 107 16.00 6.54 23.77
N TYR B 108 16.97 5.84 23.20
CA TYR B 108 17.00 4.39 23.20
C TYR B 108 18.24 3.89 23.90
N LEU B 109 18.10 2.76 24.60
CA LEU B 109 19.23 2.05 25.20
C LEU B 109 19.16 0.60 24.77
N ASN B 110 20.09 0.20 23.91
CA ASN B 110 20.12 -1.16 23.36
C ASN B 110 18.80 -1.50 22.67
N ASP B 111 18.33 -0.58 21.83
CA ASP B 111 17.09 -0.70 21.08
C ASP B 111 15.86 -0.81 21.97
N GLU B 112 15.96 -0.30 23.19
CA GLU B 112 14.83 -0.25 24.12
C GLU B 112 14.54 1.20 24.47
N LEU B 113 13.28 1.61 24.35
CA LEU B 113 12.90 2.99 24.58
C LEU B 113 13.03 3.32 26.06
N MET B 114 13.80 4.37 26.37
CA MET B 114 13.92 4.85 27.74
C MET B 114 13.02 6.03 28.04
N GLY B 115 12.56 6.73 27.02
CA GLY B 115 11.67 7.86 27.22
C GLY B 115 11.60 8.71 25.97
N VAL B 116 10.71 9.69 26.03
CA VAL B 116 10.51 10.62 24.92
C VAL B 116 10.43 12.03 25.51
N LEU B 117 11.00 12.99 24.79
CA LEU B 117 11.01 14.39 25.19
C LEU B 117 10.32 15.21 24.11
N PRO B 118 9.02 15.44 24.22
CA PRO B 118 8.33 16.28 23.24
C PRO B 118 8.85 17.72 23.29
N VAL B 119 8.86 18.35 22.12
CA VAL B 119 9.38 19.72 21.98
C VAL B 119 8.26 20.67 22.39
N THR B 120 8.29 21.14 23.63
CA THR B 120 7.29 22.08 24.08
C THR B 120 7.43 23.40 23.32
N LYS B 121 6.31 24.12 23.18
CA LYS B 121 6.32 25.37 22.44
C LYS B 121 7.30 26.38 23.03
N GLU B 122 7.54 26.31 24.34
CA GLU B 122 8.49 27.19 24.98
C GLU B 122 9.93 26.85 24.64
N GLN B 123 10.19 25.70 24.03
CA GLN B 123 11.55 25.24 23.74
C GLN B 123 11.98 25.53 22.32
N LEU B 124 11.12 26.11 21.49
CA LEU B 124 11.43 26.30 20.07
C LEU B 124 12.55 27.32 19.91
N GLY B 125 13.68 26.89 19.39
CA GLY B 125 14.81 27.77 19.15
C GLY B 125 15.60 28.16 20.37
N LYS B 126 15.43 27.46 21.50
CA LYS B 126 16.10 27.79 22.73
C LYS B 126 16.81 26.56 23.27
N LYS B 127 17.92 26.79 23.97
CA LYS B 127 18.66 25.69 24.57
C LYS B 127 17.89 25.11 25.74
N THR B 128 17.74 23.79 25.75
CA THR B 128 16.92 23.09 26.73
C THR B 128 17.77 22.10 27.51
N LEU B 129 17.45 21.95 28.80
CA LEU B 129 18.11 21.01 29.67
C LEU B 129 17.13 19.90 30.03
N ALA B 130 17.51 18.66 29.78
CA ALA B 130 16.64 17.51 30.01
C ALA B 130 17.41 16.42 30.72
N GLN B 131 16.74 15.77 31.67
CA GLN B 131 17.31 14.66 32.43
C GLN B 131 16.46 13.42 32.17
N MET B 132 17.03 12.44 31.46
CA MET B 132 16.31 11.22 31.13
C MET B 132 16.90 10.05 31.90
N PRO B 133 16.20 9.50 32.89
CA PRO B 133 16.72 8.33 33.60
C PRO B 133 16.88 7.13 32.66
N ILE B 134 17.95 6.36 32.89
CA ILE B 134 18.28 5.21 32.07
C ILE B 134 18.16 3.96 32.94
N ASN B 135 17.40 2.98 32.46
CA ASN B 135 17.14 1.77 33.24
C ASN B 135 18.39 0.90 33.28
N PRO B 136 18.93 0.59 34.46
CA PRO B 136 20.14 -0.25 34.52
C PRO B 136 19.89 -1.70 34.16
N LEU B 137 18.65 -2.16 34.10
CA LEU B 137 18.37 -3.56 33.81
C LEU B 137 18.67 -3.92 32.36
N PHE B 138 18.76 -2.94 31.47
CA PHE B 138 19.04 -3.17 30.07
C PHE B 138 20.50 -2.90 29.71
N ILE B 139 21.35 -2.63 30.69
CA ILE B 139 22.76 -2.35 30.46
C ILE B 139 23.51 -3.68 30.42
N THR B 140 24.30 -3.87 29.36
CA THR B 140 25.04 -5.10 29.15
C THR B 140 26.52 -4.80 28.97
N ASP B 141 27.29 -5.79 28.50
CA ASP B 141 28.73 -5.60 28.32
C ASP B 141 29.02 -4.49 27.33
N PHE B 142 28.26 -4.42 26.24
CA PHE B 142 28.37 -3.34 25.27
C PHE B 142 27.02 -2.66 25.14
N ASN B 143 27.00 -1.34 25.27
CA ASN B 143 25.75 -0.58 25.33
C ASN B 143 25.78 0.56 24.33
N ARG B 144 24.70 0.71 23.57
CA ARG B 144 24.51 1.81 22.65
C ARG B 144 23.33 2.66 23.11
N VAL B 145 23.55 3.95 23.26
CA VAL B 145 22.50 4.91 23.58
C VAL B 145 22.25 5.74 22.33
N ARG B 146 21.07 5.60 21.75
CA ARG B 146 20.73 6.20 20.46
C ARG B 146 19.68 7.29 20.66
N LEU B 147 19.91 8.44 20.06
CA LEU B 147 18.97 9.55 20.07
C LEU B 147 18.28 9.61 18.71
N GLU B 148 16.95 9.46 18.71
CA GLU B 148 16.15 9.50 17.50
C GLU B 148 15.32 10.78 17.50
N PHE B 149 15.36 11.51 16.39
CA PHE B 149 14.66 12.77 16.25
C PHE B 149 13.52 12.61 15.26
N VAL B 150 12.30 12.90 15.71
CA VAL B 150 11.13 12.97 14.84
C VAL B 150 10.76 14.44 14.72
N GLY B 151 10.68 14.95 13.50
CA GLY B 151 10.46 16.36 13.30
C GLY B 151 9.51 16.68 12.16
N HIS B 152 8.60 17.63 12.40
CA HIS B 152 7.64 18.07 11.40
C HIS B 152 7.46 19.57 11.53
N TYR B 153 7.39 20.26 10.40
CA TYR B 153 7.27 21.70 10.39
C TYR B 153 5.98 22.21 9.75
N GLN B 154 5.13 21.32 9.25
CA GLN B 154 3.88 21.73 8.63
C GLN B 154 2.86 20.62 8.79
N ASP B 155 1.58 21.00 8.90
CA ASP B 155 0.48 20.05 8.94
C ASP B 155 0.10 19.54 7.56
N VAL B 156 0.81 19.97 6.52
CA VAL B 156 0.53 19.62 5.14
C VAL B 156 1.81 19.09 4.51
N CYS B 157 1.80 18.89 3.20
CA CYS B 157 2.95 18.39 2.45
C CYS B 157 4.25 19.01 2.93
N GLU B 158 5.19 18.16 3.36
CA GLU B 158 6.43 18.61 3.93
C GLU B 158 7.57 17.77 3.39
N ASN B 159 8.76 18.37 3.34
CA ASN B 159 9.94 17.69 2.82
C ASN B 159 10.79 17.20 3.98
N PRO B 160 11.02 15.89 4.11
CA PRO B 160 11.88 15.41 5.21
C PRO B 160 13.28 16.01 5.17
N ALA B 161 13.84 16.22 3.99
CA ALA B 161 15.15 16.84 3.84
C ALA B 161 14.93 18.32 3.51
N SER B 162 14.60 19.09 4.53
CA SER B 162 14.23 20.49 4.35
C SER B 162 15.24 21.47 4.93
N THR B 163 16.21 21.01 5.72
CA THR B 163 17.23 21.82 6.38
C THR B 163 16.64 22.75 7.44
N THR B 164 15.32 22.81 7.58
CA THR B 164 14.69 23.47 8.71
C THR B 164 14.29 22.50 9.80
N LEU B 165 14.41 21.19 9.55
CA LEU B 165 14.16 20.15 10.54
C LEU B 165 15.50 19.72 11.11
N TRP B 166 15.94 20.38 12.17
CA TRP B 166 17.18 20.02 12.83
C TRP B 166 17.02 20.13 14.33
N LEU B 167 17.82 19.34 15.04
CA LEU B 167 17.87 19.39 16.50
C LEU B 167 19.28 18.98 16.89
N ASP B 168 20.10 19.96 17.27
CA ASP B 168 21.50 19.73 17.57
C ASP B 168 21.69 19.56 19.07
N VAL B 169 22.37 18.49 19.46
CA VAL B 169 22.66 18.20 20.85
C VAL B 169 24.08 18.67 21.14
N GLY B 170 24.23 19.52 22.16
CA GLY B 170 25.53 20.05 22.49
C GLY B 170 26.47 19.00 23.05
N ARG B 171 27.77 19.26 22.90
CA ARG B 171 28.78 18.35 23.41
C ARG B 171 28.85 18.37 24.93
N SER B 172 28.24 19.37 25.58
CA SER B 172 28.18 19.40 27.03
C SER B 172 27.26 18.33 27.60
N SER B 173 26.44 17.70 26.77
CA SER B 173 25.59 16.61 27.23
C SER B 173 26.45 15.43 27.66
N GLY B 174 25.94 14.66 28.61
CA GLY B 174 26.70 13.55 29.15
C GLY B 174 25.80 12.49 29.74
N LEU B 175 26.43 11.40 30.15
CA LEU B 175 25.74 10.25 30.75
C LEU B 175 26.37 9.97 32.11
N ASP B 176 25.70 10.39 33.17
CA ASP B 176 26.19 10.14 34.52
C ASP B 176 25.92 8.69 34.90
N LEU B 177 26.98 7.99 35.29
CA LEU B 177 26.89 6.58 35.64
C LEU B 177 27.51 6.33 37.01
N THR B 178 26.98 5.34 37.70
CA THR B 178 27.51 4.88 38.97
C THR B 178 27.82 3.40 38.86
N TYR B 179 29.08 3.03 39.10
CA TYR B 179 29.53 1.65 39.02
C TYR B 179 29.79 1.09 40.41
N GLN B 180 29.30 -0.13 40.65
CA GLN B 180 29.53 -0.83 41.90
C GLN B 180 30.34 -2.09 41.62
N THR B 181 31.46 -2.23 42.33
CA THR B 181 32.33 -3.38 42.12
C THR B 181 31.71 -4.65 42.70
N LEU B 182 31.80 -5.73 41.95
CA LEU B 182 31.31 -7.03 42.38
C LEU B 182 32.45 -7.87 42.93
N ASN B 183 32.10 -8.77 43.85
CA ASN B 183 33.08 -9.67 44.46
C ASN B 183 33.16 -10.94 43.61
N VAL B 184 33.91 -10.83 42.51
CA VAL B 184 34.08 -11.96 41.61
C VAL B 184 34.92 -13.03 42.29
N LYS B 185 34.58 -14.30 42.04
CA LYS B 185 35.28 -15.39 42.68
C LYS B 185 36.68 -15.54 42.10
N ASN B 186 37.58 -16.07 42.93
CA ASN B 186 38.99 -16.21 42.57
C ASN B 186 39.17 -17.44 41.68
N ASP B 187 38.81 -17.27 40.41
CA ASP B 187 38.92 -18.33 39.41
C ASP B 187 39.92 -17.88 38.34
N LEU B 188 40.87 -18.75 38.00
CA LEU B 188 41.86 -18.39 37.00
C LEU B 188 41.34 -18.48 35.58
N SER B 189 40.19 -19.11 35.36
CA SER B 189 39.41 -18.81 34.17
C SER B 189 38.89 -17.39 34.31
N HIS B 190 38.68 -16.73 33.16
CA HIS B 190 38.59 -15.27 33.11
C HIS B 190 39.89 -14.66 33.63
N PHE B 191 41.02 -15.24 33.24
CA PHE B 191 42.31 -14.89 33.85
C PHE B 191 42.57 -13.39 33.76
N PRO B 192 42.66 -12.79 32.56
CA PRO B 192 42.95 -11.35 32.52
C PRO B 192 41.79 -10.51 33.01
N VAL B 193 40.57 -11.05 33.08
CA VAL B 193 39.38 -10.21 33.20
C VAL B 193 39.45 -9.22 34.37
N PRO B 194 39.80 -9.62 35.60
CA PRO B 194 39.81 -8.64 36.70
C PRO B 194 40.94 -7.63 36.60
N PHE B 195 41.99 -7.89 35.83
CA PHE B 195 43.14 -7.00 35.75
C PHE B 195 43.09 -6.13 34.50
N PHE B 196 43.05 -6.75 33.33
CA PHE B 196 42.71 -6.08 32.07
C PHE B 196 41.38 -6.64 31.60
N ASP B 197 40.37 -5.76 31.50
CA ASP B 197 39.07 -6.15 30.98
C ASP B 197 38.89 -5.57 29.59
N PRO B 198 38.77 -6.39 28.54
CA PRO B 198 38.61 -5.84 27.18
C PRO B 198 37.35 -5.01 27.02
N ARG B 199 36.34 -5.20 27.87
CA ARG B 199 35.14 -4.37 27.81
C ARG B 199 35.39 -2.95 28.29
N ASP B 200 36.54 -2.68 28.91
CA ASP B 200 36.90 -1.35 29.36
C ASP B 200 37.82 -0.69 28.36
N ASN B 201 37.45 0.49 27.89
CA ASN B 201 38.22 1.23 26.89
C ASN B 201 39.21 2.20 27.53
N ARG B 202 39.32 2.21 28.85
CA ARG B 202 40.26 3.09 29.52
C ARG B 202 41.67 2.52 29.47
N THR B 203 42.63 3.32 29.93
CA THR B 203 44.00 2.86 30.04
C THR B 203 44.09 1.78 31.11
N ASN B 204 44.78 0.69 30.77
CA ASN B 204 44.91 -0.45 31.69
C ASN B 204 46.01 -0.12 32.70
N THR B 205 45.59 0.40 33.85
CA THR B 205 46.52 0.72 34.94
C THR B 205 46.65 -0.51 35.81
N LEU B 206 47.75 -1.23 35.66
CA LEU B 206 48.00 -2.49 36.38
C LEU B 206 49.25 -2.37 37.21
N PRO B 207 49.14 -2.09 38.51
CA PRO B 207 50.34 -2.01 39.35
C PRO B 207 51.06 -3.33 39.46
N MET B 208 52.37 -3.24 39.66
CA MET B 208 53.23 -4.41 39.90
C MET B 208 53.96 -4.22 41.21
N VAL B 209 53.93 -5.24 42.07
CA VAL B 209 54.45 -5.17 43.42
C VAL B 209 55.64 -6.09 43.54
N PHE B 210 56.76 -5.56 44.03
CA PHE B 210 57.97 -6.33 44.27
C PHE B 210 58.36 -6.24 45.74
N ALA B 211 59.18 -7.20 46.17
CA ALA B 211 59.71 -7.16 47.53
C ALA B 211 60.61 -5.94 47.73
N GLY B 212 61.45 -5.64 46.75
CA GLY B 212 62.33 -4.49 46.80
C GLY B 212 62.89 -4.16 45.45
N ALA B 213 64.17 -3.80 45.39
CA ALA B 213 64.81 -3.57 44.11
C ALA B 213 64.98 -4.91 43.39
N PRO B 214 64.42 -5.08 42.20
CA PRO B 214 64.44 -6.40 41.56
C PRO B 214 65.80 -6.73 40.96
N ASP B 215 66.10 -8.02 40.95
CA ASP B 215 67.30 -8.52 40.28
C ASP B 215 67.05 -8.57 38.77
N VAL B 216 68.06 -9.06 38.04
CA VAL B 216 67.95 -9.12 36.59
C VAL B 216 66.85 -10.08 36.17
N GLY B 217 66.77 -11.24 36.80
CA GLY B 217 65.73 -12.21 36.46
C GLY B 217 64.34 -11.70 36.78
N LEU B 218 64.17 -11.05 37.93
CA LEU B 218 62.88 -10.48 38.29
C LEU B 218 62.48 -9.38 37.32
N GLN B 219 63.44 -8.54 36.93
CA GLN B 219 63.15 -7.51 35.93
C GLN B 219 62.72 -8.12 34.61
N GLN B 220 63.40 -9.19 34.19
CA GLN B 220 63.04 -9.85 32.94
C GLN B 220 61.64 -10.44 33.00
N ALA B 221 61.31 -11.11 34.12
CA ALA B 221 59.98 -11.69 34.25
C ALA B 221 58.89 -10.63 34.28
N SER B 222 59.11 -9.54 35.01
CA SER B 222 58.14 -8.46 35.04
C SER B 222 57.98 -7.82 33.67
N ALA B 223 59.08 -7.69 32.93
CA ALA B 223 59.01 -7.16 31.58
C ALA B 223 58.21 -8.08 30.66
N ILE B 224 58.39 -9.39 30.80
CA ILE B 224 57.60 -10.33 30.00
C ILE B 224 56.12 -10.19 30.30
N VAL B 225 55.78 -10.12 31.59
CA VAL B 225 54.37 -9.99 31.97
C VAL B 225 53.79 -8.68 31.46
N ALA B 226 54.56 -7.59 31.58
CA ALA B 226 54.09 -6.29 31.10
C ALA B 226 53.90 -6.29 29.58
N SER B 227 54.81 -6.93 28.85
CA SER B 227 54.66 -7.03 27.40
C SER B 227 53.41 -7.80 27.03
N TRP B 228 53.15 -8.91 27.73
CA TRP B 228 51.93 -9.67 27.44
C TRP B 228 50.69 -8.85 27.71
N PHE B 229 50.66 -8.14 28.85
CA PHE B 229 49.48 -7.33 29.16
C PHE B 229 49.31 -6.18 28.18
N GLY B 230 50.41 -5.58 27.72
CA GLY B 230 50.31 -4.56 26.70
C GLY B 230 49.79 -5.10 25.38
N SER B 231 50.26 -6.29 24.98
CA SER B 231 49.77 -6.91 23.76
C SER B 231 48.28 -7.23 23.87
N ARG B 232 47.81 -7.57 25.07
CA ARG B 232 46.38 -7.79 25.25
C ARG B 232 45.60 -6.47 25.21
N SER B 233 46.13 -5.43 25.85
CA SER B 233 45.40 -4.17 25.94
C SER B 233 45.39 -3.42 24.62
N GLY B 234 46.53 -3.39 23.92
CA GLY B 234 46.62 -2.74 22.63
C GLY B 234 46.42 -1.24 22.65
N TRP B 235 45.43 -0.76 21.88
CA TRP B 235 45.21 0.67 21.71
C TRP B 235 44.73 1.37 22.96
N ARG B 236 44.26 0.62 23.97
CA ARG B 236 43.68 1.26 25.15
C ARG B 236 44.72 2.04 25.94
N GLY B 237 45.98 1.62 25.92
CA GLY B 237 47.02 2.27 26.68
C GLY B 237 47.55 1.37 27.79
N GLN B 238 48.77 1.68 28.21
CA GLN B 238 49.46 0.87 29.21
C GLN B 238 50.01 1.79 30.30
N ASN B 239 49.93 1.30 31.54
CA ASN B 239 50.45 2.04 32.69
C ASN B 239 50.72 1.02 33.80
N PHE B 240 51.97 0.95 34.26
CA PHE B 240 52.39 -0.05 35.23
C PHE B 240 53.06 0.64 36.42
N PRO B 241 52.27 1.16 37.36
CA PRO B 241 52.87 1.68 38.60
C PRO B 241 53.60 0.57 39.34
N VAL B 242 54.73 0.93 39.94
CA VAL B 242 55.59 -0.04 40.63
C VAL B 242 55.62 0.32 42.11
N LEU B 243 55.32 -0.67 42.95
CA LEU B 243 55.30 -0.50 44.39
C LEU B 243 56.28 -1.49 45.02
N TYR B 244 57.15 -0.99 45.90
CA TYR B 244 58.13 -1.80 46.59
C TYR B 244 57.63 -2.08 48.00
N ASN B 245 57.34 -3.35 48.28
CA ASN B 245 56.90 -3.80 49.61
C ASN B 245 55.70 -2.99 50.09
N GLN B 246 54.72 -2.84 49.20
CA GLN B 246 53.54 -2.03 49.51
C GLN B 246 52.33 -2.63 48.80
N LEU B 247 51.20 -2.65 49.49
CA LEU B 247 49.94 -3.14 48.95
C LEU B 247 49.19 -2.01 48.25
N PRO B 248 48.74 -2.21 47.02
CA PRO B 248 48.05 -1.15 46.29
C PRO B 248 46.54 -1.17 46.55
N ASP B 249 45.88 -0.15 46.02
CA ASP B 249 44.44 0.03 46.19
C ASP B 249 43.63 -0.50 45.03
N ARG B 250 44.25 -1.12 44.04
CA ARG B 250 43.56 -1.68 42.89
C ARG B 250 44.15 -3.05 42.57
N ASN B 251 43.58 -3.70 41.57
CA ASN B 251 44.08 -5.01 41.15
C ASN B 251 45.52 -4.88 40.64
N ALA B 252 46.37 -5.81 41.07
CA ALA B 252 47.79 -5.71 40.78
C ALA B 252 48.40 -7.10 40.70
N ILE B 253 49.61 -7.15 40.17
CA ILE B 253 50.40 -8.37 40.07
C ILE B 253 51.52 -8.30 41.09
N VAL B 254 51.67 -9.35 41.89
CA VAL B 254 52.66 -9.43 42.96
C VAL B 254 53.68 -10.50 42.58
N PHE B 255 54.95 -10.12 42.58
CA PHE B 255 56.05 -11.04 42.31
C PHE B 255 56.73 -11.37 43.63
N ALA B 256 56.83 -12.66 43.93
CA ALA B 256 57.39 -13.10 45.20
C ALA B 256 58.35 -14.26 44.96
N THR B 257 59.29 -14.40 45.89
CA THR B 257 60.27 -15.47 45.88
C THR B 257 60.33 -16.07 47.28
N ASN B 258 60.75 -17.33 47.36
CA ASN B 258 60.83 -18.01 48.66
C ASN B 258 61.69 -17.25 49.65
N ASP B 259 62.71 -16.53 49.16
CA ASP B 259 63.57 -15.72 50.01
C ASP B 259 63.12 -14.26 50.05
N LYS B 260 62.99 -13.64 48.88
CA LYS B 260 62.58 -12.24 48.78
C LYS B 260 61.08 -12.20 48.51
N ARG B 261 60.31 -11.75 49.50
CA ARG B 261 58.87 -11.66 49.39
C ARG B 261 58.38 -10.43 50.15
N PRO B 262 57.24 -9.88 49.74
CA PRO B 262 56.68 -8.72 50.47
C PRO B 262 56.23 -9.10 51.86
N ASP B 263 55.88 -8.08 52.64
CA ASP B 263 55.53 -8.27 54.05
C ASP B 263 54.28 -9.12 54.20
N PHE B 264 53.25 -8.85 53.40
CA PHE B 264 51.98 -9.54 53.57
C PHE B 264 52.02 -11.00 53.13
N LEU B 265 53.08 -11.43 52.46
CA LEU B 265 53.24 -12.82 52.05
C LEU B 265 54.20 -13.59 52.95
N ARG B 266 54.53 -13.03 54.13
CA ARG B 266 55.51 -13.66 55.01
C ARG B 266 55.03 -15.03 55.47
N ASP B 267 53.74 -15.18 55.76
CA ASP B 267 53.19 -16.44 56.24
C ASP B 267 52.87 -17.42 55.11
N HIS B 268 53.08 -17.03 53.86
CA HIS B 268 52.81 -17.93 52.75
C HIS B 268 53.79 -19.09 52.77
N PRO B 269 53.33 -20.34 52.63
CA PRO B 269 54.25 -21.47 52.64
C PRO B 269 55.17 -21.46 51.44
N ALA B 270 56.36 -22.06 51.62
CA ALA B 270 57.33 -22.15 50.55
C ALA B 270 56.83 -23.05 49.43
N VAL B 271 57.24 -22.74 48.21
CA VAL B 271 56.80 -23.46 47.03
C VAL B 271 57.95 -24.27 46.46
N LYS B 272 57.60 -25.31 45.70
CA LYS B 272 58.58 -26.15 45.03
C LYS B 272 58.61 -25.94 43.53
N ALA B 273 57.74 -25.07 43.01
CA ALA B 273 57.63 -24.84 41.58
C ALA B 273 56.97 -23.48 41.37
N PRO B 274 57.08 -22.90 40.18
CA PRO B 274 56.37 -21.63 39.93
C PRO B 274 54.87 -21.80 40.05
N VAL B 275 54.27 -21.04 40.96
CA VAL B 275 52.85 -21.13 41.27
C VAL B 275 52.23 -19.75 41.04
N ILE B 276 51.12 -19.73 40.30
CA ILE B 276 50.36 -18.51 40.05
C ILE B 276 49.03 -18.64 40.78
N GLU B 277 48.79 -17.76 41.75
CA GLU B 277 47.59 -17.78 42.57
C GLU B 277 46.83 -16.47 42.43
N MET B 278 45.51 -16.57 42.43
CA MET B 278 44.63 -15.40 42.45
C MET B 278 44.04 -15.32 43.85
N ILE B 279 44.59 -14.42 44.67
CA ILE B 279 44.17 -14.28 46.04
C ILE B 279 43.54 -12.91 46.23
N ASN B 280 42.76 -12.79 47.31
CA ASN B 280 42.12 -11.53 47.64
C ASN B 280 43.10 -10.60 48.32
N HIS B 281 42.84 -9.30 48.19
CA HIS B 281 43.59 -8.32 48.95
C HIS B 281 43.35 -8.54 50.44
N PRO B 282 44.38 -8.53 51.28
CA PRO B 282 44.18 -8.84 52.70
C PRO B 282 43.25 -7.89 53.42
N GLN B 283 43.08 -6.66 52.92
CA GLN B 283 42.23 -5.68 53.57
C GLN B 283 41.01 -5.29 52.76
N ASN B 284 41.02 -5.48 51.44
CA ASN B 284 39.88 -5.15 50.58
C ASN B 284 39.46 -6.40 49.81
N PRO B 285 38.40 -7.08 50.22
CA PRO B 285 38.00 -8.31 49.51
C PRO B 285 37.60 -8.08 48.06
N TYR B 286 37.33 -6.84 47.66
CA TYR B 286 36.95 -6.53 46.29
C TYR B 286 38.14 -6.21 45.39
N VAL B 287 39.36 -6.33 45.91
CA VAL B 287 40.57 -6.10 45.14
C VAL B 287 41.31 -7.41 45.01
N LYS B 288 41.69 -7.77 43.78
CA LYS B 288 42.34 -9.04 43.50
C LYS B 288 43.84 -8.85 43.31
N LEU B 289 44.60 -9.87 43.68
CA LEU B 289 46.04 -9.89 43.52
C LEU B 289 46.45 -11.14 42.76
N LEU B 290 47.29 -10.98 41.75
CA LEU B 290 47.87 -12.10 41.01
C LEU B 290 49.27 -12.33 41.55
N VAL B 291 49.40 -13.32 42.42
CA VAL B 291 50.67 -13.61 43.08
C VAL B 291 51.45 -14.59 42.22
N VAL B 292 52.55 -14.12 41.64
CA VAL B 292 53.45 -14.95 40.86
C VAL B 292 54.57 -15.39 41.81
N PHE B 293 54.47 -16.62 42.30
CA PHE B 293 55.40 -17.15 43.29
C PHE B 293 56.30 -18.19 42.65
N GLY B 294 57.58 -18.18 43.04
CA GLY B 294 58.54 -19.13 42.52
C GLY B 294 59.67 -19.33 43.49
N ARG B 295 60.43 -20.40 43.26
CA ARG B 295 61.59 -20.69 44.11
C ARG B 295 62.66 -19.61 43.96
N ASP B 296 62.87 -19.12 42.75
CA ASP B 296 63.88 -18.10 42.50
C ASP B 296 63.53 -17.37 41.20
N ASP B 297 64.50 -16.60 40.71
CA ASP B 297 64.28 -15.79 39.51
C ASP B 297 63.99 -16.65 38.29
N LYS B 298 64.65 -17.80 38.17
CA LYS B 298 64.38 -18.69 37.03
C LYS B 298 62.96 -19.23 37.11
N ASP B 299 62.48 -19.57 38.31
CA ASP B 299 61.10 -20.02 38.45
C ASP B 299 60.13 -18.90 38.10
N LEU B 300 60.43 -17.67 38.51
CA LEU B 300 59.56 -16.55 38.17
C LEU B 300 59.55 -16.32 36.66
N LEU B 301 60.70 -16.47 36.01
CA LEU B 301 60.76 -16.36 34.56
C LEU B 301 59.92 -17.43 33.87
N GLN B 302 60.00 -18.65 34.38
CA GLN B 302 59.18 -19.73 33.83
C GLN B 302 57.70 -19.43 34.01
N ALA B 303 57.31 -18.91 35.17
CA ALA B 303 55.92 -18.56 35.40
C ALA B 303 55.47 -17.44 34.46
N ALA B 304 56.32 -16.45 34.24
CA ALA B 304 55.98 -15.37 33.31
C ALA B 304 55.80 -15.90 31.90
N LYS B 305 56.69 -16.80 31.46
CA LYS B 305 56.55 -17.38 30.13
C LYS B 305 55.28 -18.23 30.04
N GLY B 306 54.93 -18.93 31.12
CA GLY B 306 53.68 -19.68 31.13
C GLY B 306 52.46 -18.79 31.02
N ILE B 307 52.51 -17.63 31.69
CA ILE B 307 51.44 -16.64 31.53
C ILE B 307 51.37 -16.16 30.08
N ALA B 308 52.51 -15.88 29.48
CA ALA B 308 52.54 -15.32 28.14
C ALA B 308 52.05 -16.31 27.09
N GLN B 309 52.43 -17.59 27.23
CA GLN B 309 52.20 -18.57 26.19
C GLN B 309 51.22 -19.68 26.54
N GLY B 310 50.82 -19.80 27.80
CA GLY B 310 49.95 -20.90 28.19
C GLY B 310 48.78 -20.49 29.05
N ASN B 311 48.28 -19.26 28.87
CA ASN B 311 47.15 -18.78 29.66
C ASN B 311 45.83 -19.43 29.28
N ILE B 312 45.79 -20.18 28.17
CA ILE B 312 44.56 -20.86 27.76
C ILE B 312 44.23 -22.04 28.67
N LEU B 313 45.18 -22.51 29.47
CA LEU B 313 44.95 -23.59 30.41
C LEU B 313 44.75 -23.11 31.84
N PHE B 314 44.64 -21.79 32.03
CA PHE B 314 44.44 -21.25 33.37
C PHE B 314 43.08 -21.65 33.91
N ARG B 315 43.06 -22.22 35.11
CA ARG B 315 41.80 -22.63 35.73
C ARG B 315 42.01 -22.74 37.23
N GLY B 316 40.90 -22.77 37.95
CA GLY B 316 40.98 -22.89 39.39
C GLY B 316 41.45 -21.60 40.06
N GLU B 317 41.93 -21.75 41.29
CA GLU B 317 42.47 -20.63 42.05
C GLU B 317 43.99 -20.63 42.11
N SER B 318 44.63 -21.69 41.62
CA SER B 318 46.09 -21.79 41.63
C SER B 318 46.53 -22.69 40.50
N VAL B 319 47.60 -22.29 39.81
CA VAL B 319 48.15 -23.04 38.69
C VAL B 319 49.66 -23.15 38.89
N VAL B 320 50.18 -24.36 38.73
CA VAL B 320 51.61 -24.61 38.81
C VAL B 320 52.14 -24.78 37.39
N VAL B 321 53.13 -23.98 37.00
CA VAL B 321 53.73 -24.05 35.69
C VAL B 321 54.88 -25.05 35.75
N ASN B 322 54.84 -26.06 34.87
CA ASN B 322 55.82 -27.13 34.88
C ASN B 322 56.93 -26.93 33.87
N GLU B 323 56.58 -26.64 32.61
CA GLU B 323 57.59 -26.48 31.58
C GLU B 323 56.98 -25.76 30.39
N VAL B 324 57.73 -24.80 29.85
CA VAL B 324 57.38 -24.13 28.60
C VAL B 324 58.49 -24.42 27.62
N LYS B 325 58.16 -25.10 26.52
CA LYS B 325 59.14 -25.59 25.56
C LYS B 325 59.07 -24.77 24.28
N PRO B 326 60.11 -23.99 23.95
CA PRO B 326 60.08 -23.20 22.72
C PRO B 326 60.42 -24.02 21.47
N LEU B 327 59.40 -24.66 20.89
CA LEU B 327 59.64 -25.53 19.74
C LEU B 327 60.16 -24.74 18.54
N LEU B 328 59.57 -23.58 18.24
CA LEU B 328 59.91 -22.85 17.03
C LEU B 328 60.21 -21.39 17.35
N PRO B 329 61.31 -20.86 16.83
CA PRO B 329 61.60 -19.43 17.00
C PRO B 329 60.81 -18.57 16.05
N ARG B 330 60.76 -17.28 16.38
CA ARG B 330 60.09 -16.30 15.53
C ARG B 330 60.96 -15.94 14.33
N LYS B 331 60.32 -15.33 13.33
CA LYS B 331 60.98 -14.84 12.14
C LYS B 331 60.84 -13.32 12.06
N PRO B 332 61.75 -12.64 11.37
CA PRO B 332 61.65 -11.17 11.29
C PRO B 332 60.33 -10.72 10.68
N TYR B 333 59.79 -9.64 11.22
CA TYR B 333 58.57 -9.01 10.72
C TYR B 333 57.39 -9.97 10.71
N ASP B 334 57.24 -10.75 11.77
CA ASP B 334 56.11 -11.67 11.91
C ASP B 334 55.16 -11.26 13.04
N ALA B 335 55.17 -9.99 13.41
CA ALA B 335 54.29 -9.53 14.47
C ALA B 335 52.84 -9.69 14.05
N PRO B 336 51.96 -10.20 14.92
CA PRO B 336 50.56 -10.42 14.52
C PRO B 336 49.82 -9.16 14.11
N ASN B 337 50.25 -7.98 14.59
CA ASN B 337 49.55 -6.74 14.29
C ASN B 337 50.07 -6.05 13.03
N TRP B 338 51.05 -6.63 12.35
CA TRP B 338 51.60 -6.05 11.14
C TRP B 338 51.08 -6.79 9.91
N VAL B 339 51.16 -6.10 8.77
CA VAL B 339 50.76 -6.69 7.49
C VAL B 339 51.81 -7.70 7.06
N ARG B 340 51.37 -8.92 6.76
CA ARG B 340 52.29 -9.96 6.33
C ARG B 340 52.88 -9.60 4.96
N THR B 341 54.17 -9.92 4.79
CA THR B 341 54.91 -9.54 3.58
C THR B 341 55.36 -10.75 2.79
N ASP B 342 54.76 -11.92 3.03
CA ASP B 342 55.07 -13.11 2.24
C ASP B 342 54.12 -13.28 1.05
N ARG B 343 52.98 -12.63 1.07
CA ARG B 343 51.99 -12.72 0.00
C ARG B 343 51.04 -11.55 0.14
N PRO B 344 50.27 -11.22 -0.90
CA PRO B 344 49.26 -10.17 -0.77
C PRO B 344 48.27 -10.50 0.34
N VAL B 345 47.91 -9.48 1.12
CA VAL B 345 47.05 -9.63 2.29
C VAL B 345 45.64 -9.20 1.92
N THR B 346 44.67 -10.05 2.25
CA THR B 346 43.28 -9.72 2.00
C THR B 346 42.76 -8.77 3.08
N PHE B 347 41.69 -8.05 2.73
CA PHE B 347 41.07 -7.13 3.68
C PHE B 347 40.42 -7.86 4.85
N GLY B 348 40.08 -9.14 4.67
CA GLY B 348 39.53 -9.91 5.77
C GLY B 348 40.53 -10.12 6.89
N GLU B 349 41.81 -10.29 6.54
CA GLU B 349 42.85 -10.45 7.54
C GLU B 349 43.21 -9.15 8.23
N LEU B 350 42.73 -8.01 7.72
CA LEU B 350 43.03 -6.72 8.32
C LEU B 350 41.95 -6.23 9.27
N LYS B 351 40.70 -6.65 9.07
CA LYS B 351 39.62 -6.18 9.93
C LYS B 351 39.71 -6.80 11.31
N THR B 352 39.39 -6.00 12.33
CA THR B 352 39.47 -6.45 13.71
C THR B 352 38.17 -7.07 14.22
N TYR B 353 37.04 -6.71 13.64
CA TYR B 353 35.75 -7.28 14.04
C TYR B 353 34.91 -7.54 12.81
N GLU B 354 34.03 -8.53 12.92
CA GLU B 354 33.11 -8.83 11.83
C GLU B 354 32.13 -7.68 11.63
N GLU B 355 31.63 -7.54 10.40
CA GLU B 355 30.75 -6.45 10.01
C GLU B 355 31.44 -5.10 10.11
N GLN B 356 32.76 -5.08 9.87
CA GLN B 356 33.51 -3.84 9.82
C GLN B 356 33.57 -3.24 8.42
N LEU B 357 33.62 -4.09 7.40
CA LEU B 357 33.70 -3.64 6.02
C LEU B 357 32.33 -3.46 5.38
N GLN B 358 31.28 -3.27 6.17
CA GLN B 358 29.95 -3.01 5.65
C GLN B 358 29.30 -1.90 6.45
N SER B 359 28.52 -1.07 5.77
CA SER B 359 27.81 0.03 6.39
C SER B 359 26.43 0.15 5.77
N SER B 360 25.46 0.59 6.57
CA SER B 360 24.08 0.70 6.13
C SER B 360 23.49 2.02 6.60
N GLY B 361 22.51 2.51 5.86
CA GLY B 361 21.84 3.74 6.20
C GLY B 361 21.57 4.61 4.98
N LEU B 362 20.79 5.68 5.17
CA LEU B 362 20.55 6.61 4.08
C LEU B 362 21.85 7.28 3.64
N GLU B 363 22.67 7.70 4.61
CA GLU B 363 24.02 8.17 4.35
C GLU B 363 24.95 7.24 5.13
N PRO B 364 25.44 6.17 4.48
CA PRO B 364 26.22 5.17 5.22
C PRO B 364 27.51 5.74 5.79
N ALA B 365 27.89 5.25 6.96
CA ALA B 365 29.13 5.67 7.59
C ALA B 365 30.32 5.14 6.80
N ALA B 366 31.44 5.86 6.90
CA ALA B 366 32.65 5.46 6.20
C ALA B 366 33.19 4.16 6.75
N ILE B 367 33.88 3.41 5.89
CA ILE B 367 34.48 2.14 6.24
C ILE B 367 35.97 2.35 6.42
N ASN B 368 36.52 1.90 7.54
CA ASN B 368 37.90 2.16 7.90
C ASN B 368 38.67 0.85 8.00
N VAL B 369 39.82 0.80 7.34
CA VAL B 369 40.74 -0.33 7.41
C VAL B 369 42.08 0.18 7.90
N SER B 370 42.65 -0.48 8.90
CA SER B 370 43.92 -0.09 9.49
C SER B 370 45.05 -0.88 8.85
N LEU B 371 46.01 -0.18 8.25
CA LEU B 371 47.17 -0.79 7.62
C LEU B 371 48.39 -0.53 8.49
N ASN B 372 48.86 -1.56 9.17
CA ASN B 372 50.08 -1.48 9.96
C ASN B 372 51.20 -2.19 9.21
N LEU B 373 52.30 -1.48 8.97
CA LEU B 373 53.36 -1.99 8.14
C LEU B 373 54.66 -2.06 8.93
N PRO B 374 55.58 -2.95 8.55
CA PRO B 374 56.94 -2.87 9.09
C PRO B 374 57.54 -1.52 8.78
N PRO B 375 58.10 -0.84 9.78
CA PRO B 375 58.54 0.55 9.58
C PRO B 375 59.67 0.69 8.57
N ASP B 376 60.42 -0.37 8.28
CA ASP B 376 61.58 -0.29 7.41
C ASP B 376 61.28 -0.71 5.98
N LEU B 377 60.01 -0.69 5.58
CA LEU B 377 59.66 -1.02 4.20
C LEU B 377 60.20 0.06 3.26
N TYR B 378 61.02 -0.35 2.30
CA TYR B 378 61.65 0.59 1.38
C TYR B 378 60.67 0.91 0.26
N LEU B 379 60.02 2.06 0.37
CA LEU B 379 59.05 2.51 -0.63
C LEU B 379 59.44 3.85 -1.24
N MET B 380 60.71 4.25 -1.11
CA MET B 380 61.17 5.50 -1.72
C MET B 380 61.20 5.44 -3.24
N ARG B 381 61.19 4.25 -3.83
CA ARG B 381 61.33 4.10 -5.27
C ARG B 381 60.08 3.57 -5.95
N SER B 382 59.14 2.98 -5.21
CA SER B 382 57.95 2.41 -5.82
C SER B 382 57.04 3.51 -6.36
N THR B 383 56.49 3.27 -7.56
CA THR B 383 55.54 4.21 -8.12
C THR B 383 54.25 4.23 -7.32
N GLY B 384 53.78 3.07 -6.90
CA GLY B 384 52.58 2.99 -6.09
C GLY B 384 52.32 1.56 -5.66
N ILE B 385 51.54 1.44 -4.59
CA ILE B 385 51.18 0.14 -4.04
C ILE B 385 49.89 -0.33 -4.72
N ASP B 386 49.89 -1.57 -5.20
CA ASP B 386 48.75 -2.11 -5.93
C ASP B 386 47.69 -2.61 -4.96
N MET B 387 46.45 -2.16 -5.16
CA MET B 387 45.33 -2.55 -4.31
C MET B 387 44.14 -2.87 -5.19
N ASP B 388 43.66 -4.11 -5.12
CA ASP B 388 42.47 -4.54 -5.85
C ASP B 388 41.29 -4.49 -4.91
N ILE B 389 40.27 -3.70 -5.26
CA ILE B 389 39.12 -3.46 -4.41
C ILE B 389 37.88 -4.07 -5.06
N ASN B 390 37.17 -4.90 -4.30
CA ASN B 390 35.90 -5.47 -4.72
C ASN B 390 34.82 -4.89 -3.83
N TYR B 391 34.10 -3.90 -4.34
CA TYR B 391 33.10 -3.17 -3.57
C TYR B 391 31.73 -3.32 -4.19
N ARG B 392 30.72 -3.51 -3.34
CA ARG B 392 29.34 -3.67 -3.77
C ARG B 392 28.48 -2.61 -3.08
N TYR B 393 27.47 -2.13 -3.79
CA TYR B 393 26.66 -1.02 -3.31
C TYR B 393 25.28 -1.11 -3.95
N THR B 394 24.35 -0.33 -3.40
CA THR B 394 23.01 -0.22 -3.94
C THR B 394 23.00 0.89 -5.00
N MET B 395 22.76 0.52 -6.24
CA MET B 395 22.81 1.48 -7.33
C MET B 395 21.67 2.48 -7.20
N PRO B 396 21.91 3.79 -7.38
CA PRO B 396 20.82 4.74 -7.45
C PRO B 396 19.98 4.50 -8.70
N PRO B 397 18.69 4.84 -8.68
CA PRO B 397 17.84 4.54 -9.84
C PRO B 397 18.31 5.20 -11.13
N VAL B 398 18.85 6.42 -11.04
CA VAL B 398 19.27 7.17 -12.22
C VAL B 398 20.70 7.66 -12.01
N LYS B 399 21.34 8.00 -13.12
CA LYS B 399 22.71 8.50 -13.07
C LYS B 399 22.76 9.81 -12.30
N ASP B 400 23.74 9.93 -11.40
CA ASP B 400 23.91 11.11 -10.58
C ASP B 400 25.39 11.26 -10.28
N SER B 401 25.71 12.11 -9.30
CA SER B 401 27.09 12.34 -8.89
C SER B 401 27.45 11.54 -7.63
N SER B 402 26.69 10.49 -7.33
CA SER B 402 27.04 9.61 -6.23
C SER B 402 28.34 8.89 -6.54
N ARG B 403 29.20 8.76 -5.52
CA ARG B 403 30.53 8.22 -5.76
C ARG B 403 31.07 7.62 -4.47
N MET B 404 32.11 6.81 -4.62
CA MET B 404 32.87 6.26 -3.50
C MET B 404 34.26 6.89 -3.51
N ASP B 405 34.64 7.48 -2.38
CA ASP B 405 35.92 8.17 -2.25
C ASP B 405 36.88 7.32 -1.42
N ILE B 406 38.09 7.14 -1.92
CA ILE B 406 39.14 6.41 -1.22
C ILE B 406 40.11 7.43 -0.64
N SER B 407 40.27 7.42 0.67
CA SER B 407 41.12 8.37 1.38
C SER B 407 42.12 7.61 2.25
N LEU B 408 43.39 7.99 2.15
CA LEU B 408 44.45 7.42 2.97
C LEU B 408 45.00 8.49 3.88
N ASN B 409 44.93 8.25 5.20
CA ASN B 409 45.41 9.18 6.21
C ASN B 409 44.79 10.56 6.04
N ASN B 410 43.45 10.58 5.90
CA ASN B 410 42.67 11.80 5.80
C ASN B 410 43.03 12.61 4.55
N GLN B 411 43.51 11.94 3.52
CA GLN B 411 43.85 12.59 2.26
C GLN B 411 43.17 11.87 1.10
N PHE B 412 42.44 12.62 0.29
CA PHE B 412 41.72 12.03 -0.84
C PHE B 412 42.71 11.47 -1.86
N LEU B 413 42.41 10.28 -2.36
CA LEU B 413 43.25 9.63 -3.36
C LEU B 413 42.54 9.45 -4.69
N GLN B 414 41.39 8.78 -4.70
CA GLN B 414 40.68 8.48 -5.94
C GLN B 414 39.19 8.40 -5.67
N SER B 415 38.40 8.60 -6.71
CA SER B 415 36.95 8.57 -6.63
C SER B 415 36.39 7.69 -7.73
N PHE B 416 35.35 6.93 -7.41
CA PHE B 416 34.68 6.06 -8.37
C PHE B 416 33.19 6.39 -8.39
N ASN B 417 32.68 6.71 -9.57
CA ASN B 417 31.26 7.00 -9.69
C ASN B 417 30.43 5.73 -9.56
N LEU B 418 29.36 5.81 -8.76
CA LEU B 418 28.56 4.62 -8.49
C LEU B 418 27.73 4.22 -9.71
N SER B 419 27.23 5.18 -10.47
CA SER B 419 26.41 4.90 -11.65
C SER B 419 27.32 4.61 -12.84
N SER B 420 27.97 3.46 -12.76
CA SER B 420 28.88 3.03 -13.83
C SER B 420 28.37 1.77 -14.51
N GLY B 440 32.98 -4.89 -10.43
CA GLY B 440 33.94 -5.97 -10.25
C GLY B 440 35.11 -5.58 -9.38
N LYS B 441 36.31 -6.01 -9.77
CA LYS B 441 37.54 -5.71 -9.05
C LYS B 441 38.24 -4.55 -9.72
N THR B 442 38.37 -3.44 -9.00
CA THR B 442 39.00 -2.22 -9.52
C THR B 442 40.41 -2.10 -8.98
N ASP B 443 41.33 -1.70 -9.85
CA ASP B 443 42.74 -1.54 -9.48
C ASP B 443 43.00 -0.11 -9.06
N VAL B 444 43.48 0.07 -7.84
CA VAL B 444 43.81 1.37 -7.28
C VAL B 444 45.27 1.36 -6.87
N SER B 445 46.02 2.36 -7.32
CA SER B 445 47.42 2.52 -6.98
C SER B 445 47.55 3.68 -5.99
N ILE B 446 47.97 3.38 -4.77
CA ILE B 446 48.12 4.37 -3.72
C ILE B 446 49.58 4.79 -3.67
N PRO B 447 49.88 6.09 -3.79
CA PRO B 447 51.28 6.53 -3.73
C PRO B 447 51.93 6.16 -2.41
N ALA B 448 53.19 5.78 -2.47
CA ALA B 448 53.93 5.27 -1.32
C ALA B 448 54.64 6.37 -0.54
N LEU B 449 54.52 7.62 -0.95
CA LEU B 449 55.18 8.70 -0.23
C LEU B 449 54.55 8.95 1.14
N LYS B 450 53.25 8.72 1.27
CA LYS B 450 52.53 9.00 2.50
C LYS B 450 52.20 7.73 3.29
N LEU B 451 52.84 6.61 2.98
CA LEU B 451 52.63 5.38 3.73
C LEU B 451 53.61 5.32 4.89
N GLY B 452 53.08 5.31 6.12
CA GLY B 452 53.88 5.20 7.31
C GLY B 452 53.70 3.86 8.00
N ALA B 453 54.16 3.80 9.25
CA ALA B 453 54.01 2.58 10.04
C ALA B 453 52.53 2.31 10.34
N THR B 454 51.78 3.35 10.70
CA THR B 454 50.36 3.24 10.99
C THR B 454 49.59 4.03 9.94
N ASN B 455 48.62 3.38 9.29
CA ASN B 455 47.87 4.00 8.21
C ASN B 455 46.38 3.70 8.38
N GLN B 456 45.55 4.58 7.85
CA GLN B 456 44.11 4.41 7.88
C GLN B 456 43.55 4.59 6.47
N LEU B 457 42.77 3.61 6.02
CA LEU B 457 42.11 3.67 4.72
C LEU B 457 40.62 3.90 4.95
N ARG B 458 40.08 4.93 4.30
CA ARG B 458 38.69 5.31 4.46
C ARG B 458 37.98 5.23 3.13
N PHE B 459 36.79 4.61 3.13
CA PHE B 459 35.94 4.50 1.95
C PHE B 459 34.65 5.26 2.24
N ASP B 460 34.51 6.43 1.62
CA ASP B 460 33.37 7.31 1.85
C ASP B 460 32.41 7.18 0.67
N PHE B 461 31.16 6.81 0.95
CA PHE B 461 30.15 6.62 -0.08
C PHE B 461 29.23 7.83 -0.06
N GLU B 462 29.58 8.85 -0.85
CA GLU B 462 28.74 10.04 -0.97
C GLU B 462 27.55 9.72 -1.86
N TYR B 463 26.35 9.77 -1.29
CA TYR B 463 25.13 9.43 -1.99
C TYR B 463 24.31 10.69 -2.22
N MET B 464 24.04 10.99 -3.49
CA MET B 464 23.06 11.99 -3.85
C MET B 464 21.71 11.27 -3.98
N ASN B 465 20.82 11.51 -3.01
CA ASN B 465 19.57 10.79 -2.92
C ASN B 465 18.46 11.61 -3.56
N PRO B 466 18.09 11.37 -4.81
CA PRO B 466 17.05 12.16 -5.47
C PRO B 466 15.66 11.72 -5.05
N MET B 467 15.02 12.50 -4.20
CA MET B 467 13.67 12.19 -3.77
C MET B 467 12.68 13.09 -4.50
N PRO B 468 11.62 12.54 -5.08
CA PRO B 468 10.67 13.38 -5.82
C PRO B 468 9.81 14.20 -4.87
N GLY B 469 9.22 15.25 -5.43
CA GLY B 469 8.35 16.12 -4.66
C GLY B 469 7.03 16.39 -5.34
N GLY B 470 6.76 15.68 -6.44
CA GLY B 470 5.54 15.91 -7.18
C GLY B 470 5.54 17.27 -7.86
N SER B 471 4.35 17.82 -8.03
CA SER B 471 4.15 19.12 -8.62
C SER B 471 3.68 20.11 -7.56
N VAL B 472 3.52 21.37 -7.98
CA VAL B 472 3.01 22.39 -7.05
C VAL B 472 1.57 22.08 -6.66
N ASP B 473 0.75 21.64 -7.62
CA ASP B 473 -0.64 21.35 -7.33
C ASP B 473 -0.78 20.11 -6.44
N ASN B 474 -0.08 19.04 -6.78
CA ASN B 474 -0.19 17.77 -6.05
C ASN B 474 1.18 17.37 -5.53
N CYS B 475 1.28 17.17 -4.23
CA CYS B 475 2.51 16.74 -3.57
C CYS B 475 2.52 15.22 -3.40
N ILE B 476 3.71 14.68 -3.20
CA ILE B 476 3.89 13.26 -2.93
C ILE B 476 4.74 13.10 -1.68
N THR B 477 4.34 12.17 -0.82
CA THR B 477 5.06 11.86 0.40
C THR B 477 5.73 10.51 0.24
N PHE B 478 7.03 10.45 0.56
CA PHE B 478 7.85 9.28 0.30
C PHE B 478 8.49 8.80 1.59
N GLN B 479 8.82 7.51 1.62
CA GLN B 479 9.59 6.95 2.72
C GLN B 479 11.00 6.67 2.20
N PRO B 480 12.03 7.36 2.71
CA PRO B 480 13.38 7.17 2.17
C PRO B 480 13.86 5.73 2.34
N VAL B 481 14.61 5.26 1.36
CA VAL B 481 15.13 3.90 1.33
C VAL B 481 16.61 3.94 1.70
N GLN B 482 16.99 3.15 2.68
CA GLN B 482 18.38 3.10 3.11
C GLN B 482 19.25 2.41 2.07
N ASN B 483 20.54 2.71 2.11
CA ASN B 483 21.52 2.16 1.19
C ASN B 483 22.44 1.18 1.92
N HIS B 484 22.99 0.24 1.17
CA HIS B 484 23.94 -0.73 1.69
C HIS B 484 25.21 -0.65 0.87
N VAL B 485 26.36 -0.60 1.54
CA VAL B 485 27.66 -0.55 0.89
C VAL B 485 28.57 -1.55 1.58
N VAL B 486 29.28 -2.36 0.77
CA VAL B 486 30.12 -3.43 1.28
C VAL B 486 31.47 -3.38 0.56
N ILE B 487 32.55 -3.46 1.32
CA ILE B 487 33.88 -3.68 0.78
C ILE B 487 34.21 -5.15 0.97
N GLY B 488 34.54 -5.84 -0.12
CA GLY B 488 34.68 -7.28 -0.07
C GLY B 488 35.91 -7.71 0.72
N ASP B 489 35.80 -8.89 1.34
CA ASP B 489 36.91 -9.47 2.06
C ASP B 489 37.98 -10.03 1.13
N ASP B 490 37.66 -10.23 -0.14
CA ASP B 490 38.61 -10.69 -1.13
C ASP B 490 39.48 -9.57 -1.68
N SER B 491 39.20 -8.32 -1.30
CA SER B 491 40.07 -7.22 -1.70
C SER B 491 41.45 -7.40 -1.12
N THR B 492 42.48 -7.18 -1.94
CA THR B 492 43.85 -7.44 -1.56
C THR B 492 44.72 -6.21 -1.79
N ILE B 493 45.75 -6.08 -0.97
CA ILE B 493 46.79 -5.08 -1.13
C ILE B 493 48.14 -5.78 -0.98
N ASP B 494 49.05 -5.52 -1.90
CA ASP B 494 50.30 -6.28 -1.99
C ASP B 494 51.44 -5.49 -1.37
N PHE B 495 52.12 -6.10 -0.39
CA PHE B 495 53.30 -5.52 0.23
C PHE B 495 54.48 -6.49 0.23
N SER B 496 54.42 -7.54 -0.59
CA SER B 496 55.42 -8.58 -0.59
C SER B 496 56.53 -8.37 -1.63
N LYS B 497 56.48 -7.27 -2.38
CA LYS B 497 57.46 -6.99 -3.42
C LYS B 497 58.39 -5.85 -3.05
N TYR B 498 58.67 -5.69 -1.75
CA TYR B 498 59.47 -4.58 -1.26
C TYR B 498 60.49 -5.08 -0.25
N TYR B 499 61.56 -4.30 -0.10
CA TYR B 499 62.70 -4.68 0.73
C TYR B 499 62.70 -3.90 2.03
N HIS B 500 63.53 -4.35 2.96
CA HIS B 500 63.65 -3.73 4.28
C HIS B 500 64.91 -2.86 4.30
N PHE B 501 64.69 -1.54 4.30
CA PHE B 501 65.79 -0.58 4.23
C PHE B 501 65.30 0.74 4.81
N ILE B 502 65.89 1.18 5.91
CA ILE B 502 65.41 2.35 6.62
C ILE B 502 66.57 3.29 6.95
N PRO B 503 66.40 4.61 6.80
CA PRO B 503 67.45 5.55 7.20
C PRO B 503 67.42 5.85 8.69
N MET B 504 68.05 4.99 9.49
CA MET B 504 68.10 5.18 10.92
C MET B 504 69.04 6.31 11.30
N PRO B 505 68.87 6.92 12.49
CA PRO B 505 67.86 6.65 13.52
C PRO B 505 66.50 7.26 13.19
N ASP B 506 65.41 6.62 13.61
CA ASP B 506 64.05 7.09 13.33
C ASP B 506 63.23 6.95 14.61
N LEU B 507 63.18 8.03 15.39
CA LEU B 507 62.37 8.04 16.59
C LEU B 507 60.88 7.95 16.29
N ARG B 508 60.46 8.39 15.10
CA ARG B 508 59.07 8.16 14.70
C ARG B 508 58.79 6.67 14.55
N ALA B 509 59.70 5.95 13.88
CA ALA B 509 59.56 4.50 13.77
C ALA B 509 59.57 3.85 15.15
N PHE B 510 60.43 4.33 16.04
CA PHE B 510 60.43 3.83 17.42
C PHE B 510 59.06 4.05 18.07
N ALA B 511 58.65 5.31 18.20
CA ALA B 511 57.41 5.63 18.91
C ALA B 511 56.18 5.01 18.26
N ASN B 512 56.26 4.60 17.00
CA ASN B 512 55.11 4.00 16.35
C ASN B 512 55.10 2.47 16.36
N ALA B 513 56.26 1.80 16.33
CA ALA B 513 56.24 0.35 16.28
C ALA B 513 57.32 -0.36 17.09
N GLY B 514 58.17 0.34 17.83
CA GLY B 514 59.32 -0.29 18.47
C GLY B 514 60.27 -0.95 17.50
N PHE B 515 60.51 -0.32 16.34
CA PHE B 515 61.07 -1.03 15.19
C PHE B 515 62.40 -1.74 15.49
N PRO B 516 63.43 -1.08 16.03
CA PRO B 516 64.71 -1.78 16.20
C PRO B 516 64.60 -2.99 17.10
N PHE B 517 63.64 -2.99 18.02
CA PHE B 517 63.40 -4.13 18.89
C PHE B 517 62.24 -5.01 18.44
N SER B 518 61.30 -4.44 17.69
CA SER B 518 60.16 -5.19 17.20
C SER B 518 60.41 -5.86 15.86
N ARG B 519 61.61 -5.73 15.30
CA ARG B 519 61.96 -6.52 14.14
C ARG B 519 61.82 -8.01 14.45
N MET B 520 62.16 -8.41 15.67
CA MET B 520 61.85 -9.72 16.21
C MET B 520 60.77 -9.52 17.27
N ALA B 521 59.57 -10.03 17.01
CA ALA B 521 58.43 -9.75 17.88
C ALA B 521 58.63 -10.26 19.30
N ASP B 522 59.49 -11.25 19.49
CA ASP B 522 59.78 -11.76 20.83
C ASP B 522 60.94 -11.04 21.48
N LEU B 523 61.49 -10.01 20.82
CA LEU B 523 62.59 -9.22 21.36
C LEU B 523 63.80 -10.11 21.69
N SER B 524 64.05 -11.10 20.84
CA SER B 524 65.17 -12.02 21.05
C SER B 524 66.51 -11.39 20.71
N GLN B 525 66.52 -10.38 19.84
CA GLN B 525 67.74 -9.70 19.43
C GLN B 525 67.83 -8.32 20.05
N THR B 526 67.35 -8.18 21.28
CA THR B 526 67.32 -6.91 21.99
C THR B 526 67.87 -7.12 23.39
N ILE B 527 68.75 -6.22 23.82
CA ILE B 527 69.31 -6.23 25.17
C ILE B 527 68.96 -4.92 25.85
N THR B 528 68.42 -5.02 27.05
CA THR B 528 68.04 -3.84 27.83
C THR B 528 69.03 -3.65 28.97
N VAL B 529 69.51 -2.42 29.12
CA VAL B 529 70.48 -2.06 30.15
C VAL B 529 69.76 -1.25 31.21
N MET B 530 69.83 -1.70 32.45
CA MET B 530 69.14 -1.11 33.59
C MET B 530 70.14 -0.86 34.71
N PRO B 531 69.83 0.07 35.62
CA PRO B 531 70.72 0.30 36.77
C PRO B 531 70.81 -0.93 37.66
N LYS B 532 71.79 -0.90 38.56
CA LYS B 532 72.05 -2.04 39.44
C LYS B 532 70.88 -2.28 40.39
N ALA B 533 70.41 -1.23 41.04
CA ALA B 533 69.27 -1.31 41.96
C ALA B 533 68.27 -0.26 41.52
N PRO B 534 67.49 -0.55 40.48
CA PRO B 534 66.57 0.46 39.95
C PRO B 534 65.47 0.79 40.95
N ASN B 535 65.02 2.03 40.89
CA ASN B 535 63.94 2.48 41.76
C ASN B 535 62.61 2.33 41.03
N GLU B 536 61.55 2.80 41.69
CA GLU B 536 60.21 2.64 41.16
C GLU B 536 60.06 3.36 39.82
N ALA B 537 60.62 4.55 39.69
CA ALA B 537 60.50 5.30 38.43
C ALA B 537 61.18 4.57 37.28
N GLN B 538 62.38 4.04 37.51
CA GLN B 538 63.10 3.34 36.45
C GLN B 538 62.41 2.03 36.08
N MET B 539 61.92 1.29 37.08
CA MET B 539 61.18 0.08 36.79
C MET B 539 59.90 0.39 36.01
N GLU B 540 59.22 1.48 36.38
CA GLU B 540 58.05 1.91 35.62
C GLU B 540 58.41 2.25 34.19
N THR B 541 59.54 2.92 33.99
CA THR B 541 59.98 3.24 32.63
C THR B 541 60.20 1.97 31.81
N LEU B 542 60.89 1.00 32.39
CA LEU B 542 61.14 -0.25 31.67
C LEU B 542 59.82 -0.97 31.35
N LEU B 543 58.94 -1.08 32.34
CA LEU B 543 57.69 -1.80 32.13
C LEU B 543 56.82 -1.12 31.10
N ASN B 544 56.75 0.22 31.12
CA ASN B 544 55.94 0.93 30.15
C ASN B 544 56.52 0.86 28.75
N THR B 545 57.85 1.01 28.63
CA THR B 545 58.47 0.96 27.32
C THR B 545 58.47 -0.44 26.73
N VAL B 546 58.31 -1.48 27.55
CA VAL B 546 58.12 -2.82 27.02
C VAL B 546 56.65 -3.09 26.71
N GLY B 547 55.74 -2.57 27.55
CA GLY B 547 54.33 -2.80 27.32
C GLY B 547 53.81 -2.13 26.07
N PHE B 548 54.29 -0.91 25.79
CA PHE B 548 53.82 -0.24 24.58
C PHE B 548 54.35 -0.93 23.32
N ILE B 549 55.59 -1.40 23.36
CA ILE B 549 56.10 -2.19 22.24
C ILE B 549 55.28 -3.46 22.06
N GLY B 550 54.95 -4.13 23.16
CA GLY B 550 54.08 -5.29 23.06
C GLY B 550 52.72 -4.96 22.50
N ALA B 551 52.19 -3.78 22.84
CA ALA B 551 50.91 -3.35 22.30
C ALA B 551 50.98 -3.15 20.79
N GLN B 552 52.06 -2.54 20.31
CA GLN B 552 52.19 -2.33 18.87
C GLN B 552 52.46 -3.63 18.12
N THR B 553 53.15 -4.58 18.74
CA THR B 553 53.50 -5.82 18.05
C THR B 553 52.38 -6.85 18.09
N GLY B 554 51.66 -6.95 19.20
CA GLY B 554 50.71 -8.01 19.41
C GLY B 554 51.29 -9.29 19.96
N PHE B 555 52.58 -9.29 20.32
CA PHE B 555 53.25 -10.47 20.83
C PHE B 555 54.07 -10.13 22.06
N PRO B 556 54.04 -10.97 23.09
CA PRO B 556 54.86 -10.71 24.28
C PRO B 556 56.34 -10.85 24.01
N ALA B 557 57.14 -10.13 24.78
CA ALA B 557 58.60 -10.17 24.67
C ALA B 557 59.12 -11.31 25.53
N ILE B 558 58.94 -12.53 25.02
CA ILE B 558 59.32 -13.72 25.78
C ILE B 558 60.83 -13.85 25.90
N ASN B 559 61.56 -13.53 24.84
CA ASN B 559 63.00 -13.75 24.78
C ASN B 559 63.79 -12.46 25.00
N LEU B 560 63.22 -11.49 25.70
CA LEU B 560 63.94 -10.27 26.01
C LEU B 560 65.04 -10.54 27.02
N THR B 561 66.21 -9.95 26.79
CA THR B 561 67.35 -10.09 27.68
C THR B 561 67.61 -8.76 28.38
N VAL B 562 67.65 -8.80 29.71
CA VAL B 562 67.91 -7.63 30.54
C VAL B 562 69.27 -7.80 31.20
N THR B 563 70.14 -6.81 31.02
CA THR B 563 71.48 -6.85 31.58
C THR B 563 71.67 -5.69 32.56
N ASP B 564 72.71 -5.81 33.37
CA ASP B 564 72.98 -4.82 34.41
C ASP B 564 74.43 -4.33 34.34
N ASP B 565 75.32 -5.20 33.86
CA ASP B 565 76.75 -4.85 33.84
C ASP B 565 77.03 -3.66 32.93
N GLY B 566 76.41 -3.64 31.74
CA GLY B 566 76.68 -2.61 30.78
C GLY B 566 77.90 -2.83 29.93
N SER B 567 78.75 -3.80 30.29
CA SER B 567 79.91 -4.15 29.49
C SER B 567 79.80 -5.52 28.84
N THR B 568 78.85 -6.35 29.28
CA THR B 568 78.64 -7.65 28.65
C THR B 568 78.04 -7.52 27.26
N ILE B 569 77.51 -6.35 26.91
CA ILE B 569 76.92 -6.15 25.58
C ILE B 569 77.97 -5.93 24.51
N GLN B 570 79.25 -5.83 24.87
CA GLN B 570 80.31 -5.64 23.89
C GLN B 570 80.39 -6.85 22.97
N GLY B 571 80.51 -6.58 21.67
CA GLY B 571 80.63 -7.67 20.70
C GLY B 571 79.42 -8.56 20.63
N LYS B 572 78.22 -7.98 20.69
CA LYS B 572 76.98 -8.74 20.59
C LYS B 572 76.11 -8.16 19.50
N ASP B 573 75.53 -9.03 18.67
CA ASP B 573 74.70 -8.62 17.55
C ASP B 573 73.26 -8.43 18.04
N ALA B 574 73.06 -7.36 18.81
CA ALA B 574 71.75 -7.07 19.37
C ALA B 574 71.56 -5.56 19.48
N ASP B 575 70.32 -5.13 19.24
CA ASP B 575 69.95 -3.75 19.51
C ASP B 575 69.88 -3.52 21.02
N ILE B 576 70.25 -2.32 21.44
CA ILE B 576 70.42 -2.01 22.86
C ILE B 576 69.39 -0.96 23.28
N MET B 577 68.77 -1.20 24.43
CA MET B 577 67.87 -0.24 25.07
C MET B 577 68.46 0.16 26.42
N ILE B 578 68.58 1.47 26.64
CA ILE B 578 69.19 2.01 27.85
C ILE B 578 68.14 2.81 28.59
N ILE B 579 68.01 2.57 29.89
CA ILE B 579 67.01 3.21 30.73
C ILE B 579 67.65 4.13 31.76
N GLY B 580 68.58 3.59 32.55
CA GLY B 580 69.14 4.34 33.66
C GLY B 580 70.40 5.11 33.35
N GLY B 581 70.41 5.83 32.23
CA GLY B 581 71.58 6.60 31.85
C GLY B 581 72.58 5.83 31.02
N ILE B 582 73.23 6.51 30.09
CA ILE B 582 74.17 5.84 29.18
C ILE B 582 75.41 5.43 29.96
N PRO B 583 75.93 4.22 29.77
CA PRO B 583 77.17 3.82 30.44
C PRO B 583 78.34 4.66 29.96
N ASP B 584 79.46 4.51 30.68
CA ASP B 584 80.64 5.34 30.42
C ASP B 584 81.21 5.08 29.03
N LYS B 585 81.22 3.82 28.59
CA LYS B 585 81.82 3.49 27.31
C LYS B 585 81.08 4.16 26.15
N LEU B 586 79.75 4.13 26.19
CA LEU B 586 78.95 4.75 25.14
C LEU B 586 78.71 6.24 25.37
N LYS B 587 79.04 6.76 26.54
CA LYS B 587 78.81 8.18 26.82
C LYS B 587 79.66 9.07 25.92
N ASP B 588 80.87 8.63 25.58
CA ASP B 588 81.78 9.41 24.75
C ASP B 588 81.59 9.15 23.27
N ASP B 589 80.49 8.49 22.89
CA ASP B 589 80.22 8.24 21.48
C ASP B 589 80.05 9.56 20.73
N LYS B 590 80.61 9.60 19.52
CA LYS B 590 80.56 10.81 18.70
C LYS B 590 79.24 10.98 17.97
N GLN B 591 78.39 9.96 17.95
CA GLN B 591 77.10 10.02 17.27
C GLN B 591 75.96 10.47 18.17
N ILE B 592 76.23 10.69 19.45
CA ILE B 592 75.20 11.13 20.39
C ILE B 592 74.97 12.62 20.20
N ASP B 593 73.72 13.01 19.95
CA ASP B 593 73.37 14.40 19.71
C ASP B 593 72.68 15.06 20.87
N LEU B 594 72.51 14.36 21.99
CA LEU B 594 71.89 14.95 23.19
C LEU B 594 72.21 14.07 24.39
N LEU B 595 72.78 14.68 25.42
CA LEU B 595 73.12 13.99 26.65
C LEU B 595 72.61 14.81 27.83
N VAL B 596 72.03 14.13 28.81
CA VAL B 596 71.45 14.77 29.99
C VAL B 596 72.14 14.22 31.22
N GLN B 597 72.82 15.08 31.95
CA GLN B 597 73.41 14.73 33.24
C GLN B 597 72.37 14.99 34.33
N ALA B 598 72.81 15.04 35.60
CA ALA B 598 71.89 15.32 36.68
C ALA B 598 71.22 16.69 36.49
N THR B 599 72.01 17.70 36.15
CA THR B 599 71.46 19.03 35.88
C THR B 599 72.05 19.69 34.64
N GLU B 600 73.03 19.10 33.98
CA GLU B 600 73.69 19.69 32.83
C GLU B 600 73.27 18.94 31.57
N SER B 601 72.90 19.69 30.53
CA SER B 601 72.44 19.10 29.28
C SER B 601 73.04 19.86 28.11
N TRP B 602 73.40 19.11 27.07
CA TRP B 602 73.90 19.70 25.83
C TRP B 602 73.23 19.04 24.64
N VAL B 603 72.97 19.83 23.60
CA VAL B 603 72.26 19.38 22.42
C VAL B 603 73.00 19.85 21.18
N LYS B 604 72.77 19.15 20.07
CA LYS B 604 73.29 19.52 18.76
C LYS B 604 72.12 19.88 17.85
N THR B 605 72.21 21.05 17.23
CA THR B 605 71.12 21.59 16.42
C THR B 605 71.43 21.46 14.94
N PRO B 606 70.50 20.97 14.14
CA PRO B 606 70.78 20.78 12.71
C PRO B 606 70.83 22.11 11.96
N MET B 607 71.45 22.06 10.78
CA MET B 607 71.55 23.26 9.95
C MET B 607 70.18 23.74 9.49
N ARG B 608 69.31 22.83 9.08
CA ARG B 608 67.97 23.17 8.63
C ARG B 608 66.99 22.14 9.14
N GLN B 609 65.87 22.61 9.70
CA GLN B 609 64.81 21.76 10.20
C GLN B 609 63.55 22.06 9.39
N THR B 610 63.40 21.37 8.27
CA THR B 610 62.21 21.53 7.44
C THR B 610 61.01 20.91 8.15
N PRO B 611 59.90 21.65 8.29
CA PRO B 611 58.74 21.09 9.01
C PRO B 611 58.18 19.83 8.37
N PHE B 612 58.17 19.74 7.05
CA PHE B 612 57.60 18.59 6.33
C PHE B 612 58.57 18.14 5.27
N PRO B 613 59.64 17.46 5.65
CA PRO B 613 60.64 17.02 4.68
C PRO B 613 60.17 15.79 3.92
N GLY B 614 60.83 15.54 2.79
CA GLY B 614 60.63 14.30 2.09
C GLY B 614 61.25 13.15 2.86
N ILE B 615 60.93 11.93 2.39
CA ILE B 615 61.43 10.74 3.06
C ILE B 615 62.95 10.66 2.94
N VAL B 616 63.53 11.27 1.92
CA VAL B 616 64.98 11.29 1.76
C VAL B 616 65.60 12.02 2.95
N PRO B 617 66.60 11.43 3.61
CA PRO B 617 67.13 12.06 4.83
C PRO B 617 67.70 13.46 4.62
N ASP B 618 68.33 13.74 3.47
CA ASP B 618 68.96 15.03 3.21
C ASP B 618 70.02 15.34 4.26
N GLU B 619 71.09 14.53 4.22
CA GLU B 619 72.12 14.57 5.26
C GLU B 619 72.79 15.94 5.35
N SER B 620 72.72 16.76 4.31
CA SER B 620 73.26 18.11 4.40
C SER B 620 72.50 18.93 5.43
N ASP B 621 71.16 18.79 5.47
CA ASP B 621 70.37 19.53 6.43
C ASP B 621 70.54 18.99 7.84
N ARG B 622 70.72 17.67 7.98
CA ARG B 622 70.81 17.04 9.29
C ARG B 622 72.16 17.26 9.97
N ALA B 623 73.13 17.84 9.27
CA ALA B 623 74.45 18.05 9.86
C ALA B 623 74.34 18.99 11.05
N ALA B 624 75.05 18.65 12.12
CA ALA B 624 75.02 19.46 13.33
C ALA B 624 75.69 20.80 13.10
N GLU B 625 75.03 21.88 13.49
CA GLU B 625 75.55 23.22 13.30
C GLU B 625 76.33 23.70 14.53
N THR B 626 75.67 23.74 15.69
CA THR B 626 76.30 24.14 16.93
C THR B 626 75.91 23.17 18.04
N ARG B 627 76.77 23.10 19.06
CA ARG B 627 76.52 22.28 20.25
C ARG B 627 76.47 23.21 21.45
N SER B 628 75.30 23.29 22.09
CA SER B 628 75.06 24.22 23.18
C SER B 628 74.82 23.44 24.48
N THR B 629 75.58 23.77 25.51
CA THR B 629 75.46 23.12 26.81
C THR B 629 74.76 24.07 27.77
N LEU B 630 73.69 23.59 28.41
CA LEU B 630 72.89 24.40 29.31
C LEU B 630 72.63 23.63 30.59
N THR B 631 72.59 24.36 31.71
CA THR B 631 72.38 23.78 33.02
C THR B 631 71.22 24.48 33.70
N SER B 632 70.28 23.71 34.23
CA SER B 632 69.12 24.27 34.91
C SER B 632 68.59 23.23 35.89
N SER B 633 67.83 23.71 36.87
CA SER B 633 67.18 22.84 37.83
C SER B 633 65.82 22.36 37.37
N GLY B 634 65.30 22.89 36.27
CA GLY B 634 64.04 22.43 35.75
C GLY B 634 64.14 21.02 35.20
N ALA B 635 63.03 20.29 35.30
CA ALA B 635 63.00 18.89 34.90
C ALA B 635 62.92 18.75 33.39
N MET B 636 63.62 17.76 32.86
CA MET B 636 63.57 17.43 31.45
C MET B 636 63.89 15.96 31.25
N ALA B 637 63.45 15.43 30.12
CA ALA B 637 63.72 14.04 29.76
C ALA B 637 63.93 13.98 28.26
N ALA B 638 64.53 12.89 27.81
CA ALA B 638 64.88 12.77 26.40
C ALA B 638 64.92 11.31 25.98
N VAL B 639 64.57 11.08 24.72
CA VAL B 639 64.77 9.80 24.06
C VAL B 639 65.70 10.05 22.87
N ILE B 640 66.82 9.35 22.85
CA ILE B 640 67.83 9.54 21.81
C ILE B 640 68.09 8.22 21.11
N GLY B 641 68.51 8.30 19.86
CA GLY B 641 68.85 7.13 19.08
C GLY B 641 70.12 7.32 18.29
N PHE B 642 70.99 6.31 18.30
CA PHE B 642 72.26 6.41 17.59
C PHE B 642 72.75 5.01 17.23
N GLN B 643 73.69 4.98 16.29
CA GLN B 643 74.25 3.72 15.82
C GLN B 643 75.07 3.04 16.91
N SER B 644 75.01 1.72 16.93
CA SER B 644 75.75 0.95 17.93
C SER B 644 77.23 0.89 17.54
N PRO B 645 78.14 1.19 18.47
CA PRO B 645 79.57 1.08 18.16
C PRO B 645 80.00 -0.34 17.83
N TYR B 646 79.27 -1.35 18.30
CA TYR B 646 79.68 -2.74 18.13
C TYR B 646 79.11 -3.40 16.88
N ASN B 647 78.23 -2.72 16.16
CA ASN B 647 77.63 -3.29 14.95
C ASN B 647 77.02 -2.17 14.13
N ASP B 648 77.35 -2.12 12.84
CA ASP B 648 76.84 -1.07 11.98
C ASP B 648 75.36 -1.25 11.63
N GLN B 649 74.85 -2.48 11.71
CA GLN B 649 73.45 -2.75 11.41
C GLN B 649 72.54 -2.65 12.63
N ARG B 650 73.10 -2.45 13.82
CA ARG B 650 72.31 -2.36 15.03
C ARG B 650 72.11 -0.91 15.46
N SER B 651 71.21 -0.72 16.41
CA SER B 651 70.83 0.62 16.86
C SER B 651 70.71 0.62 18.38
N VAL B 652 70.86 1.81 18.95
CA VAL B 652 70.71 2.02 20.38
C VAL B 652 69.68 3.12 20.61
N ILE B 653 68.69 2.84 21.44
CA ILE B 653 67.68 3.81 21.85
C ILE B 653 67.79 3.97 23.36
N ALA B 654 68.02 5.19 23.81
CA ALA B 654 68.22 5.48 25.23
C ALA B 654 67.15 6.43 25.73
N LEU B 655 66.51 6.06 26.83
CA LEU B 655 65.53 6.91 27.51
C LEU B 655 66.21 7.53 28.72
N LEU B 656 66.28 8.85 28.75
CA LEU B 656 67.07 9.57 29.75
C LEU B 656 66.19 10.51 30.56
N ALA B 657 66.42 10.52 31.87
CA ALA B 657 65.74 11.43 32.78
C ALA B 657 66.75 11.94 33.80
N ASP B 658 66.49 13.14 34.33
CA ASP B 658 67.41 13.80 35.24
C ASP B 658 66.89 13.93 36.66
N SER B 659 65.63 13.63 36.91
CA SER B 659 65.01 13.85 38.21
C SER B 659 63.75 13.00 38.29
N PRO B 660 63.15 12.87 39.48
CA PRO B 660 61.85 12.19 39.55
C PRO B 660 60.79 12.84 38.67
N ARG B 661 60.77 14.16 38.58
CA ARG B 661 59.82 14.82 37.69
C ARG B 661 60.14 14.53 36.22
N GLY B 662 61.42 14.44 35.89
CA GLY B 662 61.80 14.05 34.55
C GLY B 662 61.35 12.64 34.21
N TYR B 663 61.49 11.72 35.17
CA TYR B 663 61.00 10.36 34.96
C TYR B 663 59.49 10.33 34.81
N GLU B 664 58.78 11.14 35.59
CA GLU B 664 57.33 11.22 35.46
C GLU B 664 56.94 11.71 34.06
N MET B 665 57.62 12.75 33.57
CA MET B 665 57.33 13.27 32.24
C MET B 665 57.65 12.25 31.17
N LEU B 666 58.77 11.55 31.30
CA LEU B 666 59.15 10.53 30.32
C LEU B 666 58.14 9.39 30.30
N ASN B 667 57.71 8.94 31.48
CA ASN B 667 56.71 7.87 31.55
C ASN B 667 55.38 8.33 30.96
N ASP B 668 54.98 9.57 31.21
CA ASP B 668 53.75 10.08 30.63
C ASP B 668 53.84 10.13 29.12
N ALA B 669 54.99 10.58 28.59
CA ALA B 669 55.19 10.63 27.14
C ALA B 669 55.14 9.24 26.53
N VAL B 670 55.77 8.26 27.19
CA VAL B 670 55.73 6.90 26.68
C VAL B 670 54.31 6.35 26.70
N ASN B 671 53.56 6.61 27.78
CA ASN B 671 52.22 6.07 27.91
C ASN B 671 51.25 6.69 26.92
N ASP B 672 51.36 8.00 26.71
CA ASP B 672 50.39 8.70 25.86
C ASP B 672 50.73 8.46 24.39
N SER B 673 49.79 7.85 23.67
CA SER B 673 50.00 7.60 22.24
C SER B 673 50.08 8.89 21.46
N GLY B 674 49.27 9.89 21.83
CA GLY B 674 49.32 11.17 21.14
C GLY B 674 50.66 11.87 21.34
N LYS B 675 51.19 11.81 22.56
CA LYS B 675 52.51 12.38 22.81
C LYS B 675 53.60 11.60 22.10
N ARG B 676 53.46 10.27 22.04
CA ARG B 676 54.44 9.45 21.34
C ARG B 676 54.47 9.75 19.85
N ALA B 677 53.30 9.99 19.25
CA ALA B 677 53.22 10.25 17.82
C ALA B 677 53.91 11.54 17.41
N THR B 678 54.25 12.41 18.36
CA THR B 678 54.94 13.65 18.07
C THR B 678 56.46 13.50 18.10
N MET B 679 56.97 12.29 18.35
CA MET B 679 58.41 12.05 18.39
C MET B 679 58.90 11.64 17.00
N PHE B 680 59.99 12.25 16.56
CA PHE B 680 60.61 11.91 15.29
C PHE B 680 62.09 12.26 15.35
N GLY B 681 62.80 11.98 14.26
CA GLY B 681 64.19 12.36 14.17
C GLY B 681 65.10 11.48 15.01
N SER B 682 66.16 12.08 15.53
CA SER B 682 67.16 11.38 16.32
C SER B 682 67.10 11.68 17.81
N VAL B 683 66.61 12.86 18.20
CA VAL B 683 66.49 13.23 19.59
C VAL B 683 65.10 13.82 19.83
N ALA B 684 64.50 13.47 20.96
CA ALA B 684 63.18 13.95 21.34
C ALA B 684 63.27 14.54 22.75
N VAL B 685 63.25 15.87 22.84
CA VAL B 685 63.33 16.55 24.12
C VAL B 685 61.94 16.60 24.74
N ILE B 686 61.82 16.11 25.96
CA ILE B 686 60.56 16.12 26.71
C ILE B 686 60.70 17.12 27.84
N ARG B 687 59.84 18.15 27.82
CA ARG B 687 59.80 19.17 28.86
C ARG B 687 58.36 19.33 29.33
N GLU B 688 58.15 20.29 30.22
CA GLU B 688 56.80 20.55 30.71
C GLU B 688 55.91 21.08 29.59
N SER B 689 56.47 21.88 28.69
CA SER B 689 55.69 22.42 27.58
C SER B 689 55.21 21.31 26.64
N GLY B 690 56.06 20.33 26.37
CA GLY B 690 55.70 19.27 25.45
C GLY B 690 56.94 18.56 24.94
N ILE B 691 56.83 18.02 23.73
CA ILE B 691 57.89 17.23 23.11
C ILE B 691 58.34 17.95 21.85
N ASN B 692 59.64 18.20 21.75
CA ASN B 692 60.26 18.81 20.58
C ASN B 692 61.33 17.87 20.04
N SER B 693 61.30 17.62 18.73
CA SER B 693 62.18 16.65 18.11
C SER B 693 63.09 17.34 17.10
N LEU B 694 64.29 16.79 16.93
CA LEU B 694 65.28 17.32 16.00
C LEU B 694 65.75 16.22 15.06
N ARG B 695 65.88 16.58 13.78
CA ARG B 695 66.44 15.69 12.76
C ARG B 695 67.90 16.07 12.56
N VAL B 696 68.75 15.61 13.47
CA VAL B 696 70.15 16.01 13.51
C VAL B 696 71.02 14.77 13.60
N GLY B 697 72.17 14.81 12.93
CA GLY B 697 73.18 13.78 13.08
C GLY B 697 73.40 13.01 11.79
N ASP B 698 74.32 12.05 11.88
CA ASP B 698 74.63 11.18 10.76
C ASP B 698 73.45 10.24 10.48
N VAL B 699 73.42 9.74 9.25
CA VAL B 699 72.37 8.82 8.80
C VAL B 699 73.03 7.50 8.45
N TYR B 700 72.59 6.43 9.09
CA TYR B 700 73.06 5.08 8.80
C TYR B 700 71.86 4.23 8.40
N TYR B 701 72.04 3.41 7.37
CA TYR B 701 70.97 2.62 6.81
C TYR B 701 71.02 1.20 7.38
N VAL B 702 69.89 0.71 7.86
CA VAL B 702 69.76 -0.64 8.39
C VAL B 702 68.93 -1.45 7.41
N GLY B 703 69.48 -2.58 6.98
CA GLY B 703 68.85 -3.44 6.00
C GLY B 703 69.80 -3.80 4.89
N HIS B 704 69.30 -4.58 3.94
CA HIS B 704 70.08 -5.04 2.81
C HIS B 704 69.31 -4.78 1.53
N LEU B 705 69.87 -3.93 0.67
CA LEU B 705 69.32 -3.70 -0.66
C LEU B 705 70.08 -4.56 -1.66
N PRO B 706 69.43 -5.48 -2.36
CA PRO B 706 70.15 -6.30 -3.33
C PRO B 706 70.75 -5.46 -4.44
N TRP B 707 71.86 -5.94 -5.00
CA TRP B 707 72.56 -5.19 -6.04
C TRP B 707 71.70 -4.98 -7.27
N PHE B 708 70.67 -5.79 -7.48
CA PHE B 708 69.75 -5.57 -8.60
C PHE B 708 69.13 -4.18 -8.52
N GLU B 709 68.56 -3.84 -7.37
CA GLU B 709 67.89 -2.55 -7.23
C GLU B 709 68.87 -1.40 -7.30
N ARG B 710 70.05 -1.55 -6.68
CA ARG B 710 71.05 -0.50 -6.73
C ARG B 710 71.50 -0.23 -8.16
N LEU B 711 71.76 -1.29 -8.92
CA LEU B 711 72.17 -1.11 -10.31
C LEU B 711 71.03 -0.54 -11.15
N TRP B 712 69.80 -0.96 -10.88
CA TRP B 712 68.66 -0.47 -11.66
C TRP B 712 68.42 1.01 -11.43
N TYR B 713 68.56 1.47 -10.18
CA TYR B 713 68.28 2.86 -9.84
C TYR B 713 69.51 3.75 -9.86
N ALA B 714 70.70 3.19 -10.15
CA ALA B 714 71.85 4.03 -10.43
C ALA B 714 71.62 4.85 -11.70
N LEU B 715 71.07 4.23 -12.73
CA LEU B 715 70.68 4.93 -13.95
C LEU B 715 69.22 5.34 -13.91
N ALA B 716 68.84 6.06 -12.86
CA ALA B 716 67.47 6.49 -12.62
C ALA B 716 66.49 5.32 -12.65
N ASN C 42 -47.28 -34.06 15.42
CA ASN C 42 -46.21 -33.21 14.95
C ASN C 42 -45.02 -34.04 14.49
N GLY C 43 -44.08 -33.41 13.79
CA GLY C 43 -42.90 -34.08 13.30
C GLY C 43 -41.73 -33.98 14.26
N PRO C 44 -40.68 -34.74 14.00
CA PRO C 44 -39.48 -34.67 14.85
C PRO C 44 -38.80 -33.31 14.76
N SER C 45 -38.16 -32.92 15.85
CA SER C 45 -37.43 -31.67 15.94
C SER C 45 -35.93 -31.93 15.97
N ARG C 46 -35.17 -30.88 15.67
CA ARG C 46 -33.73 -30.98 15.57
C ARG C 46 -33.11 -29.62 15.86
N ASP C 47 -32.25 -29.56 16.87
CA ASP C 47 -31.62 -28.31 17.30
C ASP C 47 -30.25 -28.21 16.65
N VAL C 48 -29.98 -27.06 16.02
CA VAL C 48 -28.73 -26.83 15.30
C VAL C 48 -28.12 -25.53 15.80
N LYS C 49 -26.84 -25.57 16.13
CA LYS C 49 -26.07 -24.39 16.50
C LYS C 49 -24.98 -24.17 15.45
N LEU C 50 -25.10 -23.09 14.70
CA LEU C 50 -24.18 -22.77 13.61
C LEU C 50 -23.31 -21.59 14.04
N THR C 51 -22.12 -21.89 14.54
CA THR C 51 -21.21 -20.84 14.96
C THR C 51 -20.60 -20.14 13.74
N PHE C 52 -20.12 -18.93 13.96
CA PHE C 52 -19.51 -18.18 12.88
C PHE C 52 -18.24 -18.84 12.38
N ALA C 53 -17.51 -19.52 13.26
CA ALA C 53 -16.25 -20.16 12.88
C ALA C 53 -16.44 -21.21 11.80
N GLN C 54 -17.65 -21.72 11.61
CA GLN C 54 -17.92 -22.76 10.62
C GLN C 54 -18.55 -22.22 9.34
N ILE C 55 -19.46 -21.27 9.43
CA ILE C 55 -20.22 -20.85 8.25
C ILE C 55 -19.71 -19.52 7.72
N ALA C 56 -19.15 -18.68 8.58
CA ALA C 56 -18.59 -17.42 8.14
C ALA C 56 -17.28 -17.67 7.39
N PRO C 57 -16.86 -16.71 6.56
CA PRO C 57 -15.58 -16.87 5.86
C PRO C 57 -14.44 -16.98 6.85
N PRO C 58 -13.39 -17.73 6.51
CA PRO C 58 -12.30 -17.92 7.45
C PRO C 58 -11.61 -16.61 7.76
N PRO C 59 -11.09 -16.43 8.98
CA PRO C 59 -11.04 -17.41 10.08
C PRO C 59 -12.32 -17.49 10.89
N GLY C 60 -13.38 -16.83 10.46
CA GLY C 60 -14.64 -16.86 11.17
C GLY C 60 -15.00 -15.53 11.78
N SER C 61 -14.00 -14.83 12.32
CA SER C 61 -14.22 -13.51 12.88
C SER C 61 -14.50 -12.51 11.76
N MET C 62 -15.45 -11.62 12.01
CA MET C 62 -15.82 -10.57 11.06
C MET C 62 -15.47 -9.22 11.66
N VAL C 63 -14.66 -8.45 10.95
CA VAL C 63 -14.26 -7.12 11.37
C VAL C 63 -14.97 -6.13 10.47
N LEU C 64 -16.01 -5.48 10.99
CA LEU C 64 -16.80 -4.54 10.23
C LEU C 64 -16.23 -3.14 10.42
N ARG C 65 -15.78 -2.54 9.32
CA ARG C 65 -15.18 -1.21 9.32
C ARG C 65 -16.09 -0.22 8.60
N GLY C 66 -15.68 1.05 8.63
CA GLY C 66 -16.44 2.08 7.93
C GLY C 66 -16.33 1.99 6.43
N ILE C 67 -15.28 1.34 5.91
CA ILE C 67 -15.12 1.18 4.47
C ILE C 67 -15.68 -0.16 3.99
N ASN C 68 -15.80 -1.16 4.86
CA ASN C 68 -16.42 -2.45 4.54
C ASN C 68 -17.41 -2.78 5.65
N PRO C 69 -18.59 -2.16 5.64
CA PRO C 69 -19.51 -2.27 6.78
C PRO C 69 -20.44 -3.48 6.75
N ASN C 70 -20.30 -4.39 5.79
CA ASN C 70 -21.23 -5.50 5.64
C ASN C 70 -20.51 -6.82 5.81
N GLY C 71 -21.13 -7.73 6.58
CA GLY C 71 -20.63 -9.07 6.74
C GLY C 71 -21.79 -10.05 6.84
N SER C 72 -21.80 -11.07 5.99
CA SER C 72 -22.96 -11.93 5.83
C SER C 72 -22.60 -13.39 6.10
N ILE C 73 -23.58 -14.14 6.61
CA ILE C 73 -23.50 -15.57 6.75
C ILE C 73 -24.71 -16.18 6.05
N GLU C 74 -24.56 -17.42 5.60
CA GLU C 74 -25.59 -18.09 4.80
C GLU C 74 -25.92 -19.44 5.41
N PHE C 75 -27.20 -19.78 5.41
CA PHE C 75 -27.66 -21.09 5.81
C PHE C 75 -28.84 -21.49 4.93
N GLY C 76 -29.07 -22.80 4.82
CA GLY C 76 -30.13 -23.30 3.98
C GLY C 76 -31.14 -24.13 4.73
N MET C 77 -32.35 -24.24 4.19
CA MET C 77 -33.43 -25.01 4.79
C MET C 77 -33.88 -26.09 3.81
N ARG C 78 -33.97 -27.32 4.29
CA ARG C 78 -34.39 -28.43 3.45
C ARG C 78 -35.87 -28.30 3.10
N SER C 79 -36.25 -28.94 1.99
CA SER C 79 -37.65 -28.91 1.57
C SER C 79 -38.56 -29.67 2.52
N ASP C 80 -38.04 -30.69 3.19
CA ASP C 80 -38.80 -31.49 4.13
C ASP C 80 -38.68 -30.98 5.57
N GLU C 81 -38.05 -29.83 5.77
CA GLU C 81 -37.89 -29.25 7.09
C GLU C 81 -38.40 -27.81 7.09
N VAL C 82 -38.84 -27.37 8.26
CA VAL C 82 -39.28 -25.99 8.47
C VAL C 82 -38.67 -25.48 9.76
N VAL C 83 -38.30 -24.21 9.76
CA VAL C 83 -37.69 -23.59 10.94
C VAL C 83 -38.80 -23.06 11.84
N THR C 84 -38.80 -23.52 13.09
CA THR C 84 -39.80 -23.09 14.06
C THR C 84 -39.27 -22.07 15.05
N LYS C 85 -37.95 -22.04 15.29
CA LYS C 85 -37.38 -21.11 16.26
C LYS C 85 -35.96 -20.79 15.82
N ALA C 86 -35.70 -19.51 15.55
CA ALA C 86 -34.39 -19.04 15.11
C ALA C 86 -33.94 -17.89 16.01
N MET C 87 -32.71 -17.98 16.50
CA MET C 87 -32.15 -16.97 17.38
C MET C 87 -30.70 -16.73 17.00
N LEU C 88 -30.32 -15.47 16.91
CA LEU C 88 -28.95 -15.09 16.55
C LEU C 88 -28.24 -14.59 17.81
N ASN C 89 -27.14 -15.23 18.16
CA ASN C 89 -26.31 -14.84 19.29
C ASN C 89 -25.04 -14.19 18.76
N LEU C 90 -24.76 -12.97 19.21
CA LEU C 90 -23.64 -12.18 18.71
C LEU C 90 -22.68 -11.87 19.85
N GLU C 91 -21.39 -12.03 19.59
CA GLU C 91 -20.33 -11.61 20.50
C GLU C 91 -19.46 -10.63 19.74
N TYR C 92 -19.64 -9.34 20.02
CA TYR C 92 -18.96 -8.29 19.29
C TYR C 92 -18.39 -7.25 20.24
N THR C 93 -17.40 -6.51 19.75
CA THR C 93 -16.73 -5.48 20.52
C THR C 93 -16.62 -4.22 19.67
N PRO C 94 -17.37 -3.17 19.95
CA PRO C 94 -17.24 -1.93 19.18
C PRO C 94 -16.03 -1.12 19.60
N SER C 95 -15.63 -0.22 18.70
CA SER C 95 -14.48 0.63 18.97
C SER C 95 -14.81 1.62 20.09
N PRO C 96 -13.85 1.92 20.98
CA PRO C 96 -14.14 2.87 22.07
C PRO C 96 -14.32 4.31 21.61
N SER C 97 -14.01 4.63 20.36
CA SER C 97 -14.16 5.98 19.84
C SER C 97 -15.49 6.22 19.15
N LEU C 98 -16.40 5.25 19.17
CA LEU C 98 -17.67 5.39 18.50
C LEU C 98 -18.60 6.34 19.27
N LEU C 99 -19.37 7.11 18.52
CA LEU C 99 -20.45 7.88 19.15
C LEU C 99 -21.54 6.91 19.56
N PRO C 100 -21.96 6.91 20.84
CA PRO C 100 -22.73 5.77 21.35
C PRO C 100 -24.03 5.49 20.63
N VAL C 101 -24.99 6.42 20.67
CA VAL C 101 -26.31 6.12 20.14
C VAL C 101 -26.30 6.12 18.61
N GLN C 102 -25.54 7.03 17.99
CA GLN C 102 -25.52 7.11 16.53
C GLN C 102 -24.94 5.85 15.92
N SER C 103 -23.89 5.30 16.50
CA SER C 103 -23.32 4.06 15.99
C SER C 103 -24.23 2.89 16.33
N GLN C 104 -24.53 2.07 15.33
CA GLN C 104 -25.45 0.96 15.49
C GLN C 104 -24.96 -0.24 14.70
N LEU C 105 -25.47 -1.41 15.08
CA LEU C 105 -25.29 -2.65 14.32
C LEU C 105 -26.66 -3.13 13.88
N LYS C 106 -26.82 -3.34 12.58
CA LYS C 106 -28.10 -3.73 12.00
C LYS C 106 -28.04 -5.16 11.49
N VAL C 107 -29.09 -5.91 11.74
CA VAL C 107 -29.17 -7.32 11.37
C VAL C 107 -30.27 -7.50 10.34
N TYR C 108 -29.92 -8.12 9.22
CA TYR C 108 -30.86 -8.38 8.13
C TYR C 108 -30.98 -9.88 7.89
N LEU C 109 -32.17 -10.30 7.48
CA LEU C 109 -32.41 -11.68 7.02
C LEU C 109 -33.12 -11.60 5.69
N ASN C 110 -32.41 -11.97 4.62
CA ASN C 110 -32.93 -11.90 3.26
C ASN C 110 -33.44 -10.49 2.93
N ASP C 111 -32.59 -9.51 3.23
CA ASP C 111 -32.85 -8.08 2.97
C ASP C 111 -34.04 -7.55 3.77
N GLU C 112 -34.35 -8.20 4.89
CA GLU C 112 -35.40 -7.73 5.79
C GLU C 112 -34.78 -7.48 7.16
N LEU C 113 -34.99 -6.28 7.70
CA LEU C 113 -34.38 -5.91 8.97
C LEU C 113 -35.04 -6.69 10.10
N MET C 114 -34.23 -7.43 10.86
CA MET C 114 -34.72 -8.17 12.00
C MET C 114 -34.54 -7.42 13.31
N GLY C 115 -33.75 -6.37 13.33
CA GLY C 115 -33.55 -5.58 14.54
C GLY C 115 -32.28 -4.77 14.44
N VAL C 116 -32.16 -3.83 15.37
CA VAL C 116 -31.00 -2.95 15.47
C VAL C 116 -30.47 -2.99 16.89
N LEU C 117 -29.16 -3.12 17.02
CA LEU C 117 -28.48 -3.11 18.32
C LEU C 117 -27.69 -1.82 18.44
N PRO C 118 -28.28 -0.76 18.99
CA PRO C 118 -27.53 0.49 19.16
C PRO C 118 -26.41 0.32 20.17
N VAL C 119 -25.31 1.03 19.91
CA VAL C 119 -24.19 1.03 20.84
C VAL C 119 -24.53 1.93 22.03
N THR C 120 -24.09 1.52 23.22
CA THR C 120 -24.27 2.31 24.42
C THR C 120 -22.91 2.70 24.97
N LYS C 121 -22.91 3.66 25.90
CA LYS C 121 -21.66 4.12 26.49
C LYS C 121 -20.97 3.03 27.28
N GLU C 122 -21.70 2.02 27.74
CA GLU C 122 -21.13 0.91 28.49
C GLU C 122 -20.65 -0.23 27.60
N GLN C 123 -20.74 -0.08 26.29
CA GLN C 123 -20.29 -1.10 25.36
C GLN C 123 -19.03 -0.71 24.60
N LEU C 124 -18.62 0.54 24.67
CA LEU C 124 -17.46 1.00 23.91
C LEU C 124 -16.19 0.34 24.42
N GLY C 125 -15.56 -0.47 23.57
CA GLY C 125 -14.34 -1.15 23.93
C GLY C 125 -14.52 -2.40 24.76
N LYS C 126 -15.75 -2.80 25.04
CA LYS C 126 -16.02 -3.97 25.86
C LYS C 126 -16.82 -5.00 25.07
N LYS C 127 -16.55 -6.27 25.33
CA LYS C 127 -17.28 -7.34 24.67
C LYS C 127 -18.73 -7.34 25.10
N THR C 128 -19.64 -7.44 24.12
CA THR C 128 -21.07 -7.38 24.36
C THR C 128 -21.73 -8.66 23.87
N LEU C 129 -22.63 -9.21 24.67
CA LEU C 129 -23.42 -10.36 24.29
C LEU C 129 -24.81 -9.87 23.88
N ALA C 130 -25.21 -10.19 22.65
CA ALA C 130 -26.48 -9.76 22.10
C ALA C 130 -27.27 -10.95 21.60
N GLN C 131 -28.57 -10.96 21.89
CA GLN C 131 -29.48 -12.00 21.44
C GLN C 131 -30.53 -11.35 20.55
N MET C 132 -30.61 -11.79 19.30
CA MET C 132 -31.52 -11.20 18.33
C MET C 132 -32.44 -12.26 17.75
N PRO C 133 -33.73 -12.23 18.05
CA PRO C 133 -34.65 -13.21 17.45
C PRO C 133 -34.75 -13.03 15.94
N ILE C 134 -34.96 -14.15 15.25
CA ILE C 134 -35.08 -14.17 13.80
C ILE C 134 -36.45 -14.76 13.45
N ASN C 135 -37.19 -14.04 12.62
CA ASN C 135 -38.54 -14.46 12.27
C ASN C 135 -38.51 -15.64 11.31
N PRO C 136 -39.13 -16.77 11.66
CA PRO C 136 -39.18 -17.89 10.70
C PRO C 136 -39.99 -17.58 9.45
N LEU C 137 -40.81 -16.53 9.46
CA LEU C 137 -41.63 -16.21 8.29
C LEU C 137 -40.81 -15.80 7.09
N PHE C 138 -39.60 -15.29 7.29
CA PHE C 138 -38.76 -14.81 6.20
C PHE C 138 -37.66 -15.78 5.80
N ILE C 139 -37.72 -17.01 6.27
CA ILE C 139 -36.72 -18.02 5.93
C ILE C 139 -37.19 -18.81 4.73
N THR C 140 -36.35 -18.89 3.71
CA THR C 140 -36.63 -19.59 2.46
C THR C 140 -35.62 -20.73 2.29
N ASP C 141 -35.61 -21.32 1.09
CA ASP C 141 -34.69 -22.41 0.81
C ASP C 141 -33.23 -21.95 0.96
N PHE C 142 -32.91 -20.77 0.42
CA PHE C 142 -31.60 -20.17 0.58
C PHE C 142 -31.75 -18.87 1.38
N ASN C 143 -31.02 -18.78 2.48
CA ASN C 143 -31.15 -17.66 3.41
C ASN C 143 -29.82 -16.97 3.61
N ARG C 144 -29.85 -15.66 3.72
CA ARG C 144 -28.66 -14.84 3.93
C ARG C 144 -28.89 -13.92 5.11
N VAL C 145 -28.00 -13.98 6.10
CA VAL C 145 -28.06 -13.12 7.27
C VAL C 145 -26.92 -12.12 7.18
N ARG C 146 -27.26 -10.84 7.03
CA ARG C 146 -26.28 -9.78 6.82
C ARG C 146 -26.24 -8.87 8.03
N LEU C 147 -25.03 -8.61 8.53
CA LEU C 147 -24.82 -7.66 9.62
C LEU C 147 -24.27 -6.36 9.04
N GLU C 148 -25.01 -5.27 9.23
CA GLU C 148 -24.62 -3.96 8.72
C GLU C 148 -24.18 -3.08 9.89
N PHE C 149 -23.03 -2.45 9.73
CA PHE C 149 -22.43 -1.63 10.78
C PHE C 149 -22.47 -0.17 10.38
N VAL C 150 -23.11 0.65 11.21
CA VAL C 150 -23.13 2.09 11.05
C VAL C 150 -22.29 2.68 12.15
N GLY C 151 -21.22 3.37 11.80
CA GLY C 151 -20.26 3.87 12.76
C GLY C 151 -20.00 5.34 12.63
N HIS C 152 -19.84 6.00 13.76
CA HIS C 152 -19.55 7.43 13.79
C HIS C 152 -18.64 7.74 14.98
N TYR C 153 -17.68 8.64 14.77
CA TYR C 153 -16.81 9.09 15.83
C TYR C 153 -16.73 10.60 15.96
N GLN C 154 -17.09 11.37 14.94
CA GLN C 154 -17.06 12.82 14.99
C GLN C 154 -18.36 13.38 14.42
N ASP C 155 -18.71 14.58 14.86
CA ASP C 155 -19.91 15.24 14.36
C ASP C 155 -19.75 15.66 12.91
N VAL C 156 -18.55 16.12 12.53
CA VAL C 156 -18.28 16.60 11.17
C VAL C 156 -16.82 16.32 10.86
N CYS C 157 -16.45 16.45 9.58
CA CYS C 157 -15.13 16.08 9.08
C CYS C 157 -14.83 14.61 9.37
N GLU C 158 -15.83 13.75 9.18
CA GLU C 158 -15.69 12.33 9.45
C GLU C 158 -15.11 11.62 8.24
N ASN C 159 -14.02 10.90 8.45
CA ASN C 159 -13.43 10.08 7.40
C ASN C 159 -14.07 8.70 7.43
N PRO C 160 -14.76 8.29 6.37
CA PRO C 160 -15.37 6.95 6.37
C PRO C 160 -14.37 5.83 6.55
N ALA C 161 -13.15 5.99 6.03
CA ALA C 161 -12.08 5.01 6.19
C ALA C 161 -11.06 5.62 7.15
N SER C 162 -11.27 5.38 8.45
CA SER C 162 -10.47 6.02 9.48
C SER C 162 -9.69 5.04 10.36
N THR C 163 -9.93 3.73 10.23
CA THR C 163 -9.25 2.69 10.98
C THR C 163 -9.58 2.75 12.47
N THR C 164 -10.33 3.76 12.88
CA THR C 164 -10.90 3.82 14.23
C THR C 164 -12.38 3.47 14.25
N LEU C 165 -12.96 3.21 13.08
CA LEU C 165 -14.35 2.78 12.95
C LEU C 165 -14.34 1.28 12.72
N TRP C 166 -14.46 0.51 13.80
CA TRP C 166 -14.48 -0.94 13.67
C TRP C 166 -15.43 -1.54 14.70
N LEU C 167 -16.06 -2.65 14.32
CA LEU C 167 -16.89 -3.43 15.23
C LEU C 167 -16.72 -4.89 14.80
N ASP C 168 -15.87 -5.62 15.52
CA ASP C 168 -15.51 -6.97 15.12
C ASP C 168 -16.37 -7.99 15.86
N VAL C 169 -16.99 -8.89 15.10
CA VAL C 169 -17.86 -9.91 15.64
C VAL C 169 -17.04 -11.16 15.88
N GLY C 170 -17.07 -11.67 17.12
CA GLY C 170 -16.30 -12.85 17.44
C GLY C 170 -16.80 -14.09 16.72
N ARG C 171 -15.88 -15.00 16.47
CA ARG C 171 -16.23 -16.25 15.79
C ARG C 171 -17.08 -17.16 16.67
N SER C 172 -17.14 -16.89 17.97
CA SER C 172 -18.01 -17.65 18.86
C SER C 172 -19.48 -17.31 18.67
N SER C 173 -19.79 -16.25 17.90
CA SER C 173 -21.17 -15.94 17.59
C SER C 173 -21.79 -17.04 16.76
N GLY C 174 -23.07 -17.31 16.99
CA GLY C 174 -23.74 -18.41 16.32
C GLY C 174 -25.19 -18.11 16.03
N LEU C 175 -25.82 -19.04 15.33
CA LEU C 175 -27.22 -18.95 14.95
C LEU C 175 -27.91 -20.23 15.37
N ASP C 176 -28.71 -20.16 16.43
CA ASP C 176 -29.41 -21.33 16.95
C ASP C 176 -30.73 -21.50 16.20
N LEU C 177 -30.94 -22.68 15.63
CA LEU C 177 -32.12 -22.96 14.83
C LEU C 177 -32.77 -24.25 15.31
N THR C 178 -34.07 -24.33 15.13
CA THR C 178 -34.83 -25.55 15.39
C THR C 178 -35.55 -25.95 14.10
N TYR C 179 -35.30 -27.18 13.66
CA TYR C 179 -35.88 -27.71 12.43
C TYR C 179 -36.94 -28.74 12.77
N GLN C 180 -38.11 -28.62 12.14
CA GLN C 180 -39.18 -29.59 12.29
C GLN C 180 -39.40 -30.29 10.96
N THR C 181 -39.46 -31.61 11.00
CA THR C 181 -39.59 -32.40 9.78
C THR C 181 -41.06 -32.48 9.37
N LEU C 182 -41.32 -32.19 8.10
CA LEU C 182 -42.66 -32.30 7.54
C LEU C 182 -42.86 -33.68 6.91
N ASN C 183 -44.11 -34.11 6.85
CA ASN C 183 -44.47 -35.36 6.19
C ASN C 183 -44.75 -35.06 4.72
N VAL C 184 -43.70 -35.16 3.90
CA VAL C 184 -43.83 -34.85 2.49
C VAL C 184 -44.55 -36.00 1.77
N LYS C 185 -45.16 -35.66 0.64
CA LYS C 185 -45.88 -36.66 -0.15
C LYS C 185 -44.89 -37.62 -0.80
N ASN C 186 -45.37 -38.84 -1.05
CA ASN C 186 -44.55 -39.88 -1.68
C ASN C 186 -44.62 -39.73 -3.20
N ASP C 187 -43.99 -38.65 -3.67
CA ASP C 187 -43.94 -38.33 -5.09
C ASP C 187 -42.51 -38.46 -5.59
N LEU C 188 -42.32 -39.24 -6.65
CA LEU C 188 -41.00 -39.41 -7.22
C LEU C 188 -40.56 -38.22 -8.06
N SER C 189 -41.47 -37.29 -8.35
CA SER C 189 -41.04 -35.96 -8.75
C SER C 189 -40.32 -35.32 -7.58
N HIS C 190 -39.25 -34.57 -7.87
CA HIS C 190 -38.25 -34.24 -6.86
C HIS C 190 -37.68 -35.50 -6.24
N PHE C 191 -37.24 -36.44 -7.09
CA PHE C 191 -36.80 -37.74 -6.61
C PHE C 191 -35.69 -37.63 -5.58
N PRO C 192 -34.58 -36.94 -5.83
CA PRO C 192 -33.53 -36.89 -4.82
C PRO C 192 -33.86 -36.01 -3.64
N VAL C 193 -34.87 -35.13 -3.74
CA VAL C 193 -35.08 -34.11 -2.71
C VAL C 193 -35.16 -34.68 -1.30
N PRO C 194 -35.91 -35.75 -1.02
CA PRO C 194 -35.94 -36.26 0.36
C PRO C 194 -34.65 -36.93 0.78
N PHE C 195 -33.86 -37.46 -0.14
CA PHE C 195 -32.67 -38.24 0.22
C PHE C 195 -31.41 -37.38 0.22
N PHE C 196 -31.07 -36.78 -0.91
CA PHE C 196 -30.10 -35.71 -1.01
C PHE C 196 -30.83 -34.43 -1.39
N ASP C 197 -30.89 -33.49 -0.45
CA ASP C 197 -31.45 -32.18 -0.73
C ASP C 197 -30.32 -31.21 -1.03
N PRO C 198 -30.25 -30.61 -2.22
CA PRO C 198 -29.15 -29.68 -2.52
C PRO C 198 -29.14 -28.46 -1.62
N ARG C 199 -30.27 -28.11 -1.00
CA ARG C 199 -30.31 -26.98 -0.08
C ARG C 199 -29.62 -27.28 1.24
N ASP C 200 -29.25 -28.53 1.49
CA ASP C 200 -28.53 -28.91 2.71
C ASP C 200 -27.04 -28.93 2.43
N ASN C 201 -26.28 -28.16 3.19
CA ASN C 201 -24.84 -28.11 3.07
C ASN C 201 -24.14 -29.18 3.90
N ARG C 202 -24.89 -29.99 4.63
CA ARG C 202 -24.32 -31.06 5.45
C ARG C 202 -23.86 -32.22 4.57
N THR C 203 -23.13 -33.14 5.19
CA THR C 203 -22.74 -34.37 4.51
C THR C 203 -23.98 -35.21 4.23
N ASN C 204 -24.07 -35.73 3.00
CA ASN C 204 -25.22 -36.54 2.59
C ASN C 204 -25.04 -37.95 3.12
N THR C 205 -25.65 -38.24 4.27
CA THR C 205 -25.60 -39.57 4.87
C THR C 205 -26.80 -40.37 4.38
N LEU C 206 -26.56 -41.30 3.48
CA LEU C 206 -27.62 -42.11 2.86
C LEU C 206 -27.39 -43.58 3.15
N PRO C 207 -28.07 -44.15 4.14
CA PRO C 207 -27.93 -45.58 4.40
C PRO C 207 -28.45 -46.41 3.23
N MET C 208 -27.85 -47.58 3.04
CA MET C 208 -28.28 -48.54 2.04
C MET C 208 -28.55 -49.87 2.72
N VAL C 209 -29.71 -50.45 2.41
CA VAL C 209 -30.19 -51.65 3.10
C VAL C 209 -30.21 -52.81 2.11
N PHE C 210 -29.62 -53.92 2.50
CA PHE C 210 -29.61 -55.15 1.71
C PHE C 210 -30.24 -56.27 2.52
N ALA C 211 -30.73 -57.29 1.80
CA ALA C 211 -31.28 -58.46 2.48
C ALA C 211 -30.21 -59.18 3.27
N GLY C 212 -29.00 -59.29 2.70
CA GLY C 212 -27.88 -59.92 3.38
C GLY C 212 -26.57 -59.51 2.72
N ALA C 213 -25.65 -60.46 2.59
CA ALA C 213 -24.42 -60.17 1.87
C ALA C 213 -24.71 -60.08 0.39
N PRO C 214 -24.47 -58.93 -0.25
CA PRO C 214 -24.85 -58.79 -1.66
C PRO C 214 -23.97 -59.62 -2.58
N ASP C 215 -24.54 -59.98 -3.72
CA ASP C 215 -23.79 -60.66 -4.77
C ASP C 215 -23.09 -59.62 -5.64
N VAL C 216 -22.46 -60.09 -6.72
CA VAL C 216 -21.71 -59.18 -7.60
C VAL C 216 -22.65 -58.18 -8.27
N GLY C 217 -23.80 -58.65 -8.75
CA GLY C 217 -24.74 -57.73 -9.38
C GLY C 217 -25.28 -56.68 -8.42
N LEU C 218 -25.61 -57.10 -7.20
CA LEU C 218 -26.07 -56.15 -6.19
C LEU C 218 -24.97 -55.15 -5.85
N GLN C 219 -23.73 -55.63 -5.74
CA GLN C 219 -22.61 -54.72 -5.46
C GLN C 219 -22.47 -53.69 -6.57
N GLN C 220 -22.56 -54.13 -7.83
CA GLN C 220 -22.42 -53.21 -8.95
C GLN C 220 -23.57 -52.19 -8.99
N ALA C 221 -24.81 -52.65 -8.77
CA ALA C 221 -25.94 -51.74 -8.78
C ALA C 221 -25.86 -50.72 -7.66
N SER C 222 -25.51 -51.16 -6.45
CA SER C 222 -25.35 -50.25 -5.34
C SER C 222 -24.22 -49.27 -5.60
N ALA C 223 -23.14 -49.72 -6.24
CA ALA C 223 -22.05 -48.82 -6.59
C ALA C 223 -22.50 -47.77 -7.58
N ILE C 224 -23.33 -48.16 -8.56
CA ILE C 224 -23.85 -47.19 -9.52
C ILE C 224 -24.70 -46.13 -8.82
N VAL C 225 -25.59 -46.58 -7.92
CA VAL C 225 -26.44 -45.64 -7.20
C VAL C 225 -25.61 -44.71 -6.32
N ALA C 226 -24.62 -45.26 -5.63
CA ALA C 226 -23.76 -44.44 -4.79
C ALA C 226 -22.97 -43.43 -5.61
N SER C 227 -22.49 -43.85 -6.78
CA SER C 227 -21.77 -42.92 -7.65
C SER C 227 -22.67 -41.79 -8.10
N TRP C 228 -23.92 -42.10 -8.46
CA TRP C 228 -24.84 -41.05 -8.88
C TRP C 228 -25.12 -40.08 -7.74
N PHE C 229 -25.37 -40.61 -6.54
CA PHE C 229 -25.66 -39.73 -5.41
C PHE C 229 -24.45 -38.89 -5.02
N GLY C 230 -23.24 -39.45 -5.15
CA GLY C 230 -22.05 -38.67 -4.91
C GLY C 230 -21.86 -37.58 -5.94
N SER C 231 -22.14 -37.88 -7.21
CA SER C 231 -22.05 -36.86 -8.25
C SER C 231 -23.07 -35.75 -8.02
N ARG C 232 -24.22 -36.09 -7.43
CA ARG C 232 -25.18 -35.04 -7.08
C ARG C 232 -24.70 -34.22 -5.89
N SER C 233 -24.18 -34.88 -4.86
CA SER C 233 -23.65 -34.19 -3.68
C SER C 233 -22.13 -34.16 -3.77
N GLY C 234 -21.63 -33.20 -4.54
CA GLY C 234 -20.22 -33.14 -4.82
C GLY C 234 -19.33 -32.73 -3.66
N TRP C 235 -19.42 -31.47 -3.25
CA TRP C 235 -18.53 -30.93 -2.22
C TRP C 235 -19.08 -31.11 -0.81
N ARG C 236 -20.35 -31.50 -0.67
CA ARG C 236 -20.93 -31.62 0.65
C ARG C 236 -20.43 -32.86 1.39
N GLY C 237 -19.89 -33.82 0.69
CA GLY C 237 -19.43 -35.05 1.31
C GLY C 237 -20.44 -36.17 1.15
N GLN C 238 -19.94 -37.40 1.19
CA GLN C 238 -20.75 -38.60 0.97
C GLN C 238 -20.50 -39.61 2.09
N ASN C 239 -21.57 -40.27 2.50
CA ASN C 239 -21.50 -41.33 3.49
C ASN C 239 -22.64 -42.30 3.23
N PHE C 240 -22.30 -43.58 3.11
CA PHE C 240 -23.26 -44.63 2.77
C PHE C 240 -23.18 -45.75 3.79
N PRO C 241 -23.81 -45.59 4.94
CA PRO C 241 -23.90 -46.71 5.89
C PRO C 241 -24.65 -47.88 5.26
N VAL C 242 -24.24 -49.10 5.61
CA VAL C 242 -24.79 -50.31 5.03
C VAL C 242 -25.39 -51.14 6.16
N LEU C 243 -26.66 -51.52 6.00
CA LEU C 243 -27.37 -52.35 6.97
C LEU C 243 -27.87 -53.61 6.31
N TYR C 244 -27.76 -54.73 7.01
CA TYR C 244 -28.20 -56.03 6.51
C TYR C 244 -29.46 -56.44 7.26
N ASN C 245 -30.59 -56.49 6.54
CA ASN C 245 -31.86 -56.94 7.09
C ASN C 245 -32.25 -56.13 8.33
N GLN C 246 -31.98 -54.83 8.29
CA GLN C 246 -32.26 -53.96 9.42
C GLN C 246 -32.72 -52.60 8.89
N LEU C 247 -33.67 -52.01 9.60
CA LEU C 247 -34.23 -50.72 9.18
C LEU C 247 -33.44 -49.58 9.81
N PRO C 248 -33.22 -48.49 9.08
CA PRO C 248 -32.53 -47.33 9.63
C PRO C 248 -33.51 -46.32 10.20
N ASP C 249 -32.94 -45.29 10.83
CA ASP C 249 -33.71 -44.21 11.43
C ASP C 249 -33.78 -42.97 10.54
N ARG C 250 -33.25 -43.04 9.32
CA ARG C 250 -33.26 -41.92 8.40
C ARG C 250 -33.59 -42.42 7.00
N ASN C 251 -33.69 -41.49 6.06
CA ASN C 251 -34.00 -41.84 4.68
C ASN C 251 -32.92 -42.76 4.11
N ALA C 252 -33.34 -43.82 3.43
CA ALA C 252 -32.40 -44.82 2.96
C ALA C 252 -32.93 -45.46 1.68
N ILE C 253 -32.01 -46.12 0.96
CA ILE C 253 -32.33 -46.87 -0.25
C ILE C 253 -32.29 -48.35 0.09
N VAL C 254 -33.36 -49.07 -0.27
CA VAL C 254 -33.49 -50.48 0.03
C VAL C 254 -33.46 -51.25 -1.28
N PHE C 255 -32.51 -52.18 -1.40
CA PHE C 255 -32.39 -53.04 -2.57
C PHE C 255 -33.00 -54.40 -2.22
N ALA C 256 -33.98 -54.83 -3.00
CA ALA C 256 -34.70 -56.06 -2.73
C ALA C 256 -34.86 -56.86 -4.01
N THR C 257 -35.00 -58.17 -3.84
CA THR C 257 -35.18 -59.10 -4.95
C THR C 257 -36.28 -60.08 -4.55
N ASN C 258 -36.93 -60.65 -5.57
CA ASN C 258 -38.00 -61.60 -5.31
C ASN C 258 -37.54 -62.75 -4.41
N ASP C 259 -36.36 -63.30 -4.69
CA ASP C 259 -35.83 -64.38 -3.88
C ASP C 259 -35.30 -63.87 -2.55
N LYS C 260 -34.38 -62.90 -2.59
CA LYS C 260 -33.75 -62.36 -1.39
C LYS C 260 -34.26 -60.93 -1.17
N ARG C 261 -35.07 -60.75 -0.14
CA ARG C 261 -35.60 -59.46 0.24
C ARG C 261 -35.52 -59.31 1.74
N PRO C 262 -35.45 -58.07 2.25
CA PRO C 262 -35.46 -57.86 3.70
C PRO C 262 -36.76 -58.35 4.33
N ASP C 263 -36.71 -58.52 5.65
CA ASP C 263 -37.84 -59.11 6.36
C ASP C 263 -39.07 -58.21 6.29
N PHE C 264 -38.89 -56.89 6.39
CA PHE C 264 -40.04 -56.00 6.39
C PHE C 264 -40.70 -55.87 5.03
N LEU C 265 -40.07 -56.38 3.97
CA LEU C 265 -40.65 -56.38 2.63
C LEU C 265 -41.20 -57.75 2.24
N ARG C 266 -41.41 -58.64 3.22
CA ARG C 266 -41.87 -59.99 2.91
C ARG C 266 -43.27 -59.97 2.31
N ASP C 267 -44.14 -59.10 2.81
CA ASP C 267 -45.51 -59.01 2.32
C ASP C 267 -45.62 -58.32 0.96
N HIS C 268 -44.54 -57.74 0.47
CA HIS C 268 -44.58 -57.05 -0.81
C HIS C 268 -44.80 -58.05 -1.94
N PRO C 269 -45.71 -57.78 -2.88
CA PRO C 269 -45.93 -58.71 -3.99
C PRO C 269 -44.72 -58.80 -4.91
N ALA C 270 -44.58 -59.97 -5.53
CA ALA C 270 -43.52 -60.16 -6.51
C ALA C 270 -43.78 -59.32 -7.75
N VAL C 271 -42.70 -58.85 -8.35
CA VAL C 271 -42.78 -57.96 -9.51
C VAL C 271 -42.21 -58.68 -10.73
N LYS C 272 -42.68 -58.26 -11.91
CA LYS C 272 -42.23 -58.81 -13.17
C LYS C 272 -41.26 -57.90 -13.91
N ALA C 273 -40.91 -56.77 -13.33
CA ALA C 273 -40.01 -55.81 -13.95
C ALA C 273 -39.37 -54.98 -12.86
N PRO C 274 -38.20 -54.38 -13.13
CA PRO C 274 -37.56 -53.53 -12.11
C PRO C 274 -38.41 -52.30 -11.82
N VAL C 275 -38.75 -52.12 -10.54
CA VAL C 275 -39.60 -51.01 -10.11
C VAL C 275 -38.89 -50.23 -9.01
N ILE C 276 -39.21 -48.95 -8.93
CA ILE C 276 -38.71 -48.06 -7.88
C ILE C 276 -39.91 -47.45 -7.18
N GLU C 277 -39.99 -47.62 -5.86
CA GLU C 277 -41.11 -47.15 -5.08
C GLU C 277 -40.62 -46.27 -3.93
N MET C 278 -41.33 -45.17 -3.70
CA MET C 278 -41.09 -44.31 -2.55
C MET C 278 -42.16 -44.64 -1.51
N ILE C 279 -41.73 -45.23 -0.39
CA ILE C 279 -42.64 -45.69 0.65
C ILE C 279 -42.19 -45.11 1.99
N ASN C 280 -43.11 -45.14 2.95
CA ASN C 280 -42.82 -44.66 4.28
C ASN C 280 -42.17 -45.75 5.12
N HIS C 281 -41.36 -45.34 6.08
CA HIS C 281 -40.82 -46.26 7.07
C HIS C 281 -41.97 -46.85 7.87
N PRO C 282 -42.03 -48.17 8.04
CA PRO C 282 -43.20 -48.77 8.71
C PRO C 282 -43.44 -48.26 10.12
N GLN C 283 -42.38 -47.93 10.87
CA GLN C 283 -42.52 -47.45 12.24
C GLN C 283 -42.31 -45.94 12.36
N ASN C 284 -42.14 -45.24 11.25
CA ASN C 284 -41.92 -43.79 11.28
C ASN C 284 -42.43 -43.21 9.97
N PRO C 285 -43.59 -42.54 9.98
CA PRO C 285 -44.12 -41.96 8.74
C PRO C 285 -43.25 -40.85 8.17
N TYR C 286 -42.38 -40.24 8.97
CA TYR C 286 -41.57 -39.12 8.52
C TYR C 286 -40.26 -39.54 7.88
N VAL C 287 -39.94 -40.83 7.89
CA VAL C 287 -38.73 -41.36 7.26
C VAL C 287 -39.15 -42.09 5.99
N LYS C 288 -38.51 -41.76 4.87
CA LYS C 288 -38.86 -42.30 3.57
C LYS C 288 -37.84 -43.32 3.11
N LEU C 289 -38.32 -44.34 2.40
CA LEU C 289 -37.47 -45.38 1.84
C LEU C 289 -37.65 -45.43 0.33
N LEU C 290 -36.54 -45.52 -0.39
CA LEU C 290 -36.56 -45.75 -1.84
C LEU C 290 -36.29 -47.22 -2.07
N VAL C 291 -37.34 -47.97 -2.36
CA VAL C 291 -37.24 -49.41 -2.55
C VAL C 291 -36.97 -49.70 -4.02
N VAL C 292 -35.80 -50.27 -4.30
CA VAL C 292 -35.42 -50.67 -5.64
C VAL C 292 -35.64 -52.16 -5.75
N PHE C 293 -36.72 -52.55 -6.43
CA PHE C 293 -37.14 -53.94 -6.51
C PHE C 293 -36.98 -54.46 -7.94
N GLY C 294 -36.50 -55.69 -8.05
CA GLY C 294 -36.33 -56.31 -9.36
C GLY C 294 -36.47 -57.81 -9.26
N ARG C 295 -36.61 -58.44 -10.42
CA ARG C 295 -36.69 -59.90 -10.47
C ARG C 295 -35.40 -60.54 -10.01
N ASP C 296 -34.26 -59.96 -10.38
CA ASP C 296 -32.96 -60.51 -10.03
C ASP C 296 -31.92 -59.40 -10.10
N ASP C 297 -30.64 -59.79 -10.03
CA ASP C 297 -29.56 -58.82 -10.00
C ASP C 297 -29.47 -58.02 -11.29
N LYS C 298 -29.72 -58.65 -12.44
CA LYS C 298 -29.73 -57.89 -13.69
C LYS C 298 -30.83 -56.86 -13.71
N ASP C 299 -32.02 -57.21 -13.18
CA ASP C 299 -33.10 -56.24 -13.08
C ASP C 299 -32.71 -55.08 -12.17
N LEU C 300 -32.06 -55.39 -11.06
CA LEU C 300 -31.64 -54.32 -10.15
C LEU C 300 -30.57 -53.44 -10.79
N LEU C 301 -29.67 -54.03 -11.58
CA LEU C 301 -28.69 -53.25 -12.33
C LEU C 301 -29.38 -52.33 -13.33
N GLN C 302 -30.40 -52.83 -14.02
CA GLN C 302 -31.15 -52.01 -14.95
C GLN C 302 -31.84 -50.85 -14.24
N ALA C 303 -32.42 -51.12 -13.07
CA ALA C 303 -33.04 -50.06 -12.29
C ALA C 303 -32.02 -49.03 -11.83
N ALA C 304 -30.84 -49.47 -11.43
CA ALA C 304 -29.79 -48.55 -11.01
C ALA C 304 -29.33 -47.67 -12.17
N LYS C 305 -29.18 -48.26 -13.36
CA LYS C 305 -28.80 -47.48 -14.53
C LYS C 305 -29.90 -46.47 -14.88
N GLY C 306 -31.16 -46.88 -14.77
CA GLY C 306 -32.25 -45.96 -15.02
C GLY C 306 -32.26 -44.80 -14.04
N ILE C 307 -31.96 -45.07 -12.77
CA ILE C 307 -31.83 -44.02 -11.77
C ILE C 307 -30.70 -43.07 -12.16
N ALA C 308 -29.55 -43.64 -12.54
CA ALA C 308 -28.37 -42.84 -12.80
C ALA C 308 -28.43 -42.06 -14.11
N GLN C 309 -29.31 -42.44 -15.03
CA GLN C 309 -29.34 -41.82 -16.34
C GLN C 309 -30.66 -41.14 -16.69
N GLY C 310 -31.80 -41.68 -16.26
CA GLY C 310 -33.07 -41.14 -16.68
C GLY C 310 -34.02 -40.73 -15.56
N ASN C 311 -33.48 -40.16 -14.48
CA ASN C 311 -34.31 -39.81 -13.33
C ASN C 311 -35.29 -38.68 -13.62
N ILE C 312 -35.17 -38.01 -14.77
CA ILE C 312 -36.07 -36.91 -15.10
C ILE C 312 -37.47 -37.38 -15.46
N LEU C 313 -37.68 -38.68 -15.63
CA LEU C 313 -39.00 -39.25 -15.91
C LEU C 313 -39.66 -39.83 -14.67
N PHE C 314 -39.14 -39.55 -13.48
CA PHE C 314 -39.72 -40.10 -12.26
C PHE C 314 -40.94 -39.28 -11.86
N ARG C 315 -42.05 -39.98 -11.61
CA ARG C 315 -43.27 -39.34 -11.14
C ARG C 315 -44.14 -40.38 -10.46
N GLY C 316 -44.99 -39.91 -9.56
CA GLY C 316 -45.85 -40.80 -8.80
C GLY C 316 -45.12 -41.47 -7.65
N GLU C 317 -45.78 -42.47 -7.09
CA GLU C 317 -45.22 -43.25 -5.99
C GLU C 317 -44.53 -44.52 -6.47
N SER C 318 -44.49 -44.78 -7.77
CA SER C 318 -43.86 -45.97 -8.30
C SER C 318 -43.57 -45.75 -9.78
N VAL C 319 -42.36 -46.12 -10.21
CA VAL C 319 -41.95 -46.04 -11.60
C VAL C 319 -41.34 -47.38 -11.99
N VAL C 320 -41.73 -47.90 -13.15
CA VAL C 320 -41.20 -49.16 -13.66
C VAL C 320 -40.15 -48.85 -14.72
N VAL C 321 -38.95 -49.41 -14.53
CA VAL C 321 -37.85 -49.24 -15.48
C VAL C 321 -37.97 -50.32 -16.54
N ASN C 322 -38.04 -49.90 -17.80
CA ASN C 322 -38.27 -50.83 -18.91
C ASN C 322 -36.97 -51.20 -19.61
N GLU C 323 -36.23 -50.21 -20.12
CA GLU C 323 -35.00 -50.48 -20.85
C GLU C 323 -34.20 -49.19 -20.94
N VAL C 324 -32.92 -49.27 -20.57
CA VAL C 324 -31.99 -48.15 -20.69
C VAL C 324 -31.04 -48.47 -21.82
N LYS C 325 -31.10 -47.68 -22.89
CA LYS C 325 -30.34 -47.95 -24.10
C LYS C 325 -29.18 -46.98 -24.22
N PRO C 326 -27.93 -47.43 -24.08
CA PRO C 326 -26.80 -46.53 -24.29
C PRO C 326 -26.62 -46.22 -25.77
N LEU C 327 -26.19 -44.99 -26.05
CA LEU C 327 -26.00 -44.52 -27.42
C LEU C 327 -24.58 -44.08 -27.73
N LEU C 328 -23.85 -43.54 -26.76
CA LEU C 328 -22.50 -43.05 -27.03
C LEU C 328 -21.59 -43.27 -25.82
N PRO C 329 -20.44 -43.91 -26.02
CA PRO C 329 -19.50 -44.09 -24.92
C PRO C 329 -18.80 -42.78 -24.57
N ARG C 330 -18.25 -42.74 -23.35
CA ARG C 330 -17.52 -41.57 -22.88
C ARG C 330 -16.14 -41.51 -23.51
N LYS C 331 -15.62 -40.30 -23.61
CA LYS C 331 -14.26 -40.00 -24.05
C LYS C 331 -13.36 -39.79 -22.84
N PRO C 332 -12.05 -40.03 -22.98
CA PRO C 332 -11.14 -39.77 -21.86
C PRO C 332 -11.16 -38.31 -21.44
N TYR C 333 -11.08 -38.08 -20.13
CA TYR C 333 -11.00 -36.74 -19.55
C TYR C 333 -12.19 -35.86 -19.94
N ASP C 334 -13.38 -36.47 -20.02
CA ASP C 334 -14.60 -35.74 -20.36
C ASP C 334 -15.52 -35.56 -19.17
N ALA C 335 -15.00 -35.66 -17.96
CA ALA C 335 -15.83 -35.51 -16.76
C ALA C 335 -16.41 -34.10 -16.71
N PRO C 336 -17.69 -33.95 -16.37
CA PRO C 336 -18.30 -32.61 -16.34
C PRO C 336 -17.62 -31.65 -15.39
N ASN C 337 -17.10 -32.14 -14.26
CA ASN C 337 -16.49 -31.26 -13.26
C ASN C 337 -15.12 -30.75 -13.66
N TRP C 338 -14.50 -31.32 -14.70
CA TRP C 338 -13.16 -30.95 -15.10
C TRP C 338 -13.20 -29.95 -16.25
N VAL C 339 -12.24 -29.03 -16.25
CA VAL C 339 -12.13 -28.05 -17.33
C VAL C 339 -11.65 -28.75 -18.59
N ARG C 340 -12.25 -28.40 -19.72
CA ARG C 340 -11.84 -28.96 -21.00
C ARG C 340 -10.39 -28.60 -21.30
N THR C 341 -9.62 -29.60 -21.71
CA THR C 341 -8.21 -29.42 -22.05
C THR C 341 -7.95 -29.53 -23.55
N ASP C 342 -9.00 -29.51 -24.37
CA ASP C 342 -8.84 -29.60 -25.82
C ASP C 342 -8.94 -28.25 -26.52
N ARG C 343 -9.69 -27.31 -25.97
CA ARG C 343 -9.85 -25.98 -26.54
C ARG C 343 -9.81 -24.98 -25.40
N PRO C 344 -9.47 -23.72 -25.68
CA PRO C 344 -9.54 -22.69 -24.64
C PRO C 344 -10.95 -22.57 -24.08
N VAL C 345 -11.02 -22.36 -22.77
CA VAL C 345 -12.29 -22.36 -22.05
C VAL C 345 -12.58 -20.95 -21.57
N THR C 346 -13.77 -20.45 -21.90
CA THR C 346 -14.18 -19.13 -21.45
C THR C 346 -14.49 -19.16 -19.96
N PHE C 347 -14.39 -17.98 -19.33
CA PHE C 347 -14.67 -17.88 -17.90
C PHE C 347 -16.15 -18.08 -17.60
N GLY C 348 -17.03 -17.89 -18.59
CA GLY C 348 -18.44 -18.14 -18.39
C GLY C 348 -18.76 -19.61 -18.16
N GLU C 349 -17.94 -20.52 -18.67
CA GLU C 349 -18.13 -21.94 -18.42
C GLU C 349 -17.68 -22.33 -17.02
N LEU C 350 -16.71 -21.62 -16.46
CA LEU C 350 -16.20 -21.92 -15.13
C LEU C 350 -17.05 -21.35 -14.01
N LYS C 351 -18.02 -20.49 -14.33
CA LYS C 351 -18.87 -19.91 -13.31
C LYS C 351 -19.75 -20.97 -12.67
N THR C 352 -19.91 -20.87 -11.34
CA THR C 352 -20.85 -21.71 -10.62
C THR C 352 -22.20 -21.04 -10.40
N TYR C 353 -22.22 -19.71 -10.32
CA TYR C 353 -23.47 -18.98 -10.16
C TYR C 353 -23.34 -17.66 -10.92
N GLU C 354 -24.49 -17.10 -11.28
CA GLU C 354 -24.51 -15.81 -11.95
C GLU C 354 -24.04 -14.72 -10.99
N GLU C 355 -23.53 -13.64 -11.58
CA GLU C 355 -22.99 -12.50 -10.84
C GLU C 355 -21.73 -12.86 -10.05
N GLN C 356 -21.09 -13.97 -10.39
CA GLN C 356 -19.86 -14.38 -9.71
C GLN C 356 -18.67 -13.53 -10.15
N LEU C 357 -18.61 -13.13 -11.41
CA LEU C 357 -17.47 -12.40 -11.95
C LEU C 357 -17.63 -10.88 -11.84
N GLN C 358 -18.41 -10.41 -10.88
CA GLN C 358 -18.56 -8.97 -10.65
C GLN C 358 -18.60 -8.71 -9.15
N SER C 359 -18.05 -7.56 -8.76
CA SER C 359 -18.04 -7.13 -7.38
C SER C 359 -18.31 -5.64 -7.31
N SER C 360 -18.97 -5.21 -6.23
CA SER C 360 -19.30 -3.81 -6.03
C SER C 360 -19.03 -3.42 -4.58
N GLY C 361 -18.77 -2.14 -4.38
CA GLY C 361 -18.52 -1.62 -3.04
C GLY C 361 -17.41 -0.60 -3.02
N LEU C 362 -17.17 0.01 -1.85
CA LEU C 362 -16.05 0.94 -1.71
C LEU C 362 -14.74 0.23 -1.97
N GLU C 363 -14.54 -0.92 -1.34
CA GLU C 363 -13.44 -1.83 -1.67
C GLU C 363 -14.05 -3.14 -2.17
N PRO C 364 -14.15 -3.34 -3.48
CA PRO C 364 -14.83 -4.53 -3.98
C PRO C 364 -14.14 -5.81 -3.53
N ALA C 365 -14.95 -6.83 -3.26
CA ALA C 365 -14.42 -8.12 -2.82
C ALA C 365 -13.72 -8.84 -3.96
N ALA C 366 -12.90 -9.80 -3.61
CA ALA C 366 -12.16 -10.58 -4.59
C ALA C 366 -13.11 -11.43 -5.43
N ILE C 367 -12.71 -11.66 -6.68
CA ILE C 367 -13.45 -12.50 -7.61
C ILE C 367 -12.69 -13.82 -7.74
N ASN C 368 -13.33 -14.91 -7.33
CA ASN C 368 -12.71 -16.22 -7.33
C ASN C 368 -13.29 -17.10 -8.43
N VAL C 369 -12.42 -17.77 -9.16
CA VAL C 369 -12.80 -18.73 -10.18
C VAL C 369 -12.13 -20.06 -9.85
N SER C 370 -12.92 -21.13 -9.84
CA SER C 370 -12.43 -22.46 -9.52
C SER C 370 -12.05 -23.20 -10.80
N LEU C 371 -10.83 -23.73 -10.84
CA LEU C 371 -10.33 -24.50 -11.97
C LEU C 371 -10.07 -25.92 -11.51
N ASN C 372 -10.94 -26.85 -11.89
CA ASN C 372 -10.76 -28.26 -11.60
C ASN C 372 -10.23 -28.94 -12.87
N LEU C 373 -9.04 -29.51 -12.77
CA LEU C 373 -8.32 -30.06 -13.90
C LEU C 373 -7.93 -31.50 -13.61
N PRO C 374 -7.68 -32.29 -14.65
CA PRO C 374 -7.11 -33.62 -14.44
C PRO C 374 -5.77 -33.53 -13.76
N PRO C 375 -5.46 -34.46 -12.85
CA PRO C 375 -4.21 -34.37 -12.08
C PRO C 375 -2.98 -34.88 -12.82
N ASP C 376 -3.10 -35.26 -14.10
CA ASP C 376 -1.99 -35.78 -14.87
C ASP C 376 -1.48 -34.76 -15.88
N LEU C 377 -1.66 -33.47 -15.59
CA LEU C 377 -1.21 -32.42 -16.48
C LEU C 377 0.29 -32.22 -16.34
N TYR C 378 1.01 -32.32 -17.46
CA TYR C 378 2.46 -32.22 -17.47
C TYR C 378 2.88 -31.06 -18.37
N LEU C 379 3.74 -30.19 -17.83
CA LEU C 379 4.30 -29.08 -18.59
C LEU C 379 5.76 -28.89 -18.19
N MET C 380 6.63 -28.78 -19.19
CA MET C 380 8.05 -28.56 -18.95
C MET C 380 8.64 -27.71 -20.08
N ARG C 381 9.50 -26.76 -19.70
CA ARG C 381 10.23 -25.92 -20.65
C ARG C 381 9.27 -25.17 -21.59
N SER C 382 8.46 -24.31 -20.99
CA SER C 382 7.54 -23.48 -21.76
C SER C 382 7.25 -22.21 -20.98
N THR C 383 6.68 -21.23 -21.68
CA THR C 383 6.34 -19.95 -21.05
C THR C 383 5.30 -20.15 -19.95
N GLY C 384 4.29 -20.98 -20.20
CA GLY C 384 3.28 -21.24 -19.20
C GLY C 384 1.91 -21.55 -19.76
N ILE C 385 0.88 -20.90 -19.22
CA ILE C 385 -0.50 -21.11 -19.64
C ILE C 385 -1.03 -19.80 -20.20
N ASP C 386 -1.54 -19.84 -21.42
CA ASP C 386 -2.14 -18.66 -22.02
C ASP C 386 -3.44 -18.30 -21.31
N MET C 387 -3.63 -17.02 -21.05
CA MET C 387 -4.83 -16.55 -20.36
C MET C 387 -5.14 -15.14 -20.84
N ASP C 388 -6.21 -14.98 -21.60
CA ASP C 388 -6.69 -13.68 -22.06
C ASP C 388 -7.77 -13.21 -21.10
N ILE C 389 -7.57 -12.03 -20.50
CA ILE C 389 -8.46 -11.52 -19.47
C ILE C 389 -9.10 -10.25 -19.99
N ASN C 390 -10.43 -10.24 -20.06
CA ASN C 390 -11.21 -9.03 -20.33
C ASN C 390 -11.80 -8.55 -19.01
N TYR C 391 -11.40 -7.36 -18.58
CA TYR C 391 -11.86 -6.82 -17.32
C TYR C 391 -12.29 -5.37 -17.49
N ARG C 392 -13.33 -4.99 -16.77
CA ARG C 392 -13.83 -3.63 -16.74
C ARG C 392 -13.92 -3.16 -15.29
N TYR C 393 -13.62 -1.88 -15.07
CA TYR C 393 -13.56 -1.36 -13.71
C TYR C 393 -13.93 0.12 -13.73
N THR C 394 -14.24 0.65 -12.55
CA THR C 394 -14.48 2.08 -12.39
C THR C 394 -13.13 2.79 -12.34
N MET C 395 -12.92 3.73 -13.25
CA MET C 395 -11.64 4.41 -13.32
C MET C 395 -11.53 5.43 -12.19
N PRO C 396 -10.46 5.40 -11.42
CA PRO C 396 -10.24 6.45 -10.43
C PRO C 396 -10.09 7.79 -11.11
N PRO C 397 -10.54 8.87 -10.47
CA PRO C 397 -10.51 10.19 -11.14
C PRO C 397 -9.11 10.70 -11.42
N VAL C 398 -8.11 10.27 -10.67
CA VAL C 398 -6.72 10.67 -10.89
C VAL C 398 -5.84 9.43 -10.82
N LYS C 399 -4.68 9.52 -11.46
CA LYS C 399 -3.74 8.41 -11.43
C LYS C 399 -3.27 8.14 -10.01
N ASP C 400 -3.25 6.87 -9.62
CA ASP C 400 -2.94 6.48 -8.27
C ASP C 400 -2.30 5.11 -8.28
N SER C 401 -2.20 4.48 -7.11
CA SER C 401 -1.64 3.15 -6.96
C SER C 401 -2.68 2.05 -7.06
N SER C 402 -3.92 2.40 -7.41
CA SER C 402 -4.97 1.39 -7.56
C SER C 402 -4.59 0.40 -8.66
N ARG C 403 -4.75 -0.89 -8.37
CA ARG C 403 -4.32 -1.92 -9.31
C ARG C 403 -5.12 -3.18 -9.05
N MET C 404 -5.07 -4.10 -10.02
CA MET C 404 -5.66 -5.41 -9.90
C MET C 404 -4.55 -6.44 -9.69
N ASP C 405 -4.76 -7.36 -8.75
CA ASP C 405 -3.80 -8.42 -8.46
C ASP C 405 -4.43 -9.76 -8.84
N ILE C 406 -3.72 -10.51 -9.69
CA ILE C 406 -4.13 -11.86 -10.06
C ILE C 406 -3.26 -12.85 -9.30
N SER C 407 -3.88 -13.78 -8.60
CA SER C 407 -3.17 -14.78 -7.82
C SER C 407 -3.77 -16.15 -8.08
N LEU C 408 -2.92 -17.17 -7.95
CA LEU C 408 -3.32 -18.56 -8.14
C LEU C 408 -2.90 -19.35 -6.93
N ASN C 409 -3.86 -19.96 -6.24
CA ASN C 409 -3.61 -20.76 -5.04
C ASN C 409 -2.88 -19.95 -3.98
N ASN C 410 -3.42 -18.76 -3.69
CA ASN C 410 -2.90 -17.87 -2.66
C ASN C 410 -1.44 -17.49 -2.90
N GLN C 411 -1.08 -17.34 -4.18
CA GLN C 411 0.27 -16.94 -4.57
C GLN C 411 0.18 -15.86 -5.64
N PHE C 412 0.78 -14.71 -5.38
CA PHE C 412 0.71 -13.59 -6.31
C PHE C 412 1.38 -13.93 -7.63
N LEU C 413 0.73 -13.55 -8.73
CA LEU C 413 1.27 -13.79 -10.07
C LEU C 413 1.62 -12.48 -10.78
N GLN C 414 0.66 -11.55 -10.90
CA GLN C 414 0.90 -10.33 -11.65
C GLN C 414 -0.02 -9.24 -11.12
N SER C 415 0.35 -8.00 -11.42
CA SER C 415 -0.42 -6.83 -11.03
C SER C 415 -0.59 -5.92 -12.25
N PHE C 416 -1.73 -5.26 -12.32
CA PHE C 416 -2.09 -4.39 -13.44
C PHE C 416 -2.64 -3.09 -12.91
N ASN C 417 -1.99 -1.98 -13.23
CA ASN C 417 -2.41 -0.68 -12.74
C ASN C 417 -3.64 -0.19 -13.49
N LEU C 418 -4.60 0.35 -12.74
CA LEU C 418 -5.87 0.81 -13.31
C LEU C 418 -5.82 2.29 -13.68
N SER C 419 -4.82 2.68 -14.46
CA SER C 419 -4.70 4.06 -14.92
C SER C 419 -4.38 4.21 -16.40
N SER C 420 -4.00 3.13 -17.08
CA SER C 420 -3.66 3.22 -18.50
C SER C 420 -4.46 2.20 -19.31
N GLY C 440 -8.54 -3.32 -20.39
CA GLY C 440 -9.30 -4.05 -21.40
C GLY C 440 -8.85 -5.49 -21.58
N LYS C 441 -8.33 -5.79 -22.76
CA LYS C 441 -7.86 -7.14 -23.09
C LYS C 441 -6.38 -7.25 -22.76
N THR C 442 -6.05 -8.14 -21.82
CA THR C 442 -4.68 -8.36 -21.40
C THR C 442 -4.33 -9.83 -21.50
N ASP C 443 -3.13 -10.13 -21.98
CA ASP C 443 -2.64 -11.50 -22.09
C ASP C 443 -1.71 -11.78 -20.93
N VAL C 444 -2.01 -12.83 -20.17
CA VAL C 444 -1.26 -13.19 -18.98
C VAL C 444 -0.74 -14.61 -19.16
N SER C 445 0.55 -14.80 -18.90
CA SER C 445 1.19 -16.10 -18.97
C SER C 445 1.46 -16.57 -17.54
N ILE C 446 0.71 -17.58 -17.10
CA ILE C 446 0.91 -18.12 -15.75
C ILE C 446 2.28 -18.81 -15.69
N PRO C 447 3.07 -18.57 -14.65
CA PRO C 447 4.39 -19.23 -14.56
C PRO C 447 4.33 -20.76 -14.52
N ALA C 448 3.14 -21.33 -14.31
CA ALA C 448 2.92 -22.78 -14.35
C ALA C 448 3.72 -23.50 -13.25
N LEU C 449 3.85 -24.82 -13.39
CA LEU C 449 4.51 -25.67 -12.41
C LEU C 449 3.88 -25.60 -11.02
N LYS C 450 2.64 -25.09 -10.94
CA LYS C 450 1.96 -24.89 -9.67
C LYS C 450 0.49 -25.28 -9.75
N LEU C 451 0.16 -26.25 -10.58
CA LEU C 451 -1.23 -26.61 -10.86
C LEU C 451 -1.51 -28.01 -10.36
N GLY C 452 -2.62 -28.16 -9.63
CA GLY C 452 -3.05 -29.46 -9.14
C GLY C 452 -4.46 -29.80 -9.57
N ALA C 453 -5.09 -30.75 -8.88
CA ALA C 453 -6.46 -31.14 -9.22
C ALA C 453 -7.43 -30.00 -8.95
N THR C 454 -7.30 -29.34 -7.81
CA THR C 454 -8.17 -28.23 -7.44
C THR C 454 -7.34 -26.96 -7.34
N ASN C 455 -7.76 -25.93 -8.06
CA ASN C 455 -7.06 -24.66 -8.10
C ASN C 455 -8.05 -23.52 -7.96
N GLN C 456 -7.58 -22.41 -7.39
CA GLN C 456 -8.39 -21.21 -7.20
C GLN C 456 -7.70 -20.03 -7.87
N LEU C 457 -8.46 -19.26 -8.64
CA LEU C 457 -7.95 -18.09 -9.34
C LEU C 457 -8.63 -16.86 -8.77
N ARG C 458 -7.83 -15.99 -8.14
CA ARG C 458 -8.35 -14.82 -7.45
C ARG C 458 -8.01 -13.55 -8.20
N PHE C 459 -8.94 -12.60 -8.21
CA PHE C 459 -8.75 -11.30 -8.83
C PHE C 459 -9.00 -10.24 -7.76
N ASP C 460 -7.93 -9.76 -7.13
CA ASP C 460 -8.03 -8.76 -6.07
C ASP C 460 -7.96 -7.36 -6.67
N PHE C 461 -8.94 -6.54 -6.35
CA PHE C 461 -9.01 -5.16 -6.84
C PHE C 461 -8.74 -4.23 -5.67
N GLU C 462 -7.48 -3.81 -5.54
CA GLU C 462 -7.08 -2.91 -4.47
C GLU C 462 -7.21 -1.47 -4.95
N TYR C 463 -8.07 -0.71 -4.30
CA TYR C 463 -8.41 0.64 -4.72
C TYR C 463 -7.82 1.65 -3.74
N MET C 464 -6.99 2.55 -4.25
CA MET C 464 -6.66 3.77 -3.52
C MET C 464 -7.78 4.77 -3.77
N ASN C 465 -8.40 5.26 -2.70
CA ASN C 465 -9.57 6.14 -2.81
C ASN C 465 -9.19 7.53 -2.35
N PRO C 466 -8.72 8.41 -3.24
CA PRO C 466 -8.38 9.77 -2.82
C PRO C 466 -9.61 10.54 -2.39
N MET C 467 -9.69 10.84 -1.09
CA MET C 467 -10.83 11.55 -0.54
C MET C 467 -10.41 12.93 -0.08
N PRO C 468 -11.13 13.98 -0.47
CA PRO C 468 -10.73 15.33 -0.10
C PRO C 468 -10.87 15.56 1.40
N GLY C 469 -10.03 16.46 1.92
CA GLY C 469 -10.07 16.79 3.33
C GLY C 469 -10.05 18.29 3.57
N GLY C 470 -9.87 19.07 2.51
CA GLY C 470 -9.81 20.51 2.66
C GLY C 470 -8.57 20.92 3.43
N SER C 471 -8.78 21.72 4.48
CA SER C 471 -7.70 22.22 5.32
C SER C 471 -8.09 22.05 6.78
N VAL C 472 -7.18 22.44 7.68
CA VAL C 472 -7.44 22.34 9.11
C VAL C 472 -8.46 23.37 9.58
N ASP C 473 -8.68 24.43 8.81
CA ASP C 473 -9.67 25.43 9.14
C ASP C 473 -10.97 25.28 8.35
N ASN C 474 -10.99 24.42 7.34
CA ASN C 474 -12.19 24.18 6.54
C ASN C 474 -12.12 22.75 6.02
N CYS C 475 -12.80 21.85 6.70
CA CYS C 475 -12.85 20.45 6.29
C CYS C 475 -13.97 20.23 5.28
N ILE C 476 -14.00 19.02 4.72
CA ILE C 476 -14.98 18.65 3.69
C ILE C 476 -15.74 17.42 4.17
N THR C 477 -17.06 17.48 4.10
CA THR C 477 -17.93 16.35 4.41
C THR C 477 -18.47 15.78 3.11
N PHE C 478 -18.31 14.47 2.93
CA PHE C 478 -18.59 13.83 1.66
C PHE C 478 -19.14 12.42 1.91
N GLN C 479 -19.80 11.90 0.88
CA GLN C 479 -20.28 10.52 0.88
C GLN C 479 -19.41 9.69 -0.06
N PRO C 480 -18.77 8.63 0.41
CA PRO C 480 -17.93 7.83 -0.48
C PRO C 480 -18.75 7.17 -1.58
N VAL C 481 -18.11 6.99 -2.74
CA VAL C 481 -18.75 6.44 -3.93
C VAL C 481 -18.21 5.05 -4.16
N GLN C 482 -19.11 4.08 -4.31
CA GLN C 482 -18.71 2.69 -4.50
C GLN C 482 -18.08 2.48 -5.87
N ASN C 483 -17.34 1.39 -6.00
CA ASN C 483 -16.66 1.03 -7.22
C ASN C 483 -17.24 -0.27 -7.77
N HIS C 484 -17.11 -0.47 -9.08
CA HIS C 484 -17.60 -1.66 -9.75
C HIS C 484 -16.46 -2.29 -10.54
N VAL C 485 -16.27 -3.60 -10.38
CA VAL C 485 -15.26 -4.34 -11.10
C VAL C 485 -15.91 -5.59 -11.69
N VAL C 486 -15.62 -5.87 -12.95
CA VAL C 486 -16.22 -7.01 -13.66
C VAL C 486 -15.13 -7.71 -14.45
N ILE C 487 -15.08 -9.03 -14.34
CA ILE C 487 -14.25 -9.87 -15.19
C ILE C 487 -15.12 -10.42 -16.31
N GLY C 488 -14.74 -10.14 -17.55
CA GLY C 488 -15.59 -10.50 -18.67
C GLY C 488 -15.74 -12.00 -18.83
N ASP C 489 -16.92 -12.40 -19.30
CA ASP C 489 -17.18 -13.81 -19.56
C ASP C 489 -16.42 -14.31 -20.78
N ASP C 490 -16.10 -13.42 -21.71
CA ASP C 490 -15.36 -13.79 -22.90
C ASP C 490 -13.89 -14.09 -22.59
N SER C 491 -13.43 -13.79 -21.38
CA SER C 491 -12.05 -14.10 -21.00
C SER C 491 -11.85 -15.62 -21.02
N THR C 492 -10.70 -16.03 -21.55
CA THR C 492 -10.43 -17.44 -21.78
C THR C 492 -9.14 -17.87 -21.10
N ILE C 493 -9.06 -19.16 -20.81
CA ILE C 493 -7.84 -19.80 -20.32
C ILE C 493 -7.62 -21.05 -21.15
N ASP C 494 -6.37 -21.27 -21.57
CA ASP C 494 -6.03 -22.33 -22.50
C ASP C 494 -5.23 -23.42 -21.79
N PHE C 495 -5.68 -24.66 -21.90
CA PHE C 495 -4.97 -25.81 -21.37
C PHE C 495 -4.61 -26.82 -22.44
N SER C 496 -4.73 -26.45 -23.72
CA SER C 496 -4.35 -27.36 -24.80
C SER C 496 -2.84 -27.51 -24.92
N LYS C 497 -2.07 -26.60 -24.32
CA LYS C 497 -0.61 -26.72 -24.26
C LYS C 497 -0.17 -27.55 -23.06
N TYR C 498 -0.74 -28.75 -22.91
CA TYR C 498 -0.42 -29.64 -21.81
C TYR C 498 -0.47 -31.07 -22.31
N TYR C 499 0.29 -31.93 -21.64
CA TYR C 499 0.35 -33.34 -22.00
C TYR C 499 -0.07 -34.19 -20.80
N HIS C 500 -0.64 -35.36 -21.11
CA HIS C 500 -1.17 -36.26 -20.08
C HIS C 500 -0.06 -37.22 -19.66
N PHE C 501 0.80 -36.74 -18.78
CA PHE C 501 1.92 -37.50 -18.26
C PHE C 501 1.98 -37.33 -16.75
N ILE C 502 2.10 -38.43 -16.03
CA ILE C 502 2.09 -38.36 -14.56
C ILE C 502 3.00 -39.43 -13.98
N PRO C 503 3.89 -39.08 -13.04
CA PRO C 503 4.66 -40.10 -12.32
C PRO C 503 3.77 -40.83 -11.32
N MET C 504 3.59 -42.12 -11.53
CA MET C 504 2.72 -42.95 -10.72
C MET C 504 3.53 -43.91 -9.87
N PRO C 505 2.98 -44.38 -8.73
CA PRO C 505 1.64 -44.10 -8.18
C PRO C 505 1.56 -42.74 -7.50
N ASP C 506 0.36 -42.14 -7.51
CA ASP C 506 0.13 -40.83 -6.91
C ASP C 506 -1.16 -40.91 -6.08
N LEU C 507 -0.99 -41.23 -4.80
CA LEU C 507 -2.15 -41.28 -3.90
C LEU C 507 -2.76 -39.91 -3.71
N ARG C 508 -1.98 -38.84 -3.86
CA ARG C 508 -2.57 -37.51 -3.86
C ARG C 508 -3.50 -37.32 -5.04
N ALA C 509 -3.07 -37.74 -6.23
CA ALA C 509 -3.94 -37.68 -7.40
C ALA C 509 -5.18 -38.54 -7.20
N PHE C 510 -5.02 -39.71 -6.58
CA PHE C 510 -6.18 -40.54 -6.27
C PHE C 510 -7.15 -39.80 -5.37
N ALA C 511 -6.71 -39.43 -4.16
CA ALA C 511 -7.60 -38.81 -3.18
C ALA C 511 -8.15 -37.47 -3.67
N ASN C 512 -7.54 -36.86 -4.68
CA ASN C 512 -8.04 -35.59 -5.18
C ASN C 512 -8.97 -35.72 -6.38
N ALA C 513 -8.78 -36.70 -7.27
CA ALA C 513 -9.61 -36.76 -8.47
C ALA C 513 -10.00 -38.15 -8.93
N GLY C 514 -9.65 -39.22 -8.21
CA GLY C 514 -9.90 -40.57 -8.68
C GLY C 514 -9.19 -40.92 -9.98
N PHE C 515 -8.01 -40.34 -10.22
CA PHE C 515 -7.38 -40.29 -11.55
C PHE C 515 -7.33 -41.63 -12.27
N PRO C 516 -6.72 -42.68 -11.72
CA PRO C 516 -6.59 -43.93 -12.49
C PRO C 516 -7.93 -44.53 -12.86
N PHE C 517 -8.98 -44.24 -12.10
CA PHE C 517 -10.32 -44.70 -12.42
C PHE C 517 -11.19 -43.62 -13.03
N SER C 518 -10.90 -42.35 -12.77
CA SER C 518 -11.68 -41.24 -13.31
C SER C 518 -11.17 -40.75 -14.65
N ARG C 519 -10.14 -41.38 -15.21
CA ARG C 519 -9.75 -41.07 -16.58
C ARG C 519 -10.93 -41.25 -17.52
N MET C 520 -11.74 -42.27 -17.28
CA MET C 520 -13.05 -42.43 -17.90
C MET C 520 -14.10 -42.14 -16.83
N ALA C 521 -14.96 -41.16 -17.10
CA ALA C 521 -15.89 -40.69 -16.07
C ALA C 521 -16.88 -41.77 -15.66
N ASP C 522 -17.20 -42.70 -16.56
CA ASP C 522 -18.14 -43.76 -16.28
C ASP C 522 -17.49 -45.00 -15.68
N LEU C 523 -16.18 -44.94 -15.41
CA LEU C 523 -15.43 -46.07 -14.84
C LEU C 523 -15.55 -47.30 -15.72
N SER C 524 -15.51 -47.10 -17.04
CA SER C 524 -15.62 -48.20 -17.99
C SER C 524 -14.32 -48.98 -18.13
N GLN C 525 -13.19 -48.44 -17.67
CA GLN C 525 -11.91 -49.12 -17.70
C GLN C 525 -11.42 -49.41 -16.29
N THR C 526 -12.35 -49.73 -15.38
CA THR C 526 -12.04 -49.98 -13.98
C THR C 526 -12.69 -51.29 -13.57
N ILE C 527 -11.92 -52.15 -12.91
CA ILE C 527 -12.43 -53.41 -12.36
C ILE C 527 -12.19 -53.39 -10.86
N THR C 528 -13.25 -53.62 -10.09
CA THR C 528 -13.19 -53.60 -8.64
C THR C 528 -13.26 -55.03 -8.12
N VAL C 529 -12.29 -55.39 -7.28
CA VAL C 529 -12.22 -56.72 -6.68
C VAL C 529 -12.72 -56.63 -5.25
N MET C 530 -13.67 -57.48 -4.90
CA MET C 530 -14.35 -57.47 -3.61
C MET C 530 -14.33 -58.86 -3.01
N PRO C 531 -14.48 -58.96 -1.69
CA PRO C 531 -14.53 -60.29 -1.06
C PRO C 531 -15.74 -61.09 -1.51
N LYS C 532 -15.66 -62.41 -1.30
CA LYS C 532 -16.71 -63.31 -1.78
C LYS C 532 -18.04 -63.00 -1.13
N ALA C 533 -18.05 -62.78 0.18
CA ALA C 533 -19.26 -62.46 0.94
C ALA C 533 -18.98 -61.20 1.73
N PRO C 534 -19.01 -60.03 1.09
CA PRO C 534 -18.62 -58.80 1.77
C PRO C 534 -19.52 -58.48 2.95
N ASN C 535 -18.93 -57.93 3.99
CA ASN C 535 -19.68 -57.53 5.17
C ASN C 535 -20.05 -56.05 5.06
N GLU C 536 -20.66 -55.53 6.12
CA GLU C 536 -21.14 -54.15 6.09
C GLU C 536 -19.98 -53.17 5.93
N ALA C 537 -18.86 -53.41 6.61
CA ALA C 537 -17.73 -52.51 6.52
C ALA C 537 -17.15 -52.47 5.11
N GLN C 538 -16.98 -53.63 4.48
CA GLN C 538 -16.43 -53.66 3.13
C GLN C 538 -17.39 -53.06 2.11
N MET C 539 -18.69 -53.32 2.27
CA MET C 539 -19.68 -52.70 1.40
C MET C 539 -19.66 -51.18 1.55
N GLU C 540 -19.55 -50.69 2.80
CA GLU C 540 -19.45 -49.26 3.02
C GLU C 540 -18.20 -48.69 2.38
N THR C 541 -17.08 -49.42 2.45
CA THR C 541 -15.85 -48.94 1.83
C THR C 541 -16.02 -48.80 0.33
N LEU C 542 -16.58 -49.83 -0.31
CA LEU C 542 -16.79 -49.76 -1.77
C LEU C 542 -17.72 -48.62 -2.13
N LEU C 543 -18.85 -48.50 -1.43
CA LEU C 543 -19.82 -47.47 -1.75
C LEU C 543 -19.23 -46.07 -1.54
N ASN C 544 -18.48 -45.87 -0.45
CA ASN C 544 -17.90 -44.56 -0.19
C ASN C 544 -16.82 -44.20 -1.20
N THR C 545 -15.99 -45.18 -1.59
CA THR C 545 -14.97 -44.90 -2.59
C THR C 545 -15.60 -44.52 -3.93
N VAL C 546 -16.58 -45.32 -4.38
CA VAL C 546 -17.24 -45.01 -5.65
C VAL C 546 -17.98 -43.69 -5.55
N GLY C 547 -18.57 -43.39 -4.40
CA GLY C 547 -19.29 -42.14 -4.24
C GLY C 547 -18.40 -40.92 -4.29
N PHE C 548 -17.24 -40.97 -3.64
CA PHE C 548 -16.37 -39.80 -3.68
C PHE C 548 -15.71 -39.67 -5.05
N ILE C 549 -15.44 -40.78 -5.74
CA ILE C 549 -14.97 -40.68 -7.11
C ILE C 549 -16.02 -40.03 -8.00
N GLY C 550 -17.29 -40.43 -7.83
CA GLY C 550 -18.36 -39.80 -8.59
C GLY C 550 -18.54 -38.34 -8.24
N ALA C 551 -18.32 -37.98 -6.98
CA ALA C 551 -18.38 -36.58 -6.58
C ALA C 551 -17.29 -35.77 -7.28
N GLN C 552 -16.08 -36.32 -7.37
CA GLN C 552 -15.01 -35.61 -8.07
C GLN C 552 -15.28 -35.50 -9.57
N THR C 553 -15.79 -36.57 -10.18
CA THR C 553 -15.97 -36.56 -11.63
C THR C 553 -17.17 -35.72 -12.05
N GLY C 554 -18.27 -35.81 -11.32
CA GLY C 554 -19.52 -35.24 -11.75
C GLY C 554 -20.39 -36.17 -12.57
N PHE C 555 -19.97 -37.43 -12.76
CA PHE C 555 -20.68 -38.40 -13.56
C PHE C 555 -20.74 -39.72 -12.82
N PRO C 556 -21.86 -40.44 -12.90
CA PRO C 556 -21.97 -41.74 -12.24
C PRO C 556 -21.12 -42.81 -12.94
N ALA C 557 -20.75 -43.82 -12.16
CA ALA C 557 -19.97 -44.94 -12.67
C ALA C 557 -20.91 -46.03 -13.19
N ILE C 558 -21.50 -45.73 -14.35
CA ILE C 558 -22.51 -46.63 -14.92
C ILE C 558 -21.87 -47.92 -15.43
N ASN C 559 -20.68 -47.82 -16.03
CA ASN C 559 -20.04 -48.97 -16.66
C ASN C 559 -18.93 -49.57 -15.78
N LEU C 560 -19.09 -49.50 -14.47
CA LEU C 560 -18.11 -50.07 -13.56
C LEU C 560 -18.26 -51.58 -13.48
N THR C 561 -17.13 -52.28 -13.44
CA THR C 561 -17.09 -53.73 -13.35
C THR C 561 -16.67 -54.13 -11.94
N VAL C 562 -17.42 -55.04 -11.33
CA VAL C 562 -17.15 -55.55 -9.99
C VAL C 562 -17.02 -57.05 -10.06
N THR C 563 -15.92 -57.59 -9.54
CA THR C 563 -15.67 -59.02 -9.50
C THR C 563 -15.35 -59.44 -8.08
N ASP C 564 -15.77 -60.66 -7.73
CA ASP C 564 -15.51 -61.23 -6.42
C ASP C 564 -14.34 -62.20 -6.41
N ASP C 565 -13.72 -62.45 -7.55
CA ASP C 565 -12.56 -63.32 -7.66
C ASP C 565 -11.50 -62.67 -8.53
N GLY C 566 -10.24 -62.78 -8.10
CA GLY C 566 -9.14 -62.13 -8.80
C GLY C 566 -8.66 -62.84 -10.04
N SER C 567 -9.19 -64.03 -10.33
CA SER C 567 -8.76 -64.76 -11.51
C SER C 567 -9.30 -64.13 -12.80
N THR C 568 -10.30 -63.27 -12.71
CA THR C 568 -10.93 -62.68 -13.88
C THR C 568 -10.29 -61.36 -14.30
N ILE C 569 -9.22 -60.93 -13.63
CA ILE C 569 -8.57 -59.67 -13.97
C ILE C 569 -7.27 -59.86 -14.74
N GLN C 570 -6.94 -61.10 -15.10
CA GLN C 570 -5.71 -61.36 -15.84
C GLN C 570 -5.86 -60.92 -17.30
N GLY C 571 -4.87 -60.17 -17.79
CA GLY C 571 -4.84 -59.80 -19.18
C GLY C 571 -5.85 -58.75 -19.59
N LYS C 572 -6.51 -58.09 -18.64
CA LYS C 572 -7.50 -57.07 -18.94
C LYS C 572 -6.87 -55.70 -18.86
N ASP C 573 -7.12 -54.87 -19.88
CA ASP C 573 -6.59 -53.52 -19.92
C ASP C 573 -7.52 -52.60 -19.12
N ALA C 574 -7.40 -52.70 -17.80
CA ALA C 574 -8.22 -51.90 -16.89
C ALA C 574 -7.47 -51.68 -15.59
N ASP C 575 -7.86 -50.62 -14.89
CA ASP C 575 -7.31 -50.35 -13.57
C ASP C 575 -8.06 -51.15 -12.51
N ILE C 576 -7.33 -51.62 -11.51
CA ILE C 576 -7.87 -52.52 -10.50
C ILE C 576 -8.01 -51.76 -9.19
N MET C 577 -9.21 -51.79 -8.61
CA MET C 577 -9.48 -51.26 -7.29
C MET C 577 -9.77 -52.45 -6.37
N ILE C 578 -8.97 -52.62 -5.34
CA ILE C 578 -9.08 -53.75 -4.42
C ILE C 578 -9.59 -53.23 -3.09
N ILE C 579 -10.71 -53.78 -2.63
CA ILE C 579 -11.34 -53.40 -1.38
C ILE C 579 -11.24 -54.60 -0.45
N GLY C 580 -10.28 -54.56 0.48
CA GLY C 580 -10.12 -55.62 1.45
C GLY C 580 -9.36 -56.79 0.89
N GLY C 581 -8.32 -57.23 1.59
CA GLY C 581 -7.51 -58.34 1.13
C GLY C 581 -6.78 -58.05 -0.17
N ILE C 582 -5.96 -58.99 -0.61
CA ILE C 582 -5.27 -58.89 -1.90
C ILE C 582 -5.27 -60.27 -2.54
N PRO C 583 -5.53 -60.39 -3.84
CA PRO C 583 -5.50 -61.71 -4.48
C PRO C 583 -4.13 -62.37 -4.34
N ASP C 584 -4.14 -63.71 -4.34
CA ASP C 584 -2.91 -64.46 -4.12
C ASP C 584 -1.88 -64.17 -5.20
N LYS C 585 -2.32 -64.08 -6.46
CA LYS C 585 -1.38 -63.79 -7.54
C LYS C 585 -0.78 -62.39 -7.39
N LEU C 586 -1.59 -61.41 -7.00
CA LEU C 586 -1.12 -60.05 -6.85
C LEU C 586 -0.24 -59.87 -5.61
N LYS C 587 -0.39 -60.72 -4.60
CA LYS C 587 0.41 -60.59 -3.38
C LYS C 587 1.88 -60.84 -3.65
N ASP C 588 2.19 -61.78 -4.55
CA ASP C 588 3.57 -62.16 -4.82
C ASP C 588 4.36 -61.07 -5.54
N ASP C 589 3.70 -60.03 -6.04
CA ASP C 589 4.41 -58.97 -6.74
C ASP C 589 5.33 -58.21 -5.79
N LYS C 590 6.53 -57.91 -6.28
CA LYS C 590 7.54 -57.22 -5.48
C LYS C 590 7.28 -55.72 -5.37
N GLN C 591 6.38 -55.17 -6.19
CA GLN C 591 6.10 -53.74 -6.15
C GLN C 591 5.28 -53.32 -4.93
N ILE C 592 4.68 -54.27 -4.21
CA ILE C 592 3.92 -53.93 -3.02
C ILE C 592 4.89 -53.47 -1.93
N ASP C 593 4.59 -52.33 -1.33
CA ASP C 593 5.45 -51.74 -0.31
C ASP C 593 4.89 -51.84 1.10
N LEU C 594 3.64 -52.25 1.27
CA LEU C 594 3.07 -52.46 2.59
C LEU C 594 1.94 -53.47 2.50
N LEU C 595 1.95 -54.44 3.41
CA LEU C 595 0.90 -55.43 3.53
C LEU C 595 0.29 -55.33 4.92
N VAL C 596 -1.00 -55.00 4.99
CA VAL C 596 -1.66 -54.83 6.28
C VAL C 596 -1.84 -56.18 6.97
N GLN C 597 -2.28 -57.20 6.22
CA GLN C 597 -2.60 -58.52 6.77
C GLN C 597 -3.51 -58.42 7.98
N ALA C 598 -3.29 -59.28 8.98
CA ALA C 598 -4.11 -59.25 10.19
C ALA C 598 -3.47 -58.42 11.29
N THR C 599 -2.27 -58.81 11.73
CA THR C 599 -1.53 -58.05 12.73
C THR C 599 -0.15 -57.73 12.19
N GLU C 600 0.39 -58.64 11.38
CA GLU C 600 1.71 -58.46 10.79
C GLU C 600 1.68 -57.34 9.77
N SER C 601 2.56 -56.35 9.95
CA SER C 601 2.64 -55.22 9.04
C SER C 601 4.10 -54.89 8.74
N TRP C 602 4.42 -54.74 7.46
CA TRP C 602 5.77 -54.36 7.04
C TRP C 602 5.67 -53.25 6.01
N VAL C 603 6.58 -52.28 6.11
CA VAL C 603 6.60 -51.14 5.20
C VAL C 603 8.05 -50.90 4.76
N LYS C 604 8.19 -50.19 3.64
CA LYS C 604 9.49 -49.81 3.11
C LYS C 604 9.63 -48.30 3.15
N THR C 605 10.80 -47.83 3.58
CA THR C 605 11.02 -46.40 3.68
C THR C 605 11.81 -45.88 2.49
N PRO C 606 11.51 -44.67 2.03
CA PRO C 606 12.24 -44.11 0.89
C PRO C 606 13.62 -43.61 1.28
N MET C 607 14.45 -43.38 0.24
CA MET C 607 15.79 -42.86 0.46
C MET C 607 15.74 -41.44 1.04
N ARG C 608 14.96 -40.57 0.43
CA ARG C 608 14.81 -39.19 0.89
C ARG C 608 13.34 -38.80 0.80
N GLN C 609 12.85 -38.12 1.84
CA GLN C 609 11.48 -37.63 1.89
C GLN C 609 11.52 -36.12 2.13
N THR C 610 11.62 -35.36 1.05
CA THR C 610 11.59 -33.92 1.15
C THR C 610 10.18 -33.46 1.50
N PRO C 611 10.03 -32.48 2.40
CA PRO C 611 8.68 -32.00 2.74
C PRO C 611 7.92 -31.44 1.54
N PHE C 612 8.61 -30.78 0.62
CA PHE C 612 8.01 -30.24 -0.60
C PHE C 612 8.85 -30.71 -1.78
N PRO C 613 8.41 -31.75 -2.48
CA PRO C 613 9.20 -32.29 -3.59
C PRO C 613 9.36 -31.28 -4.72
N GLY C 614 10.49 -31.37 -5.40
CA GLY C 614 10.78 -30.44 -6.47
C GLY C 614 9.89 -30.66 -7.69
N ILE C 615 9.92 -29.68 -8.58
CA ILE C 615 9.12 -29.76 -9.79
C ILE C 615 9.58 -30.91 -10.68
N VAL C 616 10.87 -31.20 -10.69
CA VAL C 616 11.42 -32.34 -11.42
C VAL C 616 11.45 -33.53 -10.47
N PRO C 617 10.87 -34.68 -10.84
CA PRO C 617 10.89 -35.84 -9.96
C PRO C 617 12.31 -36.36 -9.75
N ASP C 618 12.53 -36.93 -8.56
CA ASP C 618 13.83 -37.47 -8.16
C ASP C 618 13.70 -38.99 -8.07
N GLU C 619 14.37 -39.69 -8.97
CA GLU C 619 14.27 -41.15 -9.01
C GLU C 619 14.99 -41.80 -7.84
N SER C 620 16.18 -41.28 -7.50
CA SER C 620 16.98 -41.91 -6.46
C SER C 620 16.35 -41.73 -5.07
N ASP C 621 15.65 -40.61 -4.85
CA ASP C 621 15.12 -40.33 -3.52
C ASP C 621 14.02 -41.30 -3.11
N ARG C 622 13.37 -41.94 -4.07
CA ARG C 622 12.24 -42.83 -3.80
C ARG C 622 12.64 -44.29 -3.67
N ALA C 623 13.92 -44.60 -3.70
CA ALA C 623 14.37 -45.98 -3.57
C ALA C 623 14.11 -46.50 -2.16
N ALA C 624 13.81 -47.79 -2.07
CA ALA C 624 13.48 -48.41 -0.79
C ALA C 624 14.73 -48.52 0.07
N GLU C 625 14.78 -47.73 1.15
CA GLU C 625 15.92 -47.78 2.05
C GLU C 625 15.98 -49.09 2.83
N THR C 626 14.91 -49.40 3.55
CA THR C 626 14.89 -50.56 4.44
C THR C 626 13.50 -51.17 4.43
N ARG C 627 13.43 -52.42 4.87
CA ARG C 627 12.17 -53.14 5.02
C ARG C 627 12.01 -53.51 6.49
N SER C 628 11.07 -52.86 7.17
CA SER C 628 10.82 -53.06 8.58
C SER C 628 9.45 -53.69 8.77
N THR C 629 9.41 -54.82 9.48
CA THR C 629 8.17 -55.55 9.72
C THR C 629 7.83 -55.50 11.21
N LEU C 630 6.58 -55.20 11.52
CA LEU C 630 6.12 -55.07 12.89
C LEU C 630 4.79 -55.78 13.06
N THR C 631 4.52 -56.23 14.30
CA THR C 631 3.27 -56.88 14.64
C THR C 631 2.69 -56.22 15.90
N SER C 632 1.42 -55.86 15.84
CA SER C 632 0.75 -55.22 16.97
C SER C 632 -0.74 -55.49 16.87
N SER C 633 -1.43 -55.30 17.99
CA SER C 633 -2.87 -55.50 18.07
C SER C 633 -3.66 -54.22 17.84
N GLY C 634 -2.99 -53.10 17.58
CA GLY C 634 -3.69 -51.86 17.31
C GLY C 634 -4.32 -51.84 15.93
N ALA C 635 -5.33 -50.99 15.79
CA ALA C 635 -6.05 -50.87 14.53
C ALA C 635 -5.22 -50.09 13.52
N MET C 636 -5.28 -50.52 12.26
CA MET C 636 -4.53 -49.88 11.19
C MET C 636 -5.25 -50.10 9.87
N ALA C 637 -5.20 -49.08 9.01
CA ALA C 637 -5.70 -49.17 7.65
C ALA C 637 -4.69 -48.51 6.72
N ALA C 638 -4.69 -48.94 5.46
CA ALA C 638 -3.72 -48.44 4.51
C ALA C 638 -4.32 -48.36 3.11
N VAL C 639 -3.88 -47.36 2.36
CA VAL C 639 -4.15 -47.25 0.92
C VAL C 639 -2.82 -47.37 0.21
N ILE C 640 -2.70 -48.33 -0.71
CA ILE C 640 -1.47 -48.56 -1.43
C ILE C 640 -1.74 -48.53 -2.92
N GLY C 641 -0.75 -48.09 -3.67
CA GLY C 641 -0.85 -48.07 -5.12
C GLY C 641 0.42 -48.59 -5.76
N PHE C 642 0.25 -49.40 -6.80
CA PHE C 642 1.38 -49.99 -7.50
C PHE C 642 0.96 -50.32 -8.92
N GLN C 643 1.97 -50.56 -9.76
CA GLN C 643 1.73 -50.83 -11.17
C GLN C 643 1.04 -52.17 -11.37
N SER C 644 0.15 -52.23 -12.35
CA SER C 644 -0.54 -53.47 -12.65
C SER C 644 0.41 -54.45 -13.33
N PRO C 645 0.51 -55.69 -12.83
CA PRO C 645 1.40 -56.67 -13.47
C PRO C 645 0.97 -57.05 -14.88
N TYR C 646 -0.30 -56.83 -15.24
CA TYR C 646 -0.82 -57.28 -16.52
C TYR C 646 -0.74 -56.23 -17.62
N ASN C 647 -0.59 -54.95 -17.27
CA ASN C 647 -0.45 -53.90 -18.27
C ASN C 647 0.43 -52.80 -17.69
N ASP C 648 1.39 -52.34 -18.50
CA ASP C 648 2.36 -51.35 -18.01
C ASP C 648 1.76 -49.96 -17.87
N GLN C 649 0.62 -49.70 -18.49
CA GLN C 649 -0.03 -48.40 -18.42
C GLN C 649 -1.18 -48.36 -17.44
N ARG C 650 -1.40 -49.44 -16.68
CA ARG C 650 -2.49 -49.53 -15.73
C ARG C 650 -1.96 -49.53 -14.31
N SER C 651 -2.85 -49.24 -13.36
CA SER C 651 -2.49 -49.10 -11.96
C SER C 651 -3.46 -49.89 -11.09
N VAL C 652 -2.97 -50.28 -9.92
CA VAL C 652 -3.78 -50.98 -8.92
C VAL C 652 -3.73 -50.18 -7.63
N ILE C 653 -4.90 -49.84 -7.10
CA ILE C 653 -5.03 -49.14 -5.83
C ILE C 653 -5.82 -50.02 -4.89
N ALA C 654 -5.25 -50.32 -3.72
CA ALA C 654 -5.85 -51.21 -2.75
C ALA C 654 -6.16 -50.45 -1.47
N LEU C 655 -7.34 -50.69 -0.93
CA LEU C 655 -7.79 -50.09 0.33
C LEU C 655 -7.94 -51.22 1.34
N LEU C 656 -6.94 -51.38 2.20
CA LEU C 656 -6.87 -52.50 3.12
C LEU C 656 -7.20 -52.08 4.55
N ALA C 657 -7.68 -53.04 5.34
CA ALA C 657 -7.96 -52.85 6.74
C ALA C 657 -7.88 -54.20 7.44
N ASP C 658 -7.45 -54.19 8.70
CA ASP C 658 -7.18 -55.42 9.43
C ASP C 658 -8.23 -55.75 10.49
N SER C 659 -9.16 -54.85 10.77
CA SER C 659 -10.12 -55.04 11.85
C SER C 659 -11.34 -54.19 11.56
N PRO C 660 -12.44 -54.40 12.29
CA PRO C 660 -13.58 -53.46 12.16
C PRO C 660 -13.20 -52.03 12.46
N ARG C 661 -12.35 -51.79 13.46
CA ARG C 661 -11.91 -50.43 13.75
C ARG C 661 -11.05 -49.89 12.61
N GLY C 662 -10.22 -50.75 12.00
CA GLY C 662 -9.46 -50.33 10.84
C GLY C 662 -10.36 -49.95 9.67
N TYR C 663 -11.42 -50.72 9.45
CA TYR C 663 -12.39 -50.38 8.41
C TYR C 663 -13.09 -49.06 8.71
N GLU C 664 -13.44 -48.84 9.98
CA GLU C 664 -14.04 -47.56 10.35
C GLU C 664 -13.10 -46.40 10.09
N MET C 665 -11.81 -46.56 10.44
CA MET C 665 -10.84 -45.50 10.19
C MET C 665 -10.65 -45.25 8.70
N LEU C 666 -10.60 -46.33 7.91
CA LEU C 666 -10.47 -46.18 6.46
C LEU C 666 -11.68 -45.47 5.87
N ASN C 667 -12.88 -45.82 6.32
CA ASN C 667 -14.08 -45.17 5.83
C ASN C 667 -14.10 -43.70 6.20
N ASP C 668 -13.69 -43.37 7.43
CA ASP C 668 -13.63 -41.98 7.84
C ASP C 668 -12.62 -41.20 7.00
N ALA C 669 -11.46 -41.80 6.73
CA ALA C 669 -10.45 -41.13 5.92
C ALA C 669 -10.94 -40.90 4.49
N VAL C 670 -11.63 -41.90 3.93
CA VAL C 670 -12.19 -41.74 2.58
C VAL C 670 -13.24 -40.65 2.56
N ASN C 671 -14.13 -40.64 3.57
CA ASN C 671 -15.24 -39.69 3.57
C ASN C 671 -14.76 -38.26 3.79
N ASP C 672 -13.79 -38.06 4.70
CA ASP C 672 -13.36 -36.71 5.04
C ASP C 672 -12.42 -36.18 3.96
N SER C 673 -12.82 -35.06 3.34
CA SER C 673 -12.00 -34.45 2.30
C SER C 673 -10.69 -33.93 2.88
N GLY C 674 -10.74 -33.38 4.10
CA GLY C 674 -9.52 -32.92 4.73
C GLY C 674 -8.52 -34.05 4.99
N LYS C 675 -9.02 -35.18 5.48
CA LYS C 675 -8.13 -36.33 5.68
C LYS C 675 -7.64 -36.89 4.35
N ARG C 676 -8.50 -36.87 3.33
CA ARG C 676 -8.10 -37.36 2.01
C ARG C 676 -6.98 -36.50 1.43
N ALA C 677 -7.07 -35.18 1.60
CA ALA C 677 -6.08 -34.26 1.04
C ALA C 677 -4.69 -34.44 1.64
N THR C 678 -4.56 -35.11 2.78
CA THR C 678 -3.26 -35.38 3.37
C THR C 678 -2.59 -36.62 2.79
N MET C 679 -3.29 -37.39 1.97
CA MET C 679 -2.69 -38.56 1.33
C MET C 679 -1.81 -38.15 0.17
N PHE C 680 -0.68 -38.84 0.03
CA PHE C 680 0.21 -38.64 -1.11
C PHE C 680 1.10 -39.86 -1.24
N GLY C 681 1.98 -39.83 -2.25
CA GLY C 681 2.96 -40.88 -2.40
C GLY C 681 2.36 -42.19 -2.88
N SER C 682 3.03 -43.29 -2.51
CA SER C 682 2.61 -44.63 -2.90
C SER C 682 1.91 -45.39 -1.79
N VAL C 683 2.19 -45.08 -0.54
CA VAL C 683 1.62 -45.77 0.61
C VAL C 683 1.15 -44.72 1.61
N ALA C 684 -0.09 -44.86 2.06
CA ALA C 684 -0.67 -43.99 3.08
C ALA C 684 -1.15 -44.86 4.23
N VAL C 685 -0.54 -44.70 5.40
CA VAL C 685 -0.89 -45.50 6.57
C VAL C 685 -1.86 -44.71 7.43
N ILE C 686 -3.01 -45.31 7.72
CA ILE C 686 -4.06 -44.67 8.50
C ILE C 686 -4.10 -45.34 9.87
N ARG C 687 -3.83 -44.56 10.92
CA ARG C 687 -3.89 -45.06 12.28
C ARG C 687 -4.78 -44.15 13.12
N GLU C 688 -4.81 -44.38 14.43
CA GLU C 688 -5.60 -43.52 15.32
C GLU C 688 -5.04 -42.11 15.40
N SER C 689 -3.79 -41.90 15.00
CA SER C 689 -3.18 -40.59 15.02
C SER C 689 -3.48 -39.78 13.76
N GLY C 690 -3.76 -40.44 12.64
CA GLY C 690 -3.99 -39.74 11.40
C GLY C 690 -3.48 -40.51 10.20
N ILE C 691 -3.05 -39.78 9.17
CA ILE C 691 -2.57 -40.38 7.93
C ILE C 691 -1.13 -39.95 7.71
N ASN C 692 -0.25 -40.93 7.47
CA ASN C 692 1.14 -40.67 7.15
C ASN C 692 1.46 -41.37 5.83
N SER C 693 2.10 -40.65 4.93
CA SER C 693 2.33 -41.14 3.57
C SER C 693 3.81 -41.29 3.30
N LEU C 694 4.13 -42.13 2.30
CA LEU C 694 5.50 -42.40 1.92
C LEU C 694 5.61 -42.44 0.40
N ARG C 695 6.63 -41.78 -0.15
CA ARG C 695 6.93 -41.84 -1.57
C ARG C 695 8.02 -42.88 -1.81
N VAL C 696 7.62 -44.15 -1.70
CA VAL C 696 8.55 -45.27 -1.76
C VAL C 696 8.14 -46.19 -2.91
N GLY C 697 9.12 -46.93 -3.42
CA GLY C 697 8.90 -47.90 -4.47
C GLY C 697 9.33 -47.37 -5.83
N ASP C 698 9.14 -48.23 -6.83
CA ASP C 698 9.48 -47.88 -8.20
C ASP C 698 8.45 -46.89 -8.76
N VAL C 699 8.89 -46.12 -9.75
CA VAL C 699 8.06 -45.10 -10.39
C VAL C 699 7.80 -45.54 -11.83
N TYR C 700 6.53 -45.64 -12.19
CA TYR C 700 6.11 -45.95 -13.55
C TYR C 700 5.28 -44.79 -14.07
N TYR C 701 5.57 -44.36 -15.30
CA TYR C 701 4.93 -43.20 -15.89
C TYR C 701 3.76 -43.64 -16.76
N VAL C 702 2.61 -43.00 -16.55
CA VAL C 702 1.39 -43.32 -17.28
C VAL C 702 1.07 -42.14 -18.19
N GLY C 703 0.91 -42.42 -19.49
CA GLY C 703 0.61 -41.42 -20.49
C GLY C 703 1.45 -41.61 -21.72
N HIS C 704 1.41 -40.61 -22.60
CA HIS C 704 2.15 -40.65 -23.87
C HIS C 704 2.77 -39.28 -24.11
N LEU C 705 4.03 -39.13 -23.72
CA LEU C 705 4.79 -37.92 -24.00
C LEU C 705 5.43 -38.08 -25.38
N PRO C 706 5.12 -37.22 -26.35
CA PRO C 706 5.71 -37.38 -27.69
C PRO C 706 7.23 -37.31 -27.65
N TRP C 707 7.86 -38.02 -28.58
CA TRP C 707 9.32 -38.11 -28.61
C TRP C 707 9.96 -36.74 -28.77
N PHE C 708 9.26 -35.80 -29.42
CA PHE C 708 9.73 -34.43 -29.61
C PHE C 708 10.31 -33.86 -28.32
N GLU C 709 9.55 -33.97 -27.23
CA GLU C 709 10.00 -33.47 -25.93
C GLU C 709 10.70 -34.53 -25.10
N ARG C 710 10.44 -35.82 -25.37
CA ARG C 710 11.13 -36.88 -24.65
C ARG C 710 12.63 -36.84 -24.90
N LEU C 711 13.05 -36.63 -26.15
CA LEU C 711 14.47 -36.46 -26.44
C LEU C 711 14.99 -35.13 -25.88
N TRP C 712 14.18 -34.09 -25.97
CA TRP C 712 14.54 -32.76 -25.47
C TRP C 712 14.93 -32.81 -23.99
N TYR C 713 14.05 -33.36 -23.16
CA TYR C 713 14.25 -33.44 -21.72
C TYR C 713 14.63 -32.09 -21.12
N ASN D 42 -75.01 -1.99 -5.81
CA ASN D 42 -75.21 -3.19 -5.00
C ASN D 42 -74.52 -4.40 -5.63
N GLY D 43 -73.34 -4.17 -6.18
CA GLY D 43 -72.59 -5.23 -6.83
C GLY D 43 -71.79 -6.04 -5.84
N PRO D 44 -71.11 -7.08 -6.34
CA PRO D 44 -70.26 -7.88 -5.45
C PRO D 44 -69.09 -7.08 -4.91
N SER D 45 -68.65 -7.46 -3.71
CA SER D 45 -67.51 -6.84 -3.05
C SER D 45 -66.35 -7.82 -2.98
N ARG D 46 -65.14 -7.33 -3.22
CA ARG D 46 -63.96 -8.16 -3.26
C ARG D 46 -62.90 -7.57 -2.35
N ASP D 47 -62.30 -8.41 -1.51
CA ASP D 47 -61.26 -8.00 -0.57
C ASP D 47 -59.90 -8.38 -1.13
N VAL D 48 -58.97 -7.43 -1.11
CA VAL D 48 -57.62 -7.65 -1.61
C VAL D 48 -56.62 -7.18 -0.56
N LYS D 49 -55.46 -7.82 -0.55
CA LYS D 49 -54.34 -7.41 0.31
C LYS D 49 -53.08 -7.36 -0.55
N LEU D 50 -52.55 -6.15 -0.73
CA LEU D 50 -51.38 -5.93 -1.59
C LEU D 50 -50.18 -5.66 -0.69
N THR D 51 -49.44 -6.72 -0.39
CA THR D 51 -48.25 -6.57 0.43
C THR D 51 -47.14 -5.85 -0.35
N PHE D 52 -46.22 -5.25 0.41
CA PHE D 52 -45.11 -4.54 -0.21
C PHE D 52 -44.22 -5.48 -1.02
N ALA D 53 -44.14 -6.75 -0.62
CA ALA D 53 -43.29 -7.71 -1.31
C ALA D 53 -43.69 -7.91 -2.76
N GLN D 54 -44.91 -7.54 -3.13
CA GLN D 54 -45.39 -7.69 -4.50
C GLN D 54 -45.47 -6.37 -5.26
N ILE D 55 -45.83 -5.28 -4.60
CA ILE D 55 -46.08 -4.01 -5.28
C ILE D 55 -44.95 -3.00 -5.11
N ALA D 56 -44.07 -3.18 -4.14
CA ALA D 56 -42.93 -2.29 -3.95
C ALA D 56 -41.74 -2.77 -4.77
N PRO D 57 -40.79 -1.89 -5.06
CA PRO D 57 -39.60 -2.32 -5.76
C PRO D 57 -38.86 -3.37 -4.97
N PRO D 58 -38.19 -4.31 -5.63
CA PRO D 58 -37.52 -5.38 -4.92
C PRO D 58 -36.39 -4.82 -4.06
N PRO D 59 -36.09 -5.47 -2.93
CA PRO D 59 -36.65 -6.73 -2.43
C PRO D 59 -37.98 -6.55 -1.69
N GLY D 60 -38.57 -5.37 -1.75
CA GLY D 60 -39.83 -5.13 -1.09
C GLY D 60 -39.72 -4.16 0.07
N SER D 61 -38.61 -4.25 0.80
CA SER D 61 -38.36 -3.34 1.90
C SER D 61 -37.95 -1.97 1.37
N MET D 62 -38.27 -0.93 2.14
CA MET D 62 -37.90 0.43 1.81
C MET D 62 -37.09 1.02 2.96
N VAL D 63 -35.87 1.44 2.67
CA VAL D 63 -34.98 2.04 3.65
C VAL D 63 -34.94 3.53 3.35
N LEU D 64 -35.79 4.29 4.03
CA LEU D 64 -35.84 5.74 3.84
C LEU D 64 -34.70 6.40 4.59
N ARG D 65 -34.05 7.35 3.93
CA ARG D 65 -32.89 8.05 4.49
C ARG D 65 -33.09 9.55 4.39
N GLY D 66 -32.15 10.31 4.94
CA GLY D 66 -32.20 11.75 4.81
C GLY D 66 -31.99 12.21 3.38
N ILE D 67 -31.06 11.57 2.66
CA ILE D 67 -30.84 11.90 1.26
C ILE D 67 -31.98 11.39 0.40
N ASN D 68 -32.49 10.19 0.69
CA ASN D 68 -33.55 9.55 -0.08
C ASN D 68 -34.72 9.27 0.86
N PRO D 69 -35.56 10.26 1.12
CA PRO D 69 -36.67 10.09 2.08
C PRO D 69 -38.01 9.68 1.48
N ASN D 70 -38.06 9.33 0.20
CA ASN D 70 -39.32 9.05 -0.47
C ASN D 70 -39.36 7.60 -0.94
N GLY D 71 -40.40 6.91 -0.54
CA GLY D 71 -40.66 5.56 -1.04
C GLY D 71 -42.11 5.44 -1.44
N SER D 72 -42.35 4.82 -2.59
CA SER D 72 -43.67 4.84 -3.21
C SER D 72 -44.11 3.44 -3.60
N ILE D 73 -45.42 3.22 -3.54
CA ILE D 73 -46.07 2.04 -4.10
C ILE D 73 -47.21 2.53 -4.99
N GLU D 74 -47.55 1.70 -5.97
CA GLU D 74 -48.56 2.05 -6.96
C GLU D 74 -49.59 0.95 -7.08
N PHE D 75 -50.85 1.36 -7.29
CA PHE D 75 -51.94 0.43 -7.54
C PHE D 75 -52.97 1.13 -8.42
N GLY D 76 -53.78 0.33 -9.09
CA GLY D 76 -54.77 0.87 -10.00
C GLY D 76 -56.19 0.46 -9.69
N MET D 77 -57.16 1.22 -10.19
CA MET D 77 -58.58 0.92 -9.99
C MET D 77 -59.25 0.77 -11.34
N ARG D 78 -59.97 -0.32 -11.51
CA ARG D 78 -60.65 -0.58 -12.78
C ARG D 78 -61.84 0.36 -12.96
N SER D 79 -62.25 0.51 -14.22
CA SER D 79 -63.38 1.37 -14.54
C SER D 79 -64.70 0.83 -13.99
N ASP D 80 -64.78 -0.47 -13.75
CA ASP D 80 -66.00 -1.11 -13.28
C ASP D 80 -65.98 -1.37 -11.78
N GLU D 81 -65.02 -0.83 -11.05
CA GLU D 81 -64.93 -1.01 -9.61
C GLU D 81 -64.69 0.33 -8.93
N VAL D 82 -65.16 0.42 -7.69
CA VAL D 82 -64.95 1.60 -6.85
C VAL D 82 -64.46 1.11 -5.49
N VAL D 83 -63.40 1.72 -4.99
CA VAL D 83 -62.83 1.34 -3.70
C VAL D 83 -63.70 1.94 -2.60
N THR D 84 -64.25 1.08 -1.73
CA THR D 84 -65.09 1.52 -0.64
C THR D 84 -64.35 1.65 0.67
N LYS D 85 -63.36 0.79 0.92
CA LYS D 85 -62.54 0.87 2.12
C LYS D 85 -61.08 0.67 1.75
N ALA D 86 -60.21 1.50 2.32
CA ALA D 86 -58.78 1.42 2.05
C ALA D 86 -58.03 1.72 3.33
N MET D 87 -57.18 0.79 3.76
CA MET D 87 -56.37 0.96 4.96
C MET D 87 -54.94 0.55 4.67
N LEU D 88 -54.00 1.34 5.17
CA LEU D 88 -52.57 1.07 5.01
C LEU D 88 -52.00 0.55 6.32
N ASN D 89 -51.41 -0.63 6.28
CA ASN D 89 -50.75 -1.23 7.44
C ASN D 89 -49.25 -1.13 7.24
N LEU D 90 -48.56 -0.54 8.21
CA LEU D 90 -47.13 -0.29 8.11
C LEU D 90 -46.39 -0.96 9.25
N GLU D 91 -45.29 -1.64 8.92
CA GLU D 91 -44.36 -2.18 9.89
C GLU D 91 -43.01 -1.54 9.63
N TYR D 92 -42.60 -0.60 10.49
CA TYR D 92 -41.40 0.17 10.28
C TYR D 92 -40.58 0.24 11.55
N THR D 93 -39.27 0.37 11.39
CA THR D 93 -38.33 0.48 12.50
C THR D 93 -37.54 1.78 12.37
N PRO D 94 -37.87 2.82 13.11
CA PRO D 94 -37.05 4.05 13.07
C PRO D 94 -35.70 3.83 13.72
N SER D 95 -34.73 4.66 13.30
CA SER D 95 -33.40 4.58 13.87
C SER D 95 -33.42 5.00 15.33
N PRO D 96 -32.62 4.35 16.18
CA PRO D 96 -32.60 4.72 17.61
C PRO D 96 -31.98 6.08 17.88
N SER D 97 -31.35 6.71 16.91
CA SER D 97 -30.71 8.00 17.10
C SER D 97 -31.62 9.18 16.73
N LEU D 98 -32.85 8.91 16.32
CA LEU D 98 -33.73 9.98 15.89
C LEU D 98 -34.27 10.78 17.07
N LEU D 99 -34.41 12.08 16.87
CA LEU D 99 -35.14 12.89 17.84
C LEU D 99 -36.62 12.52 17.77
N PRO D 100 -37.26 12.18 18.90
CA PRO D 100 -38.60 11.60 18.83
C PRO D 100 -39.65 12.47 18.15
N VAL D 101 -39.90 13.65 18.71
CA VAL D 101 -41.00 14.46 18.21
C VAL D 101 -40.70 15.04 16.84
N GLN D 102 -39.47 15.49 16.60
CA GLN D 102 -39.14 16.16 15.35
C GLN D 102 -39.05 15.20 14.17
N SER D 103 -38.91 13.90 14.42
CA SER D 103 -38.85 12.91 13.36
C SER D 103 -40.24 12.33 13.13
N GLN D 104 -40.69 12.36 11.88
CA GLN D 104 -42.04 11.95 11.52
C GLN D 104 -42.01 11.13 10.24
N LEU D 105 -43.07 10.35 10.05
CA LEU D 105 -43.31 9.62 8.81
C LEU D 105 -44.64 10.09 8.23
N LYS D 106 -44.61 10.55 6.98
CA LYS D 106 -45.77 11.09 6.31
C LYS D 106 -46.24 10.16 5.21
N VAL D 107 -47.57 10.02 5.09
CA VAL D 107 -48.19 9.16 4.09
C VAL D 107 -48.97 10.04 3.13
N TYR D 108 -48.66 9.96 1.85
CA TYR D 108 -49.34 10.71 0.80
C TYR D 108 -50.06 9.75 -0.13
N LEU D 109 -51.24 10.16 -0.59
CA LEU D 109 -51.97 9.46 -1.64
C LEU D 109 -52.26 10.46 -2.74
N ASN D 110 -51.64 10.27 -3.91
CA ASN D 110 -51.78 11.18 -5.04
C ASN D 110 -51.42 12.60 -4.65
N ASP D 111 -50.31 12.74 -3.92
CA ASP D 111 -49.80 14.01 -3.42
C ASP D 111 -50.81 14.71 -2.52
N GLU D 112 -51.58 13.94 -1.77
CA GLU D 112 -52.49 14.45 -0.75
C GLU D 112 -52.20 13.76 0.56
N LEU D 113 -52.02 14.54 1.62
CA LEU D 113 -51.59 14.01 2.90
C LEU D 113 -52.69 13.18 3.54
N MET D 114 -52.40 11.90 3.80
CA MET D 114 -53.34 11.04 4.51
C MET D 114 -53.14 11.08 6.01
N GLY D 115 -51.91 11.28 6.47
CA GLY D 115 -51.65 11.38 7.89
C GLY D 115 -50.16 11.39 8.16
N VAL D 116 -49.82 11.66 9.41
CA VAL D 116 -48.44 11.74 9.86
C VAL D 116 -48.27 10.81 11.06
N LEU D 117 -47.14 10.11 11.11
CA LEU D 117 -46.82 9.17 12.19
C LEU D 117 -45.56 9.65 12.89
N PRO D 118 -45.69 10.48 13.91
CA PRO D 118 -44.50 10.94 14.64
C PRO D 118 -43.81 9.81 15.39
N VAL D 119 -42.50 9.88 15.47
CA VAL D 119 -41.72 8.90 16.20
C VAL D 119 -41.80 9.22 17.69
N THR D 120 -41.71 8.19 18.52
CA THR D 120 -41.73 8.33 19.96
C THR D 120 -40.51 7.65 20.56
N LYS D 121 -40.28 7.93 21.85
CA LYS D 121 -39.18 7.28 22.55
C LYS D 121 -39.37 5.77 22.59
N GLU D 122 -40.59 5.31 22.84
CA GLU D 122 -40.87 3.88 22.85
C GLU D 122 -40.77 3.27 21.46
N GLN D 123 -40.81 4.08 20.40
CA GLN D 123 -40.67 3.57 19.05
C GLN D 123 -39.24 3.61 18.55
N LEU D 124 -38.38 4.44 19.16
CA LEU D 124 -36.99 4.56 18.74
C LEU D 124 -36.26 3.22 18.77
N GLY D 125 -35.86 2.73 17.60
CA GLY D 125 -35.13 1.49 17.51
C GLY D 125 -35.95 0.23 17.65
N LYS D 126 -37.27 0.33 17.59
CA LYS D 126 -38.15 -0.82 17.78
C LYS D 126 -39.12 -0.93 16.62
N LYS D 127 -39.58 -2.15 16.35
CA LYS D 127 -40.55 -2.38 15.30
C LYS D 127 -41.90 -1.79 15.71
N THR D 128 -42.51 -1.03 14.81
CA THR D 128 -43.75 -0.33 15.08
C THR D 128 -44.80 -0.73 14.05
N LEU D 129 -46.01 -1.00 14.52
CA LEU D 129 -47.14 -1.30 13.66
C LEU D 129 -48.10 -0.12 13.66
N ALA D 130 -48.44 0.36 12.46
CA ALA D 130 -49.30 1.52 12.32
C ALA D 130 -50.41 1.21 11.31
N GLN D 131 -51.59 1.76 11.58
CA GLN D 131 -52.75 1.62 10.70
C GLN D 131 -53.20 3.00 10.26
N MET D 132 -53.00 3.31 8.99
CA MET D 132 -53.34 4.62 8.45
C MET D 132 -54.48 4.49 7.45
N PRO D 133 -55.69 4.95 7.78
CA PRO D 133 -56.78 4.91 6.80
C PRO D 133 -56.47 5.77 5.59
N ILE D 134 -56.90 5.29 4.42
CA ILE D 134 -56.71 5.99 3.15
C ILE D 134 -58.07 6.44 2.66
N ASN D 135 -58.18 7.72 2.34
CA ASN D 135 -59.46 8.29 1.91
C ASN D 135 -59.79 7.83 0.50
N PRO D 136 -60.91 7.14 0.29
CA PRO D 136 -61.28 6.73 -1.08
C PRO D 136 -61.61 7.90 -2.00
N LEU D 137 -61.88 9.09 -1.44
CA LEU D 137 -62.25 10.23 -2.28
C LEU D 137 -61.11 10.68 -3.17
N PHE D 138 -59.88 10.29 -2.87
CA PHE D 138 -58.72 10.67 -3.66
C PHE D 138 -58.12 9.50 -4.44
N ILE D 139 -58.87 8.40 -4.59
CA ILE D 139 -58.40 7.24 -5.33
C ILE D 139 -58.89 7.38 -6.77
N THR D 140 -57.95 7.61 -7.68
CA THR D 140 -58.25 7.75 -9.09
C THR D 140 -57.91 6.45 -9.83
N ASP D 141 -57.93 6.51 -11.16
CA ASP D 141 -57.62 5.33 -11.96
C ASP D 141 -56.20 4.83 -11.69
N PHE D 142 -55.23 5.74 -11.61
CA PHE D 142 -53.86 5.40 -11.28
C PHE D 142 -53.48 6.11 -9.98
N ASN D 143 -52.96 5.35 -9.03
CA ASN D 143 -52.74 5.86 -7.68
C ASN D 143 -51.31 5.60 -7.24
N ARG D 144 -50.74 6.58 -6.52
CA ARG D 144 -49.42 6.48 -5.94
C ARG D 144 -49.50 6.78 -4.45
N VAL D 145 -48.91 5.91 -3.64
CA VAL D 145 -48.83 6.12 -2.19
C VAL D 145 -47.37 6.34 -1.85
N ARG D 146 -47.05 7.54 -1.35
CA ARG D 146 -45.68 7.95 -1.07
C ARG D 146 -45.46 8.04 0.43
N LEU D 147 -44.36 7.47 0.90
CA LEU D 147 -43.95 7.58 2.29
C LEU D 147 -42.77 8.54 2.39
N GLU D 148 -42.96 9.64 3.12
CA GLU D 148 -41.93 10.66 3.29
C GLU D 148 -41.36 10.58 4.69
N PHE D 149 -40.04 10.58 4.79
CA PHE D 149 -39.34 10.47 6.07
C PHE D 149 -38.72 11.82 6.42
N VAL D 150 -39.09 12.34 7.58
CA VAL D 150 -38.45 13.53 8.15
C VAL D 150 -37.61 13.05 9.32
N GLY D 151 -36.30 13.22 9.22
CA GLY D 151 -35.39 12.64 10.19
C GLY D 151 -34.46 13.69 10.79
N HIS D 152 -34.27 13.59 12.10
CA HIS D 152 -33.38 14.49 12.82
C HIS D 152 -32.75 13.74 13.99
N TYR D 153 -31.45 13.93 14.17
CA TYR D 153 -30.72 13.29 15.25
C TYR D 153 -29.90 14.26 16.09
N GLN D 154 -29.84 15.53 15.73
CA GLN D 154 -29.01 16.49 16.44
C GLN D 154 -29.58 17.89 16.25
N ASP D 155 -29.22 18.78 17.16
CA ASP D 155 -29.57 20.19 17.05
C ASP D 155 -28.46 21.03 16.44
N VAL D 156 -27.21 20.65 16.64
CA VAL D 156 -26.05 21.38 16.13
C VAL D 156 -25.24 20.42 15.28
N CYS D 157 -24.80 20.89 14.10
CA CYS D 157 -24.00 20.10 13.18
C CYS D 157 -24.73 18.81 12.76
N GLU D 158 -25.95 18.96 12.28
CA GLU D 158 -26.75 17.83 11.84
C GLU D 158 -26.52 17.61 10.35
N ASN D 159 -25.86 16.50 10.01
CA ASN D 159 -25.62 16.16 8.62
C ASN D 159 -26.82 15.42 8.05
N PRO D 160 -27.50 15.94 7.03
CA PRO D 160 -28.65 15.22 6.46
C PRO D 160 -28.27 13.87 5.85
N ALA D 161 -27.02 13.67 5.45
CA ALA D 161 -26.56 12.42 4.88
C ALA D 161 -25.78 11.58 5.87
N SER D 162 -26.18 11.61 7.14
CA SER D 162 -25.38 11.01 8.21
C SER D 162 -25.39 9.50 8.23
N THR D 163 -26.28 8.86 7.47
CA THR D 163 -26.42 7.40 7.42
C THR D 163 -26.84 6.83 8.77
N THR D 164 -27.03 7.70 9.76
CA THR D 164 -27.72 7.33 10.99
C THR D 164 -29.18 7.74 10.97
N LEU D 165 -29.60 8.49 9.96
CA LEU D 165 -30.99 8.87 9.74
C LEU D 165 -31.60 7.85 8.79
N TRP D 166 -32.25 6.83 9.35
CA TRP D 166 -32.87 5.81 8.52
C TRP D 166 -34.14 5.31 9.17
N LEU D 167 -35.13 5.02 8.33
CA LEU D 167 -36.37 4.37 8.73
C LEU D 167 -36.66 3.26 7.74
N ASP D 168 -36.74 2.03 8.23
CA ASP D 168 -36.89 0.86 7.38
C ASP D 168 -38.33 0.36 7.43
N VAL D 169 -38.99 0.38 6.28
CA VAL D 169 -40.36 -0.13 6.16
C VAL D 169 -40.30 -1.57 5.71
N GLY D 170 -40.84 -2.47 6.52
CA GLY D 170 -40.77 -3.89 6.21
C GLY D 170 -41.63 -4.28 5.04
N ARG D 171 -41.27 -5.41 4.43
CA ARG D 171 -42.01 -5.93 3.28
C ARG D 171 -43.32 -6.60 3.67
N SER D 172 -43.57 -6.79 4.96
CA SER D 172 -44.86 -7.30 5.41
C SER D 172 -45.94 -6.23 5.45
N SER D 173 -45.59 -4.97 5.21
CA SER D 173 -46.57 -3.91 5.11
C SER D 173 -47.39 -4.08 3.84
N GLY D 174 -48.58 -3.48 3.83
CA GLY D 174 -49.44 -3.64 2.67
C GLY D 174 -50.66 -2.76 2.76
N LEU D 175 -51.44 -2.80 1.68
CA LEU D 175 -52.67 -2.04 1.53
C LEU D 175 -53.86 -2.99 1.53
N ASP D 176 -54.85 -2.71 2.37
CA ASP D 176 -56.08 -3.50 2.42
C ASP D 176 -57.19 -2.70 1.75
N LEU D 177 -57.61 -3.15 0.57
CA LEU D 177 -58.62 -2.47 -0.22
C LEU D 177 -59.82 -3.37 -0.44
N THR D 178 -60.99 -2.76 -0.52
CA THR D 178 -62.24 -3.45 -0.86
C THR D 178 -62.82 -2.77 -2.09
N TYR D 179 -63.02 -3.55 -3.15
CA TYR D 179 -63.60 -3.06 -4.38
C TYR D 179 -65.07 -3.47 -4.48
N GLN D 180 -65.86 -2.61 -5.09
CA GLN D 180 -67.27 -2.88 -5.37
C GLN D 180 -67.51 -2.78 -6.86
N THR D 181 -67.99 -3.87 -7.47
CA THR D 181 -68.24 -3.88 -8.89
C THR D 181 -69.41 -2.97 -9.23
N LEU D 182 -69.24 -2.18 -10.29
CA LEU D 182 -70.28 -1.29 -10.79
C LEU D 182 -70.98 -1.92 -11.99
N ASN D 183 -72.20 -1.45 -12.24
CA ASN D 183 -73.00 -1.89 -13.38
C ASN D 183 -72.72 -0.93 -14.53
N VAL D 184 -71.70 -1.24 -15.32
CA VAL D 184 -71.31 -0.39 -16.43
C VAL D 184 -72.25 -0.60 -17.60
N LYS D 185 -72.51 0.47 -18.35
CA LYS D 185 -73.39 0.38 -19.50
C LYS D 185 -72.71 -0.38 -20.64
N ASN D 186 -73.53 -1.04 -21.46
CA ASN D 186 -73.03 -1.84 -22.57
C ASN D 186 -72.64 -0.91 -23.71
N ASP D 187 -71.43 -0.38 -23.61
CA ASP D 187 -70.87 0.53 -24.60
C ASP D 187 -69.57 -0.05 -25.13
N LEU D 188 -69.47 -0.18 -26.44
CA LEU D 188 -68.27 -0.72 -27.08
C LEU D 188 -67.22 0.33 -27.37
N SER D 189 -67.48 1.59 -27.02
CA SER D 189 -66.42 2.60 -27.08
C SER D 189 -65.30 2.24 -26.11
N HIS D 190 -65.65 1.78 -24.92
CA HIS D 190 -64.70 1.17 -24.00
C HIS D 190 -64.63 -0.34 -24.23
N PHE D 191 -64.39 -0.77 -25.48
CA PHE D 191 -64.55 -2.18 -25.80
C PHE D 191 -63.68 -3.09 -24.95
N PRO D 192 -62.35 -2.88 -24.85
CA PRO D 192 -61.56 -3.79 -24.02
C PRO D 192 -61.83 -3.64 -22.53
N VAL D 193 -62.35 -2.48 -22.09
CA VAL D 193 -62.30 -2.14 -20.68
C VAL D 193 -62.91 -3.20 -19.76
N PRO D 194 -64.12 -3.71 -20.01
CA PRO D 194 -64.69 -4.69 -19.06
C PRO D 194 -64.02 -6.05 -19.08
N PHE D 195 -63.36 -6.43 -20.19
CA PHE D 195 -62.78 -7.75 -20.32
C PHE D 195 -61.30 -7.78 -19.97
N PHE D 196 -60.52 -6.88 -20.53
CA PHE D 196 -59.16 -6.60 -20.09
C PHE D 196 -59.06 -5.12 -19.73
N ASP D 197 -58.82 -4.83 -18.45
CA ASP D 197 -58.59 -3.47 -18.01
C ASP D 197 -57.10 -3.22 -17.90
N PRO D 198 -56.54 -2.29 -18.67
CA PRO D 198 -55.09 -2.04 -18.57
C PRO D 198 -54.67 -1.52 -17.20
N ARG D 199 -55.59 -1.03 -16.40
CA ARG D 199 -55.31 -0.50 -15.07
C ARG D 199 -55.42 -1.57 -13.98
N ASP D 200 -55.60 -2.83 -14.37
CA ASP D 200 -55.55 -3.96 -13.46
C ASP D 200 -54.25 -4.71 -13.69
N ASN D 201 -53.43 -4.82 -12.64
CA ASN D 201 -52.13 -5.45 -12.74
C ASN D 201 -52.19 -6.96 -12.59
N ARG D 202 -53.37 -7.52 -12.30
CA ARG D 202 -53.50 -8.96 -12.19
C ARG D 202 -53.47 -9.61 -13.56
N THR D 203 -53.22 -10.92 -13.56
CA THR D 203 -53.29 -11.68 -14.80
C THR D 203 -54.72 -11.68 -15.33
N ASN D 204 -54.86 -11.45 -16.63
CA ASN D 204 -56.17 -11.28 -17.25
C ASN D 204 -56.77 -12.64 -17.54
N THR D 205 -57.71 -13.07 -16.71
CA THR D 205 -58.42 -14.33 -16.91
C THR D 205 -59.69 -14.03 -17.70
N LEU D 206 -59.69 -14.42 -18.98
CA LEU D 206 -60.82 -14.16 -19.88
C LEU D 206 -61.36 -15.48 -20.40
N PRO D 207 -62.43 -16.01 -19.82
CA PRO D 207 -63.01 -17.26 -20.32
C PRO D 207 -63.56 -17.09 -21.74
N MET D 208 -63.47 -18.18 -22.50
CA MET D 208 -64.05 -18.25 -23.84
C MET D 208 -65.07 -19.37 -23.87
N VAL D 209 -66.27 -19.06 -24.34
CA VAL D 209 -67.41 -19.98 -24.30
C VAL D 209 -67.72 -20.43 -25.72
N PHE D 210 -67.81 -21.73 -25.93
CA PHE D 210 -68.14 -22.32 -27.21
C PHE D 210 -69.41 -23.15 -27.09
N ALA D 211 -70.08 -23.34 -28.22
CA ALA D 211 -71.26 -24.21 -28.24
C ALA D 211 -70.88 -25.66 -27.95
N GLY D 212 -69.75 -26.11 -28.47
CA GLY D 212 -69.27 -27.46 -28.25
C GLY D 212 -67.84 -27.61 -28.72
N ALA D 213 -67.47 -28.80 -29.19
CA ALA D 213 -66.14 -28.97 -29.76
C ALA D 213 -66.02 -28.13 -31.01
N PRO D 214 -65.10 -27.17 -31.05
CA PRO D 214 -65.07 -26.23 -32.17
C PRO D 214 -64.48 -26.85 -33.42
N ASP D 215 -64.81 -26.24 -34.55
CA ASP D 215 -64.24 -26.61 -35.84
C ASP D 215 -62.95 -25.83 -36.06
N VAL D 216 -62.33 -26.04 -37.23
CA VAL D 216 -61.07 -25.39 -37.54
C VAL D 216 -61.23 -23.87 -37.58
N GLY D 217 -62.29 -23.39 -38.23
CA GLY D 217 -62.52 -21.96 -38.31
C GLY D 217 -62.77 -21.34 -36.96
N LEU D 218 -63.55 -22.01 -36.12
CA LEU D 218 -63.80 -21.50 -34.77
C LEU D 218 -62.51 -21.47 -33.95
N GLN D 219 -61.69 -22.51 -34.07
CA GLN D 219 -60.40 -22.53 -33.37
C GLN D 219 -59.53 -21.38 -33.84
N GLN D 220 -59.48 -21.13 -35.15
CA GLN D 220 -58.67 -20.03 -35.67
C GLN D 220 -59.17 -18.68 -35.18
N ALA D 221 -60.48 -18.47 -35.19
CA ALA D 221 -61.04 -17.20 -34.71
C ALA D 221 -60.76 -16.99 -33.23
N SER D 222 -60.94 -18.04 -32.42
CA SER D 222 -60.63 -17.93 -31.00
C SER D 222 -59.16 -17.65 -30.77
N ALA D 223 -58.29 -18.28 -31.58
CA ALA D 223 -56.86 -18.03 -31.46
C ALA D 223 -56.54 -16.57 -31.79
N ILE D 224 -57.17 -16.01 -32.82
CA ILE D 224 -56.93 -14.61 -33.17
C ILE D 224 -57.36 -13.69 -32.03
N VAL D 225 -58.54 -13.95 -31.48
CA VAL D 225 -59.04 -13.11 -30.37
C VAL D 225 -58.12 -13.22 -29.16
N ALA D 226 -57.69 -14.44 -28.84
CA ALA D 226 -56.80 -14.63 -27.71
C ALA D 226 -55.45 -13.96 -27.94
N SER D 227 -54.95 -14.01 -29.18
CA SER D 227 -53.70 -13.32 -29.50
C SER D 227 -53.82 -11.82 -29.30
N TRP D 228 -54.93 -11.24 -29.75
CA TRP D 228 -55.11 -9.80 -29.57
C TRP D 228 -55.21 -9.45 -28.09
N PHE D 229 -55.94 -10.23 -27.31
CA PHE D 229 -56.08 -9.93 -25.89
C PHE D 229 -54.76 -10.12 -25.16
N GLY D 230 -53.96 -11.10 -25.58
CA GLY D 230 -52.63 -11.25 -25.00
C GLY D 230 -51.71 -10.10 -25.34
N SER D 231 -51.76 -9.65 -26.59
CA SER D 231 -50.95 -8.50 -27.00
C SER D 231 -51.33 -7.25 -26.22
N ARG D 232 -52.60 -7.11 -25.88
CA ARG D 232 -53.00 -5.99 -25.02
C ARG D 232 -52.56 -6.21 -23.57
N SER D 233 -52.65 -7.44 -23.07
CA SER D 233 -52.30 -7.70 -21.68
C SER D 233 -50.79 -7.55 -21.45
N GLY D 234 -49.98 -8.17 -22.30
CA GLY D 234 -48.54 -8.03 -22.17
C GLY D 234 -48.01 -8.70 -20.91
N TRP D 235 -47.24 -7.93 -20.13
CA TRP D 235 -46.56 -8.46 -18.96
C TRP D 235 -47.52 -8.91 -17.86
N ARG D 236 -48.77 -8.47 -17.88
CA ARG D 236 -49.69 -8.80 -16.80
C ARG D 236 -49.94 -10.30 -16.73
N GLY D 237 -50.06 -10.96 -17.88
CA GLY D 237 -50.33 -12.38 -17.91
C GLY D 237 -51.64 -12.70 -18.59
N GLN D 238 -51.76 -13.93 -19.10
CA GLN D 238 -52.93 -14.35 -19.85
C GLN D 238 -53.43 -15.69 -19.36
N ASN D 239 -54.74 -15.88 -19.43
CA ASN D 239 -55.38 -17.15 -19.06
C ASN D 239 -56.74 -17.18 -19.73
N PHE D 240 -57.01 -18.23 -20.48
CA PHE D 240 -58.22 -18.34 -21.29
C PHE D 240 -58.93 -19.64 -20.99
N PRO D 241 -59.68 -19.71 -19.88
CA PRO D 241 -60.49 -20.90 -19.60
C PRO D 241 -61.52 -21.12 -20.70
N VAL D 242 -61.77 -22.38 -21.01
CA VAL D 242 -62.69 -22.76 -22.09
C VAL D 242 -63.85 -23.52 -21.49
N LEU D 243 -65.06 -23.08 -21.80
CA LEU D 243 -66.29 -23.73 -21.34
C LEU D 243 -67.15 -24.09 -22.55
N TYR D 244 -67.75 -25.27 -22.50
CA TYR D 244 -68.58 -25.79 -23.59
C TYR D 244 -70.03 -25.75 -23.13
N ASN D 245 -70.82 -24.85 -23.72
CA ASN D 245 -72.25 -24.74 -23.46
C ASN D 245 -72.53 -24.57 -21.97
N GLN D 246 -71.78 -23.67 -21.34
CA GLN D 246 -71.93 -23.42 -19.91
C GLN D 246 -71.56 -21.97 -19.63
N LEU D 247 -72.46 -21.26 -18.94
CA LEU D 247 -72.23 -19.86 -18.65
C LEU D 247 -71.12 -19.71 -17.60
N PRO D 248 -70.25 -18.71 -17.74
CA PRO D 248 -69.20 -18.49 -16.74
C PRO D 248 -69.65 -17.60 -15.59
N ASP D 249 -68.75 -17.32 -14.66
CA ASP D 249 -69.05 -16.45 -13.52
C ASP D 249 -68.34 -15.12 -13.60
N ARG D 250 -67.68 -14.81 -14.71
CA ARG D 250 -66.96 -13.55 -14.89
C ARG D 250 -67.15 -13.09 -16.33
N ASN D 251 -66.56 -11.94 -16.65
CA ASN D 251 -66.63 -11.43 -18.01
C ASN D 251 -65.96 -12.42 -18.97
N ALA D 252 -66.64 -12.72 -20.07
CA ALA D 252 -66.16 -13.73 -20.99
C ALA D 252 -66.54 -13.36 -22.42
N ILE D 253 -66.05 -14.16 -23.36
CA ILE D 253 -66.35 -14.02 -24.78
C ILE D 253 -67.06 -15.27 -25.25
N VAL D 254 -68.20 -15.10 -25.89
CA VAL D 254 -69.02 -16.22 -26.37
C VAL D 254 -68.97 -16.25 -27.88
N PHE D 255 -68.58 -17.39 -28.44
CA PHE D 255 -68.53 -17.60 -29.87
C PHE D 255 -69.74 -18.43 -30.28
N ALA D 256 -70.60 -17.85 -31.11
CA ALA D 256 -71.83 -18.51 -31.53
C ALA D 256 -72.03 -18.33 -33.02
N THR D 257 -72.62 -19.35 -33.64
CA THR D 257 -73.01 -19.32 -35.04
C THR D 257 -74.45 -19.83 -35.15
N ASN D 258 -75.05 -19.60 -36.31
CA ASN D 258 -76.46 -19.95 -36.48
C ASN D 258 -76.71 -21.44 -36.30
N ASP D 259 -75.84 -22.27 -36.87
CA ASP D 259 -76.02 -23.72 -36.76
C ASP D 259 -75.71 -24.20 -35.34
N LYS D 260 -74.58 -23.77 -34.78
CA LYS D 260 -74.14 -24.20 -33.46
C LYS D 260 -74.01 -22.99 -32.55
N ARG D 261 -74.86 -22.94 -31.53
CA ARG D 261 -74.85 -21.85 -30.56
C ARG D 261 -75.08 -22.42 -29.16
N PRO D 262 -74.58 -21.75 -28.13
CA PRO D 262 -74.84 -22.20 -26.76
C PRO D 262 -76.32 -22.12 -26.42
N ASP D 263 -76.69 -22.84 -25.36
CA ASP D 263 -78.09 -23.00 -25.01
C ASP D 263 -78.74 -21.66 -24.65
N PHE D 264 -78.02 -20.81 -23.91
CA PHE D 264 -78.62 -19.56 -23.45
C PHE D 264 -78.81 -18.56 -24.58
N LEU D 265 -78.28 -18.82 -25.78
CA LEU D 265 -78.42 -17.94 -26.93
C LEU D 265 -79.44 -18.48 -27.93
N ARG D 266 -80.29 -19.42 -27.52
CA ARG D 266 -81.23 -20.04 -28.45
C ARG D 266 -82.23 -19.02 -29.00
N ASP D 267 -82.77 -18.17 -28.13
CA ASP D 267 -83.74 -17.16 -28.55
C ASP D 267 -83.05 -15.91 -29.08
N HIS D 268 -82.16 -16.10 -30.05
CA HIS D 268 -81.44 -15.02 -30.68
C HIS D 268 -81.69 -15.03 -32.18
N PRO D 269 -82.11 -13.91 -32.77
CA PRO D 269 -82.38 -13.89 -34.21
C PRO D 269 -81.13 -14.22 -35.02
N ALA D 270 -81.33 -14.93 -36.12
CA ALA D 270 -80.22 -15.27 -37.00
C ALA D 270 -79.64 -14.01 -37.63
N VAL D 271 -78.34 -14.06 -37.92
CA VAL D 271 -77.61 -12.91 -38.41
C VAL D 271 -77.29 -13.10 -39.88
N LYS D 272 -77.13 -11.98 -40.58
CA LYS D 272 -76.72 -11.97 -41.98
C LYS D 272 -75.28 -11.54 -42.17
N ALA D 273 -74.59 -11.19 -41.09
CA ALA D 273 -73.20 -10.73 -41.15
C ALA D 273 -72.58 -10.92 -39.78
N PRO D 274 -71.25 -10.98 -39.70
CA PRO D 274 -70.61 -11.10 -38.39
C PRO D 274 -70.89 -9.88 -37.52
N VAL D 275 -71.51 -10.11 -36.37
CA VAL D 275 -71.93 -9.04 -35.47
C VAL D 275 -71.37 -9.33 -34.08
N ILE D 276 -70.78 -8.32 -33.46
CA ILE D 276 -70.26 -8.40 -32.10
C ILE D 276 -71.07 -7.47 -31.22
N GLU D 277 -71.59 -8.00 -30.11
CA GLU D 277 -72.42 -7.23 -29.21
C GLU D 277 -71.97 -7.43 -27.78
N MET D 278 -72.25 -6.44 -26.95
CA MET D 278 -71.96 -6.49 -25.52
C MET D 278 -73.29 -6.60 -24.77
N ILE D 279 -73.48 -7.72 -24.09
CA ILE D 279 -74.72 -8.00 -23.37
C ILE D 279 -74.41 -8.45 -21.96
N ASN D 280 -75.41 -8.33 -21.09
CA ASN D 280 -75.26 -8.73 -19.70
C ASN D 280 -75.39 -10.25 -19.56
N HIS D 281 -74.80 -10.76 -18.49
CA HIS D 281 -75.02 -12.15 -18.12
C HIS D 281 -76.51 -12.35 -17.79
N PRO D 282 -77.12 -13.43 -18.26
CA PRO D 282 -78.57 -13.59 -18.03
C PRO D 282 -78.97 -13.61 -16.57
N GLN D 283 -78.09 -14.08 -15.67
CA GLN D 283 -78.42 -14.17 -14.26
C GLN D 283 -77.49 -13.32 -13.40
N ASN D 284 -76.77 -12.37 -13.99
CA ASN D 284 -75.87 -11.51 -13.25
C ASN D 284 -75.62 -10.22 -14.02
N PRO D 285 -76.38 -9.15 -13.74
CA PRO D 285 -76.22 -7.92 -14.52
C PRO D 285 -74.85 -7.27 -14.40
N TYR D 286 -74.09 -7.59 -13.35
CA TYR D 286 -72.77 -7.01 -13.17
C TYR D 286 -71.69 -7.74 -13.97
N VAL D 287 -72.04 -8.85 -14.62
CA VAL D 287 -71.12 -9.61 -15.45
C VAL D 287 -71.54 -9.42 -16.90
N LYS D 288 -70.59 -8.99 -17.73
CA LYS D 288 -70.85 -8.68 -19.13
C LYS D 288 -70.25 -9.75 -20.03
N LEU D 289 -70.97 -10.08 -21.09
CA LEU D 289 -70.55 -11.09 -22.05
C LEU D 289 -70.41 -10.46 -23.43
N LEU D 290 -69.36 -10.84 -24.15
CA LEU D 290 -69.14 -10.39 -25.52
C LEU D 290 -69.48 -11.55 -26.45
N VAL D 291 -70.62 -11.43 -27.13
CA VAL D 291 -71.10 -12.48 -28.03
C VAL D 291 -70.62 -12.18 -29.44
N VAL D 292 -69.84 -13.10 -29.99
CA VAL D 292 -69.38 -13.00 -31.37
C VAL D 292 -70.26 -13.92 -32.21
N PHE D 293 -71.14 -13.32 -33.01
CA PHE D 293 -72.15 -14.05 -33.77
C PHE D 293 -71.87 -13.92 -35.25
N GLY D 294 -72.04 -15.02 -35.99
CA GLY D 294 -71.86 -15.01 -37.42
C GLY D 294 -72.65 -16.14 -38.05
N ARG D 295 -72.76 -16.08 -39.38
CA ARG D 295 -73.46 -17.13 -40.11
C ARG D 295 -72.70 -18.44 -40.04
N ASP D 296 -71.37 -18.39 -40.11
CA ASP D 296 -70.55 -19.60 -40.14
C ASP D 296 -69.15 -19.25 -39.69
N ASP D 297 -68.22 -20.21 -39.86
CA ASP D 297 -66.86 -20.03 -39.36
C ASP D 297 -66.12 -18.93 -40.09
N LYS D 298 -66.38 -18.74 -41.39
CA LYS D 298 -65.75 -17.63 -42.09
C LYS D 298 -66.22 -16.29 -41.54
N ASP D 299 -67.51 -16.19 -41.20
CA ASP D 299 -68.02 -14.98 -40.58
C ASP D 299 -67.39 -14.76 -39.21
N LEU D 300 -67.23 -15.83 -38.43
CA LEU D 300 -66.59 -15.69 -37.12
C LEU D 300 -65.13 -15.25 -37.27
N LEU D 301 -64.44 -15.78 -38.28
CA LEU D 301 -63.07 -15.35 -38.55
C LEU D 301 -63.02 -13.89 -38.94
N GLN D 302 -63.96 -13.44 -39.76
CA GLN D 302 -64.03 -12.03 -40.14
C GLN D 302 -64.26 -11.16 -38.92
N ALA D 303 -65.15 -11.58 -38.02
CA ALA D 303 -65.39 -10.83 -36.80
C ALA D 303 -64.14 -10.78 -35.92
N ALA D 304 -63.42 -11.90 -35.82
CA ALA D 304 -62.18 -11.90 -35.05
C ALA D 304 -61.14 -10.95 -35.64
N LYS D 305 -61.01 -10.95 -36.97
CA LYS D 305 -60.09 -10.01 -37.61
C LYS D 305 -60.52 -8.57 -37.41
N GLY D 306 -61.82 -8.31 -37.42
CA GLY D 306 -62.31 -6.96 -37.15
C GLY D 306 -62.01 -6.53 -35.72
N ILE D 307 -62.13 -7.44 -34.77
CA ILE D 307 -61.74 -7.15 -33.39
C ILE D 307 -60.24 -6.85 -33.33
N ALA D 308 -59.44 -7.64 -34.01
CA ALA D 308 -57.99 -7.49 -33.94
C ALA D 308 -57.53 -6.18 -34.58
N GLN D 309 -58.13 -5.80 -35.71
CA GLN D 309 -57.61 -4.69 -36.50
C GLN D 309 -58.51 -3.46 -36.53
N GLY D 310 -59.76 -3.56 -36.10
CA GLY D 310 -60.66 -2.43 -36.19
C GLY D 310 -61.37 -2.08 -34.90
N ASN D 311 -60.69 -2.25 -33.77
CA ASN D 311 -61.30 -1.94 -32.48
C ASN D 311 -61.48 -0.44 -32.25
N ILE D 312 -60.83 0.41 -33.06
CA ILE D 312 -60.96 1.84 -32.87
C ILE D 312 -62.30 2.36 -33.36
N LEU D 313 -63.03 1.59 -34.16
CA LEU D 313 -64.34 1.97 -34.65
C LEU D 313 -65.48 1.34 -33.85
N PHE D 314 -65.16 0.64 -32.76
CA PHE D 314 -66.18 0.00 -31.96
C PHE D 314 -67.04 1.05 -31.26
N ARG D 315 -68.36 0.91 -31.36
CA ARG D 315 -69.28 1.86 -30.76
C ARG D 315 -70.63 1.20 -30.57
N GLY D 316 -71.41 1.75 -29.66
CA GLY D 316 -72.75 1.25 -29.44
C GLY D 316 -72.78 -0.08 -28.69
N GLU D 317 -74.00 -0.62 -28.60
CA GLU D 317 -74.17 -1.92 -27.95
C GLU D 317 -73.68 -3.05 -28.84
N SER D 318 -73.91 -2.95 -30.15
CA SER D 318 -73.50 -3.97 -31.09
C SER D 318 -72.87 -3.32 -32.31
N VAL D 319 -71.93 -4.04 -32.92
CA VAL D 319 -71.26 -3.59 -34.14
C VAL D 319 -71.28 -4.73 -35.15
N VAL D 320 -71.23 -4.37 -36.42
CA VAL D 320 -71.26 -5.34 -37.52
C VAL D 320 -69.98 -5.15 -38.33
N VAL D 321 -69.22 -6.23 -38.48
CA VAL D 321 -68.00 -6.22 -39.27
C VAL D 321 -68.37 -6.49 -40.72
N ASN D 322 -68.06 -5.54 -41.60
CA ASN D 322 -68.44 -5.66 -43.00
C ASN D 322 -67.31 -6.26 -43.84
N GLU D 323 -66.11 -5.72 -43.72
CA GLU D 323 -64.98 -6.23 -44.48
C GLU D 323 -63.68 -5.81 -43.81
N VAL D 324 -62.75 -6.75 -43.68
CA VAL D 324 -61.40 -6.48 -43.18
C VAL D 324 -60.46 -6.80 -44.32
N LYS D 325 -59.99 -5.77 -45.01
CA LYS D 325 -59.22 -5.94 -46.23
C LYS D 325 -57.75 -5.66 -45.96
N PRO D 326 -56.88 -6.67 -45.97
CA PRO D 326 -55.45 -6.40 -45.82
C PRO D 326 -54.90 -5.62 -47.01
N LEU D 327 -53.92 -4.78 -46.73
CA LEU D 327 -53.26 -3.98 -47.75
C LEU D 327 -51.79 -4.33 -47.92
N LEU D 328 -51.07 -4.55 -46.83
CA LEU D 328 -49.65 -4.89 -46.88
C LEU D 328 -49.37 -6.05 -45.94
N PRO D 329 -48.39 -6.87 -46.26
CA PRO D 329 -48.00 -7.95 -45.35
C PRO D 329 -46.91 -7.49 -44.38
N ARG D 330 -46.68 -8.31 -43.36
CA ARG D 330 -45.63 -8.04 -42.40
C ARG D 330 -44.27 -8.49 -42.94
N LYS D 331 -43.23 -7.94 -42.37
CA LYS D 331 -41.86 -8.32 -42.66
C LYS D 331 -41.24 -9.01 -41.45
N PRO D 332 -40.21 -9.83 -41.65
CA PRO D 332 -39.61 -10.52 -40.50
C PRO D 332 -39.07 -9.55 -39.47
N TYR D 333 -39.27 -9.90 -38.19
CA TYR D 333 -38.77 -9.12 -37.05
C TYR D 333 -39.32 -7.70 -37.05
N ASP D 334 -40.62 -7.56 -37.30
CA ASP D 334 -41.28 -6.26 -37.28
C ASP D 334 -42.31 -6.15 -36.16
N ALA D 335 -42.18 -6.98 -35.12
CA ALA D 335 -43.12 -6.94 -34.02
C ALA D 335 -43.05 -5.60 -33.31
N PRO D 336 -44.18 -5.02 -32.90
CA PRO D 336 -44.14 -3.72 -32.21
C PRO D 336 -43.31 -3.72 -30.94
N ASN D 337 -43.27 -4.83 -30.20
CA ASN D 337 -42.52 -4.88 -28.95
C ASN D 337 -41.02 -4.95 -29.18
N TRP D 338 -40.57 -5.42 -30.34
CA TRP D 338 -39.15 -5.60 -30.61
C TRP D 338 -38.54 -4.31 -31.12
N VAL D 339 -37.30 -4.05 -30.70
CA VAL D 339 -36.56 -2.91 -31.21
C VAL D 339 -36.19 -3.16 -32.67
N ARG D 340 -36.33 -2.12 -33.49
CA ARG D 340 -36.00 -2.25 -34.90
C ARG D 340 -34.50 -2.49 -35.08
N THR D 341 -34.16 -3.42 -35.97
CA THR D 341 -32.78 -3.82 -36.19
C THR D 341 -32.20 -3.26 -37.50
N ASP D 342 -33.05 -2.78 -38.41
CA ASP D 342 -32.55 -2.31 -39.70
C ASP D 342 -31.85 -0.96 -39.57
N ARG D 343 -32.35 -0.08 -38.72
CA ARG D 343 -31.86 1.28 -38.59
C ARG D 343 -31.58 1.60 -37.13
N PRO D 344 -30.68 2.56 -36.87
CA PRO D 344 -30.49 3.01 -35.49
C PRO D 344 -31.77 3.58 -34.92
N VAL D 345 -31.99 3.33 -33.63
CA VAL D 345 -33.20 3.73 -32.93
C VAL D 345 -32.84 4.72 -31.83
N THR D 346 -33.58 5.82 -31.77
CA THR D 346 -33.35 6.81 -30.73
C THR D 346 -33.90 6.31 -29.40
N PHE D 347 -33.41 6.92 -28.31
CA PHE D 347 -33.89 6.57 -26.98
C PHE D 347 -35.32 7.04 -26.73
N GLY D 348 -35.82 7.97 -27.56
CA GLY D 348 -37.19 8.41 -27.42
C GLY D 348 -38.21 7.38 -27.87
N GLU D 349 -37.80 6.45 -28.72
CA GLU D 349 -38.67 5.37 -29.16
C GLU D 349 -38.63 4.16 -28.24
N LEU D 350 -37.75 4.14 -27.26
CA LEU D 350 -37.61 3.02 -26.34
C LEU D 350 -38.19 3.30 -24.96
N LYS D 351 -38.70 4.51 -24.72
CA LYS D 351 -39.22 4.88 -23.41
C LYS D 351 -40.74 4.68 -23.39
N THR D 352 -41.23 4.01 -22.36
CA THR D 352 -42.64 3.72 -22.25
C THR D 352 -43.45 4.93 -21.82
N TYR D 353 -42.87 5.81 -20.98
CA TYR D 353 -43.58 6.98 -20.50
C TYR D 353 -42.66 8.18 -20.56
N GLU D 354 -43.26 9.36 -20.65
CA GLU D 354 -42.49 10.60 -20.64
C GLU D 354 -41.84 10.79 -19.27
N GLU D 355 -40.75 11.55 -19.25
CA GLU D 355 -39.92 11.78 -18.07
C GLU D 355 -39.21 10.52 -17.60
N GLN D 356 -39.11 9.51 -18.46
CA GLN D 356 -38.38 8.30 -18.11
C GLN D 356 -36.86 8.51 -18.18
N LEU D 357 -36.40 9.31 -19.14
CA LEU D 357 -34.98 9.52 -19.38
C LEU D 357 -34.40 10.65 -18.55
N GLN D 358 -35.06 11.04 -17.45
CA GLN D 358 -34.56 12.09 -16.60
C GLN D 358 -34.81 11.72 -15.14
N SER D 359 -33.96 12.25 -14.26
CA SER D 359 -34.07 11.99 -12.83
C SER D 359 -33.60 13.22 -12.07
N SER D 360 -34.09 13.34 -10.83
CA SER D 360 -33.76 14.49 -10.01
C SER D 360 -33.78 14.07 -8.54
N GLY D 361 -33.09 14.86 -7.72
CA GLY D 361 -32.99 14.60 -6.29
C GLY D 361 -31.56 14.72 -5.80
N LEU D 362 -31.44 14.63 -4.48
CA LEU D 362 -30.11 14.66 -3.86
C LEU D 362 -29.27 13.47 -4.30
N GLU D 363 -29.89 12.29 -4.38
CA GLU D 363 -29.30 11.11 -5.00
C GLU D 363 -30.26 10.67 -6.11
N PRO D 364 -30.06 11.14 -7.34
CA PRO D 364 -31.01 10.81 -8.40
C PRO D 364 -31.10 9.32 -8.65
N ALA D 365 -32.30 8.85 -8.94
CA ALA D 365 -32.52 7.43 -9.19
C ALA D 365 -31.93 7.03 -10.53
N ALA D 366 -31.73 5.74 -10.70
CA ALA D 366 -31.19 5.21 -11.94
C ALA D 366 -32.19 5.38 -13.08
N ILE D 367 -31.67 5.50 -14.29
CA ILE D 367 -32.48 5.65 -15.49
C ILE D 367 -32.44 4.34 -16.25
N ASN D 368 -33.58 3.69 -16.37
CA ASN D 368 -33.68 2.36 -16.96
C ASN D 368 -34.35 2.44 -18.32
N VAL D 369 -33.72 1.81 -19.32
CA VAL D 369 -34.28 1.67 -20.65
C VAL D 369 -34.36 0.19 -20.97
N SER D 370 -35.53 -0.26 -21.39
CA SER D 370 -35.79 -1.66 -21.69
C SER D 370 -35.60 -1.92 -23.18
N LEU D 371 -34.83 -2.95 -23.51
CA LEU D 371 -34.56 -3.34 -24.90
C LEU D 371 -35.11 -4.73 -25.11
N ASN D 372 -36.17 -4.84 -25.91
CA ASN D 372 -36.74 -6.12 -26.30
C ASN D 372 -36.25 -6.46 -27.70
N LEU D 373 -35.54 -7.58 -27.82
CA LEU D 373 -34.89 -7.92 -29.07
C LEU D 373 -35.29 -9.32 -29.50
N PRO D 374 -35.27 -9.61 -30.80
CA PRO D 374 -35.46 -10.98 -31.26
C PRO D 374 -34.38 -11.88 -30.72
N PRO D 375 -34.71 -13.13 -30.37
CA PRO D 375 -33.70 -14.02 -29.76
C PRO D 375 -32.56 -14.37 -30.68
N ASP D 376 -32.72 -14.23 -32.01
CA ASP D 376 -31.69 -14.63 -32.96
C ASP D 376 -30.87 -13.41 -33.36
N LEU D 377 -29.88 -13.10 -32.54
CA LEU D 377 -28.91 -12.05 -32.82
C LEU D 377 -27.52 -12.64 -32.67
N TYR D 378 -26.77 -12.64 -33.77
CA TYR D 378 -25.45 -13.26 -33.81
C TYR D 378 -24.42 -12.25 -34.32
N LEU D 379 -23.31 -12.12 -33.59
CA LEU D 379 -22.19 -11.29 -34.00
C LEU D 379 -20.94 -12.18 -34.02
N MET D 380 -20.39 -12.37 -35.21
CA MET D 380 -19.21 -13.22 -35.38
C MET D 380 -18.02 -12.67 -34.61
N ARG D 381 -17.55 -11.49 -35.01
CA ARG D 381 -16.43 -10.84 -34.34
C ARG D 381 -16.47 -9.36 -34.70
N SER D 382 -16.76 -8.53 -33.70
CA SER D 382 -16.81 -7.09 -33.91
C SER D 382 -16.54 -6.39 -32.59
N THR D 383 -16.30 -5.08 -32.65
CA THR D 383 -16.09 -4.31 -31.44
C THR D 383 -17.34 -4.28 -30.57
N GLY D 384 -18.51 -4.51 -31.14
CA GLY D 384 -19.74 -4.57 -30.37
C GLY D 384 -20.86 -3.74 -30.95
N ILE D 385 -21.69 -3.18 -30.08
CA ILE D 385 -22.87 -2.40 -30.46
C ILE D 385 -22.59 -0.93 -30.24
N ASP D 386 -22.75 -0.14 -31.29
CA ASP D 386 -22.51 1.30 -31.20
C ASP D 386 -23.62 1.98 -30.41
N MET D 387 -23.25 2.98 -29.63
CA MET D 387 -24.21 3.71 -28.81
C MET D 387 -23.67 5.11 -28.58
N ASP D 388 -24.39 6.11 -29.09
CA ASP D 388 -24.06 7.52 -28.86
C ASP D 388 -25.06 8.08 -27.86
N ILE D 389 -24.57 8.61 -26.74
CA ILE D 389 -25.40 9.07 -25.65
C ILE D 389 -25.18 10.57 -25.48
N ASN D 390 -26.24 11.34 -25.61
CA ASN D 390 -26.24 12.77 -25.29
C ASN D 390 -26.89 12.94 -23.92
N TYR D 391 -26.08 13.31 -22.93
CA TYR D 391 -26.55 13.41 -21.56
C TYR D 391 -26.16 14.75 -20.96
N ARG D 392 -27.03 15.27 -20.12
CA ARG D 392 -26.81 16.53 -19.41
C ARG D 392 -26.97 16.30 -17.91
N TYR D 393 -26.20 17.03 -17.13
CA TYR D 393 -26.21 16.86 -15.68
C TYR D 393 -25.77 18.15 -15.01
N THR D 394 -26.09 18.26 -13.72
CA THR D 394 -25.65 19.40 -12.93
C THR D 394 -24.21 19.19 -12.53
N MET D 395 -23.34 20.11 -12.95
CA MET D 395 -21.91 19.97 -12.68
C MET D 395 -21.63 20.14 -11.20
N PRO D 396 -20.91 19.22 -10.57
CA PRO D 396 -20.42 19.46 -9.22
C PRO D 396 -19.49 20.66 -9.19
N PRO D 397 -19.55 21.48 -8.15
CA PRO D 397 -18.73 22.71 -8.13
C PRO D 397 -17.23 22.43 -8.11
N VAL D 398 -16.79 21.30 -7.56
CA VAL D 398 -15.39 20.96 -7.44
C VAL D 398 -15.16 19.61 -8.08
N LYS D 399 -14.06 19.48 -8.83
CA LYS D 399 -13.73 18.22 -9.49
C LYS D 399 -13.54 17.13 -8.45
N ASP D 400 -14.29 16.05 -8.59
CA ASP D 400 -14.32 14.99 -7.58
C ASP D 400 -14.56 13.66 -8.28
N SER D 401 -14.94 12.65 -7.50
CA SER D 401 -15.16 11.31 -8.01
C SER D 401 -16.57 11.09 -8.54
N SER D 402 -17.39 12.14 -8.63
CA SER D 402 -18.73 12.01 -9.20
C SER D 402 -18.64 11.51 -10.64
N ARG D 403 -19.46 10.51 -10.96
CA ARG D 403 -19.38 9.86 -12.26
C ARG D 403 -20.73 9.25 -12.61
N MET D 404 -20.86 8.88 -13.87
CA MET D 404 -22.04 8.17 -14.38
C MET D 404 -21.62 6.78 -14.84
N ASP D 405 -22.32 5.76 -14.34
CA ASP D 405 -22.04 4.37 -14.66
C ASP D 405 -23.14 3.81 -15.54
N ILE D 406 -22.74 3.07 -16.58
CA ILE D 406 -23.66 2.43 -17.50
C ILE D 406 -23.61 0.93 -17.27
N SER D 407 -24.79 0.33 -17.09
CA SER D 407 -24.90 -1.11 -16.82
C SER D 407 -25.93 -1.72 -17.76
N LEU D 408 -25.62 -2.92 -18.25
CA LEU D 408 -26.53 -3.69 -19.09
C LEU D 408 -26.77 -5.03 -18.42
N ASN D 409 -28.04 -5.33 -18.14
CA ASN D 409 -28.44 -6.57 -17.49
C ASN D 409 -27.70 -6.77 -16.16
N ASN D 410 -27.66 -5.69 -15.37
CA ASN D 410 -27.00 -5.67 -14.06
C ASN D 410 -25.50 -5.93 -14.15
N GLN D 411 -24.92 -5.77 -15.34
CA GLN D 411 -23.50 -5.96 -15.56
C GLN D 411 -22.89 -4.61 -15.91
N PHE D 412 -21.89 -4.19 -15.15
CA PHE D 412 -21.29 -2.88 -15.34
C PHE D 412 -20.51 -2.82 -16.65
N LEU D 413 -20.76 -1.80 -17.45
CA LEU D 413 -20.10 -1.62 -18.73
C LEU D 413 -18.98 -0.59 -18.68
N GLN D 414 -19.30 0.65 -18.31
CA GLN D 414 -18.32 1.72 -18.36
C GLN D 414 -18.76 2.84 -17.42
N SER D 415 -17.79 3.67 -17.04
CA SER D 415 -18.02 4.81 -16.16
C SER D 415 -17.40 6.06 -16.78
N PHE D 416 -18.08 7.19 -16.59
CA PHE D 416 -17.63 8.47 -17.13
C PHE D 416 -17.65 9.51 -16.03
N ASN D 417 -16.52 10.20 -15.84
CA ASN D 417 -16.41 11.19 -14.78
C ASN D 417 -17.25 12.43 -15.12
N LEU D 418 -18.01 12.89 -14.14
CA LEU D 418 -18.85 14.08 -14.31
C LEU D 418 -17.99 15.31 -14.02
N SER D 419 -17.30 15.79 -15.06
CA SER D 419 -16.43 16.95 -14.92
C SER D 419 -16.15 17.57 -16.29
N GLY D 440 -21.48 15.30 -22.12
CA GLY D 440 -22.21 15.91 -23.21
C GLY D 440 -22.56 14.94 -24.32
N LYS D 441 -21.56 14.21 -24.78
CA LYS D 441 -21.75 13.23 -25.87
C LYS D 441 -20.64 12.22 -25.80
N THR D 442 -21.00 10.94 -25.63
CA THR D 442 -20.02 9.86 -25.56
C THR D 442 -20.41 8.76 -26.52
N ASP D 443 -19.41 8.17 -27.17
CA ASP D 443 -19.60 7.03 -28.06
C ASP D 443 -19.14 5.78 -27.33
N VAL D 444 -20.09 4.91 -27.01
CA VAL D 444 -19.84 3.70 -26.24
C VAL D 444 -20.06 2.49 -27.13
N SER D 445 -19.09 1.58 -27.14
CA SER D 445 -19.20 0.32 -27.87
C SER D 445 -19.44 -0.79 -26.86
N ILE D 446 -20.63 -1.36 -26.87
CA ILE D 446 -21.02 -2.37 -25.89
C ILE D 446 -20.50 -3.74 -26.33
N PRO D 447 -19.66 -4.40 -25.53
CA PRO D 447 -19.27 -5.77 -25.85
C PRO D 447 -20.44 -6.71 -25.74
N ALA D 448 -20.36 -7.83 -26.47
CA ALA D 448 -21.42 -8.83 -26.47
C ALA D 448 -21.60 -9.43 -25.09
N LEU D 449 -22.74 -9.15 -24.45
CA LEU D 449 -23.07 -9.68 -23.13
C LEU D 449 -24.26 -10.63 -23.21
N LYS D 450 -24.36 -11.37 -24.31
CA LYS D 450 -25.44 -12.33 -24.54
C LYS D 450 -26.82 -11.66 -24.46
N LEU D 451 -27.03 -10.74 -25.39
CA LEU D 451 -28.30 -10.02 -25.47
C LEU D 451 -29.44 -10.98 -25.79
N GLY D 452 -30.35 -11.18 -24.83
CA GLY D 452 -31.45 -12.10 -24.98
C GLY D 452 -32.72 -11.41 -25.43
N ALA D 453 -33.85 -12.05 -25.12
CA ALA D 453 -35.15 -11.50 -25.51
C ALA D 453 -35.44 -10.19 -24.77
N THR D 454 -35.21 -10.16 -23.46
CA THR D 454 -35.41 -8.97 -22.66
C THR D 454 -34.07 -8.46 -22.16
N ASN D 455 -33.94 -7.13 -22.10
CA ASN D 455 -32.70 -6.51 -21.70
C ASN D 455 -33.01 -5.21 -20.98
N GLN D 456 -32.11 -4.83 -20.06
CA GLN D 456 -32.27 -3.63 -19.27
C GLN D 456 -30.98 -2.80 -19.34
N LEU D 457 -31.11 -1.55 -19.76
CA LEU D 457 -30.00 -0.61 -19.81
C LEU D 457 -30.17 0.40 -18.67
N ARG D 458 -29.20 0.47 -17.77
CA ARG D 458 -29.29 1.30 -16.58
C ARG D 458 -28.21 2.37 -16.62
N PHE D 459 -28.61 3.60 -16.33
CA PHE D 459 -27.70 4.73 -16.21
C PHE D 459 -27.70 5.20 -14.76
N ASP D 460 -26.63 4.92 -14.04
CA ASP D 460 -26.50 5.26 -12.63
C ASP D 460 -25.63 6.50 -12.48
N PHE D 461 -26.09 7.45 -11.66
CA PHE D 461 -25.36 8.68 -11.40
C PHE D 461 -24.96 8.69 -9.93
N GLU D 462 -23.66 8.48 -9.67
CA GLU D 462 -23.13 8.45 -8.32
C GLU D 462 -22.56 9.83 -8.01
N TYR D 463 -23.19 10.54 -7.08
CA TYR D 463 -22.81 11.91 -6.74
C TYR D 463 -22.14 11.90 -5.37
N MET D 464 -20.84 12.15 -5.36
CA MET D 464 -20.15 12.51 -4.12
C MET D 464 -20.39 13.99 -3.87
N ASN D 465 -20.98 14.32 -2.73
CA ASN D 465 -21.44 15.69 -2.45
C ASN D 465 -20.55 16.33 -1.41
N PRO D 466 -19.51 17.06 -1.81
CA PRO D 466 -18.63 17.69 -0.81
C PRO D 466 -19.29 18.92 -0.21
N MET D 467 -19.41 18.94 1.11
CA MET D 467 -19.96 20.07 1.83
C MET D 467 -18.92 20.58 2.82
N PRO D 468 -18.64 21.89 2.82
CA PRO D 468 -17.68 22.42 3.81
C PRO D 468 -18.19 22.20 5.23
N GLY D 469 -17.25 21.94 6.14
CA GLY D 469 -17.61 21.58 7.49
C GLY D 469 -16.88 22.36 8.57
N GLY D 470 -16.05 23.32 8.17
CA GLY D 470 -15.30 24.09 9.14
C GLY D 470 -14.32 23.21 9.89
N SER D 471 -14.39 23.24 11.21
CA SER D 471 -13.54 22.44 12.07
C SER D 471 -14.40 21.76 13.13
N VAL D 472 -13.76 20.89 13.92
CA VAL D 472 -14.48 20.21 14.99
C VAL D 472 -14.96 21.21 16.04
N ASP D 473 -14.10 22.16 16.41
CA ASP D 473 -14.50 23.17 17.40
C ASP D 473 -15.59 24.08 16.83
N ASN D 474 -15.46 24.48 15.56
CA ASN D 474 -16.41 25.37 14.91
C ASN D 474 -17.00 24.63 13.71
N CYS D 475 -18.07 23.88 13.95
CA CYS D 475 -18.71 23.10 12.91
C CYS D 475 -19.62 23.97 12.05
N ILE D 476 -19.89 23.49 10.84
CA ILE D 476 -20.88 24.10 9.96
C ILE D 476 -21.42 23.01 9.04
N THR D 477 -22.74 23.01 8.86
CA THR D 477 -23.42 22.04 8.01
C THR D 477 -24.42 22.76 7.12
N PHE D 478 -24.61 22.23 5.92
CA PHE D 478 -25.44 22.88 4.92
C PHE D 478 -26.50 21.92 4.41
N GLN D 479 -27.63 22.49 4.01
CA GLN D 479 -28.70 21.70 3.40
C GLN D 479 -28.31 21.32 1.98
N PRO D 480 -28.36 20.04 1.62
CA PRO D 480 -27.91 19.63 0.29
C PRO D 480 -28.81 20.19 -0.81
N VAL D 481 -28.20 20.38 -1.98
CA VAL D 481 -28.89 20.91 -3.15
C VAL D 481 -29.14 19.77 -4.13
N GLN D 482 -30.37 19.72 -4.67
CA GLN D 482 -30.75 18.65 -5.56
C GLN D 482 -29.95 18.68 -6.86
N ASN D 483 -29.77 17.51 -7.46
CA ASN D 483 -29.06 17.35 -8.72
C ASN D 483 -30.02 16.87 -9.80
N HIS D 484 -29.79 17.31 -11.03
CA HIS D 484 -30.60 16.95 -12.18
C HIS D 484 -29.75 16.19 -13.18
N VAL D 485 -30.25 15.05 -13.66
CA VAL D 485 -29.59 14.25 -14.68
C VAL D 485 -30.62 13.92 -15.75
N VAL D 486 -30.23 14.12 -17.01
CA VAL D 486 -31.12 13.92 -18.15
C VAL D 486 -30.37 13.17 -19.24
N ILE D 487 -30.98 12.11 -19.76
CA ILE D 487 -30.47 11.40 -20.93
C ILE D 487 -31.26 11.88 -22.14
N GLY D 488 -30.55 12.33 -23.18
CA GLY D 488 -31.20 12.94 -24.31
C GLY D 488 -32.03 11.95 -25.12
N ASP D 489 -33.13 12.47 -25.68
CA ASP D 489 -33.97 11.67 -26.54
C ASP D 489 -33.31 11.33 -27.86
N ASP D 490 -32.33 12.13 -28.29
CA ASP D 490 -31.65 11.92 -29.56
C ASP D 490 -30.54 10.88 -29.47
N SER D 491 -30.25 10.37 -28.28
CA SER D 491 -29.28 9.29 -28.14
C SER D 491 -29.81 8.04 -28.84
N THR D 492 -28.92 7.35 -29.56
CA THR D 492 -29.30 6.23 -30.40
C THR D 492 -28.48 5.00 -30.05
N ILE D 493 -29.04 3.83 -30.33
CA ILE D 493 -28.35 2.55 -30.24
C ILE D 493 -28.59 1.81 -31.55
N ASP D 494 -27.52 1.25 -32.10
CA ASP D 494 -27.56 0.66 -33.43
C ASP D 494 -27.38 -0.85 -33.36
N PHE D 495 -28.35 -1.58 -33.89
CA PHE D 495 -28.28 -3.03 -33.99
C PHE D 495 -28.13 -3.51 -35.42
N SER D 496 -27.82 -2.61 -36.35
CA SER D 496 -27.73 -2.97 -37.77
C SER D 496 -26.57 -3.91 -38.05
N LYS D 497 -25.59 -3.99 -37.16
CA LYS D 497 -24.43 -4.85 -37.36
C LYS D 497 -24.68 -6.31 -36.98
N TYR D 498 -25.87 -6.63 -36.47
CA TYR D 498 -26.18 -7.99 -36.06
C TYR D 498 -26.78 -8.78 -37.22
N TYR D 499 -26.54 -10.09 -37.20
CA TYR D 499 -27.19 -11.02 -38.10
C TYR D 499 -28.14 -11.92 -37.30
N HIS D 500 -29.05 -12.55 -38.02
CA HIS D 500 -30.03 -13.47 -37.43
C HIS D 500 -29.53 -14.89 -37.68
N PHE D 501 -29.03 -15.53 -36.63
CA PHE D 501 -28.47 -16.87 -36.73
C PHE D 501 -28.49 -17.49 -35.34
N ILE D 502 -29.32 -18.50 -35.14
CA ILE D 502 -29.51 -19.07 -33.81
C ILE D 502 -29.45 -20.60 -33.86
N PRO D 503 -28.72 -21.23 -32.95
CA PRO D 503 -28.83 -22.69 -32.81
C PRO D 503 -30.24 -23.09 -32.40
N MET D 504 -30.72 -24.19 -32.96
CA MET D 504 -32.06 -24.69 -32.68
C MET D 504 -32.01 -26.18 -32.42
N PRO D 505 -32.98 -26.72 -31.66
CA PRO D 505 -34.13 -26.05 -31.02
C PRO D 505 -33.72 -25.23 -29.81
N ASP D 506 -34.45 -24.16 -29.51
CA ASP D 506 -34.17 -23.27 -28.38
C ASP D 506 -35.48 -23.04 -27.63
N LEU D 507 -35.75 -23.89 -26.65
CA LEU D 507 -36.95 -23.73 -25.84
C LEU D 507 -36.91 -22.46 -25.02
N ARG D 508 -35.72 -21.97 -24.68
CA ARG D 508 -35.63 -20.66 -24.02
C ARG D 508 -36.11 -19.56 -24.95
N ALA D 509 -35.67 -19.60 -26.22
CA ALA D 509 -36.15 -18.63 -27.19
C ALA D 509 -37.65 -18.74 -27.37
N PHE D 510 -38.17 -19.97 -27.38
CA PHE D 510 -39.62 -20.16 -27.44
C PHE D 510 -40.30 -19.48 -26.25
N ALA D 511 -40.00 -19.93 -25.04
CA ALA D 511 -40.69 -19.44 -23.86
C ALA D 511 -40.47 -17.95 -23.61
N ASN D 512 -39.46 -17.34 -24.26
CA ASN D 512 -39.22 -15.93 -24.07
C ASN D 512 -39.80 -15.04 -25.16
N ALA D 513 -39.86 -15.49 -26.42
CA ALA D 513 -40.36 -14.62 -27.47
C ALA D 513 -41.20 -15.30 -28.55
N GLY D 514 -41.49 -16.58 -28.45
CA GLY D 514 -42.17 -17.29 -29.53
C GLY D 514 -41.41 -17.27 -30.84
N PHE D 515 -40.08 -17.36 -30.78
CA PHE D 515 -39.26 -16.99 -31.93
C PHE D 515 -39.61 -17.73 -33.21
N PRO D 516 -39.70 -19.06 -33.26
CA PRO D 516 -39.99 -19.72 -34.54
C PRO D 516 -41.33 -19.33 -35.12
N PHE D 517 -42.26 -18.87 -34.27
CA PHE D 517 -43.55 -18.39 -34.73
C PHE D 517 -43.66 -16.87 -34.75
N SER D 518 -42.87 -16.19 -33.91
CA SER D 518 -42.91 -14.73 -33.85
C SER D 518 -41.93 -14.07 -34.82
N ARG D 519 -41.18 -14.85 -35.61
CA ARG D 519 -40.42 -14.26 -36.69
C ARG D 519 -41.32 -13.44 -37.61
N MET D 520 -42.54 -13.93 -37.83
CA MET D 520 -43.60 -13.17 -38.48
C MET D 520 -44.62 -12.80 -37.41
N ALA D 521 -44.85 -11.51 -37.21
CA ALA D 521 -45.70 -11.05 -36.11
C ALA D 521 -47.14 -11.52 -36.28
N ASP D 522 -47.58 -11.75 -37.51
CA ASP D 522 -48.95 -12.19 -37.77
C ASP D 522 -49.09 -13.71 -37.78
N LEU D 523 -48.00 -14.43 -37.50
CA LEU D 523 -47.99 -15.89 -37.56
C LEU D 523 -48.42 -16.39 -38.93
N SER D 524 -47.98 -15.67 -39.98
CA SER D 524 -48.31 -16.06 -41.35
C SER D 524 -47.68 -17.40 -41.70
N GLN D 525 -46.44 -17.63 -41.24
CA GLN D 525 -45.70 -18.84 -41.55
C GLN D 525 -45.77 -19.86 -40.42
N THR D 526 -46.91 -19.95 -39.74
CA THR D 526 -47.11 -20.88 -38.64
C THR D 526 -48.36 -21.70 -38.89
N ILE D 527 -48.24 -23.02 -38.72
CA ILE D 527 -49.35 -23.95 -38.86
C ILE D 527 -49.50 -24.71 -37.55
N THR D 528 -50.72 -24.75 -37.02
CA THR D 528 -51.01 -25.41 -35.75
C THR D 528 -51.85 -26.65 -36.01
N VAL D 529 -51.39 -27.78 -35.46
CA VAL D 529 -52.08 -29.05 -35.59
C VAL D 529 -52.84 -29.32 -34.30
N MET D 530 -54.14 -29.58 -34.42
CA MET D 530 -55.03 -29.80 -33.29
C MET D 530 -55.82 -31.08 -33.51
N PRO D 531 -56.28 -31.71 -32.44
CA PRO D 531 -57.11 -32.91 -32.59
C PRO D 531 -58.42 -32.61 -33.32
N LYS D 532 -59.07 -33.68 -33.79
CA LYS D 532 -60.29 -33.52 -34.57
C LYS D 532 -61.39 -32.85 -33.76
N ALA D 533 -61.59 -33.30 -32.51
CA ALA D 533 -62.61 -32.75 -31.63
C ALA D 533 -61.92 -32.35 -30.32
N PRO D 534 -61.21 -31.22 -30.32
CA PRO D 534 -60.46 -30.84 -29.11
C PRO D 534 -61.39 -30.59 -27.93
N ASN D 535 -60.91 -30.97 -26.74
CA ASN D 535 -61.66 -30.73 -25.53
C ASN D 535 -61.24 -29.38 -24.93
N GLU D 536 -61.79 -29.09 -23.75
CA GLU D 536 -61.54 -27.79 -23.13
C GLU D 536 -60.07 -27.61 -22.78
N ALA D 537 -59.40 -28.69 -22.34
CA ALA D 537 -58.00 -28.58 -21.96
C ALA D 537 -57.13 -28.23 -23.17
N GLN D 538 -57.34 -28.92 -24.30
CA GLN D 538 -56.55 -28.64 -25.48
C GLN D 538 -56.87 -27.27 -26.06
N MET D 539 -58.15 -26.88 -26.04
CA MET D 539 -58.51 -25.53 -26.46
C MET D 539 -57.83 -24.48 -25.61
N GLU D 540 -57.81 -24.70 -24.29
CA GLU D 540 -57.13 -23.78 -23.38
C GLU D 540 -55.64 -23.73 -23.66
N THR D 541 -55.03 -24.88 -23.96
CA THR D 541 -53.61 -24.90 -24.28
C THR D 541 -53.31 -24.05 -25.51
N LEU D 542 -54.09 -24.25 -26.58
CA LEU D 542 -53.88 -23.46 -27.79
C LEU D 542 -54.07 -21.97 -27.52
N LEU D 543 -55.14 -21.62 -26.80
CA LEU D 543 -55.43 -20.22 -26.54
C LEU D 543 -54.33 -19.58 -25.70
N ASN D 544 -53.85 -20.28 -24.67
CA ASN D 544 -52.79 -19.74 -23.82
C ASN D 544 -51.50 -19.56 -24.59
N THR D 545 -51.14 -20.54 -25.43
CA THR D 545 -49.91 -20.42 -26.21
C THR D 545 -49.98 -19.24 -27.16
N VAL D 546 -51.06 -19.12 -27.91
CA VAL D 546 -51.19 -18.01 -28.85
C VAL D 546 -51.26 -16.69 -28.10
N GLY D 547 -51.89 -16.67 -26.92
CA GLY D 547 -51.97 -15.45 -26.14
C GLY D 547 -50.62 -14.97 -25.65
N PHE D 548 -49.79 -15.89 -25.14
CA PHE D 548 -48.48 -15.44 -24.66
C PHE D 548 -47.57 -15.07 -25.82
N ILE D 549 -47.71 -15.75 -26.96
CA ILE D 549 -46.94 -15.34 -28.14
C ILE D 549 -47.34 -13.93 -28.57
N GLY D 550 -48.65 -13.64 -28.57
CA GLY D 550 -49.10 -12.30 -28.90
C GLY D 550 -48.66 -11.27 -27.88
N ALA D 551 -48.61 -11.65 -26.61
CA ALA D 551 -48.11 -10.75 -25.57
C ALA D 551 -46.65 -10.40 -25.81
N GLN D 552 -45.84 -11.39 -26.20
CA GLN D 552 -44.43 -11.11 -26.49
C GLN D 552 -44.28 -10.25 -27.73
N THR D 553 -45.07 -10.52 -28.78
CA THR D 553 -44.89 -9.81 -30.04
C THR D 553 -45.43 -8.38 -29.98
N GLY D 554 -46.60 -8.19 -29.36
CA GLY D 554 -47.32 -6.94 -29.46
C GLY D 554 -48.29 -6.86 -30.61
N PHE D 555 -48.44 -7.93 -31.39
CA PHE D 555 -49.31 -7.96 -32.55
C PHE D 555 -50.14 -9.24 -32.56
N PRO D 556 -51.39 -9.17 -32.96
CA PRO D 556 -52.23 -10.38 -32.98
C PRO D 556 -51.86 -11.30 -34.13
N ALA D 557 -52.21 -12.58 -33.96
CA ALA D 557 -51.93 -13.60 -34.97
C ALA D 557 -53.12 -13.70 -35.93
N ILE D 558 -53.27 -12.67 -36.75
CA ILE D 558 -54.41 -12.59 -37.66
C ILE D 558 -54.29 -13.57 -38.83
N ASN D 559 -53.08 -14.03 -39.13
CA ASN D 559 -52.84 -14.90 -40.28
C ASN D 559 -52.41 -16.29 -39.85
N LEU D 560 -52.85 -16.74 -38.68
CA LEU D 560 -52.51 -18.07 -38.19
C LEU D 560 -53.33 -19.13 -38.93
N THR D 561 -52.70 -20.26 -39.20
CA THR D 561 -53.33 -21.38 -39.88
C THR D 561 -53.47 -22.55 -38.92
N VAL D 562 -54.69 -23.07 -38.80
CA VAL D 562 -54.99 -24.20 -37.93
C VAL D 562 -55.55 -25.32 -38.79
N THR D 563 -54.99 -26.53 -38.64
CA THR D 563 -55.46 -27.70 -39.36
C THR D 563 -55.59 -28.87 -38.40
N ASP D 564 -56.66 -29.64 -38.55
CA ASP D 564 -56.90 -30.79 -37.68
C ASP D 564 -56.34 -32.09 -38.24
N ASP D 565 -55.81 -32.08 -39.45
CA ASP D 565 -55.21 -33.26 -40.06
C ASP D 565 -53.78 -32.96 -40.46
N GLY D 566 -52.89 -33.91 -40.20
CA GLY D 566 -51.48 -33.73 -40.48
C GLY D 566 -51.04 -33.94 -41.90
N SER D 567 -51.96 -34.28 -42.80
CA SER D 567 -51.62 -34.45 -44.21
C SER D 567 -51.44 -33.12 -44.93
N THR D 568 -51.90 -32.03 -44.33
CA THR D 568 -51.83 -30.72 -44.97
C THR D 568 -50.54 -29.97 -44.65
N ILE D 569 -49.68 -30.52 -43.79
CA ILE D 569 -48.44 -29.84 -43.42
C ILE D 569 -47.26 -30.26 -44.30
N GLN D 570 -47.43 -31.25 -45.16
CA GLN D 570 -46.34 -31.70 -46.01
C GLN D 570 -46.07 -30.69 -47.12
N GLY D 571 -44.80 -30.35 -47.32
CA GLY D 571 -44.43 -29.46 -48.39
C GLY D 571 -44.81 -28.01 -48.19
N LYS D 572 -45.03 -27.60 -46.94
CA LYS D 572 -45.38 -26.22 -46.63
C LYS D 572 -44.22 -25.55 -45.93
N ASP D 573 -43.84 -24.36 -46.41
CA ASP D 573 -42.76 -23.58 -45.82
C ASP D 573 -43.31 -22.84 -44.60
N ALA D 574 -43.43 -23.58 -43.50
CA ALA D 574 -44.02 -23.02 -42.29
C ALA D 574 -43.44 -23.72 -41.07
N ASP D 575 -43.57 -23.08 -39.93
CA ASP D 575 -43.18 -23.65 -38.64
C ASP D 575 -44.42 -24.25 -37.99
N ILE D 576 -44.29 -25.48 -37.52
CA ILE D 576 -45.42 -26.29 -37.08
C ILE D 576 -45.47 -26.30 -35.56
N MET D 577 -46.63 -25.99 -35.00
CA MET D 577 -46.90 -26.10 -33.57
C MET D 577 -47.93 -27.21 -33.37
N ILE D 578 -47.58 -28.19 -32.54
CA ILE D 578 -48.41 -29.37 -32.33
C ILE D 578 -48.94 -29.35 -30.91
N ILE D 579 -50.25 -29.50 -30.77
CA ILE D 579 -50.91 -29.61 -29.47
C ILE D 579 -51.67 -30.93 -29.45
N GLY D 580 -51.37 -31.77 -28.46
CA GLY D 580 -52.04 -33.05 -28.34
C GLY D 580 -51.22 -34.22 -28.85
N GLY D 581 -51.54 -34.72 -30.05
CA GLY D 581 -50.87 -35.85 -30.62
C GLY D 581 -50.22 -35.51 -31.96
N ILE D 582 -49.40 -36.45 -32.44
CA ILE D 582 -48.69 -36.29 -33.71
C ILE D 582 -49.34 -37.23 -34.72
N PRO D 583 -50.12 -36.72 -35.68
CA PRO D 583 -50.92 -37.60 -36.53
C PRO D 583 -50.27 -37.98 -37.86
N ASP D 584 -50.87 -38.94 -38.55
CA ASP D 584 -50.58 -39.31 -39.94
C ASP D 584 -49.14 -39.84 -40.02
N LYS D 585 -48.38 -39.48 -41.06
CA LYS D 585 -47.08 -40.10 -41.31
C LYS D 585 -46.05 -39.67 -40.26
N LEU D 586 -46.28 -38.56 -39.57
CA LEU D 586 -45.39 -38.18 -38.48
C LEU D 586 -45.57 -39.12 -37.30
N LYS D 587 -44.82 -38.84 -36.22
CA LYS D 587 -44.74 -39.68 -35.03
C LYS D 587 -43.98 -40.97 -35.34
N ASP D 588 -43.21 -41.46 -34.37
CA ASP D 588 -42.34 -42.62 -34.56
C ASP D 588 -41.37 -42.40 -35.72
N ASP D 589 -40.89 -41.17 -35.85
CA ASP D 589 -39.99 -40.80 -36.93
C ASP D 589 -38.53 -40.91 -36.47
N LYS D 590 -37.61 -40.57 -37.37
CA LYS D 590 -36.19 -40.64 -37.08
C LYS D 590 -35.62 -39.35 -36.49
N GLN D 591 -36.43 -38.29 -36.40
CA GLN D 591 -35.97 -37.00 -35.89
C GLN D 591 -36.75 -36.54 -34.66
N ILE D 592 -37.61 -37.38 -34.10
CA ILE D 592 -38.39 -37.02 -32.92
C ILE D 592 -37.62 -37.43 -31.67
N ASP D 593 -37.48 -36.50 -30.72
CA ASP D 593 -36.65 -36.71 -29.55
C ASP D 593 -37.40 -37.28 -28.36
N LEU D 594 -38.72 -37.12 -28.29
CA LEU D 594 -39.51 -37.71 -27.22
C LEU D 594 -40.90 -38.04 -27.76
N LEU D 595 -41.46 -39.14 -27.28
CA LEU D 595 -42.76 -39.60 -27.72
C LEU D 595 -43.63 -39.94 -26.52
N VAL D 596 -44.93 -39.76 -26.67
CA VAL D 596 -45.91 -40.05 -25.63
C VAL D 596 -46.98 -40.94 -26.25
N GLN D 597 -46.93 -42.23 -25.91
CA GLN D 597 -47.92 -43.19 -26.39
C GLN D 597 -49.08 -43.27 -25.39
N ALA D 598 -50.00 -44.21 -25.62
CA ALA D 598 -51.11 -44.41 -24.70
C ALA D 598 -50.60 -44.88 -23.34
N THR D 599 -49.64 -45.79 -23.33
CA THR D 599 -49.06 -46.31 -22.09
C THR D 599 -47.55 -46.21 -22.05
N GLU D 600 -46.87 -46.37 -23.18
CA GLU D 600 -45.41 -46.34 -23.21
C GLU D 600 -44.90 -44.90 -23.23
N SER D 601 -43.81 -44.65 -22.51
CA SER D 601 -43.20 -43.34 -22.44
C SER D 601 -41.69 -43.51 -22.31
N TRP D 602 -40.94 -42.61 -22.95
CA TRP D 602 -39.49 -42.68 -22.95
C TRP D 602 -38.90 -41.30 -23.16
N VAL D 603 -37.62 -41.15 -22.82
CA VAL D 603 -36.87 -39.92 -23.02
C VAL D 603 -35.51 -40.26 -23.59
N LYS D 604 -34.90 -39.27 -24.24
CA LYS D 604 -33.51 -39.38 -24.71
C LYS D 604 -32.61 -38.46 -23.91
N GLU D 625 -26.12 -39.71 -26.28
CA GLU D 625 -25.72 -39.92 -24.89
C GLU D 625 -26.29 -41.24 -24.37
N THR D 626 -27.54 -41.22 -23.92
CA THR D 626 -28.21 -42.42 -23.45
C THR D 626 -29.72 -42.21 -23.56
N ARG D 627 -30.42 -43.25 -24.00
CA ARG D 627 -31.87 -43.25 -24.11
C ARG D 627 -32.46 -44.13 -23.02
N SER D 628 -33.40 -43.58 -22.26
CA SER D 628 -34.01 -44.27 -21.13
C SER D 628 -35.52 -44.30 -21.29
N THR D 629 -36.12 -45.44 -20.95
CA THR D 629 -37.56 -45.65 -21.05
C THR D 629 -38.12 -45.99 -19.67
N LEU D 630 -39.12 -45.22 -19.24
CA LEU D 630 -39.74 -45.42 -17.94
C LEU D 630 -41.24 -45.18 -18.04
N THR D 631 -42.00 -45.88 -17.21
CA THR D 631 -43.45 -45.78 -17.18
C THR D 631 -43.92 -45.51 -15.76
N SER D 632 -44.92 -44.65 -15.62
CA SER D 632 -45.45 -44.28 -14.32
C SER D 632 -46.88 -43.80 -14.48
N SER D 633 -47.60 -43.74 -13.36
CA SER D 633 -48.99 -43.31 -13.34
C SER D 633 -49.16 -41.84 -12.97
N GLY D 634 -48.09 -41.16 -12.58
CA GLY D 634 -48.21 -39.76 -12.23
C GLY D 634 -48.35 -38.87 -13.45
N ALA D 635 -48.78 -37.64 -13.19
CA ALA D 635 -48.98 -36.67 -14.27
C ALA D 635 -47.65 -36.20 -14.83
N MET D 636 -47.65 -35.87 -16.12
CA MET D 636 -46.45 -35.40 -16.79
C MET D 636 -46.85 -34.67 -18.07
N ALA D 637 -46.19 -33.54 -18.31
CA ALA D 637 -46.34 -32.80 -19.55
C ALA D 637 -44.96 -32.38 -20.03
N ALA D 638 -44.84 -32.16 -21.34
CA ALA D 638 -43.55 -31.82 -21.91
C ALA D 638 -43.72 -30.88 -23.09
N VAL D 639 -42.69 -30.08 -23.34
CA VAL D 639 -42.58 -29.24 -24.52
C VAL D 639 -41.36 -29.70 -25.29
N ILE D 640 -41.56 -30.06 -26.56
CA ILE D 640 -40.52 -30.65 -27.39
C ILE D 640 -40.32 -29.79 -28.63
N GLY D 641 -39.06 -29.57 -28.98
CA GLY D 641 -38.71 -28.88 -30.20
C GLY D 641 -37.75 -29.66 -31.06
N PHE D 642 -38.06 -29.80 -32.35
CA PHE D 642 -37.19 -30.53 -33.26
C PHE D 642 -37.38 -30.00 -34.67
N GLN D 643 -36.41 -30.33 -35.53
CA GLN D 643 -36.42 -29.83 -36.90
C GLN D 643 -37.58 -30.42 -37.68
N SER D 644 -38.16 -29.61 -38.57
CA SER D 644 -39.24 -30.08 -39.41
C SER D 644 -38.68 -31.05 -40.46
N PRO D 645 -39.40 -32.14 -40.74
CA PRO D 645 -38.94 -33.09 -41.76
C PRO D 645 -39.19 -32.64 -43.19
N TYR D 646 -39.61 -31.40 -43.41
CA TYR D 646 -39.91 -30.90 -44.74
C TYR D 646 -39.03 -29.74 -45.17
N ASN D 647 -38.63 -28.85 -44.26
CA ASN D 647 -37.74 -27.75 -44.59
C ASN D 647 -36.64 -27.69 -43.54
N ASP D 648 -35.43 -27.36 -43.98
CA ASP D 648 -34.29 -27.35 -43.07
C ASP D 648 -34.31 -26.14 -42.15
N GLN D 649 -34.90 -25.03 -42.60
CA GLN D 649 -34.94 -23.81 -41.81
C GLN D 649 -36.20 -23.66 -40.98
N ARG D 650 -37.10 -24.65 -41.01
CA ARG D 650 -38.32 -24.61 -40.24
C ARG D 650 -38.21 -25.50 -39.01
N SER D 651 -39.03 -25.21 -38.00
CA SER D 651 -38.97 -25.86 -36.72
C SER D 651 -40.35 -26.37 -36.31
N VAL D 652 -40.35 -27.39 -35.46
CA VAL D 652 -41.57 -27.96 -34.92
C VAL D 652 -41.50 -27.91 -33.40
N ILE D 653 -42.53 -27.34 -32.77
CA ILE D 653 -42.64 -27.29 -31.33
C ILE D 653 -43.93 -27.99 -30.92
N ALA D 654 -43.81 -28.96 -30.03
CA ALA D 654 -44.94 -29.79 -29.61
C ALA D 654 -45.19 -29.62 -28.11
N LEU D 655 -46.45 -29.42 -27.76
CA LEU D 655 -46.89 -29.32 -26.36
C LEU D 655 -47.83 -30.49 -26.10
N LEU D 656 -47.34 -31.50 -25.38
CA LEU D 656 -48.08 -32.73 -25.19
C LEU D 656 -48.30 -33.00 -23.71
N ALA D 657 -49.48 -33.53 -23.38
CA ALA D 657 -49.82 -33.95 -22.04
C ALA D 657 -50.50 -35.31 -22.11
N ASP D 658 -50.38 -36.08 -21.02
CA ASP D 658 -50.90 -37.44 -20.99
C ASP D 658 -52.23 -37.56 -20.24
N SER D 659 -52.52 -36.64 -19.33
CA SER D 659 -53.72 -36.71 -18.50
C SER D 659 -54.34 -35.32 -18.38
N PRO D 660 -55.59 -35.21 -17.92
CA PRO D 660 -56.12 -33.87 -17.61
C PRO D 660 -55.27 -33.09 -16.63
N ARG D 661 -54.71 -33.77 -15.62
CA ARG D 661 -53.79 -33.09 -14.71
C ARG D 661 -52.54 -32.63 -15.44
N GLY D 662 -52.05 -33.44 -16.38
CA GLY D 662 -50.92 -33.02 -17.19
C GLY D 662 -51.24 -31.80 -18.04
N TYR D 663 -52.46 -31.74 -18.58
CA TYR D 663 -52.87 -30.57 -19.34
C TYR D 663 -52.95 -29.33 -18.45
N GLU D 664 -53.47 -29.49 -17.22
CA GLU D 664 -53.50 -28.38 -16.29
C GLU D 664 -52.10 -27.89 -15.97
N MET D 665 -51.17 -28.82 -15.72
CA MET D 665 -49.79 -28.44 -15.44
C MET D 665 -49.15 -27.72 -16.62
N LEU D 666 -49.39 -28.24 -17.83
CA LEU D 666 -48.85 -27.61 -19.03
C LEU D 666 -49.40 -26.19 -19.21
N ASN D 667 -50.70 -26.02 -19.02
CA ASN D 667 -51.30 -24.70 -19.16
C ASN D 667 -50.75 -23.73 -18.11
N ASP D 668 -50.61 -24.20 -16.87
CA ASP D 668 -50.08 -23.32 -15.82
C ASP D 668 -48.64 -22.92 -16.12
N ALA D 669 -47.82 -23.87 -16.56
CA ALA D 669 -46.43 -23.55 -16.90
C ALA D 669 -46.37 -22.58 -18.07
N VAL D 670 -47.27 -22.74 -19.04
CA VAL D 670 -47.26 -21.85 -20.20
C VAL D 670 -47.69 -20.44 -19.80
N ASN D 671 -48.73 -20.31 -18.99
CA ASN D 671 -49.27 -18.99 -18.68
C ASN D 671 -48.57 -18.32 -17.49
N ASP D 672 -47.67 -19.01 -16.80
CA ASP D 672 -46.86 -18.39 -15.76
C ASP D 672 -45.50 -18.02 -16.36
N SER D 673 -45.20 -16.72 -16.37
CA SER D 673 -43.95 -16.25 -16.96
C SER D 673 -42.74 -16.75 -16.17
N GLY D 674 -42.86 -16.82 -14.85
CA GLY D 674 -41.75 -17.30 -14.04
C GLY D 674 -41.39 -18.74 -14.36
N LYS D 675 -42.40 -19.60 -14.52
CA LYS D 675 -42.13 -20.98 -14.90
C LYS D 675 -41.69 -21.08 -16.36
N ARG D 676 -42.20 -20.19 -17.22
CA ARG D 676 -41.78 -20.18 -18.62
C ARG D 676 -40.30 -19.86 -18.75
N ALA D 677 -39.80 -18.91 -17.95
CA ALA D 677 -38.41 -18.50 -18.04
C ALA D 677 -37.43 -19.59 -17.65
N THR D 678 -37.89 -20.66 -17.02
CA THR D 678 -37.03 -21.77 -16.63
C THR D 678 -36.93 -22.86 -17.70
N MET D 679 -37.59 -22.68 -18.83
CA MET D 679 -37.54 -23.67 -19.91
C MET D 679 -36.41 -23.32 -20.87
N PHE D 680 -35.66 -24.35 -21.27
CA PHE D 680 -34.54 -24.18 -22.20
C PHE D 680 -34.25 -25.52 -22.86
N GLY D 681 -33.27 -25.53 -23.74
CA GLY D 681 -32.83 -26.74 -24.39
C GLY D 681 -33.78 -27.24 -25.46
N SER D 682 -33.92 -28.56 -25.56
CA SER D 682 -34.77 -29.19 -26.56
C SER D 682 -36.02 -29.82 -25.98
N VAL D 683 -35.96 -30.36 -24.77
CA VAL D 683 -37.10 -30.97 -24.10
C VAL D 683 -37.23 -30.34 -22.72
N ALA D 684 -38.44 -29.93 -22.37
CA ALA D 684 -38.74 -29.37 -21.05
C ALA D 684 -39.85 -30.22 -20.43
N VAL D 685 -39.48 -31.06 -19.48
CA VAL D 685 -40.42 -31.96 -18.82
C VAL D 685 -41.08 -31.23 -17.67
N ILE D 686 -42.40 -31.23 -17.64
CA ILE D 686 -43.18 -30.56 -16.61
C ILE D 686 -43.81 -31.62 -15.73
N ARG D 687 -43.46 -31.63 -14.45
CA ARG D 687 -44.05 -32.53 -13.48
C ARG D 687 -44.60 -31.73 -12.30
N GLU D 688 -45.09 -32.43 -11.28
CA GLU D 688 -45.58 -31.74 -10.08
C GLU D 688 -44.45 -31.05 -9.33
N SER D 689 -43.21 -31.46 -9.55
CA SER D 689 -42.08 -30.83 -8.88
C SER D 689 -41.73 -29.48 -9.48
N GLY D 690 -41.86 -29.33 -10.79
CA GLY D 690 -41.48 -28.12 -11.49
C GLY D 690 -41.18 -28.45 -12.95
N ILE D 691 -40.25 -27.69 -13.52
CA ILE D 691 -39.85 -27.85 -14.90
C ILE D 691 -38.37 -28.21 -14.94
N ASN D 692 -38.04 -29.31 -15.60
CA ASN D 692 -36.67 -29.74 -15.82
C ASN D 692 -36.40 -29.81 -17.32
N SER D 693 -35.30 -29.22 -17.75
CA SER D 693 -35.01 -29.06 -19.16
C SER D 693 -33.74 -29.80 -19.54
N LEU D 694 -33.72 -30.32 -20.77
CA LEU D 694 -32.58 -31.01 -21.33
C LEU D 694 -32.28 -30.45 -22.71
N ARG D 695 -31.01 -30.50 -23.09
CA ARG D 695 -30.56 -30.08 -24.41
C ARG D 695 -30.21 -31.25 -25.31
N VAL D 696 -30.68 -32.45 -24.98
CA VAL D 696 -30.28 -33.65 -25.72
C VAL D 696 -30.97 -33.69 -27.07
N GLY D 697 -30.19 -33.99 -28.11
CA GLY D 697 -30.72 -34.10 -29.46
C GLY D 697 -29.82 -33.48 -30.50
N ASP D 698 -30.19 -33.60 -31.77
CA ASP D 698 -29.42 -32.98 -32.84
C ASP D 698 -29.61 -31.46 -32.81
N VAL D 699 -28.63 -30.75 -33.35
CA VAL D 699 -28.61 -29.29 -33.35
C VAL D 699 -28.58 -28.82 -34.80
N TYR D 700 -29.54 -27.97 -35.16
CA TYR D 700 -29.61 -27.36 -36.48
C TYR D 700 -29.67 -25.84 -36.33
N TYR D 701 -29.09 -25.15 -37.30
CA TYR D 701 -28.94 -23.70 -37.26
C TYR D 701 -29.95 -23.06 -38.21
N VAL D 702 -30.69 -22.09 -37.70
CA VAL D 702 -31.66 -21.33 -38.50
C VAL D 702 -31.14 -19.91 -38.61
N GLY D 703 -30.93 -19.46 -39.84
CA GLY D 703 -30.44 -18.11 -40.06
C GLY D 703 -29.87 -17.95 -41.45
N HIS D 704 -29.27 -16.79 -41.67
CA HIS D 704 -28.76 -16.38 -42.97
C HIS D 704 -27.36 -15.79 -42.83
N LEU D 705 -26.48 -16.52 -42.16
CA LEU D 705 -25.09 -16.08 -42.05
C LEU D 705 -24.52 -15.87 -43.45
N PRO D 706 -23.77 -14.80 -43.69
CA PRO D 706 -23.38 -14.46 -45.06
C PRO D 706 -22.46 -15.50 -45.69
N TRP D 707 -22.35 -15.42 -47.01
CA TRP D 707 -21.66 -16.43 -47.79
C TRP D 707 -20.20 -16.57 -47.37
N PHE D 708 -19.48 -15.45 -47.28
CA PHE D 708 -18.06 -15.50 -46.97
C PHE D 708 -17.79 -15.94 -45.54
N GLU D 709 -18.75 -15.75 -44.63
CA GLU D 709 -18.59 -16.21 -43.26
C GLU D 709 -19.12 -17.64 -43.08
N ARG D 710 -20.16 -18.01 -43.83
CA ARG D 710 -20.61 -19.40 -43.81
C ARG D 710 -19.58 -20.35 -44.39
N LEU D 711 -18.91 -19.97 -45.48
CA LEU D 711 -17.96 -20.85 -46.14
C LEU D 711 -16.53 -20.68 -45.66
N TRP D 712 -16.29 -19.83 -44.68
CA TRP D 712 -14.94 -19.54 -44.18
C TRP D 712 -14.01 -19.08 -45.31
N ASN E 42 -84.01 40.08 -6.21
CA ASN E 42 -83.69 40.88 -7.39
C ASN E 42 -83.03 40.04 -8.46
N GLY E 43 -81.74 40.27 -8.69
CA GLY E 43 -81.01 39.53 -9.69
C GLY E 43 -80.79 38.09 -9.29
N PRO E 44 -80.58 37.22 -10.28
CA PRO E 44 -80.31 35.81 -9.98
C PRO E 44 -79.05 35.64 -9.14
N SER E 45 -79.10 34.68 -8.23
CA SER E 45 -78.00 34.37 -7.33
C SER E 45 -77.35 33.06 -7.77
N ARG E 46 -76.03 33.08 -7.92
CA ARG E 46 -75.27 31.93 -8.38
C ARG E 46 -74.25 31.53 -7.31
N ASP E 47 -74.26 30.26 -6.93
CA ASP E 47 -73.36 29.73 -5.92
C ASP E 47 -72.18 29.04 -6.60
N VAL E 48 -70.97 29.39 -6.17
CA VAL E 48 -69.74 28.85 -6.75
C VAL E 48 -68.90 28.26 -5.63
N LYS E 49 -68.44 27.03 -5.82
CA LYS E 49 -67.54 26.36 -4.88
C LYS E 49 -66.20 26.18 -5.57
N LEU E 50 -65.23 27.01 -5.21
CA LEU E 50 -63.92 27.04 -5.84
C LEU E 50 -62.93 26.27 -4.97
N THR E 51 -62.86 24.95 -5.19
CA THR E 51 -61.95 24.12 -4.41
C THR E 51 -60.50 24.41 -4.81
N PHE E 52 -59.59 24.07 -3.91
CA PHE E 52 -58.17 24.30 -4.15
C PHE E 52 -57.66 23.48 -5.33
N ALA E 53 -58.23 22.29 -5.54
CA ALA E 53 -57.76 21.42 -6.62
C ALA E 53 -57.96 22.02 -7.99
N GLN E 54 -58.81 23.03 -8.13
CA GLN E 54 -59.07 23.66 -9.42
C GLN E 54 -58.34 24.98 -9.60
N ILE E 55 -58.10 25.74 -8.53
CA ILE E 55 -57.54 27.07 -8.65
C ILE E 55 -56.09 27.14 -8.16
N ALA E 56 -55.72 26.37 -7.15
CA ALA E 56 -54.36 26.40 -6.64
C ALA E 56 -53.42 25.74 -7.65
N PRO E 57 -52.12 26.04 -7.57
CA PRO E 57 -51.16 25.38 -8.46
C PRO E 57 -51.19 23.89 -8.26
N PRO E 58 -50.92 23.12 -9.31
CA PRO E 58 -51.01 21.66 -9.20
C PRO E 58 -49.97 21.14 -8.23
N PRO E 59 -50.25 20.03 -7.54
CA PRO E 59 -51.46 19.20 -7.64
C PRO E 59 -52.62 19.71 -6.81
N GLY E 60 -52.57 20.95 -6.34
CA GLY E 60 -53.65 21.52 -5.57
C GLY E 60 -53.33 21.57 -4.08
N SER E 61 -52.69 20.52 -3.58
CA SER E 61 -52.27 20.51 -2.18
C SER E 61 -51.09 21.46 -1.98
N MET E 62 -51.11 22.17 -0.85
CA MET E 62 -50.07 23.14 -0.52
C MET E 62 -49.27 22.61 0.67
N VAL E 63 -47.96 22.51 0.50
CA VAL E 63 -47.06 22.12 1.58
C VAL E 63 -46.35 23.40 2.00
N LEU E 64 -46.93 24.09 2.98
CA LEU E 64 -46.31 25.29 3.53
C LEU E 64 -45.20 24.91 4.47
N ARG E 65 -44.05 25.55 4.31
CA ARG E 65 -42.84 25.19 5.05
C ARG E 65 -42.27 26.42 5.73
N GLY E 66 -41.25 26.21 6.56
CA GLY E 66 -40.53 27.32 7.15
C GLY E 66 -39.65 28.06 6.17
N ILE E 67 -39.29 27.42 5.06
CA ILE E 67 -38.52 28.06 4.00
C ILE E 67 -39.40 28.60 2.88
N ASN E 68 -40.60 28.06 2.71
CA ASN E 68 -41.57 28.54 1.73
C ASN E 68 -42.91 28.70 2.43
N PRO E 69 -43.08 29.77 3.20
CA PRO E 69 -44.26 29.90 4.07
C PRO E 69 -45.47 30.59 3.45
N ASN E 70 -45.51 30.78 2.14
CA ASN E 70 -46.59 31.50 1.50
C ASN E 70 -47.23 30.63 0.41
N GLY E 71 -48.55 30.54 0.43
CA GLY E 71 -49.30 29.89 -0.62
C GLY E 71 -50.55 30.70 -0.93
N SER E 72 -50.76 31.02 -2.20
CA SER E 72 -51.80 31.96 -2.59
C SER E 72 -52.72 31.34 -3.65
N ILE E 73 -53.98 31.76 -3.63
CA ILE E 73 -54.96 31.42 -4.64
C ILE E 73 -55.58 32.71 -5.15
N GLU E 74 -56.07 32.68 -6.38
CA GLU E 74 -56.63 33.86 -7.04
C GLU E 74 -58.02 33.56 -7.55
N PHE E 75 -58.91 34.54 -7.40
CA PHE E 75 -60.24 34.47 -7.98
C PHE E 75 -60.67 35.88 -8.37
N GLY E 76 -61.60 35.95 -9.32
CA GLY E 76 -62.02 37.22 -9.86
C GLY E 76 -63.53 37.38 -9.80
N MET E 77 -63.96 38.63 -9.93
CA MET E 77 -65.37 38.99 -9.91
C MET E 77 -65.68 39.81 -11.15
N ARG E 78 -66.74 39.42 -11.87
CA ARG E 78 -67.11 40.15 -13.07
C ARG E 78 -67.71 41.51 -12.73
N SER E 79 -67.69 42.40 -13.71
CA SER E 79 -68.24 43.74 -13.51
C SER E 79 -69.74 43.70 -13.26
N ASP E 80 -70.45 42.83 -13.97
CA ASP E 80 -71.89 42.71 -13.86
C ASP E 80 -72.33 41.76 -12.76
N GLU E 81 -71.46 41.49 -11.79
CA GLU E 81 -71.79 40.61 -10.67
C GLU E 81 -71.21 41.18 -9.39
N VAL E 82 -71.80 40.80 -8.26
CA VAL E 82 -71.34 41.21 -6.94
C VAL E 82 -71.39 40.01 -6.01
N VAL E 83 -70.49 39.99 -5.03
CA VAL E 83 -70.39 38.90 -4.09
C VAL E 83 -71.19 39.23 -2.84
N THR E 84 -72.12 38.35 -2.48
CA THR E 84 -72.94 38.54 -1.29
C THR E 84 -72.30 37.94 -0.05
N LYS E 85 -71.80 36.71 -0.15
CA LYS E 85 -71.13 36.06 0.97
C LYS E 85 -69.91 35.29 0.47
N ALA E 86 -68.81 35.41 1.20
CA ALA E 86 -67.57 34.71 0.89
C ALA E 86 -67.11 33.96 2.12
N MET E 87 -66.78 32.68 1.95
CA MET E 87 -66.34 31.84 3.05
C MET E 87 -65.14 31.03 2.60
N LEU E 88 -64.10 30.98 3.44
CA LEU E 88 -62.90 30.20 3.18
C LEU E 88 -62.90 29.00 4.10
N ASN E 89 -63.08 27.81 3.53
CA ASN E 89 -63.02 26.56 4.27
C ASN E 89 -61.65 25.95 4.08
N LEU E 90 -60.95 25.71 5.19
CA LEU E 90 -59.60 25.18 5.15
C LEU E 90 -59.53 23.85 5.89
N GLU E 91 -58.94 22.85 5.25
CA GLU E 91 -58.65 21.57 5.88
C GLU E 91 -57.13 21.38 5.85
N TYR E 92 -56.49 21.57 7.00
CA TYR E 92 -55.04 21.56 7.08
C TYR E 92 -54.58 20.71 8.25
N THR E 93 -53.36 20.19 8.14
CA THR E 93 -52.74 19.37 9.18
C THR E 93 -51.41 19.98 9.59
N PRO E 94 -51.34 20.68 10.72
CA PRO E 94 -50.05 21.19 11.19
C PRO E 94 -49.12 20.07 11.64
N SER E 95 -47.83 20.36 11.59
CA SER E 95 -46.84 19.37 11.99
C SER E 95 -46.94 19.08 13.48
N PRO E 96 -46.72 17.84 13.91
CA PRO E 96 -46.82 17.52 15.34
C PRO E 96 -45.70 18.10 16.18
N SER E 97 -44.66 18.67 15.57
CA SER E 97 -43.53 19.21 16.30
C SER E 97 -43.65 20.71 16.54
N LEU E 98 -44.71 21.35 16.09
CA LEU E 98 -44.84 22.80 16.24
C LEU E 98 -45.18 23.18 17.66
N LEU E 99 -44.66 24.32 18.08
CA LEU E 99 -45.08 24.93 19.35
C LEU E 99 -46.44 25.58 19.15
N PRO E 100 -47.45 25.24 19.97
CA PRO E 100 -48.83 25.66 19.66
C PRO E 100 -49.01 27.17 19.54
N VAL E 101 -48.75 27.91 20.60
CA VAL E 101 -49.09 29.33 20.62
C VAL E 101 -48.24 30.12 19.64
N GLN E 102 -46.93 29.87 19.63
CA GLN E 102 -46.01 30.65 18.81
C GLN E 102 -46.15 30.38 17.33
N SER E 103 -46.84 29.31 16.93
CA SER E 103 -47.04 28.99 15.53
C SER E 103 -48.50 29.19 15.16
N GLN E 104 -48.74 29.93 14.09
CA GLN E 104 -50.10 30.24 13.67
C GLN E 104 -50.16 30.30 12.14
N LEU E 105 -51.38 30.19 11.63
CA LEU E 105 -51.66 30.33 10.21
C LEU E 105 -52.46 31.59 9.98
N LYS E 106 -51.98 32.46 9.09
CA LYS E 106 -52.60 33.73 8.80
C LYS E 106 -53.18 33.74 7.40
N VAL E 107 -54.28 34.46 7.22
CA VAL E 107 -54.99 34.55 5.95
C VAL E 107 -55.06 36.02 5.55
N TYR E 108 -54.68 36.30 4.31
CA TYR E 108 -54.71 37.65 3.75
C TYR E 108 -55.65 37.69 2.55
N LEU E 109 -56.06 38.91 2.19
CA LEU E 109 -56.90 39.15 1.02
C LEU E 109 -56.48 40.49 0.44
N ASN E 110 -55.61 40.45 -0.58
CA ASN E 110 -54.97 41.65 -1.12
C ASN E 110 -54.33 42.46 0.00
N ASP E 111 -53.33 41.84 0.63
CA ASP E 111 -52.82 42.27 1.94
C ASP E 111 -54.03 42.22 2.89
N GLU E 112 -54.17 43.20 3.79
CA GLU E 112 -55.38 43.35 4.60
C GLU E 112 -55.76 42.04 5.29
N LEU E 113 -54.90 41.64 6.23
CA LEU E 113 -55.05 40.40 6.98
C LEU E 113 -56.48 40.19 7.46
N MET E 114 -57.08 39.08 7.05
CA MET E 114 -58.47 38.77 7.36
C MET E 114 -58.64 38.04 8.68
N GLY E 115 -57.74 37.12 9.00
CA GLY E 115 -57.85 36.38 10.23
C GLY E 115 -56.60 35.58 10.50
N VAL E 116 -56.46 35.14 11.75
CA VAL E 116 -55.33 34.36 12.22
C VAL E 116 -55.86 33.11 12.89
N LEU E 117 -55.28 31.96 12.56
CA LEU E 117 -55.67 30.66 13.12
C LEU E 117 -54.48 30.10 13.90
N PRO E 118 -54.40 30.36 15.19
CA PRO E 118 -53.29 29.80 15.98
C PRO E 118 -53.39 28.29 16.09
N VAL E 119 -52.24 27.65 16.13
CA VAL E 119 -52.16 26.20 16.30
C VAL E 119 -52.36 25.87 17.76
N THR E 120 -53.13 24.83 18.03
CA THR E 120 -53.40 24.40 19.39
C THR E 120 -52.75 23.03 19.65
N LYS E 121 -52.75 22.64 20.92
CA LYS E 121 -52.17 21.36 21.30
C LYS E 121 -52.96 20.19 20.71
N GLU E 122 -54.26 20.39 20.46
CA GLU E 122 -55.09 19.33 19.91
C GLU E 122 -54.95 19.18 18.40
N GLN E 123 -54.39 20.17 17.70
CA GLN E 123 -54.26 20.12 16.25
C GLN E 123 -52.94 19.52 15.79
N LEU E 124 -52.01 19.25 16.71
CA LEU E 124 -50.67 18.82 16.33
C LEU E 124 -50.74 17.43 15.68
N GLY E 125 -50.49 17.39 14.37
CA GLY E 125 -50.50 16.14 13.65
C GLY E 125 -51.87 15.61 13.27
N LYS E 126 -52.93 16.38 13.52
CA LYS E 126 -54.29 15.97 13.21
C LYS E 126 -54.89 16.89 12.17
N LYS E 127 -55.83 16.34 11.40
CA LYS E 127 -56.51 17.14 10.37
C LYS E 127 -57.46 18.12 11.03
N THR E 128 -57.33 19.39 10.68
CA THR E 128 -58.10 20.47 11.29
C THR E 128 -58.98 21.13 10.24
N LEU E 129 -60.21 21.46 10.64
CA LEU E 129 -61.16 22.15 9.78
C LEU E 129 -61.34 23.57 10.27
N ALA E 130 -61.13 24.54 9.39
CA ALA E 130 -61.26 25.96 9.71
C ALA E 130 -62.23 26.62 8.74
N GLN E 131 -63.09 27.49 9.27
CA GLN E 131 -64.09 28.21 8.49
C GLN E 131 -63.91 29.69 8.76
N MET E 132 -63.23 30.39 7.86
CA MET E 132 -62.93 31.80 8.04
C MET E 132 -63.77 32.65 7.11
N PRO E 133 -64.72 33.43 7.61
CA PRO E 133 -65.53 34.28 6.72
C PRO E 133 -64.72 35.45 6.17
N ILE E 134 -64.98 35.77 4.91
CA ILE E 134 -64.33 36.89 4.24
C ILE E 134 -65.40 37.92 3.92
N ASN E 135 -65.23 39.14 4.40
CA ASN E 135 -66.24 40.16 4.18
C ASN E 135 -66.19 40.64 2.73
N PRO E 136 -67.34 40.73 2.05
CA PRO E 136 -67.33 41.09 0.63
C PRO E 136 -66.89 42.52 0.34
N LEU E 137 -66.70 43.36 1.36
CA LEU E 137 -66.34 44.75 1.11
C LEU E 137 -64.96 44.86 0.48
N PHE E 138 -64.01 44.03 0.90
CA PHE E 138 -62.64 44.08 0.40
C PHE E 138 -62.43 43.20 -0.82
N ILE E 139 -63.48 42.90 -1.57
CA ILE E 139 -63.38 42.09 -2.78
C ILE E 139 -63.43 43.01 -3.99
N THR E 140 -62.47 42.84 -4.90
CA THR E 140 -62.33 43.69 -6.07
C THR E 140 -62.35 42.82 -7.33
N ASP E 141 -62.00 43.44 -8.47
CA ASP E 141 -62.00 42.72 -9.74
C ASP E 141 -61.02 41.57 -9.71
N PHE E 142 -59.82 41.79 -9.17
CA PHE E 142 -58.80 40.76 -9.03
C PHE E 142 -58.50 40.57 -7.55
N ASN E 143 -58.58 39.33 -7.08
CA ASN E 143 -58.40 39.00 -5.68
C ASN E 143 -57.32 37.95 -5.51
N ARG E 144 -56.59 38.05 -4.41
CA ARG E 144 -55.50 37.13 -4.11
C ARG E 144 -55.56 36.78 -2.63
N VAL E 145 -55.99 35.56 -2.31
CA VAL E 145 -56.02 35.08 -0.93
C VAL E 145 -54.71 34.36 -0.65
N ARG E 146 -53.95 34.86 0.32
CA ARG E 146 -52.64 34.33 0.64
C ARG E 146 -52.66 33.74 2.05
N LEU E 147 -52.09 32.54 2.20
CA LEU E 147 -51.94 31.89 3.49
C LEU E 147 -50.47 31.98 3.89
N GLU E 148 -50.21 32.57 5.06
CA GLU E 148 -48.87 32.73 5.59
C GLU E 148 -48.70 31.82 6.79
N PHE E 149 -47.64 31.01 6.79
CA PHE E 149 -47.38 30.03 7.83
C PHE E 149 -46.19 30.49 8.67
N VAL E 150 -46.42 30.70 9.96
CA VAL E 150 -45.37 31.00 10.92
C VAL E 150 -45.23 29.79 11.83
N GLY E 151 -44.04 29.21 11.87
CA GLY E 151 -43.85 27.99 12.63
C GLY E 151 -42.56 27.93 13.43
N HIS E 152 -42.68 27.53 14.69
CA HIS E 152 -41.54 27.34 15.58
C HIS E 152 -41.67 25.99 16.27
N TYR E 153 -40.59 25.22 16.28
CA TYR E 153 -40.56 23.94 16.97
C TYR E 153 -39.67 23.94 18.19
N GLN E 154 -38.87 24.99 18.40
CA GLN E 154 -37.98 25.07 19.54
C GLN E 154 -37.70 26.54 19.84
N ASP E 155 -37.19 26.80 21.05
CA ASP E 155 -36.85 28.15 21.45
C ASP E 155 -35.36 28.43 21.36
N VAL E 156 -34.51 27.42 21.47
CA VAL E 156 -33.07 27.57 21.42
C VAL E 156 -32.53 26.73 20.27
N CYS E 157 -31.67 27.33 19.46
CA CYS E 157 -31.04 26.66 18.32
C CYS E 157 -32.08 26.14 17.33
N GLU E 158 -33.05 26.99 17.00
CA GLU E 158 -34.07 26.64 16.03
C GLU E 158 -33.52 26.72 14.61
N ASN E 159 -33.88 25.75 13.78
CA ASN E 159 -33.51 25.76 12.38
C ASN E 159 -34.72 26.14 11.56
N PRO E 160 -34.77 27.33 10.97
CA PRO E 160 -35.95 27.70 10.17
C PRO E 160 -36.24 26.75 9.02
N ALA E 161 -35.21 26.25 8.35
CA ALA E 161 -35.38 25.25 7.29
C ALA E 161 -35.02 23.88 7.85
N SER E 162 -35.95 23.31 8.61
CA SER E 162 -35.71 22.07 9.33
C SER E 162 -36.50 20.89 8.79
N THR E 163 -37.39 21.11 7.81
CA THR E 163 -38.23 20.06 7.22
C THR E 163 -39.15 19.43 8.25
N THR E 164 -39.12 19.91 9.49
CA THR E 164 -40.10 19.56 10.50
C THR E 164 -41.12 20.67 10.73
N LEU E 165 -40.85 21.87 10.21
CA LEU E 165 -41.80 22.98 10.24
C LEU E 165 -42.59 22.93 8.93
N TRP E 166 -43.78 22.33 8.97
CA TRP E 166 -44.60 22.24 7.78
C TRP E 166 -46.07 22.28 8.19
N LEU E 167 -46.90 22.65 7.22
CA LEU E 167 -48.34 22.70 7.42
C LEU E 167 -48.99 22.37 6.08
N ASP E 168 -49.61 21.20 5.99
CA ASP E 168 -50.18 20.72 4.75
C ASP E 168 -51.61 21.20 4.61
N VAL E 169 -51.88 21.93 3.53
CA VAL E 169 -53.22 22.42 3.22
C VAL E 169 -53.82 21.48 2.18
N GLY E 170 -54.91 20.81 2.54
CA GLY E 170 -55.52 19.86 1.64
C GLY E 170 -56.20 20.53 0.46
N ARG E 171 -56.34 19.75 -0.61
CA ARG E 171 -56.97 20.25 -1.83
C ARG E 171 -58.49 20.30 -1.75
N SER E 172 -59.08 19.73 -0.70
CA SER E 172 -60.50 19.87 -0.47
C SER E 172 -60.87 21.25 0.06
N SER E 173 -59.90 22.05 0.46
CA SER E 173 -60.16 23.41 0.86
C SER E 173 -60.60 24.25 -0.33
N GLY E 174 -61.34 25.31 -0.05
CA GLY E 174 -61.80 26.17 -1.14
C GLY E 174 -62.63 27.32 -0.62
N LEU E 175 -63.12 28.11 -1.56
CA LEU E 175 -63.93 29.29 -1.30
C LEU E 175 -65.37 29.02 -1.72
N ASP E 176 -66.31 29.33 -0.84
CA ASP E 176 -67.73 29.19 -1.12
C ASP E 176 -68.30 30.59 -1.34
N LEU E 177 -68.28 31.03 -2.60
CA LEU E 177 -68.74 32.36 -2.96
C LEU E 177 -70.17 32.29 -3.50
N THR E 178 -70.92 33.38 -3.29
CA THR E 178 -72.24 33.55 -3.85
C THR E 178 -72.25 34.84 -4.65
N TYR E 179 -72.55 34.74 -5.94
CA TYR E 179 -72.53 35.87 -6.84
C TYR E 179 -73.95 36.33 -7.15
N GLN E 180 -74.17 37.65 -7.07
CA GLN E 180 -75.43 38.26 -7.44
C GLN E 180 -75.18 39.20 -8.61
N THR E 181 -75.85 38.95 -9.73
CA THR E 181 -75.64 39.75 -10.93
C THR E 181 -76.46 41.03 -10.88
N LEU E 182 -75.86 42.13 -11.32
CA LEU E 182 -76.50 43.43 -11.30
C LEU E 182 -77.19 43.70 -12.63
N ASN E 183 -77.83 44.87 -12.73
CA ASN E 183 -78.50 45.31 -13.95
C ASN E 183 -77.74 46.54 -14.46
N VAL E 184 -76.76 46.30 -15.31
CA VAL E 184 -75.95 47.37 -15.87
C VAL E 184 -76.69 48.04 -17.02
N LYS E 185 -76.64 49.36 -17.07
CA LYS E 185 -77.29 50.09 -18.15
C LYS E 185 -76.61 49.77 -19.48
N ASN E 186 -77.40 49.75 -20.55
CA ASN E 186 -76.91 49.32 -21.86
C ASN E 186 -76.01 50.40 -22.44
N ASP E 187 -74.74 50.33 -22.06
CA ASP E 187 -73.71 51.25 -22.55
C ASP E 187 -72.69 50.46 -23.37
N LEU E 188 -72.38 50.95 -24.56
CA LEU E 188 -71.41 50.30 -25.42
C LEU E 188 -69.97 50.61 -25.03
N SER E 189 -69.74 51.56 -24.14
CA SER E 189 -68.40 51.75 -23.59
C SER E 189 -67.99 50.50 -22.83
N HIS E 190 -66.70 50.17 -22.94
CA HIS E 190 -66.20 48.85 -22.54
C HIS E 190 -67.05 47.76 -23.20
N PHE E 191 -67.00 47.75 -24.53
CA PHE E 191 -67.95 46.95 -25.31
C PHE E 191 -67.94 45.46 -24.96
N PRO E 192 -66.79 44.78 -24.92
CA PRO E 192 -66.84 43.33 -24.65
C PRO E 192 -67.29 43.00 -23.24
N VAL E 193 -67.26 43.95 -22.30
CA VAL E 193 -67.36 43.61 -20.87
C VAL E 193 -68.57 42.75 -20.53
N PRO E 194 -69.80 43.08 -20.96
CA PRO E 194 -70.94 42.23 -20.57
C PRO E 194 -70.86 40.80 -21.07
N PHE E 195 -70.27 40.57 -22.24
CA PHE E 195 -70.26 39.25 -22.85
C PHE E 195 -68.98 38.49 -22.50
N PHE E 196 -67.83 39.03 -22.88
CA PHE E 196 -66.53 38.53 -22.46
C PHE E 196 -65.99 39.48 -21.39
N ASP E 197 -65.91 38.99 -20.15
CA ASP E 197 -65.29 39.73 -19.07
C ASP E 197 -63.95 39.08 -18.74
N PRO E 198 -62.83 39.79 -18.92
CA PRO E 198 -61.53 39.17 -18.64
C PRO E 198 -61.34 38.75 -17.19
N ARG E 199 -62.11 39.33 -16.26
CA ARG E 199 -62.02 38.94 -14.86
C ARG E 199 -62.58 37.55 -14.59
N ASP E 200 -63.28 36.95 -15.56
CA ASP E 200 -63.84 35.61 -15.40
C ASP E 200 -62.91 34.60 -16.06
N ASN E 201 -62.46 33.62 -15.28
CA ASN E 201 -61.58 32.57 -15.77
C ASN E 201 -62.35 31.39 -16.36
N ARG E 202 -63.68 31.42 -16.33
CA ARG E 202 -64.47 30.34 -16.88
C ARG E 202 -64.48 30.40 -18.41
N THR E 203 -64.93 29.31 -19.02
CA THR E 203 -65.07 29.26 -20.47
C THR E 203 -66.12 30.27 -20.92
N ASN E 204 -65.79 31.03 -21.96
CA ASN E 204 -66.70 32.04 -22.49
C ASN E 204 -67.76 31.36 -23.33
N THR E 205 -68.87 30.97 -22.69
CA THR E 205 -70.00 30.38 -23.39
C THR E 205 -70.88 31.50 -23.89
N LEU E 206 -70.71 31.87 -25.16
CA LEU E 206 -71.45 32.98 -25.76
C LEU E 206 -72.33 32.45 -26.89
N PRO E 207 -73.63 32.27 -26.63
CA PRO E 207 -74.52 31.79 -27.70
C PRO E 207 -74.64 32.81 -28.82
N MET E 208 -74.93 32.32 -30.02
CA MET E 208 -75.17 33.16 -31.18
C MET E 208 -76.53 32.80 -31.77
N VAL E 209 -77.33 33.81 -32.06
CA VAL E 209 -78.71 33.64 -32.51
C VAL E 209 -78.80 34.02 -33.98
N PHE E 210 -79.34 33.12 -34.79
CA PHE E 210 -79.55 33.35 -36.21
C PHE E 210 -81.04 33.29 -36.53
N ALA E 211 -81.44 34.03 -37.56
CA ALA E 211 -82.82 33.97 -38.03
C ALA E 211 -83.16 32.58 -38.54
N GLY E 212 -82.24 31.96 -39.27
CA GLY E 212 -82.43 30.62 -39.76
C GLY E 212 -81.13 30.04 -40.23
N ALA E 213 -81.22 29.11 -41.18
CA ALA E 213 -80.04 28.56 -41.82
C ALA E 213 -79.29 29.68 -42.53
N PRO E 214 -78.11 30.06 -42.04
CA PRO E 214 -77.45 31.25 -42.58
C PRO E 214 -76.87 31.00 -43.96
N ASP E 215 -76.69 32.10 -44.69
CA ASP E 215 -76.07 32.05 -46.01
C ASP E 215 -74.55 32.15 -45.86
N VAL E 216 -73.85 32.26 -46.98
CA VAL E 216 -72.39 32.32 -46.94
C VAL E 216 -71.92 33.58 -46.22
N GLY E 217 -72.54 34.72 -46.53
CA GLY E 217 -72.14 35.96 -45.88
C GLY E 217 -72.38 35.94 -44.38
N LEU E 218 -73.54 35.42 -43.97
CA LEU E 218 -73.83 35.31 -42.54
C LEU E 218 -72.85 34.36 -41.84
N GLN E 219 -72.53 33.24 -42.50
CA GLN E 219 -71.55 32.32 -41.92
C GLN E 219 -70.19 32.99 -41.76
N GLN E 220 -69.75 33.73 -42.77
CA GLN E 220 -68.45 34.39 -42.71
C GLN E 220 -68.44 35.46 -41.61
N ALA E 221 -69.51 36.26 -41.52
CA ALA E 221 -69.57 37.28 -40.48
C ALA E 221 -69.56 36.67 -39.08
N SER E 222 -70.35 35.61 -38.89
CA SER E 222 -70.36 34.94 -37.59
C SER E 222 -69.00 34.35 -37.26
N ALA E 223 -68.33 33.79 -38.27
CA ALA E 223 -66.99 33.25 -38.05
C ALA E 223 -66.02 34.34 -37.65
N ILE E 224 -66.11 35.51 -38.29
CA ILE E 224 -65.22 36.62 -37.93
C ILE E 224 -65.46 37.06 -36.49
N VAL E 225 -66.73 37.20 -36.11
CA VAL E 225 -67.05 37.62 -34.75
C VAL E 225 -66.56 36.58 -33.75
N ALA E 226 -66.77 35.29 -34.04
CA ALA E 226 -66.32 34.24 -33.14
C ALA E 226 -64.81 34.22 -33.03
N SER E 227 -64.09 34.45 -34.14
CA SER E 227 -62.64 34.50 -34.08
C SER E 227 -62.16 35.67 -33.23
N TRP E 228 -62.79 36.84 -33.36
CA TRP E 228 -62.41 37.97 -32.52
C TRP E 228 -62.67 37.68 -31.05
N PHE E 229 -63.81 37.08 -30.73
CA PHE E 229 -64.12 36.78 -29.34
C PHE E 229 -63.16 35.73 -28.78
N GLY E 230 -62.76 34.76 -29.60
CA GLY E 230 -61.78 33.80 -29.16
C GLY E 230 -60.41 34.42 -28.95
N SER E 231 -60.02 35.36 -29.81
CA SER E 231 -58.77 36.07 -29.62
C SER E 231 -58.78 36.86 -28.33
N ARG E 232 -59.93 37.47 -27.99
CA ARG E 232 -60.03 38.19 -26.73
C ARG E 232 -59.96 37.23 -25.54
N SER E 233 -60.75 36.16 -25.58
CA SER E 233 -60.75 35.16 -24.51
C SER E 233 -59.88 33.99 -24.94
N GLY E 234 -58.57 34.18 -24.82
CA GLY E 234 -57.62 33.21 -25.36
C GLY E 234 -57.55 31.88 -24.64
N TRP E 235 -57.01 31.89 -23.41
CA TRP E 235 -56.76 30.65 -22.70
C TRP E 235 -57.94 30.17 -21.87
N ARG E 236 -58.93 31.04 -21.62
CA ARG E 236 -60.07 30.64 -20.81
C ARG E 236 -60.97 29.63 -21.52
N GLY E 237 -60.87 29.54 -22.84
CA GLY E 237 -61.71 28.65 -23.61
C GLY E 237 -62.86 29.37 -24.28
N GLN E 238 -63.41 28.74 -25.32
CA GLN E 238 -64.47 29.35 -26.09
C GLN E 238 -65.57 28.31 -26.33
N ASN E 239 -66.79 28.81 -26.49
CA ASN E 239 -67.95 27.97 -26.78
C ASN E 239 -69.05 28.87 -27.34
N PHE E 240 -69.53 28.55 -28.54
CA PHE E 240 -70.51 29.39 -29.24
C PHE E 240 -71.71 28.55 -29.62
N PRO E 241 -72.64 28.31 -28.70
CA PRO E 241 -73.88 27.62 -29.05
C PRO E 241 -74.67 28.41 -30.09
N VAL E 242 -75.33 27.68 -30.98
CA VAL E 242 -76.05 28.26 -32.11
C VAL E 242 -77.53 28.00 -31.93
N LEU E 243 -78.34 29.05 -32.03
CA LEU E 243 -79.78 28.96 -31.87
C LEU E 243 -80.45 29.55 -33.11
N TYR E 244 -81.46 28.84 -33.62
CA TYR E 244 -82.23 29.27 -34.78
C TYR E 244 -83.62 29.71 -34.32
N ASN E 245 -83.94 30.99 -34.51
CA ASN E 245 -85.25 31.53 -34.20
C ASN E 245 -85.64 31.25 -32.75
N GLN E 246 -84.68 31.41 -31.84
CA GLN E 246 -84.90 31.14 -30.43
C GLN E 246 -84.05 32.09 -29.61
N LEU E 247 -84.45 32.29 -28.36
CA LEU E 247 -83.68 33.16 -27.50
C LEU E 247 -83.05 32.38 -26.36
N PRO E 248 -81.82 32.69 -25.99
CA PRO E 248 -81.14 31.93 -24.93
C PRO E 248 -81.44 32.48 -23.54
N ASP E 249 -80.83 31.87 -22.52
CA ASP E 249 -80.98 32.31 -21.14
C ASP E 249 -79.75 33.05 -20.62
N ARG E 250 -78.84 33.45 -21.50
CA ARG E 250 -77.63 34.16 -21.11
C ARG E 250 -77.32 35.21 -22.16
N ASN E 251 -76.29 36.00 -21.88
CA ASN E 251 -75.85 37.01 -22.85
C ASN E 251 -75.44 36.36 -24.15
N ALA E 252 -75.90 36.93 -25.26
CA ALA E 252 -75.67 36.33 -26.57
C ALA E 252 -75.51 37.43 -27.61
N ILE E 253 -75.14 37.00 -28.82
CA ILE E 253 -75.05 37.88 -29.99
C ILE E 253 -76.14 37.46 -30.97
N VAL E 254 -76.93 38.43 -31.42
CA VAL E 254 -78.04 38.18 -32.34
C VAL E 254 -77.67 38.75 -33.70
N PHE E 255 -77.70 37.91 -34.72
CA PHE E 255 -77.45 38.34 -36.10
C PHE E 255 -78.79 38.44 -36.81
N ALA E 256 -79.15 39.66 -37.21
CA ALA E 256 -80.44 39.92 -37.83
C ALA E 256 -80.25 40.72 -39.10
N THR E 257 -81.20 40.56 -40.03
CA THR E 257 -81.18 41.24 -41.31
C THR E 257 -82.56 41.81 -41.57
N ASN E 258 -82.63 42.77 -42.50
CA ASN E 258 -83.89 43.43 -42.80
C ASN E 258 -84.93 42.42 -43.32
N ASP E 259 -84.51 41.51 -44.20
CA ASP E 259 -85.42 40.53 -44.75
C ASP E 259 -85.55 39.28 -43.88
N LYS E 260 -84.44 38.81 -43.32
CA LYS E 260 -84.43 37.63 -42.45
C LYS E 260 -84.03 38.07 -41.05
N ARG E 261 -84.99 38.04 -40.13
CA ARG E 261 -84.76 38.44 -38.75
C ARG E 261 -85.45 37.45 -37.82
N PRO E 262 -84.96 37.30 -36.59
CA PRO E 262 -85.65 36.44 -35.63
C PRO E 262 -87.04 36.96 -35.31
N ASP E 263 -87.92 36.03 -34.94
CA ASP E 263 -89.33 36.35 -34.77
C ASP E 263 -89.55 37.40 -33.69
N PHE E 264 -88.65 37.49 -32.72
CA PHE E 264 -88.80 38.45 -31.63
C PHE E 264 -88.34 39.86 -32.02
N LEU E 265 -87.76 40.02 -33.20
CA LEU E 265 -87.26 41.31 -33.67
C LEU E 265 -88.07 41.85 -34.85
N ARG E 266 -89.31 41.37 -35.00
CA ARG E 266 -90.13 41.80 -36.13
C ARG E 266 -90.45 43.28 -36.06
N ASP E 267 -90.71 43.79 -34.85
CA ASP E 267 -91.09 45.19 -34.68
C ASP E 267 -89.91 46.15 -34.85
N HIS E 268 -88.68 45.65 -34.93
CA HIS E 268 -87.54 46.51 -35.11
C HIS E 268 -87.58 47.17 -36.48
N PRO E 269 -87.39 48.49 -36.56
CA PRO E 269 -87.46 49.17 -37.87
C PRO E 269 -86.29 48.79 -38.76
N ALA E 270 -86.49 48.99 -40.06
CA ALA E 270 -85.45 48.71 -41.03
C ALA E 270 -84.27 49.66 -40.84
N VAL E 271 -83.09 49.19 -41.23
CA VAL E 271 -81.85 49.93 -41.01
C VAL E 271 -81.28 50.36 -42.35
N LYS E 272 -80.55 51.47 -42.34
CA LYS E 272 -79.91 52.02 -43.53
C LYS E 272 -78.42 51.76 -43.57
N ALA E 273 -77.85 51.20 -42.53
CA ALA E 273 -76.43 50.90 -42.45
C ALA E 273 -76.21 49.85 -41.37
N PRO E 274 -75.10 49.13 -41.41
CA PRO E 274 -74.83 48.15 -40.34
C PRO E 274 -74.76 48.83 -38.98
N VAL E 275 -75.56 48.33 -38.05
CA VAL E 275 -75.72 48.93 -36.73
C VAL E 275 -75.58 47.86 -35.67
N ILE E 276 -74.89 48.19 -34.59
CA ILE E 276 -74.73 47.30 -33.44
C ILE E 276 -75.45 47.92 -32.27
N GLU E 277 -76.41 47.19 -31.70
CA GLU E 277 -77.21 47.66 -30.58
C GLU E 277 -77.10 46.69 -29.41
N MET E 278 -77.23 47.23 -28.21
CA MET E 278 -77.21 46.45 -26.97
C MET E 278 -78.58 46.57 -26.33
N ILE E 279 -79.39 45.52 -26.42
CA ILE E 279 -80.76 45.55 -25.94
C ILE E 279 -80.90 44.51 -24.83
N ASN E 280 -82.00 44.62 -24.09
CA ASN E 280 -82.31 43.68 -23.02
C ASN E 280 -83.10 42.49 -23.57
N HIS E 281 -82.92 41.35 -22.92
CA HIS E 281 -83.73 40.19 -23.26
C HIS E 281 -85.18 40.48 -22.89
N PRO E 282 -86.13 40.29 -23.79
CA PRO E 282 -87.53 40.67 -23.49
C PRO E 282 -88.11 39.98 -22.27
N GLN E 283 -87.75 38.71 -22.04
CA GLN E 283 -88.28 37.96 -20.92
C GLN E 283 -87.39 38.05 -19.67
N ASN E 284 -86.22 38.66 -19.75
CA ASN E 284 -85.32 38.76 -18.61
C ASN E 284 -84.43 39.99 -18.74
N PRO E 285 -84.64 41.03 -17.93
CA PRO E 285 -83.83 42.26 -18.07
C PRO E 285 -82.39 42.11 -17.63
N TYR E 286 -82.01 40.99 -17.01
CA TYR E 286 -80.67 40.84 -16.47
C TYR E 286 -79.67 40.24 -17.44
N VAL E 287 -80.10 39.78 -18.61
CA VAL E 287 -79.21 39.22 -19.62
C VAL E 287 -79.34 40.06 -20.88
N LYS E 288 -78.21 40.52 -21.41
CA LYS E 288 -78.17 41.47 -22.51
C LYS E 288 -77.94 40.75 -23.83
N LEU E 289 -78.38 41.38 -24.92
CA LEU E 289 -78.23 40.82 -26.26
C LEU E 289 -77.57 41.84 -27.16
N LEU E 290 -76.54 41.42 -27.88
CA LEU E 290 -75.84 42.27 -28.84
C LEU E 290 -76.40 41.96 -30.23
N VAL E 291 -77.21 42.87 -30.75
CA VAL E 291 -77.89 42.69 -32.02
C VAL E 291 -77.07 43.36 -33.11
N VAL E 292 -76.62 42.57 -34.08
CA VAL E 292 -75.93 43.07 -35.25
C VAL E 292 -76.94 43.10 -36.40
N PHE E 293 -77.42 44.30 -36.73
CA PHE E 293 -78.45 44.48 -37.74
C PHE E 293 -77.86 45.16 -38.96
N GLY E 294 -78.27 44.71 -40.14
CA GLY E 294 -77.78 45.29 -41.38
C GLY E 294 -78.76 45.06 -42.50
N ARG E 295 -78.52 45.78 -43.60
CA ARG E 295 -79.39 45.65 -44.76
C ARG E 295 -79.30 44.26 -45.37
N ASP E 296 -78.10 43.70 -45.46
CA ASP E 296 -77.90 42.40 -46.07
C ASP E 296 -76.64 41.77 -45.50
N ASP E 297 -76.26 40.61 -46.06
CA ASP E 297 -75.08 39.91 -45.58
C ASP E 297 -73.82 40.72 -45.79
N LYS E 298 -73.78 41.55 -46.84
CA LYS E 298 -72.63 42.44 -47.02
C LYS E 298 -72.50 43.43 -45.87
N ASP E 299 -73.62 44.01 -45.45
CA ASP E 299 -73.60 44.93 -44.32
C ASP E 299 -73.22 44.20 -43.03
N LEU E 300 -73.72 42.98 -42.84
CA LEU E 300 -73.38 42.23 -41.65
C LEU E 300 -71.88 41.89 -41.63
N LEU E 301 -71.33 41.53 -42.79
CA LEU E 301 -69.89 41.27 -42.87
C LEU E 301 -69.08 42.53 -42.60
N GLN E 302 -69.56 43.68 -43.09
CA GLN E 302 -68.89 44.94 -42.78
C GLN E 302 -68.89 45.21 -41.29
N ALA E 303 -70.03 44.98 -40.63
CA ALA E 303 -70.09 45.18 -39.19
C ALA E 303 -69.17 44.23 -38.45
N ALA E 304 -69.11 42.97 -38.89
CA ALA E 304 -68.22 41.99 -38.26
C ALA E 304 -66.76 42.39 -38.43
N LYS E 305 -66.39 42.88 -39.61
CA LYS E 305 -65.03 43.35 -39.83
C LYS E 305 -64.71 44.56 -38.97
N GLY E 306 -65.68 45.47 -38.82
CA GLY E 306 -65.46 46.61 -37.95
C GLY E 306 -65.28 46.20 -36.50
N ILE E 307 -66.03 45.20 -36.04
CA ILE E 307 -65.86 44.69 -34.70
C ILE E 307 -64.47 44.05 -34.54
N ALA E 308 -64.07 43.25 -35.53
CA ALA E 308 -62.82 42.52 -35.43
C ALA E 308 -61.62 43.45 -35.46
N GLN E 309 -61.67 44.50 -36.28
CA GLN E 309 -60.54 45.40 -36.43
C GLN E 309 -60.51 46.48 -35.35
N GLY E 310 -61.49 46.52 -34.46
CA GLY E 310 -61.55 47.62 -33.52
C GLY E 310 -61.81 48.92 -34.24
N ASN E 311 -61.15 49.98 -33.77
CA ASN E 311 -61.21 51.30 -34.40
C ASN E 311 -62.64 51.83 -34.50
N ILE E 312 -63.50 51.40 -33.58
CA ILE E 312 -64.90 51.82 -33.54
C ILE E 312 -65.13 52.55 -32.23
N LEU E 313 -65.67 53.76 -32.31
CA LEU E 313 -66.00 54.53 -31.12
C LEU E 313 -67.25 53.94 -30.49
N PHE E 314 -67.07 53.10 -29.48
CA PHE E 314 -68.17 52.43 -28.82
C PHE E 314 -68.72 53.35 -27.72
N ARG E 315 -69.94 53.85 -27.92
CA ARG E 315 -70.58 54.70 -26.94
C ARG E 315 -72.08 54.59 -27.10
N GLY E 316 -72.79 54.94 -26.03
CA GLY E 316 -74.24 54.92 -26.09
C GLY E 316 -74.81 53.51 -26.15
N GLU E 317 -76.01 53.42 -26.71
CA GLU E 317 -76.74 52.17 -26.82
C GLU E 317 -76.77 51.58 -28.22
N SER E 318 -76.39 52.36 -29.24
CA SER E 318 -76.42 51.88 -30.62
C SER E 318 -75.47 52.72 -31.44
N VAL E 319 -74.52 52.07 -32.11
CA VAL E 319 -73.59 52.76 -33.00
C VAL E 319 -73.78 52.23 -34.41
N VAL E 320 -73.51 53.10 -35.39
CA VAL E 320 -73.64 52.77 -36.80
C VAL E 320 -72.23 52.55 -37.36
N VAL E 321 -72.02 51.39 -37.96
CA VAL E 321 -70.69 51.05 -38.48
C VAL E 321 -70.51 51.71 -39.84
N ASN E 322 -69.54 52.61 -39.94
CA ASN E 322 -69.25 53.29 -41.19
C ASN E 322 -68.29 52.43 -42.00
N GLU E 323 -67.71 53.01 -43.06
CA GLU E 323 -66.78 52.27 -43.90
C GLU E 323 -65.55 51.85 -43.10
N VAL E 324 -65.14 50.61 -43.28
CA VAL E 324 -64.02 50.03 -42.55
C VAL E 324 -62.78 50.08 -43.44
N LYS E 325 -61.75 50.74 -42.95
CA LYS E 325 -60.50 50.81 -43.69
C LYS E 325 -59.86 49.42 -43.78
N PRO E 326 -59.49 48.95 -44.96
CA PRO E 326 -58.87 47.63 -45.07
C PRO E 326 -57.57 47.57 -44.28
N LEU E 327 -57.35 46.45 -43.61
CA LEU E 327 -56.15 46.28 -42.81
C LEU E 327 -54.95 45.97 -43.69
N LEU E 328 -53.76 46.26 -43.16
CA LEU E 328 -52.54 45.96 -43.89
C LEU E 328 -52.40 44.45 -44.04
N PRO E 329 -51.84 43.98 -45.17
CA PRO E 329 -51.69 42.54 -45.35
C PRO E 329 -50.75 41.95 -44.31
N ARG E 330 -51.07 40.73 -43.88
CA ARG E 330 -50.30 40.06 -42.85
C ARG E 330 -49.15 39.26 -43.46
N LYS E 331 -48.19 38.92 -42.62
CA LYS E 331 -47.04 38.11 -42.99
C LYS E 331 -47.12 36.73 -42.33
N PRO E 332 -46.47 35.73 -42.91
CA PRO E 332 -46.47 34.41 -42.27
C PRO E 332 -45.82 34.47 -40.90
N TYR E 333 -46.42 33.73 -39.96
CA TYR E 333 -45.90 33.59 -38.59
C TYR E 333 -45.75 34.96 -37.91
N ASP E 334 -46.83 35.75 -37.94
CA ASP E 334 -46.85 37.04 -37.27
C ASP E 334 -47.99 37.14 -36.27
N ALA E 335 -48.41 36.00 -35.73
CA ALA E 335 -49.51 36.00 -34.77
C ALA E 335 -49.10 36.79 -33.53
N PRO E 336 -50.01 37.59 -32.95
CA PRO E 336 -49.65 38.36 -31.75
C PRO E 336 -49.20 37.50 -30.59
N ASN E 337 -49.71 36.29 -30.45
CA ASN E 337 -49.36 35.42 -29.34
C ASN E 337 -48.13 34.55 -29.62
N TRP E 338 -47.54 34.67 -30.80
CA TRP E 338 -46.39 33.85 -31.18
C TRP E 338 -45.11 34.67 -31.06
N VAL E 339 -44.06 34.04 -30.52
CA VAL E 339 -42.76 34.68 -30.43
C VAL E 339 -42.17 34.79 -31.83
N ARG E 340 -41.62 35.96 -32.15
CA ARG E 340 -41.03 36.19 -33.46
C ARG E 340 -39.81 35.30 -33.65
N THR E 341 -39.73 34.63 -34.80
CA THR E 341 -38.64 33.73 -35.12
C THR E 341 -37.68 34.31 -36.15
N ASP E 342 -37.82 35.59 -36.48
CA ASP E 342 -36.95 36.23 -37.46
C ASP E 342 -35.90 37.13 -36.83
N ARG E 343 -36.17 37.67 -35.65
CA ARG E 343 -35.24 38.56 -34.96
C ARG E 343 -35.14 38.16 -33.50
N PRO E 344 -34.04 38.48 -32.84
CA PRO E 344 -33.94 38.24 -31.40
C PRO E 344 -35.03 39.00 -30.65
N VAL E 345 -35.59 38.36 -29.63
CA VAL E 345 -36.71 38.90 -28.86
C VAL E 345 -36.29 39.01 -27.40
N THR E 346 -36.45 40.21 -26.84
CA THR E 346 -36.09 40.43 -25.45
C THR E 346 -37.10 39.75 -24.53
N PHE E 347 -36.66 39.48 -23.29
CA PHE E 347 -37.56 38.89 -22.31
C PHE E 347 -38.65 39.86 -21.88
N GLY E 348 -38.49 41.16 -22.14
CA GLY E 348 -39.53 42.11 -21.82
C GLY E 348 -40.77 41.95 -22.69
N GLU E 349 -40.60 41.47 -23.91
CA GLU E 349 -41.72 41.21 -24.80
C GLU E 349 -42.39 39.86 -24.53
N LEU E 350 -41.75 38.98 -23.75
CA LEU E 350 -42.31 37.70 -23.39
C LEU E 350 -42.99 37.71 -22.03
N LYS E 351 -43.07 38.86 -21.37
CA LYS E 351 -43.64 38.97 -20.04
C LYS E 351 -45.14 39.20 -20.14
N THR E 352 -45.90 38.38 -19.42
CA THR E 352 -47.35 38.58 -19.35
C THR E 352 -47.75 39.54 -18.25
N TYR E 353 -46.87 39.82 -17.30
CA TYR E 353 -47.15 40.79 -16.25
C TYR E 353 -45.83 41.27 -15.67
N GLU E 354 -45.88 42.44 -15.02
CA GLU E 354 -44.70 42.98 -14.36
C GLU E 354 -44.38 42.16 -13.11
N GLU E 355 -43.12 42.27 -12.67
CA GLU E 355 -42.59 41.50 -11.54
C GLU E 355 -42.64 40.01 -11.78
N GLN E 356 -42.78 39.58 -13.04
CA GLN E 356 -42.77 38.17 -13.37
C GLN E 356 -41.37 37.58 -13.34
N LEU E 357 -40.38 38.35 -13.77
CA LEU E 357 -39.01 37.86 -13.91
C LEU E 357 -38.19 38.01 -12.64
N GLN E 358 -38.82 38.28 -11.50
CA GLN E 358 -38.12 38.39 -10.24
C GLN E 358 -38.87 37.64 -9.15
N SER E 359 -38.14 36.98 -8.27
CA SER E 359 -38.71 36.26 -7.15
C SER E 359 -37.87 36.51 -5.91
N SER E 360 -38.51 36.43 -4.74
CA SER E 360 -37.87 36.67 -3.46
C SER E 360 -38.28 35.59 -2.48
N GLY E 361 -37.43 35.35 -1.49
CA GLY E 361 -37.71 34.38 -0.46
C GLY E 361 -36.45 33.68 -0.02
N LEU E 362 -36.58 32.92 1.08
CA LEU E 362 -35.45 32.14 1.57
C LEU E 362 -35.03 31.10 0.55
N GLU E 363 -36.00 30.43 -0.07
CA GLU E 363 -35.77 29.60 -1.25
C GLU E 363 -36.57 30.21 -2.38
N PRO E 364 -35.96 31.03 -3.24
CA PRO E 364 -36.74 31.79 -4.23
C PRO E 364 -37.47 30.88 -5.20
N ALA E 365 -38.66 31.30 -5.58
CA ALA E 365 -39.47 30.51 -6.50
C ALA E 365 -38.89 30.54 -7.90
N ALA E 366 -39.20 29.50 -8.67
CA ALA E 366 -38.70 29.42 -10.04
C ALA E 366 -39.35 30.49 -10.91
N ILE E 367 -38.58 30.98 -11.87
CA ILE E 367 -39.03 32.01 -12.81
C ILE E 367 -39.42 31.32 -14.11
N ASN E 368 -40.66 31.51 -14.53
CA ASN E 368 -41.23 30.82 -15.67
C ASN E 368 -41.51 31.81 -16.80
N VAL E 369 -41.03 31.48 -18.00
CA VAL E 369 -41.31 32.26 -19.20
C VAL E 369 -41.98 31.33 -20.21
N SER E 370 -43.13 31.76 -20.73
CA SER E 370 -43.89 30.97 -21.69
C SER E 370 -43.49 31.37 -23.11
N LEU E 371 -43.06 30.40 -23.90
CA LEU E 371 -42.66 30.62 -25.28
C LEU E 371 -43.69 29.95 -26.19
N ASN E 372 -44.63 30.75 -26.68
CA ASN E 372 -45.62 30.26 -27.64
C ASN E 372 -45.04 30.44 -29.05
N LEU E 373 -44.77 29.33 -29.72
CA LEU E 373 -44.05 29.33 -30.99
C LEU E 373 -44.86 28.57 -32.03
N PRO E 374 -44.65 28.87 -33.31
CA PRO E 374 -45.23 28.04 -34.36
C PRO E 374 -44.70 26.63 -34.28
N PRO E 375 -45.52 25.63 -34.57
CA PRO E 375 -45.12 24.23 -34.40
C PRO E 375 -44.33 23.62 -35.55
N ASP E 376 -43.80 24.44 -36.46
CA ASP E 376 -43.04 23.96 -37.61
C ASP E 376 -41.60 24.44 -37.56
N LEU E 377 -41.00 24.43 -36.37
CA LEU E 377 -39.61 24.82 -36.21
C LEU E 377 -38.72 23.59 -36.39
N TYR E 378 -37.79 23.68 -37.34
CA TYR E 378 -36.90 22.57 -37.67
C TYR E 378 -35.46 23.00 -37.44
N LEU E 379 -34.68 22.11 -36.84
CA LEU E 379 -33.27 22.34 -36.56
C LEU E 379 -32.44 21.32 -37.34
N MET E 380 -31.63 21.80 -38.28
CA MET E 380 -30.82 20.93 -39.12
C MET E 380 -29.38 20.85 -38.64
N ARG E 381 -28.67 21.99 -38.62
CA ARG E 381 -27.26 21.99 -38.25
C ARG E 381 -26.86 23.10 -37.29
N SER E 382 -27.68 24.12 -37.08
CA SER E 382 -27.27 25.24 -36.24
C SER E 382 -27.20 24.82 -34.79
N THR E 383 -26.71 25.74 -33.95
CA THR E 383 -26.58 25.46 -32.53
C THR E 383 -27.94 25.21 -31.88
N GLY E 384 -28.96 25.96 -32.31
CA GLY E 384 -30.29 25.81 -31.76
C GLY E 384 -30.84 27.12 -31.26
N ILE E 385 -31.39 27.11 -30.05
CA ILE E 385 -31.88 28.34 -29.43
C ILE E 385 -30.71 29.05 -28.79
N ASP E 386 -30.44 30.28 -29.24
CA ASP E 386 -29.37 31.09 -28.70
C ASP E 386 -29.96 32.22 -27.88
N MET E 387 -29.64 32.26 -26.58
CA MET E 387 -30.16 33.26 -25.68
C MET E 387 -29.03 33.84 -24.85
N ASP E 388 -29.06 35.16 -24.66
CA ASP E 388 -28.15 35.88 -23.78
C ASP E 388 -28.93 36.27 -22.54
N ILE E 389 -28.47 35.81 -21.38
CA ILE E 389 -29.18 35.98 -20.12
C ILE E 389 -28.37 36.91 -19.22
N ASN E 390 -29.02 37.99 -18.77
CA ASN E 390 -28.46 38.90 -17.78
C ASN E 390 -29.28 38.73 -16.51
N TYR E 391 -28.64 38.26 -15.45
CA TYR E 391 -29.33 37.97 -14.20
C TYR E 391 -28.61 38.58 -13.02
N ARG E 392 -29.38 39.06 -12.06
CA ARG E 392 -28.88 39.61 -10.82
C ARG E 392 -29.38 38.76 -9.66
N TYR E 393 -28.51 38.50 -8.68
CA TYR E 393 -28.85 37.60 -7.59
C TYR E 393 -28.17 38.06 -6.32
N THR E 394 -28.76 37.65 -5.19
CA THR E 394 -28.12 37.86 -3.90
C THR E 394 -26.90 36.96 -3.76
N MET E 395 -25.88 37.46 -3.08
CA MET E 395 -24.64 36.71 -2.94
C MET E 395 -24.89 35.42 -2.16
N PRO E 396 -24.47 34.26 -2.68
CA PRO E 396 -24.64 33.02 -1.94
C PRO E 396 -23.81 33.04 -0.67
N PRO E 397 -24.23 32.32 0.37
CA PRO E 397 -23.45 32.31 1.62
C PRO E 397 -22.02 31.81 1.46
N VAL E 398 -21.81 30.78 0.63
CA VAL E 398 -20.49 30.20 0.44
C VAL E 398 -20.20 30.09 -1.06
N LYS E 399 -18.92 30.09 -1.39
CA LYS E 399 -18.49 29.96 -2.78
C LYS E 399 -18.60 28.51 -3.24
N ASP E 400 -18.88 28.34 -4.53
CA ASP E 400 -19.01 27.02 -5.15
C ASP E 400 -20.06 26.17 -4.44
N SER E 401 -21.19 26.79 -4.14
CA SER E 401 -22.28 26.11 -3.45
C SER E 401 -23.63 26.29 -4.14
N SER E 402 -23.90 27.47 -4.67
CA SER E 402 -25.18 27.78 -5.29
C SER E 402 -25.06 27.83 -6.81
N ARG E 403 -26.16 27.52 -7.48
CA ARG E 403 -26.17 27.49 -8.93
C ARG E 403 -27.56 27.83 -9.45
N MET E 404 -27.61 28.25 -10.71
CA MET E 404 -28.85 28.56 -11.40
C MET E 404 -29.07 27.53 -12.50
N ASP E 405 -30.24 26.88 -12.48
CA ASP E 405 -30.57 25.83 -13.44
C ASP E 405 -31.60 26.34 -14.42
N ILE E 406 -31.38 26.07 -15.70
CA ILE E 406 -32.30 26.44 -16.78
C ILE E 406 -32.93 25.17 -17.31
N SER E 407 -34.27 25.15 -17.38
CA SER E 407 -35.01 24.00 -17.85
C SER E 407 -36.04 24.42 -18.87
N LEU E 408 -36.25 23.56 -19.87
CA LEU E 408 -37.26 23.77 -20.90
C LEU E 408 -38.19 22.56 -20.92
N ASN E 409 -39.48 22.81 -20.73
CA ASN E 409 -40.50 21.75 -20.70
C ASN E 409 -40.15 20.67 -19.68
N ASN E 410 -39.81 21.11 -18.47
CA ASN E 410 -39.47 20.23 -17.35
C ASN E 410 -38.30 19.30 -17.71
N GLN E 411 -37.33 19.84 -18.42
CA GLN E 411 -36.13 19.09 -18.80
C GLN E 411 -34.91 19.96 -18.54
N PHE E 412 -34.00 19.47 -17.70
CA PHE E 412 -32.81 20.23 -17.36
C PHE E 412 -31.93 20.43 -18.59
N LEU E 413 -31.42 21.65 -18.75
CA LEU E 413 -30.58 22.01 -19.88
C LEU E 413 -29.15 22.34 -19.45
N GLN E 414 -28.98 23.29 -18.54
CA GLN E 414 -27.65 23.69 -18.11
C GLN E 414 -27.75 24.30 -16.72
N SER E 415 -26.61 24.31 -16.03
CA SER E 415 -26.50 24.90 -14.70
C SER E 415 -25.32 25.86 -14.67
N PHE E 416 -25.49 26.99 -14.00
CA PHE E 416 -24.47 28.03 -13.93
C PHE E 416 -24.17 28.32 -12.46
N ASN E 417 -22.89 28.22 -12.10
CA ASN E 417 -22.48 28.46 -10.73
C ASN E 417 -22.69 29.92 -10.35
N LEU E 418 -23.20 30.14 -9.14
CA LEU E 418 -23.43 31.48 -8.62
C LEU E 418 -22.19 31.94 -7.89
N SER E 419 -21.58 33.03 -8.36
CA SER E 419 -20.32 33.49 -7.82
C SER E 419 -20.48 34.00 -6.39
N SER E 420 -19.55 33.60 -5.53
CA SER E 420 -19.52 34.08 -4.16
C SER E 420 -18.07 34.13 -3.70
N LYS E 421 -17.81 34.96 -2.69
CA LYS E 421 -16.46 35.13 -2.16
C LYS E 421 -16.30 34.66 -0.73
N GLN E 422 -17.39 34.52 0.02
CA GLN E 422 -17.28 34.12 1.41
C GLN E 422 -16.95 32.64 1.54
N GLU E 423 -16.33 32.29 2.66
CA GLU E 423 -15.95 30.92 2.96
C GLU E 423 -16.76 30.40 4.15
N ALA E 424 -16.74 29.08 4.32
CA ALA E 424 -17.56 28.46 5.36
C ALA E 424 -17.12 28.88 6.76
N ASN E 425 -15.81 28.94 7.00
CA ASN E 425 -15.33 29.27 8.33
C ASN E 425 -15.71 30.69 8.74
N ARG E 426 -15.69 31.64 7.80
CA ARG E 426 -16.07 33.01 8.11
C ARG E 426 -17.55 33.13 8.44
N LEU E 427 -18.39 32.18 8.00
CA LEU E 427 -19.83 32.29 8.22
C LEU E 427 -20.18 32.18 9.70
N LEU E 428 -19.42 31.39 10.46
CA LEU E 428 -19.71 31.21 11.88
C LEU E 428 -19.47 32.49 12.68
N LEU E 429 -18.68 33.43 12.15
CA LEU E 429 -18.44 34.68 12.85
C LEU E 429 -19.67 35.59 12.83
N ARG E 430 -20.63 35.33 11.94
CA ARG E 430 -21.86 36.11 11.84
C ARG E 430 -21.57 37.60 11.65
N ILE E 431 -20.58 37.90 10.82
CA ILE E 431 -20.28 39.29 10.50
C ILE E 431 -21.45 39.90 9.72
N PRO E 432 -21.97 41.06 10.13
CA PRO E 432 -23.13 41.62 9.44
C PRO E 432 -22.82 41.96 7.99
N VAL E 433 -23.47 41.25 7.08
CA VAL E 433 -23.26 41.47 5.65
C VAL E 433 -24.24 42.53 5.16
N LEU E 434 -23.72 43.60 4.57
CA LEU E 434 -24.52 44.71 4.04
C LEU E 434 -24.06 44.95 2.61
N GLN E 435 -24.67 44.24 1.66
CA GLN E 435 -24.30 44.33 0.26
C GLN E 435 -25.57 44.38 -0.57
N GLY E 436 -25.42 44.30 -1.89
CA GLY E 436 -26.55 44.34 -2.79
C GLY E 436 -26.74 43.05 -3.56
N LEU E 437 -26.84 43.14 -4.88
CA LEU E 437 -27.06 41.99 -5.74
C LEU E 437 -25.93 41.89 -6.75
N LEU E 438 -25.30 40.71 -6.82
CA LEU E 438 -24.28 40.48 -7.82
C LEU E 438 -24.90 40.28 -9.20
N ASP E 439 -24.20 40.73 -10.23
CA ASP E 439 -24.68 40.62 -11.60
C ASP E 439 -24.04 39.43 -12.30
N GLY E 440 -24.83 38.79 -13.17
CA GLY E 440 -24.34 37.68 -13.96
C GLY E 440 -24.71 37.86 -15.42
N LYS E 441 -23.93 37.21 -16.27
CA LYS E 441 -24.16 37.28 -17.71
C LYS E 441 -23.54 36.05 -18.36
N THR E 442 -24.30 35.42 -19.25
CA THR E 442 -23.83 34.24 -19.96
C THR E 442 -24.65 34.06 -21.23
N ASP E 443 -24.10 33.28 -22.15
CA ASP E 443 -24.78 32.92 -23.39
C ASP E 443 -25.07 31.43 -23.38
N VAL E 444 -26.32 31.08 -23.66
CA VAL E 444 -26.79 29.69 -23.60
C VAL E 444 -27.21 29.25 -24.99
N SER E 445 -26.69 28.10 -25.42
CA SER E 445 -27.09 27.49 -26.69
C SER E 445 -27.89 26.23 -26.38
N ILE E 446 -29.10 26.18 -26.89
CA ILE E 446 -30.05 25.11 -26.58
C ILE E 446 -30.43 24.41 -27.87
N PRO E 447 -29.79 23.29 -28.21
CA PRO E 447 -30.29 22.45 -29.30
C PRO E 447 -31.48 21.63 -28.82
N ALA E 448 -32.69 22.00 -29.25
CA ALA E 448 -33.90 21.41 -28.70
C ALA E 448 -34.46 20.30 -29.58
N LEU E 449 -34.82 20.62 -30.82
CA LEU E 449 -35.42 19.68 -31.78
C LEU E 449 -36.74 19.10 -31.29
N LYS E 450 -37.28 19.61 -30.18
CA LYS E 450 -38.51 19.10 -29.59
C LYS E 450 -39.38 20.25 -29.12
N LEU E 451 -39.45 21.32 -29.91
CA LEU E 451 -40.24 22.49 -29.57
C LEU E 451 -41.68 22.29 -30.01
N GLY E 452 -42.61 22.54 -29.09
CA GLY E 452 -44.03 22.47 -29.38
C GLY E 452 -44.66 23.84 -29.54
N ALA E 453 -45.99 23.84 -29.55
CA ALA E 453 -46.72 25.10 -29.64
C ALA E 453 -46.56 25.93 -28.36
N THR E 454 -46.60 25.27 -27.20
CA THR E 454 -46.44 25.92 -25.91
C THR E 454 -45.20 25.36 -25.24
N ASN E 455 -44.30 26.24 -24.82
CA ASN E 455 -43.07 25.87 -24.15
C ASN E 455 -42.88 26.70 -22.90
N GLN E 456 -42.40 26.06 -21.84
CA GLN E 456 -42.14 26.71 -20.56
C GLN E 456 -40.64 26.74 -20.32
N LEU E 457 -40.08 27.93 -20.13
CA LEU E 457 -38.67 28.12 -19.84
C LEU E 457 -38.54 28.50 -18.36
N ARG E 458 -37.80 27.71 -17.61
CA ARG E 458 -37.73 27.85 -16.16
C ARG E 458 -36.31 28.16 -15.72
N PHE E 459 -36.19 29.11 -14.78
CA PHE E 459 -34.92 29.47 -14.17
C PHE E 459 -35.03 29.18 -12.68
N ASP E 460 -34.33 28.16 -12.20
CA ASP E 460 -34.33 27.79 -10.79
C ASP E 460 -33.02 28.24 -10.16
N PHE E 461 -33.11 29.03 -9.10
CA PHE E 461 -31.95 29.48 -8.34
C PHE E 461 -31.88 28.65 -7.07
N GLU E 462 -30.86 27.80 -6.98
CA GLU E 462 -30.66 26.92 -5.84
C GLU E 462 -29.59 27.51 -4.93
N TYR E 463 -29.93 27.71 -3.67
CA TYR E 463 -29.02 28.26 -2.68
C TYR E 463 -28.70 27.20 -1.64
N MET E 464 -27.41 27.07 -1.30
CA MET E 464 -26.98 26.16 -0.24
C MET E 464 -27.01 26.92 1.08
N ASN E 465 -28.00 26.62 1.92
CA ASN E 465 -28.20 27.42 3.12
C ASN E 465 -27.59 26.73 4.33
N PRO E 466 -26.98 27.50 5.23
CA PRO E 466 -26.35 26.92 6.40
C PRO E 466 -27.38 26.40 7.40
N MET E 467 -26.93 25.42 8.19
CA MET E 467 -27.68 24.89 9.32
C MET E 467 -27.04 25.36 10.62
N PRO E 468 -27.76 25.26 11.75
CA PRO E 468 -27.16 25.68 13.03
C PRO E 468 -25.84 24.97 13.29
N GLY E 469 -24.86 25.74 13.74
CA GLY E 469 -23.51 25.21 13.92
C GLY E 469 -22.82 25.71 15.16
N GLY E 470 -21.48 25.62 15.17
CA GLY E 470 -20.71 26.00 16.33
C GLY E 470 -20.25 24.78 17.13
N SER E 471 -20.89 24.56 18.27
CA SER E 471 -20.57 23.42 19.12
C SER E 471 -21.79 23.12 19.98
N VAL E 472 -21.68 22.08 20.80
CA VAL E 472 -22.79 21.71 21.69
C VAL E 472 -23.03 22.81 22.70
N ASP E 473 -21.97 23.30 23.35
CA ASP E 473 -22.13 24.37 24.32
C ASP E 473 -22.38 25.72 23.64
N ASN E 474 -21.66 26.00 22.57
CA ASN E 474 -21.79 27.26 21.84
C ASN E 474 -22.45 26.96 20.50
N CYS E 475 -23.73 27.29 20.39
CA CYS E 475 -24.53 27.00 19.20
C CYS E 475 -24.85 28.31 18.49
N ILE E 476 -24.49 28.38 17.21
CA ILE E 476 -24.64 29.58 16.39
C ILE E 476 -25.74 29.33 15.38
N THR E 477 -26.73 30.24 15.35
CA THR E 477 -27.86 30.14 14.45
C THR E 477 -27.81 31.28 13.44
N PHE E 478 -28.15 30.96 12.19
CA PHE E 478 -28.14 31.94 11.11
C PHE E 478 -29.57 32.33 10.79
N GLN E 479 -29.84 33.63 10.81
CA GLN E 479 -31.16 34.13 10.48
C GLN E 479 -31.48 33.85 9.02
N PRO E 480 -32.73 33.55 8.69
CA PRO E 480 -33.07 33.28 7.28
C PRO E 480 -33.09 34.57 6.48
N VAL E 481 -32.19 34.67 5.52
CA VAL E 481 -32.04 35.88 4.72
C VAL E 481 -32.86 35.75 3.44
N GLN E 482 -33.54 36.83 3.08
CA GLN E 482 -34.28 36.85 1.82
C GLN E 482 -33.31 36.98 0.65
N ASN E 483 -33.52 36.15 -0.37
CA ASN E 483 -32.71 36.17 -1.58
C ASN E 483 -33.55 36.69 -2.73
N HIS E 484 -33.03 37.73 -3.41
CA HIS E 484 -33.71 38.35 -4.54
C HIS E 484 -32.98 37.97 -5.81
N VAL E 485 -33.69 37.35 -6.74
CA VAL E 485 -33.13 36.94 -8.02
C VAL E 485 -33.98 37.56 -9.13
N VAL E 486 -33.32 38.25 -10.05
CA VAL E 486 -33.99 38.97 -11.14
C VAL E 486 -33.35 38.57 -12.45
N ILE E 487 -34.18 38.13 -13.40
CA ILE E 487 -33.74 37.92 -14.77
C ILE E 487 -33.96 39.21 -15.54
N GLY E 488 -32.91 39.73 -16.17
CA GLY E 488 -32.99 41.03 -16.79
C GLY E 488 -33.98 41.08 -17.93
N ASP E 489 -34.62 42.25 -18.08
CA ASP E 489 -35.56 42.45 -19.17
C ASP E 489 -34.87 42.59 -20.51
N ASP E 490 -33.59 42.95 -20.53
CA ASP E 490 -32.84 43.10 -21.76
C ASP E 490 -32.27 41.78 -22.27
N SER E 491 -32.44 40.69 -21.52
CA SER E 491 -32.02 39.39 -21.99
C SER E 491 -32.83 38.98 -23.22
N THR E 492 -32.16 38.41 -24.21
CA THR E 492 -32.76 38.12 -25.50
C THR E 492 -32.75 36.62 -25.77
N ILE E 493 -33.72 36.17 -26.57
CA ILE E 493 -33.79 34.80 -27.04
C ILE E 493 -34.00 34.85 -28.55
N ASP E 494 -33.24 34.04 -29.29
CA ASP E 494 -33.22 34.07 -30.74
C ASP E 494 -33.66 32.73 -31.31
N PHE E 495 -34.63 32.78 -32.22
CA PHE E 495 -35.10 31.60 -32.94
C PHE E 495 -34.81 31.68 -34.43
N SER E 496 -33.92 32.57 -34.85
CA SER E 496 -33.67 32.79 -36.28
C SER E 496 -32.94 31.62 -36.93
N LYS E 497 -32.28 30.78 -36.16
CA LYS E 497 -31.56 29.63 -36.69
C LYS E 497 -32.44 28.41 -36.91
N TYR E 498 -33.76 28.59 -36.97
CA TYR E 498 -34.71 27.51 -37.14
C TYR E 498 -35.41 27.66 -38.48
N TYR E 499 -35.46 26.58 -39.24
CA TYR E 499 -36.17 26.57 -40.52
C TYR E 499 -37.61 26.12 -40.31
N HIS E 500 -38.49 26.56 -41.21
CA HIS E 500 -39.90 26.18 -41.19
C HIS E 500 -40.08 24.96 -42.07
N PHE E 501 -40.18 23.80 -41.45
CA PHE E 501 -40.26 22.53 -42.18
C PHE E 501 -40.88 21.50 -41.26
N ILE E 502 -42.08 21.03 -41.60
CA ILE E 502 -42.80 20.10 -40.73
C ILE E 502 -43.36 18.95 -41.55
N PRO E 503 -43.35 17.72 -41.02
CA PRO E 503 -44.16 16.67 -41.63
C PRO E 503 -45.63 16.96 -41.40
N MET E 504 -46.32 17.40 -42.45
CA MET E 504 -47.61 18.07 -42.27
C MET E 504 -48.69 17.21 -41.63
N PRO E 505 -48.91 15.94 -42.02
CA PRO E 505 -50.08 15.23 -41.48
C PRO E 505 -49.95 14.97 -39.99
N ASP E 506 -50.00 16.05 -39.21
CA ASP E 506 -49.85 16.01 -37.76
C ASP E 506 -50.99 16.83 -37.17
N LEU E 507 -52.02 16.14 -36.67
CA LEU E 507 -53.14 16.85 -36.05
C LEU E 507 -52.79 17.44 -34.70
N ARG E 508 -51.64 17.09 -34.12
CA ARG E 508 -51.19 17.77 -32.92
C ARG E 508 -50.93 19.25 -33.20
N ALA E 509 -50.28 19.54 -34.33
CA ALA E 509 -50.06 20.93 -34.72
C ALA E 509 -51.39 21.65 -34.91
N PHE E 510 -52.36 20.98 -35.53
CA PHE E 510 -53.69 21.57 -35.66
C PHE E 510 -54.28 21.89 -34.30
N ALA E 511 -54.50 20.87 -33.47
CA ALA E 511 -55.18 21.06 -32.20
C ALA E 511 -54.43 21.97 -31.25
N ASN E 512 -53.15 22.23 -31.51
CA ASN E 512 -52.38 23.11 -30.63
C ASN E 512 -52.24 24.54 -31.14
N ALA E 513 -52.17 24.75 -32.46
CA ALA E 513 -51.94 26.11 -32.95
C ALA E 513 -52.72 26.49 -34.20
N GLY E 514 -53.58 25.64 -34.73
CA GLY E 514 -54.22 25.91 -36.01
C GLY E 514 -53.25 26.06 -37.15
N PHE E 515 -52.12 25.34 -37.12
CA PHE E 515 -50.96 25.70 -37.92
C PHE E 515 -51.25 25.79 -39.42
N PRO E 516 -51.86 24.79 -40.07
CA PRO E 516 -52.03 24.91 -41.53
C PRO E 516 -52.86 26.11 -41.92
N PHE E 517 -53.75 26.57 -41.04
CA PHE E 517 -54.52 27.78 -41.27
C PHE E 517 -53.92 28.99 -40.60
N SER E 518 -53.31 28.82 -39.42
CA SER E 518 -52.75 29.94 -38.68
C SER E 518 -51.37 30.36 -39.16
N ARG E 519 -50.85 29.75 -40.23
CA ARG E 519 -49.64 30.27 -40.86
C ARG E 519 -49.83 31.74 -41.22
N MET E 520 -51.02 32.09 -41.67
CA MET E 520 -51.44 33.48 -41.82
C MET E 520 -52.50 33.76 -40.76
N ALA E 521 -52.26 34.77 -39.93
CA ALA E 521 -53.12 35.01 -38.77
C ALA E 521 -54.54 35.37 -39.18
N ASP E 522 -54.70 36.07 -40.30
CA ASP E 522 -56.02 36.52 -40.73
C ASP E 522 -56.78 35.45 -41.52
N LEU E 523 -56.23 34.25 -41.62
CA LEU E 523 -56.85 33.15 -42.38
C LEU E 523 -57.10 33.55 -43.82
N SER E 524 -56.13 34.28 -44.41
CA SER E 524 -56.25 34.69 -45.80
C SER E 524 -56.04 33.53 -46.76
N GLN E 525 -55.24 32.55 -46.36
CA GLN E 525 -54.87 31.44 -47.22
C GLN E 525 -55.57 30.15 -46.84
N THR E 526 -56.80 30.24 -46.33
CA THR E 526 -57.61 29.06 -46.05
C THR E 526 -59.04 29.30 -46.52
N ILE E 527 -59.68 28.21 -46.93
CA ILE E 527 -61.06 28.22 -47.40
C ILE E 527 -61.84 27.20 -46.57
N THR E 528 -63.00 27.60 -46.06
CA THR E 528 -63.85 26.72 -45.27
C THR E 528 -65.02 26.26 -46.13
N VAL E 529 -65.18 24.95 -46.23
CA VAL E 529 -66.27 24.35 -47.00
C VAL E 529 -67.34 23.89 -46.02
N MET E 530 -68.55 24.39 -46.21
CA MET E 530 -69.68 24.09 -45.33
C MET E 530 -70.85 23.57 -46.15
N PRO E 531 -71.76 22.81 -45.53
CA PRO E 531 -72.96 22.37 -46.25
C PRO E 531 -73.78 23.55 -46.74
N LYS E 532 -74.72 23.25 -47.64
CA LYS E 532 -75.51 24.30 -48.28
C LYS E 532 -76.29 25.11 -47.26
N ALA E 533 -77.19 24.44 -46.53
CA ALA E 533 -77.96 25.07 -45.45
C ALA E 533 -77.52 24.44 -44.14
N PRO E 534 -76.42 24.92 -43.54
CA PRO E 534 -75.90 24.28 -42.34
C PRO E 534 -76.88 24.39 -41.18
N ASN E 535 -76.86 23.39 -40.31
CA ASN E 535 -77.73 23.38 -39.16
C ASN E 535 -76.98 23.92 -37.93
N GLU E 536 -77.64 23.84 -36.77
CA GLU E 536 -77.08 24.41 -35.56
C GLU E 536 -75.77 23.74 -35.18
N ALA E 537 -75.71 22.41 -35.29
CA ALA E 537 -74.49 21.70 -34.91
C ALA E 537 -73.32 22.04 -35.83
N GLN E 538 -73.56 22.10 -37.13
CA GLN E 538 -72.49 22.43 -38.06
C GLN E 538 -72.01 23.87 -37.87
N MET E 539 -72.94 24.80 -37.67
CA MET E 539 -72.53 26.18 -37.39
C MET E 539 -71.76 26.26 -36.09
N GLU E 540 -72.18 25.48 -35.08
CA GLU E 540 -71.45 25.43 -33.81
C GLU E 540 -70.03 24.95 -34.02
N THR E 541 -69.85 23.90 -34.83
CA THR E 541 -68.52 23.37 -35.08
C THR E 541 -67.64 24.43 -35.77
N LEU E 542 -68.18 25.09 -36.79
CA LEU E 542 -67.41 26.11 -37.49
C LEU E 542 -67.01 27.24 -36.55
N LEU E 543 -67.96 27.75 -35.77
CA LEU E 543 -67.67 28.84 -34.86
C LEU E 543 -66.66 28.43 -33.82
N ASN E 544 -66.78 27.22 -33.27
CA ASN E 544 -65.86 26.78 -32.23
C ASN E 544 -64.45 26.62 -32.78
N THR E 545 -64.30 26.04 -33.97
CA THR E 545 -62.95 25.85 -34.49
C THR E 545 -62.31 27.19 -34.86
N VAL E 546 -63.06 28.12 -35.46
CA VAL E 546 -62.46 29.41 -35.77
C VAL E 546 -62.15 30.17 -34.49
N GLY E 547 -62.98 30.04 -33.45
CA GLY E 547 -62.71 30.71 -32.20
C GLY E 547 -61.47 30.17 -31.51
N PHE E 548 -61.27 28.85 -31.53
CA PHE E 548 -60.08 28.30 -30.89
C PHE E 548 -58.82 28.64 -31.69
N ILE E 549 -58.91 28.66 -33.02
CA ILE E 549 -57.78 29.11 -33.83
C ILE E 549 -57.44 30.56 -33.51
N GLY E 550 -58.47 31.41 -33.40
CA GLY E 550 -58.22 32.80 -33.03
C GLY E 550 -57.66 32.94 -31.64
N ALA E 551 -58.08 32.09 -30.71
CA ALA E 551 -57.50 32.11 -29.37
C ALA E 551 -56.02 31.75 -29.41
N GLN E 552 -55.65 30.75 -30.21
CA GLN E 552 -54.24 30.37 -30.30
C GLN E 552 -53.41 31.45 -30.99
N THR E 553 -53.98 32.14 -31.98
CA THR E 553 -53.21 33.11 -32.73
C THR E 553 -53.11 34.46 -32.02
N GLY E 554 -54.24 34.97 -31.54
CA GLY E 554 -54.31 36.32 -31.02
C GLY E 554 -54.90 37.33 -31.97
N PHE E 555 -55.25 36.92 -33.18
CA PHE E 555 -55.80 37.80 -34.21
C PHE E 555 -57.07 37.20 -34.78
N PRO E 556 -58.06 38.03 -35.12
CA PRO E 556 -59.28 37.51 -35.73
C PRO E 556 -59.06 37.10 -37.18
N ALA E 557 -60.00 36.30 -37.68
CA ALA E 557 -59.95 35.78 -39.04
C ALA E 557 -60.77 36.68 -39.97
N ILE E 558 -60.20 37.84 -40.28
CA ILE E 558 -60.91 38.83 -41.09
C ILE E 558 -61.08 38.34 -42.51
N ASN E 559 -60.01 37.81 -43.11
CA ASN E 559 -60.00 37.44 -44.52
C ASN E 559 -60.33 35.97 -44.74
N LEU E 560 -61.06 35.34 -43.82
CA LEU E 560 -61.47 33.96 -44.01
C LEU E 560 -62.54 33.88 -45.09
N THR E 561 -62.41 32.88 -45.95
CA THR E 561 -63.34 32.63 -47.05
C THR E 561 -64.15 31.38 -46.75
N VAL E 562 -65.48 31.50 -46.88
CA VAL E 562 -66.40 30.40 -46.62
C VAL E 562 -67.19 30.15 -47.90
N THR E 563 -67.27 28.88 -48.31
CA THR E 563 -68.02 28.50 -49.50
C THR E 563 -68.89 27.29 -49.17
N ASP E 564 -70.03 27.20 -49.83
CA ASP E 564 -70.96 26.10 -49.63
C ASP E 564 -70.86 25.03 -50.70
N ASP E 565 -70.14 25.29 -51.79
CA ASP E 565 -69.98 24.34 -52.88
C ASP E 565 -68.51 23.98 -53.02
N GLY E 566 -68.23 22.67 -53.09
CA GLY E 566 -66.86 22.20 -53.16
C GLY E 566 -66.20 22.39 -54.52
N SER E 567 -66.96 22.76 -55.55
CA SER E 567 -66.36 22.99 -56.86
C SER E 567 -65.60 24.30 -56.92
N THR E 568 -65.91 25.25 -56.04
CA THR E 568 -65.20 26.53 -56.04
C THR E 568 -63.77 26.41 -55.55
N ILE E 569 -63.45 25.37 -54.78
CA ILE E 569 -62.09 25.22 -54.24
C ILE E 569 -61.11 24.64 -55.24
N GLN E 570 -61.59 24.23 -56.42
CA GLN E 570 -60.70 23.68 -57.43
C GLN E 570 -59.71 24.73 -57.90
N GLY E 571 -58.43 24.36 -57.97
CA GLY E 571 -57.41 25.29 -58.43
C GLY E 571 -57.23 26.51 -57.56
N LYS E 572 -57.21 26.32 -56.24
CA LYS E 572 -57.03 27.41 -55.29
C LYS E 572 -55.82 27.13 -54.42
N ASP E 573 -54.95 28.13 -54.29
CA ASP E 573 -53.75 28.02 -53.45
C ASP E 573 -54.10 28.43 -52.02
N ALA E 574 -54.87 27.56 -51.36
CA ALA E 574 -55.32 27.84 -50.01
C ALA E 574 -55.65 26.51 -49.32
N ASP E 575 -55.45 26.47 -48.00
CA ASP E 575 -55.81 25.30 -47.23
C ASP E 575 -57.32 25.19 -47.10
N ILE E 576 -57.79 23.99 -46.83
CA ILE E 576 -59.21 23.67 -46.86
C ILE E 576 -59.64 23.16 -45.49
N MET E 577 -60.72 23.72 -44.96
CA MET E 577 -61.35 23.24 -43.73
C MET E 577 -62.77 22.80 -44.07
N ILE E 578 -63.10 21.56 -43.75
CA ILE E 578 -64.40 20.97 -44.06
C ILE E 578 -65.12 20.68 -42.76
N ILE E 579 -66.31 21.25 -42.60
CA ILE E 579 -67.05 21.15 -41.35
C ILE E 579 -68.10 20.06 -41.44
N GLY E 580 -68.62 19.83 -42.65
CA GLY E 580 -69.67 18.86 -42.83
C GLY E 580 -69.17 17.52 -43.34
N GLY E 581 -69.33 17.28 -44.64
CA GLY E 581 -68.87 16.04 -45.23
C GLY E 581 -67.94 16.33 -46.40
N ILE E 582 -67.04 15.39 -46.65
CA ILE E 582 -66.08 15.54 -47.74
C ILE E 582 -66.82 15.52 -49.07
N PRO E 583 -66.56 16.46 -49.97
CA PRO E 583 -67.25 16.45 -51.27
C PRO E 583 -66.91 15.22 -52.09
N ASP E 584 -67.73 14.96 -53.11
CA ASP E 584 -67.55 13.78 -53.94
C ASP E 584 -66.22 13.80 -54.67
N LYS E 585 -65.74 14.98 -55.05
CA LYS E 585 -64.47 15.08 -55.78
C LYS E 585 -63.28 14.69 -54.91
N LEU E 586 -63.43 14.69 -53.58
CA LEU E 586 -62.34 14.34 -52.69
C LEU E 586 -62.57 13.05 -51.92
N LYS E 587 -63.80 12.53 -51.90
CA LYS E 587 -64.08 11.31 -51.15
C LYS E 587 -63.32 10.10 -51.69
N ASP E 588 -62.97 10.11 -52.96
CA ASP E 588 -62.31 8.96 -53.59
C ASP E 588 -60.80 9.00 -53.46
N ASP E 589 -60.23 10.00 -52.80
CA ASP E 589 -58.79 10.09 -52.65
C ASP E 589 -58.27 8.95 -51.78
N LYS E 590 -57.14 8.37 -52.18
CA LYS E 590 -56.53 7.31 -51.39
C LYS E 590 -55.85 7.82 -50.13
N GLN E 591 -55.65 9.14 -50.00
CA GLN E 591 -55.02 9.69 -48.82
C GLN E 591 -55.96 9.74 -47.63
N ILE E 592 -57.27 9.65 -47.85
CA ILE E 592 -58.22 9.66 -46.74
C ILE E 592 -58.13 8.32 -46.01
N ASP E 593 -57.99 8.38 -44.69
CA ASP E 593 -57.79 7.19 -43.86
C ASP E 593 -58.96 6.88 -42.96
N LEU E 594 -60.02 7.70 -42.97
CA LEU E 594 -61.23 7.40 -42.23
C LEU E 594 -62.40 8.10 -42.90
N LEU E 595 -63.55 7.44 -42.93
CA LEU E 595 -64.73 8.00 -43.57
C LEU E 595 -65.97 7.35 -42.98
N VAL E 596 -66.81 8.14 -42.33
CA VAL E 596 -68.10 7.68 -41.82
C VAL E 596 -69.20 8.49 -42.50
N GLN E 597 -70.03 7.83 -43.28
CA GLN E 597 -71.07 8.54 -44.03
C GLN E 597 -72.30 8.79 -43.17
N ALA E 598 -73.03 7.73 -42.83
CA ALA E 598 -74.15 7.82 -41.89
C ALA E 598 -73.95 6.91 -40.69
N THR E 599 -73.77 5.60 -40.92
CA THR E 599 -73.44 4.65 -39.87
C THR E 599 -72.33 3.68 -40.27
N GLU E 600 -71.89 3.71 -41.52
CA GLU E 600 -70.82 2.86 -42.00
C GLU E 600 -69.51 3.64 -41.97
N SER E 601 -68.49 3.05 -41.37
CA SER E 601 -67.20 3.71 -41.21
C SER E 601 -66.08 2.72 -41.46
N TRP E 602 -65.03 3.19 -42.14
CA TRP E 602 -63.84 2.39 -42.37
C TRP E 602 -62.61 3.20 -41.99
N VAL E 603 -61.56 2.49 -41.57
CA VAL E 603 -60.33 3.12 -41.12
C VAL E 603 -59.15 2.31 -41.63
N LYS E 604 -58.03 3.01 -41.84
CA LYS E 604 -56.77 2.39 -42.24
C LYS E 604 -55.84 2.36 -41.05
N THR E 605 -55.31 1.18 -40.74
CA THR E 605 -54.49 0.97 -39.56
C THR E 605 -53.01 0.99 -39.91
N PRO E 606 -52.19 1.74 -39.20
CA PRO E 606 -50.76 1.79 -39.52
C PRO E 606 -50.06 0.47 -39.22
N MET E 607 -48.93 0.27 -39.88
CA MET E 607 -48.15 -0.95 -39.69
C MET E 607 -47.64 -1.06 -38.26
N ARG E 608 -47.11 0.03 -37.72
CA ARG E 608 -46.62 0.05 -36.35
C ARG E 608 -46.77 1.45 -35.78
N GLN E 609 -47.39 1.54 -34.61
CA GLN E 609 -47.65 2.82 -33.95
C GLN E 609 -46.96 2.81 -32.59
N THR E 610 -45.93 3.63 -32.44
CA THR E 610 -45.21 3.75 -31.18
C THR E 610 -45.84 4.84 -30.31
N PRO E 611 -45.75 4.71 -28.98
CA PRO E 611 -46.29 5.76 -28.11
C PRO E 611 -45.55 7.08 -28.25
N PHE E 612 -44.22 7.03 -28.21
CA PHE E 612 -43.39 8.22 -28.36
C PHE E 612 -42.55 8.09 -29.63
N PRO E 613 -42.93 8.75 -30.71
CA PRO E 613 -42.13 8.67 -31.94
C PRO E 613 -40.98 9.67 -31.91
N GLY E 614 -39.98 9.37 -32.73
CA GLY E 614 -38.83 10.24 -32.85
C GLY E 614 -39.06 11.36 -33.83
N ILE E 615 -37.97 12.07 -34.14
CA ILE E 615 -38.03 13.16 -35.11
C ILE E 615 -38.30 12.62 -36.50
N VAL E 616 -37.68 11.49 -36.84
CA VAL E 616 -37.89 10.89 -38.16
C VAL E 616 -39.32 10.37 -38.26
N PRO E 617 -40.08 10.76 -39.29
CA PRO E 617 -41.45 10.23 -39.41
C PRO E 617 -41.52 8.72 -39.55
N ASP E 618 -40.51 8.10 -40.16
CA ASP E 618 -40.43 6.64 -40.31
C ASP E 618 -41.65 6.11 -41.07
N GLU E 619 -41.69 6.48 -42.36
CA GLU E 619 -42.83 6.15 -43.21
C GLU E 619 -43.02 4.65 -43.38
N SER E 620 -42.01 3.84 -43.05
CA SER E 620 -42.15 2.39 -43.18
C SER E 620 -43.24 1.85 -42.25
N ASP E 621 -43.28 2.34 -41.01
CA ASP E 621 -44.28 1.90 -40.06
C ASP E 621 -45.56 2.71 -40.10
N ARG E 622 -45.59 3.81 -40.84
CA ARG E 622 -46.81 4.60 -41.02
C ARG E 622 -47.65 4.12 -42.19
N ALA E 623 -47.16 3.17 -42.98
CA ALA E 623 -47.91 2.66 -44.11
C ALA E 623 -49.14 1.90 -43.63
N ALA E 624 -50.23 2.03 -44.39
CA ALA E 624 -51.47 1.36 -44.03
C ALA E 624 -51.31 -0.15 -44.13
N GLU E 625 -51.88 -0.86 -43.17
CA GLU E 625 -51.81 -2.32 -43.11
C GLU E 625 -53.13 -2.97 -43.47
N THR E 626 -54.23 -2.56 -42.84
CA THR E 626 -55.54 -3.13 -43.09
C THR E 626 -56.56 -2.02 -43.31
N ARG E 627 -57.69 -2.39 -43.88
CA ARG E 627 -58.81 -1.48 -44.11
C ARG E 627 -60.07 -2.21 -43.63
N SER E 628 -60.51 -1.89 -42.42
CA SER E 628 -61.64 -2.54 -41.79
C SER E 628 -62.86 -1.63 -41.83
N THR E 629 -63.97 -2.17 -42.35
CA THR E 629 -65.23 -1.44 -42.44
C THR E 629 -66.20 -1.98 -41.40
N LEU E 630 -66.73 -1.10 -40.57
CA LEU E 630 -67.64 -1.47 -39.50
C LEU E 630 -68.89 -0.62 -39.56
N THR E 631 -70.02 -1.21 -39.17
CA THR E 631 -71.31 -0.53 -39.17
C THR E 631 -71.95 -0.68 -37.80
N SER E 632 -72.33 0.45 -37.20
CA SER E 632 -72.98 0.43 -35.90
C SER E 632 -73.87 1.66 -35.78
N SER E 633 -74.84 1.58 -34.88
CA SER E 633 -75.73 2.69 -34.58
C SER E 633 -75.15 3.65 -33.56
N GLY E 634 -74.00 3.34 -32.98
CA GLY E 634 -73.37 4.23 -32.04
C GLY E 634 -72.84 5.48 -32.71
N ALA E 635 -72.51 6.47 -31.88
CA ALA E 635 -72.09 7.77 -32.36
C ALA E 635 -70.58 7.89 -32.30
N MET E 636 -69.99 8.37 -33.39
CA MET E 636 -68.57 8.70 -33.44
C MET E 636 -68.39 10.04 -34.14
N ALA E 637 -67.28 10.69 -33.85
CA ALA E 637 -66.85 11.87 -34.56
C ALA E 637 -65.38 11.68 -34.94
N ALA E 638 -64.96 12.37 -35.97
CA ALA E 638 -63.61 12.18 -36.48
C ALA E 638 -63.04 13.50 -36.98
N VAL E 639 -61.74 13.69 -36.75
CA VAL E 639 -60.97 14.77 -37.34
C VAL E 639 -59.85 14.13 -38.14
N ILE E 640 -59.81 14.42 -39.44
CA ILE E 640 -58.85 13.81 -40.33
C ILE E 640 -58.10 14.89 -41.10
N GLY E 641 -56.91 14.56 -41.56
CA GLY E 641 -56.11 15.47 -42.36
C GLY E 641 -55.39 14.76 -43.49
N PHE E 642 -55.34 15.40 -44.66
CA PHE E 642 -54.69 14.81 -45.81
C PHE E 642 -54.24 15.92 -46.75
N GLN E 643 -53.33 15.57 -47.65
CA GLN E 643 -52.77 16.54 -48.58
C GLN E 643 -53.82 17.03 -49.56
N SER E 644 -53.77 18.32 -49.87
CA SER E 644 -54.67 18.89 -50.86
C SER E 644 -54.21 18.48 -52.25
N PRO E 645 -55.07 17.86 -53.06
CA PRO E 645 -54.65 17.48 -54.41
C PRO E 645 -54.25 18.66 -55.28
N TYR E 646 -54.83 19.84 -55.04
CA TYR E 646 -54.60 20.97 -55.93
C TYR E 646 -53.20 21.54 -55.76
N ASN E 647 -52.73 21.64 -54.52
CA ASN E 647 -51.39 22.15 -54.23
C ASN E 647 -50.70 21.23 -53.25
N ASP E 648 -49.45 20.86 -53.55
CA ASP E 648 -48.72 19.92 -52.71
C ASP E 648 -48.43 20.50 -51.34
N GLN E 649 -48.19 21.80 -51.26
CA GLN E 649 -47.88 22.46 -49.99
C GLN E 649 -49.12 22.78 -49.18
N ARG E 650 -50.31 22.58 -49.74
CA ARG E 650 -51.55 22.86 -49.03
C ARG E 650 -52.03 21.62 -48.28
N SER E 651 -53.03 21.81 -47.43
CA SER E 651 -53.53 20.74 -46.58
C SER E 651 -55.03 20.85 -46.42
N VAL E 652 -55.67 19.73 -46.12
CA VAL E 652 -57.10 19.65 -45.89
C VAL E 652 -57.34 19.02 -44.53
N ILE E 653 -58.13 19.70 -43.69
CA ILE E 653 -58.56 19.17 -42.41
C ILE E 653 -60.07 19.07 -42.42
N ALA E 654 -60.60 17.88 -42.13
CA ALA E 654 -62.02 17.62 -42.17
C ALA E 654 -62.52 17.22 -40.80
N LEU E 655 -63.60 17.85 -40.35
CA LEU E 655 -64.25 17.53 -39.09
C LEU E 655 -65.55 16.79 -39.44
N LEU E 656 -65.57 15.49 -39.17
CA LEU E 656 -66.66 14.62 -39.59
C LEU E 656 -67.47 14.16 -38.39
N ALA E 657 -68.79 14.29 -38.49
CA ALA E 657 -69.70 13.76 -37.48
C ALA E 657 -70.90 13.15 -38.19
N ASP E 658 -71.30 11.96 -37.74
CA ASP E 658 -72.41 11.26 -38.38
C ASP E 658 -73.76 11.67 -37.80
N SER E 659 -73.91 11.55 -36.50
CA SER E 659 -75.15 11.82 -35.79
C SER E 659 -75.07 13.13 -35.02
N PRO E 660 -76.21 13.65 -34.56
CA PRO E 660 -76.14 14.83 -33.66
C PRO E 660 -75.32 14.57 -32.41
N ARG E 661 -75.35 13.36 -31.86
CA ARG E 661 -74.49 13.04 -30.73
C ARG E 661 -73.02 13.10 -31.13
N GLY E 662 -72.70 12.64 -32.34
CA GLY E 662 -71.35 12.77 -32.83
C GLY E 662 -70.93 14.22 -32.98
N TYR E 663 -71.84 15.07 -33.45
CA TYR E 663 -71.56 16.49 -33.54
C TYR E 663 -71.31 17.09 -32.16
N GLU E 664 -72.11 16.69 -31.18
CA GLU E 664 -71.92 17.17 -29.81
C GLU E 664 -70.54 16.75 -29.28
N MET E 665 -70.16 15.50 -29.50
CA MET E 665 -68.86 15.02 -29.05
C MET E 665 -67.73 15.77 -29.74
N LEU E 666 -67.87 16.00 -31.05
CA LEU E 666 -66.84 16.73 -31.79
C LEU E 666 -66.70 18.16 -31.28
N ASN E 667 -67.82 18.83 -31.03
CA ASN E 667 -67.76 20.19 -30.51
C ASN E 667 -67.15 20.22 -29.11
N ASP E 668 -67.50 19.26 -28.26
CA ASP E 668 -66.91 19.20 -26.94
C ASP E 668 -65.40 18.98 -27.00
N ALA E 669 -64.95 18.09 -27.90
CA ALA E 669 -63.52 17.85 -28.05
C ALA E 669 -62.81 19.09 -28.57
N VAL E 670 -63.43 19.81 -29.51
CA VAL E 670 -62.83 21.04 -30.01
C VAL E 670 -62.73 22.09 -28.90
N ASN E 671 -63.78 22.23 -28.10
CA ASN E 671 -63.78 23.25 -27.05
C ASN E 671 -62.77 22.92 -25.95
N ASP E 672 -62.70 21.65 -25.52
CA ASP E 672 -61.85 21.27 -24.42
C ASP E 672 -60.39 21.25 -24.86
N SER E 673 -59.57 22.12 -24.27
CA SER E 673 -58.15 22.14 -24.61
C SER E 673 -57.46 20.85 -24.18
N GLY E 674 -57.86 20.28 -23.05
CA GLY E 674 -57.26 19.03 -22.62
C GLY E 674 -57.54 17.89 -23.59
N LYS E 675 -58.77 17.81 -24.09
CA LYS E 675 -59.09 16.80 -25.10
C LYS E 675 -58.42 17.11 -26.43
N ARG E 676 -58.29 18.39 -26.77
CA ARG E 676 -57.60 18.75 -28.01
C ARG E 676 -56.14 18.33 -27.99
N ALA E 677 -55.49 18.50 -26.84
CA ALA E 677 -54.08 18.16 -26.71
C ALA E 677 -53.79 16.68 -26.88
N THR E 678 -54.81 15.83 -26.83
CA THR E 678 -54.64 14.40 -27.01
C THR E 678 -54.78 13.95 -28.45
N MET E 679 -54.98 14.89 -29.38
CA MET E 679 -55.11 14.56 -30.80
C MET E 679 -53.74 14.65 -31.47
N PHE E 680 -53.40 13.61 -32.22
CA PHE E 680 -52.15 13.58 -32.99
C PHE E 680 -52.37 12.77 -34.26
N GLY E 681 -51.31 12.65 -35.05
CA GLY E 681 -51.39 11.84 -36.25
C GLY E 681 -52.25 12.48 -37.34
N SER E 682 -52.79 11.63 -38.21
CA SER E 682 -53.65 12.07 -39.29
C SER E 682 -55.13 11.78 -39.07
N VAL E 683 -55.47 10.86 -38.17
CA VAL E 683 -56.85 10.51 -37.87
C VAL E 683 -57.05 10.54 -36.37
N ALA E 684 -58.08 11.27 -35.93
CA ALA E 684 -58.45 11.34 -34.52
C ALA E 684 -59.90 10.91 -34.38
N VAL E 685 -60.13 9.73 -33.81
CA VAL E 685 -61.47 9.20 -33.63
C VAL E 685 -62.00 9.64 -32.28
N ILE E 686 -63.18 10.25 -32.28
CA ILE E 686 -63.83 10.75 -31.07
C ILE E 686 -65.02 9.86 -30.78
N ARG E 687 -65.02 9.23 -29.60
CA ARG E 687 -66.11 8.38 -29.18
C ARG E 687 -66.56 8.75 -27.78
N GLU E 688 -67.46 7.95 -27.20
CA GLU E 688 -67.84 8.17 -25.81
C GLU E 688 -66.71 7.85 -24.85
N SER E 689 -65.74 7.02 -25.28
CA SER E 689 -64.62 6.67 -24.42
C SER E 689 -63.59 7.79 -24.33
N GLY E 690 -63.44 8.57 -25.39
CA GLY E 690 -62.43 9.61 -25.44
C GLY E 690 -61.96 9.80 -26.88
N ILE E 691 -60.70 10.20 -27.00
CA ILE E 691 -60.10 10.48 -28.30
C ILE E 691 -58.94 9.52 -28.51
N ASN E 692 -59.00 8.76 -29.60
CA ASN E 692 -57.91 7.87 -30.00
C ASN E 692 -57.40 8.32 -31.36
N SER E 693 -56.07 8.38 -31.50
CA SER E 693 -55.44 8.91 -32.69
C SER E 693 -54.55 7.86 -33.34
N LEU E 694 -54.38 7.98 -34.66
CA LEU E 694 -53.55 7.08 -35.45
C LEU E 694 -52.59 7.89 -36.30
N ARG E 695 -51.35 7.41 -36.38
CA ARG E 695 -50.33 8.00 -37.25
C ARG E 695 -50.23 7.10 -38.49
N VAL E 696 -51.12 7.33 -39.44
CA VAL E 696 -51.25 6.48 -40.62
C VAL E 696 -51.37 7.34 -41.86
N GLY E 697 -50.81 6.85 -42.96
CA GLY E 697 -50.94 7.48 -44.25
C GLY E 697 -49.62 7.97 -44.79
N ASP E 698 -49.69 8.58 -45.98
CA ASP E 698 -48.52 9.14 -46.60
C ASP E 698 -48.06 10.39 -45.86
N VAL E 699 -46.75 10.66 -45.93
CA VAL E 699 -46.13 11.78 -45.25
C VAL E 699 -45.68 12.79 -46.29
N TYR E 700 -46.15 14.03 -46.16
CA TYR E 700 -45.69 15.12 -47.00
C TYR E 700 -45.23 16.27 -46.12
N TYR E 701 -44.19 16.96 -46.57
CA TYR E 701 -43.54 18.00 -45.77
C TYR E 701 -43.92 19.37 -46.31
N VAL E 702 -44.43 20.23 -45.43
CA VAL E 702 -44.81 21.59 -45.77
C VAL E 702 -43.75 22.53 -45.23
N GLY E 703 -43.19 23.36 -46.12
CA GLY E 703 -42.12 24.27 -45.74
C GLY E 703 -40.99 24.26 -46.74
N HIS E 704 -40.18 25.31 -46.75
CA HIS E 704 -39.10 25.47 -47.72
C HIS E 704 -37.77 25.29 -47.00
N LEU E 705 -36.96 24.36 -47.48
CA LEU E 705 -35.63 24.11 -46.97
C LEU E 705 -34.60 24.48 -48.02
N PRO E 706 -33.54 25.21 -47.64
CA PRO E 706 -32.52 25.58 -48.64
C PRO E 706 -31.90 24.36 -49.27
N TRP E 707 -31.51 24.52 -50.55
CA TRP E 707 -31.04 23.38 -51.33
C TRP E 707 -29.76 22.78 -50.75
N PHE E 708 -28.84 23.63 -50.29
CA PHE E 708 -27.62 23.12 -49.67
C PHE E 708 -27.93 22.37 -48.38
N GLU E 709 -28.88 22.88 -47.58
CA GLU E 709 -29.30 22.17 -46.39
C GLU E 709 -29.93 20.83 -46.73
N ARG E 710 -30.74 20.80 -47.80
CA ARG E 710 -31.33 19.53 -48.23
C ARG E 710 -30.25 18.54 -48.66
N LEU E 711 -29.22 19.03 -49.37
CA LEU E 711 -28.11 18.17 -49.76
C LEU E 711 -27.38 17.64 -48.54
N TRP E 712 -27.13 18.49 -47.54
CA TRP E 712 -26.47 18.08 -46.32
C TRP E 712 -26.89 18.93 -45.14
N ASN F 42 41.71 40.30 37.27
CA ASN F 42 42.51 41.27 38.00
C ASN F 42 43.59 41.87 37.11
N GLY F 43 43.93 41.16 36.03
CA GLY F 43 44.92 41.63 35.10
C GLY F 43 44.33 42.59 34.08
N PRO F 44 45.20 43.11 33.21
CA PRO F 44 44.73 44.03 32.17
C PRO F 44 43.81 43.34 31.18
N SER F 45 42.89 44.13 30.62
CA SER F 45 41.92 43.62 29.67
C SER F 45 42.07 44.34 28.33
N ARG F 46 41.81 43.60 27.26
CA ARG F 46 41.95 44.10 25.90
C ARG F 46 40.68 43.79 25.12
N ASP F 47 40.20 44.78 24.37
CA ASP F 47 38.99 44.64 23.56
C ASP F 47 39.36 44.63 22.09
N VAL F 48 38.85 43.64 21.36
CA VAL F 48 39.12 43.51 19.94
C VAL F 48 37.78 43.35 19.21
N LYS F 49 37.80 43.68 17.92
CA LYS F 49 36.63 43.55 17.06
C LYS F 49 37.05 42.92 15.74
N LEU F 50 36.45 41.80 15.40
CA LEU F 50 36.78 41.07 14.19
C LEU F 50 35.74 41.32 13.11
N THR F 51 36.06 40.87 11.90
CA THR F 51 35.20 41.05 10.74
C THR F 51 35.23 39.77 9.93
N PHE F 52 34.12 39.49 9.24
CA PHE F 52 33.98 38.24 8.51
C PHE F 52 35.06 38.12 7.43
N ALA F 53 35.64 36.91 7.34
CA ALA F 53 36.81 36.66 6.51
C ALA F 53 36.56 36.92 5.03
N GLN F 54 35.63 36.17 4.44
CA GLN F 54 35.39 36.28 3.00
C GLN F 54 34.92 37.69 2.64
N ILE F 55 33.92 38.19 3.37
CA ILE F 55 33.28 39.50 3.18
C ILE F 55 33.26 39.88 1.70
N ALA F 56 33.76 41.06 1.35
CA ALA F 56 33.79 41.56 -0.02
C ALA F 56 34.66 42.81 -0.07
N PRO F 57 35.21 43.17 -1.22
CA PRO F 57 35.92 44.45 -1.34
C PRO F 57 34.97 45.61 -1.10
N PRO F 58 35.42 46.65 -0.41
CA PRO F 58 34.53 47.77 -0.13
C PRO F 58 34.21 48.53 -1.41
N PRO F 59 33.03 49.17 -1.47
CA PRO F 59 32.00 49.24 -0.44
C PRO F 59 30.97 48.13 -0.54
N GLY F 60 31.39 46.89 -0.79
CA GLY F 60 30.48 45.78 -0.89
C GLY F 60 30.13 45.21 0.47
N SER F 61 29.42 44.08 0.44
CA SER F 61 28.98 43.41 1.66
C SER F 61 28.86 41.92 1.38
N MET F 62 28.82 41.14 2.46
CA MET F 62 28.74 39.70 2.37
C MET F 62 27.28 39.27 2.22
N VAL F 63 27.02 38.44 1.22
CA VAL F 63 25.68 37.93 0.94
C VAL F 63 25.74 36.40 0.97
N LEU F 64 24.86 35.80 1.76
CA LEU F 64 24.79 34.35 1.88
C LEU F 64 23.67 33.82 1.01
N ARG F 65 24.01 32.87 0.14
CA ARG F 65 23.08 32.30 -0.82
C ARG F 65 22.95 30.80 -0.61
N GLY F 66 22.06 30.19 -1.41
CA GLY F 66 21.80 28.77 -1.25
C GLY F 66 23.00 27.90 -1.57
N ILE F 67 23.82 28.32 -2.53
CA ILE F 67 24.97 27.51 -2.94
C ILE F 67 25.95 27.35 -1.78
N ASN F 68 26.30 28.47 -1.13
CA ASN F 68 27.23 28.45 0.00
C ASN F 68 26.71 29.39 1.08
N PRO F 69 25.82 28.90 1.95
CA PRO F 69 25.26 29.74 3.02
C PRO F 69 26.09 29.71 4.30
N ASN F 70 27.39 29.91 4.17
CA ASN F 70 28.32 29.83 5.30
C ASN F 70 29.22 31.04 5.31
N GLY F 71 29.36 31.67 6.48
CA GLY F 71 30.31 32.74 6.67
C GLY F 71 31.13 32.48 7.92
N SER F 72 32.45 32.58 7.81
CA SER F 72 33.35 32.12 8.86
C SER F 72 34.26 33.24 9.35
N ILE F 73 34.52 33.24 10.65
CA ILE F 73 35.50 34.11 11.29
C ILE F 73 36.47 33.22 12.06
N GLU F 74 37.76 33.36 11.80
CA GLU F 74 38.79 32.56 12.44
C GLU F 74 39.74 33.46 13.21
N PHE F 75 40.09 33.02 14.42
CA PHE F 75 40.99 33.77 15.27
C PHE F 75 41.65 32.84 16.27
N GLY F 76 42.90 33.14 16.60
CA GLY F 76 43.66 32.34 17.55
C GLY F 76 43.77 33.00 18.91
N MET F 77 44.09 32.22 19.94
CA MET F 77 44.17 32.70 21.30
C MET F 77 45.59 32.58 21.83
N ARG F 78 46.11 33.66 22.40
CA ARG F 78 47.40 33.61 23.07
C ARG F 78 47.31 32.74 24.32
N SER F 79 48.44 32.13 24.68
CA SER F 79 48.46 31.23 25.82
C SER F 79 48.34 31.97 27.15
N ASP F 80 48.55 33.28 27.16
CA ASP F 80 48.45 34.07 28.38
C ASP F 80 47.15 34.89 28.45
N GLU F 81 46.18 34.58 27.60
CA GLU F 81 44.92 35.31 27.57
C GLU F 81 43.75 34.35 27.57
N VAL F 82 42.66 34.78 28.21
CA VAL F 82 41.38 34.09 28.15
C VAL F 82 40.32 35.10 27.78
N VAL F 83 39.24 34.62 27.18
CA VAL F 83 38.13 35.47 26.76
C VAL F 83 37.14 35.57 27.92
N THR F 84 36.92 36.79 28.41
CA THR F 84 35.99 36.99 29.50
C THR F 84 34.56 37.24 29.02
N LYS F 85 34.41 38.01 27.95
CA LYS F 85 33.10 38.28 27.38
C LYS F 85 33.20 38.29 25.86
N ALA F 86 32.29 37.57 25.20
CA ALA F 86 32.24 37.52 23.75
C ALA F 86 30.81 37.76 23.30
N MET F 87 30.67 38.40 22.14
CA MET F 87 29.37 38.74 21.60
C MET F 87 29.50 38.95 20.10
N LEU F 88 28.54 38.44 19.35
CA LEU F 88 28.51 38.57 17.90
C LEU F 88 27.44 39.58 17.52
N ASN F 89 27.86 40.75 17.06
CA ASN F 89 26.94 41.77 16.59
C ASN F 89 26.76 41.60 15.09
N LEU F 90 25.50 41.55 14.64
CA LEU F 90 25.18 41.31 13.25
C LEU F 90 24.24 42.41 12.75
N GLU F 91 24.49 42.86 11.52
CA GLU F 91 23.61 43.79 10.83
C GLU F 91 23.29 43.16 9.48
N TYR F 92 22.15 42.49 9.39
CA TYR F 92 21.80 41.70 8.21
C TYR F 92 20.46 42.14 7.66
N THR F 93 20.31 42.00 6.35
CA THR F 93 19.07 42.33 5.65
C THR F 93 18.57 41.10 4.90
N PRO F 94 17.64 40.34 5.48
CA PRO F 94 17.14 39.15 4.79
C PRO F 94 16.31 39.49 3.56
N SER F 95 16.25 38.54 2.64
CA SER F 95 15.49 38.73 1.41
C SER F 95 14.01 38.89 1.73
N PRO F 96 13.29 39.73 0.99
CA PRO F 96 11.86 39.93 1.27
C PRO F 96 10.97 38.80 0.81
N SER F 97 11.51 37.80 0.10
CA SER F 97 10.74 36.68 -0.40
C SER F 97 11.08 35.39 0.34
N LEU F 98 11.27 35.49 1.65
CA LEU F 98 11.65 34.36 2.48
C LEU F 98 10.49 34.00 3.40
N LEU F 99 10.24 32.71 3.56
CA LEU F 99 9.31 32.25 4.57
C LEU F 99 9.89 32.60 5.94
N PRO F 100 9.18 33.36 6.77
CA PRO F 100 9.84 34.00 7.92
C PRO F 100 10.47 33.03 8.91
N VAL F 101 9.65 32.19 9.54
CA VAL F 101 10.13 31.43 10.67
C VAL F 101 10.85 30.15 10.25
N GLN F 102 10.57 29.63 9.05
CA GLN F 102 11.34 28.50 8.55
C GLN F 102 12.77 28.88 8.21
N SER F 103 13.02 30.15 7.88
CA SER F 103 14.36 30.61 7.53
C SER F 103 15.06 31.15 8.78
N GLN F 104 16.28 30.67 9.03
CA GLN F 104 16.97 30.95 10.26
C GLN F 104 18.43 31.30 9.99
N LEU F 105 19.04 31.96 10.97
CA LEU F 105 20.48 32.19 11.01
C LEU F 105 21.06 31.42 12.19
N LYS F 106 22.04 30.57 11.92
CA LYS F 106 22.64 29.72 12.95
C LYS F 106 24.09 30.13 13.15
N VAL F 107 24.45 30.33 14.42
CA VAL F 107 25.81 30.73 14.81
C VAL F 107 26.49 29.55 15.45
N TYR F 108 27.69 29.23 14.98
CA TYR F 108 28.48 28.13 15.50
C TYR F 108 29.81 28.65 16.05
N LEU F 109 30.32 27.97 17.07
CA LEU F 109 31.66 28.22 17.61
C LEU F 109 32.33 26.87 17.81
N ASN F 110 33.33 26.57 16.99
CA ASN F 110 34.02 25.29 17.01
C ASN F 110 33.03 24.13 16.85
N ASP F 111 32.13 24.28 15.88
CA ASP F 111 31.11 23.27 15.56
C ASP F 111 30.17 23.02 16.73
N GLU F 112 29.98 24.04 17.57
CA GLU F 112 29.01 23.99 18.66
C GLU F 112 28.05 25.16 18.50
N LEU F 113 26.75 24.86 18.49
CA LEU F 113 25.75 25.88 18.22
C LEU F 113 25.65 26.84 19.40
N MET F 114 25.83 28.12 19.11
CA MET F 114 25.68 29.16 20.12
C MET F 114 24.27 29.71 20.19
N GLY F 115 23.49 29.55 19.13
CA GLY F 115 22.13 30.04 19.12
C GLY F 115 21.59 30.09 17.71
N VAL F 116 20.33 30.50 17.61
CA VAL F 116 19.65 30.62 16.32
C VAL F 116 18.96 31.98 16.28
N LEU F 117 18.80 32.50 15.06
CA LEU F 117 18.16 33.80 14.83
C LEU F 117 17.11 33.63 13.73
N PRO F 118 15.91 33.18 14.08
CA PRO F 118 14.87 33.03 13.07
C PRO F 118 14.46 34.35 12.48
N VAL F 119 14.14 34.33 11.19
CA VAL F 119 13.64 35.52 10.51
C VAL F 119 12.20 35.75 10.94
N THR F 120 11.85 37.02 11.15
CA THR F 120 10.50 37.40 11.57
C THR F 120 9.85 38.20 10.44
N LYS F 121 8.52 38.13 10.38
CA LYS F 121 7.79 38.85 9.35
C LYS F 121 8.11 40.34 9.35
N GLU F 122 8.37 40.91 10.53
CA GLU F 122 8.77 42.31 10.61
C GLU F 122 10.18 42.56 10.09
N GLN F 123 10.98 41.50 9.91
CA GLN F 123 12.37 41.65 9.49
C GLN F 123 12.57 41.42 8.00
N LEU F 124 11.55 41.01 7.27
CA LEU F 124 11.69 40.69 5.86
C LEU F 124 11.95 41.96 5.06
N GLY F 125 13.12 42.05 4.44
CA GLY F 125 13.47 43.18 3.61
C GLY F 125 13.96 44.41 4.34
N LYS F 126 14.11 44.34 5.67
CA LYS F 126 14.57 45.47 6.46
C LYS F 126 15.87 45.12 7.17
N LYS F 127 16.70 46.13 7.41
CA LYS F 127 17.93 45.93 8.15
C LYS F 127 17.60 45.56 9.59
N THR F 128 18.23 44.50 10.10
CA THR F 128 17.98 43.99 11.43
C THR F 128 19.28 43.91 12.21
N LEU F 129 19.26 44.42 13.43
CA LEU F 129 20.40 44.35 14.34
C LEU F 129 20.12 43.28 15.39
N ALA F 130 20.98 42.25 15.43
CA ALA F 130 20.80 41.15 16.34
C ALA F 130 22.11 40.82 17.03
N GLN F 131 22.05 40.57 18.33
CA GLN F 131 23.19 40.19 19.13
C GLN F 131 23.10 38.73 19.53
N MET F 132 24.25 38.08 19.64
CA MET F 132 24.29 36.69 20.04
C MET F 132 25.49 36.43 20.94
N PRO F 133 25.27 36.20 22.23
CA PRO F 133 26.39 35.90 23.12
C PRO F 133 27.08 34.60 22.72
N ILE F 134 28.39 34.56 22.96
CA ILE F 134 29.23 33.41 22.63
C ILE F 134 29.82 32.87 23.92
N ASN F 135 29.67 31.57 24.13
CA ASN F 135 30.14 30.95 25.38
C ASN F 135 31.66 30.82 25.35
N PRO F 136 32.38 31.41 26.31
CA PRO F 136 33.85 31.27 26.32
C PRO F 136 34.33 29.88 26.66
N LEU F 137 33.48 29.01 27.19
CA LEU F 137 33.92 27.67 27.57
C LEU F 137 34.35 26.83 26.36
N PHE F 138 33.92 27.20 25.16
CA PHE F 138 34.25 26.45 23.96
C PHE F 138 35.35 27.12 23.14
N ILE F 139 36.04 28.09 23.71
CA ILE F 139 37.11 28.79 23.01
C ILE F 139 38.43 28.06 23.27
N THR F 140 39.16 27.76 22.20
CA THR F 140 40.41 27.02 22.29
C THR F 140 41.54 27.79 21.61
N ASP F 141 42.67 27.12 21.40
CA ASP F 141 43.82 27.78 20.78
C ASP F 141 43.45 28.40 19.44
N PHE F 142 42.77 27.64 18.58
CA PHE F 142 42.26 28.15 17.32
C PHE F 142 40.75 28.04 17.33
N ASN F 143 40.08 29.12 16.94
CA ASN F 143 38.63 29.20 17.01
C ASN F 143 38.06 29.57 15.65
N ARG F 144 36.86 29.06 15.37
CA ARG F 144 36.16 29.35 14.12
C ARG F 144 34.70 29.64 14.46
N VAL F 145 34.23 30.81 14.06
CA VAL F 145 32.85 31.23 14.25
C VAL F 145 32.18 31.22 12.89
N ARG F 146 31.15 30.39 12.74
CA ARG F 146 30.50 30.14 11.47
C ARG F 146 29.06 30.65 11.52
N LEU F 147 28.67 31.40 10.49
CA LEU F 147 27.30 31.88 10.33
C LEU F 147 26.64 31.07 9.23
N GLU F 148 25.64 30.27 9.59
CA GLU F 148 24.96 29.39 8.64
C GLU F 148 23.58 29.96 8.33
N PHE F 149 23.25 30.02 7.06
CA PHE F 149 21.97 30.56 6.58
C PHE F 149 21.09 29.42 6.11
N VAL F 150 19.89 29.32 6.69
CA VAL F 150 18.85 28.41 6.21
C VAL F 150 17.77 29.27 5.56
N GLY F 151 17.50 29.04 4.29
CA GLY F 151 16.57 29.86 3.55
C GLY F 151 15.49 29.04 2.89
N HIS F 152 14.28 29.61 2.84
CA HIS F 152 13.13 28.94 2.27
C HIS F 152 12.15 29.97 1.74
N TYR F 153 11.66 29.73 0.52
CA TYR F 153 10.72 30.63 -0.13
C TYR F 153 9.43 29.95 -0.57
N GLN F 154 9.32 28.63 -0.40
CA GLN F 154 8.15 27.90 -0.86
C GLN F 154 7.98 26.65 -0.01
N ASP F 155 6.77 26.10 -0.06
CA ASP F 155 6.49 24.87 0.68
C ASP F 155 6.85 23.63 -0.12
N VAL F 156 6.59 23.65 -1.43
CA VAL F 156 6.89 22.52 -2.31
C VAL F 156 7.56 23.06 -3.57
N CYS F 157 8.28 22.17 -4.24
CA CYS F 157 9.00 22.50 -5.48
C CYS F 157 9.97 23.65 -5.26
N GLU F 158 10.95 23.40 -4.39
CA GLU F 158 11.92 24.42 -4.01
C GLU F 158 13.19 24.29 -4.85
N ASN F 159 13.68 25.44 -5.31
CA ASN F 159 14.91 25.47 -6.07
C ASN F 159 16.02 26.03 -5.19
N PRO F 160 17.04 25.23 -4.84
CA PRO F 160 18.12 25.76 -4.01
C PRO F 160 18.90 26.89 -4.65
N ALA F 161 18.91 26.95 -5.99
CA ALA F 161 19.63 27.99 -6.71
C ALA F 161 18.74 29.18 -7.08
N SER F 162 17.61 29.34 -6.39
CA SER F 162 16.72 30.46 -6.68
C SER F 162 17.38 31.77 -6.32
N THR F 163 17.14 32.79 -7.15
CA THR F 163 17.69 34.11 -6.90
C THR F 163 17.01 34.83 -5.74
N THR F 164 15.91 34.30 -5.22
CA THR F 164 15.20 34.91 -4.11
C THR F 164 15.76 34.51 -2.75
N LEU F 165 16.72 33.58 -2.71
CA LEU F 165 17.31 33.10 -1.47
C LEU F 165 18.64 33.81 -1.26
N TRP F 166 18.62 34.87 -0.46
CA TRP F 166 19.84 35.59 -0.13
C TRP F 166 19.67 36.28 1.21
N LEU F 167 20.81 36.58 1.85
CA LEU F 167 20.82 37.26 3.14
C LEU F 167 22.06 38.14 3.16
N ASP F 168 21.87 39.45 3.09
CA ASP F 168 22.98 40.40 3.02
C ASP F 168 23.45 40.74 4.43
N VAL F 169 24.74 40.54 4.69
CA VAL F 169 25.34 40.85 5.97
C VAL F 169 26.26 42.06 5.81
N GLY F 170 26.04 43.09 6.61
CA GLY F 170 26.84 44.29 6.51
C GLY F 170 28.24 44.10 7.03
N ARG F 171 29.13 45.00 6.60
CA ARG F 171 30.52 44.94 7.05
C ARG F 171 30.67 45.32 8.51
N SER F 172 29.73 46.07 9.08
CA SER F 172 29.79 46.42 10.49
C SER F 172 29.54 45.22 11.40
N SER F 173 29.03 44.11 10.86
CA SER F 173 28.83 42.91 11.66
C SER F 173 30.18 42.29 12.02
N GLY F 174 30.33 41.93 13.28
CA GLY F 174 31.58 41.36 13.72
C GLY F 174 31.49 40.80 15.12
N LEU F 175 32.63 40.37 15.63
CA LEU F 175 32.72 39.75 16.95
C LEU F 175 33.42 40.68 17.91
N ASP F 176 32.80 40.91 19.07
CA ASP F 176 33.38 41.73 20.12
C ASP F 176 33.93 40.82 21.22
N LEU F 177 35.24 40.83 21.39
CA LEU F 177 35.91 40.00 22.38
C LEU F 177 36.59 40.87 23.42
N THR F 178 36.69 40.34 24.64
CA THR F 178 37.37 41.01 25.74
C THR F 178 38.39 40.04 26.33
N TYR F 179 39.63 40.15 25.88
CA TYR F 179 40.71 39.32 26.40
C TYR F 179 41.12 39.80 27.78
N GLN F 180 41.68 38.88 28.57
CA GLN F 180 42.21 39.22 29.89
C GLN F 180 43.56 38.53 30.04
N THR F 181 44.56 39.28 30.49
CA THR F 181 45.90 38.74 30.65
C THR F 181 45.97 37.88 31.92
N LEU F 182 46.71 36.78 31.83
CA LEU F 182 46.86 35.84 32.91
C LEU F 182 48.24 35.94 33.54
N ASN F 183 48.35 35.46 34.77
CA ASN F 183 49.64 35.35 35.46
C ASN F 183 50.17 33.95 35.20
N VAL F 184 50.96 33.82 34.13
CA VAL F 184 51.47 32.51 33.73
C VAL F 184 52.63 32.10 34.64
N LYS F 185 52.87 30.81 34.71
CA LYS F 185 53.99 30.28 35.47
C LYS F 185 55.31 30.66 34.81
N ASN F 186 56.32 30.89 35.65
CA ASN F 186 57.64 31.28 35.16
C ASN F 186 58.43 30.05 34.75
N ASP F 187 58.00 29.46 33.64
CA ASP F 187 58.62 28.27 33.08
C ASP F 187 59.25 28.63 31.73
N LEU F 188 60.53 28.31 31.57
CA LEU F 188 61.22 28.57 30.32
C LEU F 188 60.99 27.48 29.28
N SER F 189 60.26 26.42 29.63
CA SER F 189 59.88 25.44 28.62
C SER F 189 58.97 26.05 27.57
N HIS F 190 58.20 27.07 27.95
CA HIS F 190 57.41 27.87 27.02
C HIS F 190 58.12 29.18 26.69
N PHE F 191 59.46 29.15 26.56
CA PHE F 191 60.32 30.32 26.55
C PHE F 191 59.75 31.49 25.76
N PRO F 192 59.45 31.34 24.46
CA PRO F 192 58.97 32.51 23.72
C PRO F 192 57.51 32.84 23.98
N VAL F 193 56.74 31.94 24.58
CA VAL F 193 55.28 32.10 24.62
C VAL F 193 54.83 33.46 25.16
N PRO F 194 55.34 33.96 26.30
CA PRO F 194 54.84 35.25 26.79
C PRO F 194 55.43 36.47 26.09
N PHE F 195 56.59 36.35 25.44
CA PHE F 195 57.22 37.48 24.79
C PHE F 195 56.77 37.61 23.33
N PHE F 196 57.00 36.57 22.54
CA PHE F 196 56.40 36.42 21.21
C PHE F 196 55.51 35.19 21.20
N ASP F 197 54.21 35.41 21.05
CA ASP F 197 53.27 34.30 20.94
C ASP F 197 52.99 34.02 19.47
N PRO F 198 53.30 32.82 18.98
CA PRO F 198 53.04 32.53 17.56
C PRO F 198 51.58 32.67 17.17
N ARG F 199 50.66 32.41 18.09
CA ARG F 199 49.24 32.53 17.79
C ARG F 199 48.76 33.98 17.74
N ASP F 200 49.60 34.94 18.12
CA ASP F 200 49.26 36.35 18.03
C ASP F 200 49.60 36.86 16.65
N ASN F 201 48.60 37.40 15.94
CA ASN F 201 48.79 37.88 14.58
C ASN F 201 49.28 39.31 14.50
N ARG F 202 49.34 40.01 15.63
CA ARG F 202 49.76 41.41 15.63
C ARG F 202 51.28 41.52 15.56
N THR F 203 51.75 42.75 15.39
CA THR F 203 53.18 43.00 15.43
C THR F 203 53.70 42.78 16.84
N ASN F 204 54.84 42.11 16.95
CA ASN F 204 55.42 41.75 18.24
C ASN F 204 56.28 42.92 18.72
N THR F 205 55.74 43.70 19.65
CA THR F 205 56.48 44.79 20.27
C THR F 205 57.16 44.25 21.53
N LEU F 206 58.49 44.22 21.51
CA LEU F 206 59.27 43.63 22.60
C LEU F 206 60.31 44.64 23.07
N PRO F 207 60.02 45.41 24.11
CA PRO F 207 61.00 46.36 24.64
C PRO F 207 62.26 45.65 25.12
N MET F 208 63.39 46.33 24.93
CA MET F 208 64.69 45.85 25.39
C MET F 208 65.25 46.85 26.39
N VAL F 209 65.56 46.38 27.60
CA VAL F 209 66.02 47.23 28.69
C VAL F 209 67.51 47.02 28.89
N PHE F 210 68.25 48.11 29.00
CA PHE F 210 69.68 48.09 29.24
C PHE F 210 69.97 48.77 30.58
N ALA F 211 71.25 49.00 30.85
CA ALA F 211 71.69 49.75 32.01
C ALA F 211 72.25 51.12 31.66
N GLY F 212 72.44 51.40 30.38
CA GLY F 212 73.05 52.65 29.96
C GLY F 212 73.42 52.56 28.50
N ALA F 213 74.35 53.42 28.10
CA ALA F 213 74.86 53.36 26.73
C ALA F 213 75.63 52.06 26.53
N PRO F 214 75.10 51.11 25.76
CA PRO F 214 75.75 49.79 25.69
C PRO F 214 77.07 49.83 24.95
N ASP F 215 77.96 48.94 25.36
CA ASP F 215 79.23 48.76 24.68
C ASP F 215 79.04 47.90 23.42
N VAL F 216 80.14 47.62 22.73
CA VAL F 216 80.06 46.90 21.47
C VAL F 216 79.56 45.47 21.69
N GLY F 217 80.04 44.81 22.73
CA GLY F 217 79.59 43.45 23.00
C GLY F 217 78.11 43.38 23.35
N LEU F 218 77.65 44.33 24.18
CA LEU F 218 76.23 44.38 24.51
C LEU F 218 75.39 44.68 23.27
N GLN F 219 75.87 45.57 22.41
CA GLN F 219 75.18 45.83 21.15
C GLN F 219 75.08 44.56 20.31
N GLN F 220 76.17 43.81 20.22
CA GLN F 220 76.15 42.57 19.45
C GLN F 220 75.17 41.55 20.03
N ALA F 221 75.16 41.40 21.36
CA ALA F 221 74.26 40.44 21.99
C ALA F 221 72.80 40.84 21.80
N SER F 222 72.49 42.12 21.97
CA SER F 222 71.13 42.58 21.76
C SER F 222 70.72 42.40 20.31
N ALA F 223 71.65 42.63 19.38
CA ALA F 223 71.36 42.39 17.96
C ALA F 223 71.06 40.93 17.69
N ILE F 224 71.80 40.02 18.32
CA ILE F 224 71.55 38.59 18.14
C ILE F 224 70.16 38.23 18.65
N VAL F 225 69.82 38.73 19.83
CA VAL F 225 68.50 38.42 20.40
C VAL F 225 67.39 38.98 19.53
N ALA F 226 67.54 40.22 19.06
CA ALA F 226 66.54 40.83 18.19
C ALA F 226 66.41 40.07 16.88
N SER F 227 67.53 39.60 16.32
CA SER F 227 67.49 38.81 15.11
C SER F 227 66.72 37.52 15.32
N TRP F 228 66.96 36.84 16.44
CA TRP F 228 66.23 35.60 16.71
C TRP F 228 64.74 35.86 16.85
N PHE F 229 64.37 36.92 17.57
CA PHE F 229 62.95 37.20 17.74
C PHE F 229 62.28 37.59 16.42
N GLY F 230 62.95 38.38 15.60
CA GLY F 230 62.41 38.70 14.30
C GLY F 230 62.28 37.47 13.41
N SER F 231 63.25 36.55 13.51
CA SER F 231 63.16 35.30 12.75
C SER F 231 61.95 34.49 13.19
N ARG F 232 61.67 34.47 14.50
CA ARG F 232 60.50 33.73 14.97
C ARG F 232 59.20 34.43 14.60
N SER F 233 59.22 35.75 14.43
CA SER F 233 58.01 36.50 14.14
C SER F 233 58.05 37.11 12.75
N GLY F 234 58.45 36.31 11.75
CA GLY F 234 58.77 36.80 10.43
C GLY F 234 57.76 37.70 9.73
N TRP F 235 56.62 37.15 9.32
CA TRP F 235 55.69 37.94 8.50
C TRP F 235 54.95 38.98 9.31
N ARG F 236 54.84 38.80 10.62
CA ARG F 236 54.32 39.85 11.48
C ARG F 236 55.40 40.89 11.75
N GLY F 237 54.96 42.08 12.14
CA GLY F 237 55.90 43.15 12.41
C GLY F 237 56.75 42.90 13.64
N GLN F 238 57.91 43.54 13.65
CA GLN F 238 58.83 43.47 14.78
C GLN F 238 59.22 44.88 15.19
N ASN F 239 59.13 45.17 16.48
CA ASN F 239 59.51 46.46 17.02
C ASN F 239 60.17 46.25 18.37
N PHE F 240 61.31 46.90 18.58
CA PHE F 240 62.12 46.72 19.79
C PHE F 240 62.39 48.08 20.41
N PRO F 241 61.45 48.60 21.20
CA PRO F 241 61.73 49.84 21.95
C PRO F 241 62.88 49.64 22.92
N VAL F 242 63.66 50.68 23.10
CA VAL F 242 64.86 50.64 23.95
C VAL F 242 64.68 51.62 25.10
N LEU F 243 64.85 51.13 26.31
CA LEU F 243 64.83 51.94 27.53
C LEU F 243 66.16 51.77 28.25
N TYR F 244 66.72 52.87 28.74
CA TYR F 244 68.05 52.82 29.33
C TYR F 244 68.04 52.52 30.83
N ASN F 245 67.14 53.15 31.58
CA ASN F 245 67.03 52.83 33.00
C ASN F 245 65.58 52.82 33.46
N GLN F 246 64.66 52.49 32.57
CA GLN F 246 63.23 52.54 32.86
C GLN F 246 62.61 51.16 32.62
N LEU F 247 61.90 50.65 33.62
CA LEU F 247 61.12 49.45 33.44
C LEU F 247 59.91 49.74 32.55
N PRO F 248 59.56 48.82 31.65
CA PRO F 248 58.38 49.04 30.80
C PRO F 248 57.12 48.50 31.45
N ASP F 249 55.98 48.63 30.75
CA ASP F 249 54.71 48.12 31.21
C ASP F 249 54.30 46.84 30.49
N ARG F 250 55.24 46.17 29.81
CA ARG F 250 54.94 44.97 29.06
C ARG F 250 56.14 44.04 29.14
N ASN F 251 56.00 42.86 28.53
CA ASN F 251 57.09 41.90 28.48
C ASN F 251 58.32 42.51 27.83
N ALA F 252 59.48 42.29 28.45
CA ALA F 252 60.70 42.92 27.97
C ALA F 252 61.89 42.02 28.23
N ILE F 253 62.98 42.30 27.53
CA ILE F 253 64.25 41.60 27.70
C ILE F 253 65.23 42.56 28.38
N VAL F 254 65.81 42.12 29.49
CA VAL F 254 66.72 42.93 30.29
C VAL F 254 68.12 42.38 30.15
N PHE F 255 69.06 43.24 29.78
CA PHE F 255 70.47 42.89 29.68
C PHE F 255 71.22 43.56 30.82
N ALA F 256 71.90 42.76 31.64
CA ALA F 256 72.61 43.27 32.80
C ALA F 256 73.93 42.53 32.96
N THR F 257 74.93 43.26 33.47
CA THR F 257 76.22 42.68 33.81
C THR F 257 76.49 42.91 35.29
N ASN F 258 77.56 42.32 35.80
CA ASN F 258 77.91 42.50 37.20
C ASN F 258 78.27 43.97 37.48
N ASP F 259 79.06 44.59 36.60
CA ASP F 259 79.45 45.97 36.82
C ASP F 259 78.30 46.93 36.52
N LYS F 260 77.57 46.70 35.43
CA LYS F 260 76.52 47.60 34.98
C LYS F 260 75.17 46.88 35.09
N ARG F 261 74.29 47.41 35.92
CA ARG F 261 72.93 46.91 36.10
C ARG F 261 71.95 48.06 36.02
N PRO F 262 70.71 47.77 35.63
CA PRO F 262 69.65 48.77 35.80
C PRO F 262 69.37 49.01 37.28
N ASP F 263 68.71 50.14 37.56
CA ASP F 263 68.51 50.55 38.94
C ASP F 263 67.71 49.51 39.72
N PHE F 264 66.69 48.92 39.10
CA PHE F 264 65.84 47.96 39.80
C PHE F 264 66.55 46.62 40.03
N LEU F 265 67.72 46.40 39.43
CA LEU F 265 68.42 45.14 39.56
C LEU F 265 69.63 45.22 40.49
N ARG F 266 69.75 46.29 41.27
CA ARG F 266 70.88 46.39 42.19
C ARG F 266 70.60 45.62 43.47
N ASP F 267 70.09 44.40 43.32
CA ASP F 267 69.97 43.45 44.43
C ASP F 267 70.34 42.03 44.03
N HIS F 268 70.45 41.74 42.74
CA HIS F 268 70.73 40.37 42.30
C HIS F 268 72.16 40.00 42.67
N PRO F 269 72.37 38.81 43.23
CA PRO F 269 73.74 38.37 43.53
C PRO F 269 74.57 38.24 42.26
N ALA F 270 75.87 38.48 42.40
CA ALA F 270 76.78 38.39 41.27
C ALA F 270 76.78 36.97 40.71
N VAL F 271 76.85 36.87 39.39
CA VAL F 271 76.79 35.59 38.70
C VAL F 271 78.19 35.22 38.23
N LYS F 272 78.47 33.92 38.19
CA LYS F 272 79.73 33.40 37.73
C LYS F 272 79.66 32.84 36.31
N ALA F 273 78.53 33.01 35.63
CA ALA F 273 78.30 32.46 34.31
C ALA F 273 77.12 33.20 33.68
N PRO F 274 76.99 33.15 32.35
CA PRO F 274 75.81 33.75 31.71
C PRO F 274 74.53 33.05 32.16
N VAL F 275 73.59 33.83 32.68
CA VAL F 275 72.35 33.32 33.25
C VAL F 275 71.18 33.99 32.55
N ILE F 276 70.23 33.18 32.10
CA ILE F 276 68.96 33.67 31.55
C ILE F 276 67.88 33.31 32.55
N GLU F 277 67.14 34.32 33.00
CA GLU F 277 66.14 34.16 34.06
C GLU F 277 64.82 34.79 33.63
N MET F 278 63.73 34.12 33.97
CA MET F 278 62.38 34.64 33.77
C MET F 278 61.83 35.04 35.14
N ILE F 279 61.57 36.34 35.31
CA ILE F 279 61.12 36.88 36.59
C ILE F 279 59.91 37.77 36.35
N ASN F 280 59.14 37.96 37.41
CA ASN F 280 58.00 38.87 37.37
C ASN F 280 58.48 40.32 37.48
N HIS F 281 57.69 41.21 36.90
CA HIS F 281 57.94 42.63 37.06
C HIS F 281 57.80 43.00 38.53
N PRO F 282 58.69 43.84 39.07
CA PRO F 282 58.63 44.14 40.51
C PRO F 282 57.33 44.81 40.94
N GLN F 283 56.62 45.47 40.04
CA GLN F 283 55.37 46.15 40.38
C GLN F 283 54.19 45.67 39.56
N ASN F 284 54.34 44.58 38.81
CA ASN F 284 53.25 44.08 37.97
C ASN F 284 53.46 42.60 37.66
N PRO F 285 52.85 41.69 38.43
CA PRO F 285 53.05 40.26 38.20
C PRO F 285 52.56 39.77 36.84
N TYR F 286 51.93 40.62 36.05
CA TYR F 286 51.40 40.23 34.74
C TYR F 286 52.30 40.66 33.59
N VAL F 287 53.44 41.27 33.88
CA VAL F 287 54.28 41.86 32.83
C VAL F 287 55.37 40.90 32.37
N LYS F 288 56.07 40.25 33.32
CA LYS F 288 57.13 39.28 33.03
C LYS F 288 58.34 39.90 32.34
N LEU F 289 59.54 39.58 32.82
CA LEU F 289 60.78 40.05 32.23
C LEU F 289 61.74 38.90 32.05
N LEU F 290 62.54 38.98 30.99
CA LEU F 290 63.62 38.04 30.73
C LEU F 290 64.94 38.74 31.02
N VAL F 291 65.67 38.23 32.00
CA VAL F 291 66.88 38.88 32.49
C VAL F 291 68.07 38.08 31.97
N VAL F 292 68.87 38.71 31.11
CA VAL F 292 70.08 38.09 30.58
C VAL F 292 71.24 38.64 31.41
N PHE F 293 71.59 37.92 32.46
CA PHE F 293 72.62 38.33 33.40
C PHE F 293 73.93 37.60 33.07
N GLY F 294 75.03 38.35 33.10
CA GLY F 294 76.33 37.78 32.80
C GLY F 294 77.44 38.55 33.49
N ARG F 295 78.62 37.94 33.50
CA ARG F 295 79.78 38.59 34.10
C ARG F 295 80.20 39.81 33.27
N ASP F 296 80.16 39.70 31.95
CA ASP F 296 80.60 40.78 31.08
C ASP F 296 79.94 40.59 29.71
N ASP F 297 80.41 41.37 28.73
CA ASP F 297 79.82 41.33 27.41
C ASP F 297 80.07 39.99 26.71
N LYS F 298 81.20 39.33 26.98
CA LYS F 298 81.41 38.00 26.44
C LYS F 298 80.38 37.02 26.96
N ASP F 299 80.08 37.07 28.26
CA ASP F 299 79.06 36.21 28.81
C ASP F 299 77.69 36.54 28.24
N LEU F 300 77.40 37.82 28.05
CA LEU F 300 76.12 38.20 27.44
C LEU F 300 76.01 37.69 26.01
N LEU F 301 77.12 37.75 25.26
CA LEU F 301 77.12 37.22 23.91
C LEU F 301 76.89 35.72 23.90
N GLN F 302 77.51 34.99 24.84
CA GLN F 302 77.29 33.55 24.93
C GLN F 302 75.85 33.25 25.27
N ALA F 303 75.25 34.03 26.18
CA ALA F 303 73.85 33.82 26.53
C ALA F 303 72.94 34.10 25.33
N ALA F 304 73.26 35.14 24.55
CA ALA F 304 72.48 35.43 23.35
C ALA F 304 72.57 34.29 22.34
N LYS F 305 73.77 33.75 22.15
CA LYS F 305 73.92 32.62 21.25
C LYS F 305 73.19 31.39 21.75
N GLY F 306 73.17 31.18 23.07
CA GLY F 306 72.40 30.09 23.63
C GLY F 306 70.92 30.26 23.42
N ILE F 307 70.42 31.49 23.55
CA ILE F 307 69.01 31.76 23.26
C ILE F 307 68.72 31.47 21.80
N ALA F 308 69.59 31.93 20.90
CA ALA F 308 69.35 31.76 19.47
C ALA F 308 69.37 30.30 19.05
N GLN F 309 70.34 29.53 19.56
CA GLN F 309 70.56 28.16 19.12
C GLN F 309 69.99 27.12 20.09
N GLY F 310 70.41 27.16 21.36
CA GLY F 310 70.02 26.14 22.31
C GLY F 310 68.79 26.49 23.13
N ASN F 311 67.69 26.82 22.47
CA ASN F 311 66.44 27.11 23.16
C ASN F 311 65.62 25.86 23.46
N ILE F 312 66.00 24.72 22.88
CA ILE F 312 65.27 23.47 23.14
C ILE F 312 65.59 22.94 24.53
N LEU F 313 66.68 23.39 25.15
CA LEU F 313 67.06 22.96 26.48
C LEU F 313 66.57 23.90 27.57
N PHE F 314 65.79 24.92 27.22
CA PHE F 314 65.29 25.86 28.22
C PHE F 314 64.30 25.17 29.16
N ARG F 315 64.48 25.36 30.45
CA ARG F 315 63.61 24.77 31.45
C ARG F 315 63.79 25.51 32.77
N GLY F 316 62.77 25.42 33.61
CA GLY F 316 62.82 26.06 34.91
C GLY F 316 62.69 27.57 34.81
N GLU F 317 62.94 28.22 35.95
CA GLU F 317 62.92 29.68 36.01
C GLU F 317 64.26 30.32 35.64
N SER F 318 65.33 29.53 35.56
CA SER F 318 66.64 30.05 35.24
C SER F 318 67.47 28.96 34.57
N VAL F 319 68.24 29.35 33.56
CA VAL F 319 69.14 28.45 32.87
C VAL F 319 70.52 29.11 32.81
N VAL F 320 71.55 28.27 32.80
CA VAL F 320 72.94 28.72 32.74
C VAL F 320 73.54 28.19 31.45
N VAL F 321 73.98 29.11 30.58
CA VAL F 321 74.62 28.73 29.33
C VAL F 321 76.09 28.47 29.61
N ASN F 322 76.51 27.21 29.43
CA ASN F 322 77.89 26.83 29.72
C ASN F 322 78.81 27.03 28.53
N GLU F 323 78.39 26.59 27.34
CA GLU F 323 79.23 26.73 26.16
C GLU F 323 78.37 26.52 24.92
N VAL F 324 78.53 27.40 23.94
CA VAL F 324 77.90 27.27 22.63
C VAL F 324 79.03 27.08 21.62
N LYS F 325 79.25 25.84 21.21
CA LYS F 325 80.38 25.51 20.36
C LYS F 325 79.91 25.38 18.91
N PRO F 326 80.28 26.30 18.02
CA PRO F 326 79.92 26.12 16.61
C PRO F 326 80.70 24.99 15.98
N LEU F 327 80.06 24.29 15.05
CA LEU F 327 80.67 23.15 14.37
C LEU F 327 80.76 23.34 12.86
N LEU F 328 79.75 23.93 12.24
CA LEU F 328 79.72 24.09 10.80
C LEU F 328 79.34 25.52 10.44
N PRO F 329 79.88 26.05 9.34
CA PRO F 329 79.48 27.39 8.90
C PRO F 329 78.25 27.37 8.01
N ARG F 330 77.84 28.54 7.53
CA ARG F 330 76.67 28.67 6.67
C ARG F 330 77.11 28.93 5.24
N LYS F 331 76.57 28.16 4.31
CA LYS F 331 76.77 28.41 2.89
C LYS F 331 75.90 29.59 2.46
N PRO F 332 76.28 30.26 1.36
CA PRO F 332 75.42 31.35 0.86
C PRO F 332 74.05 30.83 0.45
N TYR F 333 73.04 31.69 0.65
CA TYR F 333 71.67 31.42 0.23
C TYR F 333 71.11 30.16 0.89
N ASP F 334 71.47 29.94 2.15
CA ASP F 334 70.93 28.84 2.94
C ASP F 334 69.90 29.31 3.96
N ALA F 335 69.33 30.49 3.76
CA ALA F 335 68.31 30.99 4.68
C ALA F 335 67.09 30.07 4.62
N PRO F 336 66.57 29.64 5.77
CA PRO F 336 65.42 28.72 5.75
C PRO F 336 64.19 29.29 5.08
N ASN F 337 64.03 30.62 5.07
CA ASN F 337 62.85 31.22 4.45
C ASN F 337 62.91 31.13 2.93
N TRP F 338 64.10 31.10 2.35
CA TRP F 338 64.26 31.10 0.91
C TRP F 338 64.21 29.68 0.36
N VAL F 339 63.85 29.59 -0.92
CA VAL F 339 63.78 28.29 -1.59
C VAL F 339 65.18 27.71 -1.73
N ARG F 340 65.25 26.39 -1.79
CA ARG F 340 66.53 25.72 -1.97
C ARG F 340 67.10 26.02 -3.35
N THR F 341 68.42 26.22 -3.40
CA THR F 341 69.12 26.47 -4.66
C THR F 341 70.11 25.37 -4.99
N ASP F 342 70.02 24.24 -4.29
CA ASP F 342 70.93 23.12 -4.53
C ASP F 342 70.25 21.90 -5.14
N ARG F 343 68.92 21.84 -5.11
CA ARG F 343 68.17 20.73 -5.69
C ARG F 343 66.75 21.20 -5.94
N PRO F 344 66.02 20.52 -6.81
CA PRO F 344 64.61 20.89 -7.03
C PRO F 344 63.81 20.82 -5.74
N VAL F 345 62.86 21.73 -5.61
CA VAL F 345 62.06 21.89 -4.38
C VAL F 345 60.71 21.24 -4.60
N THR F 346 60.34 20.34 -3.69
CA THR F 346 59.01 19.74 -3.71
C THR F 346 58.03 20.61 -2.93
N PHE F 347 56.75 20.52 -3.30
CA PHE F 347 55.73 21.33 -2.64
C PHE F 347 55.56 20.98 -1.18
N GLY F 348 55.97 19.78 -0.76
CA GLY F 348 55.89 19.43 0.65
C GLY F 348 56.79 20.28 1.51
N GLU F 349 57.97 20.62 1.00
CA GLU F 349 58.91 21.46 1.75
C GLU F 349 58.47 22.92 1.81
N LEU F 350 57.50 23.32 0.99
CA LEU F 350 56.95 24.66 1.04
C LEU F 350 55.71 24.76 1.92
N LYS F 351 55.34 23.68 2.59
CA LYS F 351 54.14 23.64 3.41
C LYS F 351 54.46 24.12 4.83
N THR F 352 53.65 25.06 5.32
CA THR F 352 53.77 25.51 6.70
C THR F 352 52.94 24.67 7.66
N TYR F 353 51.99 23.90 7.15
CA TYR F 353 51.18 23.01 7.96
C TYR F 353 50.65 21.89 7.08
N GLU F 354 50.39 20.74 7.70
CA GLU F 354 49.81 19.62 6.97
C GLU F 354 48.38 19.94 6.55
N GLU F 355 47.95 19.32 5.45
CA GLU F 355 46.66 19.54 4.81
C GLU F 355 46.54 20.94 4.20
N GLN F 356 47.66 21.64 3.99
CA GLN F 356 47.61 22.91 3.30
C GLN F 356 47.32 22.72 1.82
N LEU F 357 47.81 21.63 1.23
CA LEU F 357 47.70 21.39 -0.20
C LEU F 357 46.41 20.67 -0.58
N GLN F 358 45.52 20.42 0.36
CA GLN F 358 44.24 19.79 0.08
C GLN F 358 43.11 20.65 0.63
N SER F 359 41.98 20.63 -0.06
CA SER F 359 40.80 21.37 0.37
C SER F 359 39.55 20.61 -0.03
N SER F 360 38.52 20.68 0.81
CA SER F 360 37.30 19.92 0.61
C SER F 360 36.10 20.80 0.88
N GLY F 361 34.97 20.43 0.29
CA GLY F 361 33.74 21.16 0.48
C GLY F 361 32.89 21.12 -0.76
N LEU F 362 31.69 21.69 -0.65
CA LEU F 362 30.82 21.83 -1.81
C LEU F 362 31.49 22.68 -2.88
N GLU F 363 32.07 23.80 -2.47
CA GLU F 363 32.94 24.60 -3.33
C GLU F 363 34.28 24.71 -2.62
N PRO F 364 35.27 23.88 -3.00
CA PRO F 364 36.52 23.85 -2.25
C PRO F 364 37.25 25.19 -2.30
N ALA F 365 37.92 25.51 -1.20
CA ALA F 365 38.66 26.75 -1.10
C ALA F 365 39.97 26.66 -1.88
N ALA F 366 40.53 27.83 -2.18
CA ALA F 366 41.78 27.90 -2.93
C ALA F 366 42.94 27.36 -2.10
N ILE F 367 43.95 26.86 -2.80
CA ILE F 367 45.16 26.32 -2.18
C ILE F 367 46.31 27.29 -2.47
N ASN F 368 46.97 27.76 -1.42
CA ASN F 368 48.00 28.78 -1.52
C ASN F 368 49.35 28.22 -1.09
N VAL F 369 50.37 28.44 -1.92
CA VAL F 369 51.74 28.08 -1.61
C VAL F 369 52.59 29.35 -1.68
N SER F 370 53.35 29.60 -0.64
CA SER F 370 54.20 30.78 -0.56
C SER F 370 55.61 30.44 -1.00
N LEU F 371 56.19 31.30 -1.84
CA LEU F 371 57.54 31.10 -2.37
C LEU F 371 58.37 32.34 -2.08
N ASN F 372 59.47 32.16 -1.36
CA ASN F 372 60.45 33.22 -1.13
C ASN F 372 61.69 32.91 -1.95
N LEU F 373 62.05 33.82 -2.83
CA LEU F 373 63.19 33.59 -3.71
C LEU F 373 64.34 34.50 -3.32
N PRO F 374 65.58 34.02 -3.39
CA PRO F 374 66.73 34.90 -3.13
C PRO F 374 66.78 36.02 -4.16
N PRO F 375 66.96 37.25 -3.72
CA PRO F 375 66.84 38.39 -4.64
C PRO F 375 68.10 38.67 -5.41
N ASP F 376 68.72 37.63 -5.95
CA ASP F 376 69.84 37.82 -6.86
C ASP F 376 69.85 36.86 -8.04
N LEU F 377 68.82 36.03 -8.18
CA LEU F 377 68.77 35.10 -9.29
C LEU F 377 68.74 35.85 -10.63
N TYR F 378 69.52 35.36 -11.58
CA TYR F 378 69.58 35.93 -12.91
C TYR F 378 68.53 35.28 -13.79
N LEU F 379 67.48 36.04 -14.13
CA LEU F 379 66.38 35.53 -14.94
C LEU F 379 66.24 36.31 -16.25
N MET F 380 67.30 36.96 -16.71
CA MET F 380 67.26 37.74 -17.95
C MET F 380 67.57 36.91 -19.18
N ARG F 381 67.75 35.60 -19.03
CA ARG F 381 68.08 34.72 -20.14
C ARG F 381 66.98 33.73 -20.47
N SER F 382 66.37 33.10 -19.47
CA SER F 382 65.33 32.12 -19.68
C SER F 382 63.95 32.76 -19.63
N THR F 383 62.98 32.07 -20.24
CA THR F 383 61.63 32.61 -20.30
C THR F 383 60.93 32.55 -18.95
N GLY F 384 61.07 31.44 -18.24
CA GLY F 384 60.39 31.29 -16.96
C GLY F 384 60.96 30.16 -16.15
N ILE F 385 60.20 29.78 -15.11
CA ILE F 385 60.59 28.73 -14.17
C ILE F 385 59.67 27.53 -14.39
N ASP F 386 60.26 26.36 -14.61
CA ASP F 386 59.49 25.17 -14.87
C ASP F 386 58.81 24.65 -13.61
N MET F 387 57.58 24.18 -13.75
CA MET F 387 56.83 23.58 -12.65
C MET F 387 56.30 22.23 -13.09
N ASP F 388 56.38 21.26 -12.20
CA ASP F 388 55.71 19.97 -12.36
C ASP F 388 54.64 19.87 -11.27
N ILE F 389 53.39 19.65 -11.68
CA ILE F 389 52.25 19.66 -10.76
C ILE F 389 51.50 18.34 -10.91
N ASN F 390 51.29 17.66 -9.79
CA ASN F 390 50.42 16.50 -9.72
C ASN F 390 49.22 16.87 -8.87
N TYR F 391 48.03 16.80 -9.46
CA TYR F 391 46.81 17.16 -8.75
C TYR F 391 45.75 16.10 -8.97
N ARG F 392 45.06 15.73 -7.89
CA ARG F 392 43.94 14.82 -7.94
C ARG F 392 42.67 15.56 -7.51
N TYR F 393 41.56 15.22 -8.14
CA TYR F 393 40.30 15.91 -7.90
C TYR F 393 39.15 14.93 -8.07
N THR F 394 38.00 15.31 -7.52
CA THR F 394 36.77 14.56 -7.71
C THR F 394 36.20 14.88 -9.09
N MET F 395 36.04 13.86 -9.93
CA MET F 395 35.57 14.08 -11.28
C MET F 395 34.08 14.39 -11.28
N PRO F 396 33.64 15.44 -11.96
CA PRO F 396 32.20 15.68 -12.09
C PRO F 396 31.54 14.55 -12.88
N PRO F 397 30.27 14.26 -12.63
CA PRO F 397 29.63 13.12 -13.30
C PRO F 397 29.61 13.23 -14.82
N VAL F 398 29.44 14.43 -15.37
CA VAL F 398 29.44 14.65 -16.81
C VAL F 398 30.34 15.82 -17.13
N LYS F 399 30.84 15.84 -18.36
CA LYS F 399 31.74 16.90 -18.78
C LYS F 399 31.03 18.26 -18.75
N ASP F 400 31.71 19.24 -18.18
CA ASP F 400 31.16 20.59 -18.02
C ASP F 400 32.31 21.58 -18.11
N SER F 401 32.07 22.82 -17.69
CA SER F 401 33.08 23.87 -17.73
C SER F 401 33.80 24.01 -16.39
N SER F 402 33.91 22.92 -15.62
CA SER F 402 34.69 22.94 -14.41
C SER F 402 36.17 23.10 -14.75
N ARG F 403 36.86 23.96 -14.01
CA ARG F 403 38.22 24.33 -14.36
C ARG F 403 39.03 24.60 -13.10
N MET F 404 40.35 24.58 -13.27
CA MET F 404 41.30 24.95 -12.23
C MET F 404 42.08 26.16 -12.69
N ASP F 405 42.10 27.20 -11.87
CA ASP F 405 42.78 28.45 -12.18
C ASP F 405 44.03 28.59 -11.32
N ILE F 406 45.14 28.95 -11.96
CA ILE F 406 46.40 29.21 -11.27
C ILE F 406 46.63 30.71 -11.27
N SER F 407 46.86 31.27 -10.08
CA SER F 407 47.04 32.70 -9.91
C SER F 407 48.33 32.97 -9.15
N LEU F 408 49.07 33.98 -9.61
CA LEU F 408 50.31 34.42 -8.99
C LEU F 408 50.14 35.84 -8.49
N ASN F 409 50.04 36.01 -7.18
CA ASN F 409 49.85 37.32 -6.56
C ASN F 409 48.61 38.01 -7.11
N ASN F 410 47.49 37.28 -7.12
CA ASN F 410 46.20 37.76 -7.63
C ASN F 410 46.25 38.10 -9.11
N GLN F 411 47.23 37.58 -9.83
CA GLN F 411 47.34 37.75 -11.27
C GLN F 411 47.04 36.41 -11.94
N PHE F 412 45.96 36.36 -12.71
CA PHE F 412 45.60 35.13 -13.41
C PHE F 412 46.71 34.72 -14.36
N LEU F 413 47.07 33.44 -14.33
CA LEU F 413 48.17 32.91 -15.13
C LEU F 413 47.69 31.99 -16.23
N GLN F 414 46.95 30.94 -15.89
CA GLN F 414 46.53 29.95 -16.87
C GLN F 414 45.50 29.03 -16.22
N SER F 415 44.49 28.64 -16.98
CA SER F 415 43.42 27.79 -16.50
C SER F 415 43.46 26.44 -17.22
N PHE F 416 43.11 25.39 -16.48
CA PHE F 416 43.04 24.04 -17.01
C PHE F 416 41.67 23.45 -16.73
N ASN F 417 41.22 22.57 -17.62
CA ASN F 417 39.90 21.97 -17.53
C ASN F 417 39.97 20.62 -16.84
N LEU F 418 38.99 20.34 -15.98
CA LEU F 418 38.95 19.11 -15.21
C LEU F 418 38.10 18.09 -15.97
N SER F 419 38.75 17.21 -16.72
CA SER F 419 38.06 16.16 -17.45
C SER F 419 39.09 15.14 -17.90
N SER F 420 38.83 13.86 -17.63
CA SER F 420 39.73 12.79 -18.02
C SER F 420 39.00 11.45 -18.06
N GLY F 440 46.74 13.16 -13.48
CA GLY F 440 46.60 14.58 -13.76
C GLY F 440 47.88 15.36 -13.56
N LYS F 441 48.75 15.35 -14.55
CA LYS F 441 50.00 16.10 -14.53
C LYS F 441 49.83 17.42 -15.28
N THR F 442 50.76 18.33 -15.03
CA THR F 442 50.70 19.66 -15.63
C THR F 442 52.07 20.31 -15.54
N ASP F 443 52.57 20.75 -16.70
CA ASP F 443 53.85 21.45 -16.78
C ASP F 443 53.59 22.91 -17.13
N VAL F 444 54.09 23.82 -16.29
CA VAL F 444 53.88 25.25 -16.48
C VAL F 444 55.23 25.96 -16.41
N SER F 445 55.31 27.11 -17.05
CA SER F 445 56.46 28.00 -16.97
C SER F 445 56.02 29.32 -16.37
N ILE F 446 56.68 29.74 -15.31
CA ILE F 446 56.35 30.95 -14.57
C ILE F 446 57.44 31.98 -14.81
N PRO F 447 57.14 33.12 -15.43
CA PRO F 447 58.11 34.21 -15.49
C PRO F 447 58.46 34.69 -14.09
N ALA F 448 59.73 35.00 -13.88
CA ALA F 448 60.25 35.31 -12.55
C ALA F 448 60.83 36.71 -12.55
N LEU F 449 60.06 37.67 -12.01
CA LEU F 449 60.54 39.03 -11.80
C LEU F 449 60.08 39.57 -10.45
N LYS F 450 59.64 38.70 -9.55
CA LYS F 450 59.17 39.07 -8.21
C LYS F 450 60.16 38.63 -7.15
N LEU F 451 61.45 38.78 -7.45
CA LEU F 451 62.50 38.34 -6.55
C LEU F 451 62.46 39.14 -5.24
N GLY F 452 62.84 38.47 -4.15
CA GLY F 452 62.87 39.11 -2.85
C GLY F 452 61.58 38.96 -2.06
N ALA F 453 60.52 39.62 -2.52
CA ALA F 453 59.26 39.59 -1.81
C ALA F 453 58.59 38.22 -1.92
N THR F 454 57.63 37.98 -1.04
CA THR F 454 56.93 36.70 -1.02
C THR F 454 55.93 36.63 -2.18
N ASN F 455 55.83 35.44 -2.78
CA ASN F 455 54.91 35.19 -3.88
C ASN F 455 53.91 34.13 -3.46
N GLN F 456 52.63 34.39 -3.72
CA GLN F 456 51.55 33.47 -3.39
C GLN F 456 51.11 32.75 -4.66
N LEU F 457 51.24 31.43 -4.67
CA LEU F 457 50.78 30.60 -5.77
C LEU F 457 49.43 30.00 -5.41
N ARG F 458 48.40 30.40 -6.14
CA ARG F 458 47.02 30.04 -5.82
C ARG F 458 46.45 29.08 -6.85
N PHE F 459 45.83 28.00 -6.37
CA PHE F 459 45.14 27.03 -7.21
C PHE F 459 43.66 27.07 -6.84
N ASP F 460 42.83 27.54 -7.78
CA ASP F 460 41.40 27.72 -7.55
C ASP F 460 40.64 26.68 -8.36
N PHE F 461 39.96 25.78 -7.66
CA PHE F 461 39.15 24.74 -8.30
C PHE F 461 37.69 25.17 -8.27
N GLU F 462 37.17 25.53 -9.43
CA GLU F 462 35.78 25.97 -9.56
C GLU F 462 34.96 24.86 -10.22
N TYR F 463 33.94 24.39 -9.51
CA TYR F 463 33.06 23.33 -9.99
C TYR F 463 31.73 23.92 -10.42
N MET F 464 31.21 23.45 -11.56
CA MET F 464 29.93 23.93 -12.04
C MET F 464 28.77 23.45 -11.19
N ASN F 465 28.90 22.24 -10.61
CA ASN F 465 27.86 21.63 -9.79
C ASN F 465 26.55 21.53 -10.57
N PRO F 466 26.48 20.68 -11.59
CA PRO F 466 25.28 20.64 -12.43
C PRO F 466 24.07 20.13 -11.67
N MET F 467 22.89 20.58 -12.11
CA MET F 467 21.64 20.17 -11.51
C MET F 467 21.11 18.92 -12.21
N PRO F 468 20.90 17.81 -11.49
CA PRO F 468 20.40 16.57 -12.09
C PRO F 468 18.95 16.69 -12.57
N CYS F 475 9.02 18.99 -8.29
CA CYS F 475 10.40 18.87 -8.73
C CYS F 475 11.11 17.74 -8.00
N ILE F 476 12.44 17.80 -7.98
CA ILE F 476 13.27 16.79 -7.34
C ILE F 476 14.24 17.49 -6.40
N THR F 477 14.29 17.04 -5.15
CA THR F 477 15.18 17.58 -4.14
C THR F 477 16.31 16.59 -3.88
N PHE F 478 17.54 17.10 -3.87
CA PHE F 478 18.72 16.26 -3.73
C PHE F 478 19.70 16.92 -2.77
N GLN F 479 20.56 16.09 -2.19
CA GLN F 479 21.61 16.56 -1.30
C GLN F 479 22.90 16.72 -2.09
N PRO F 480 23.49 17.92 -2.14
CA PRO F 480 24.73 18.10 -2.91
C PRO F 480 25.88 17.31 -2.32
N VAL F 481 26.79 16.89 -3.19
CA VAL F 481 27.94 16.08 -2.81
C VAL F 481 29.17 16.97 -2.78
N GLN F 482 29.94 16.87 -1.70
CA GLN F 482 31.17 17.64 -1.57
C GLN F 482 32.24 17.12 -2.53
N ASN F 483 33.18 18.00 -2.87
CA ASN F 483 34.26 17.69 -3.79
C ASN F 483 35.60 17.78 -3.07
N HIS F 484 36.54 16.92 -3.47
CA HIS F 484 37.87 16.88 -2.90
C HIS F 484 38.88 17.22 -3.98
N VAL F 485 39.79 18.15 -3.68
CA VAL F 485 40.87 18.53 -4.57
C VAL F 485 42.18 18.48 -3.80
N VAL F 486 43.19 17.86 -4.37
CA VAL F 486 44.48 17.65 -3.72
C VAL F 486 45.59 18.05 -4.68
N ILE F 487 46.54 18.85 -4.19
CA ILE F 487 47.77 19.15 -4.91
C ILE F 487 48.87 18.29 -4.31
N GLY F 488 49.60 17.57 -5.17
CA GLY F 488 50.54 16.59 -4.68
C GLY F 488 51.73 17.22 -3.98
N ASP F 489 52.26 16.49 -3.00
CA ASP F 489 53.47 16.92 -2.30
C ASP F 489 54.73 16.67 -3.11
N ASP F 490 54.65 15.83 -4.14
CA ASP F 490 55.77 15.56 -5.03
C ASP F 490 55.87 16.56 -6.17
N SER F 491 54.95 17.53 -6.24
CA SER F 491 55.04 18.58 -7.23
C SER F 491 56.35 19.35 -7.05
N THR F 492 57.04 19.59 -8.16
CA THR F 492 58.42 20.07 -8.12
C THR F 492 58.52 21.43 -8.81
N ILE F 493 59.16 22.37 -8.13
CA ILE F 493 59.58 23.63 -8.72
C ILE F 493 61.10 23.72 -8.59
N ASP F 494 61.77 24.17 -9.65
CA ASP F 494 63.21 24.08 -9.75
C ASP F 494 63.84 25.45 -9.75
N PHE F 495 64.88 25.62 -8.94
CA PHE F 495 65.67 26.85 -8.91
C PHE F 495 67.17 26.59 -8.79
N SER F 496 67.61 25.33 -8.79
CA SER F 496 69.00 25.02 -8.51
C SER F 496 69.93 25.31 -9.68
N LYS F 497 69.42 25.27 -10.91
CA LYS F 497 70.25 25.37 -12.11
C LYS F 497 70.33 26.78 -12.65
N TYR F 498 70.27 27.79 -11.79
CA TYR F 498 70.34 29.19 -12.21
C TYR F 498 71.59 29.84 -11.61
N TYR F 499 71.73 31.14 -11.85
CA TYR F 499 72.90 31.89 -11.43
C TYR F 499 72.44 33.10 -10.63
N HIS F 500 73.39 33.74 -9.95
CA HIS F 500 73.12 34.84 -9.04
C HIS F 500 73.72 36.13 -9.59
N PHE F 501 72.86 37.03 -10.08
CA PHE F 501 73.35 38.25 -10.72
C PHE F 501 72.29 39.34 -10.85
N ILE F 502 72.44 40.45 -10.13
CA ILE F 502 71.63 41.67 -10.25
C ILE F 502 72.54 42.85 -9.91
N PRO F 503 72.35 44.06 -10.52
CA PRO F 503 73.09 45.24 -10.04
C PRO F 503 72.78 45.57 -8.60
N MET F 504 73.81 45.56 -7.75
CA MET F 504 73.60 45.63 -6.31
C MET F 504 72.92 46.91 -5.83
N PRO F 505 73.27 48.13 -6.31
CA PRO F 505 72.74 49.33 -5.66
C PRO F 505 71.26 49.54 -5.88
N ASP F 506 70.44 48.61 -5.39
CA ASP F 506 68.99 48.76 -5.38
C ASP F 506 68.49 48.66 -3.95
N LEU F 507 67.72 49.66 -3.53
CA LEU F 507 67.12 49.63 -2.20
C LEU F 507 65.91 48.73 -2.12
N ARG F 508 65.36 48.32 -3.26
CA ARG F 508 64.27 47.34 -3.25
C ARG F 508 64.75 46.02 -2.68
N ALA F 509 65.94 45.58 -3.06
CA ALA F 509 66.49 44.34 -2.52
C ALA F 509 66.68 44.46 -1.01
N PHE F 510 67.16 45.61 -0.54
CA PHE F 510 67.27 45.83 0.90
C PHE F 510 65.91 45.73 1.57
N ALA F 511 64.98 46.60 1.19
CA ALA F 511 63.68 46.66 1.83
C ALA F 511 62.90 45.36 1.71
N ASN F 512 63.28 44.48 0.78
CA ASN F 512 62.58 43.21 0.64
C ASN F 512 63.23 42.06 1.38
N ALA F 513 64.57 41.95 1.38
CA ALA F 513 65.20 40.80 1.99
C ALA F 513 66.47 41.09 2.78
N GLY F 514 66.94 42.33 2.86
CA GLY F 514 68.24 42.61 3.44
C GLY F 514 69.37 41.93 2.68
N PHE F 515 69.28 41.92 1.35
CA PHE F 515 70.09 40.99 0.56
C PHE F 515 71.59 41.12 0.77
N PRO F 516 72.21 42.30 0.71
CA PRO F 516 73.66 42.35 0.89
C PRO F 516 74.12 41.75 2.20
N PHE F 517 73.33 41.88 3.26
CA PHE F 517 73.65 41.27 4.54
C PHE F 517 73.01 39.90 4.72
N SER F 518 71.92 39.62 4.02
CA SER F 518 71.22 38.35 4.18
C SER F 518 71.74 37.26 3.24
N ARG F 519 72.70 37.58 2.36
CA ARG F 519 73.35 36.54 1.59
C ARG F 519 73.98 35.50 2.49
N MET F 520 74.44 35.91 3.66
CA MET F 520 74.80 35.01 4.75
C MET F 520 73.77 35.17 5.86
N ALA F 521 73.05 34.09 6.16
CA ALA F 521 71.96 34.18 7.12
C ALA F 521 72.45 34.57 8.50
N ASP F 522 73.60 34.03 8.92
CA ASP F 522 74.20 34.35 10.20
C ASP F 522 74.87 35.72 10.21
N LEU F 523 74.84 36.44 9.09
CA LEU F 523 75.48 37.76 8.98
C LEU F 523 76.97 37.67 9.29
N SER F 524 77.60 36.58 8.83
CA SER F 524 79.03 36.42 9.03
C SER F 524 79.83 37.47 8.28
N GLN F 525 79.48 37.71 7.02
CA GLN F 525 80.17 38.69 6.19
C GLN F 525 79.44 40.03 6.22
N THR F 526 79.32 40.59 7.43
CA THR F 526 78.65 41.86 7.64
C THR F 526 79.22 42.52 8.88
N ILE F 527 79.59 43.79 8.74
CA ILE F 527 80.12 44.59 9.85
C ILE F 527 79.22 45.80 10.03
N THR F 528 78.79 46.05 11.25
CA THR F 528 77.94 47.19 11.58
C THR F 528 78.74 48.20 12.38
N VAL F 529 78.68 49.46 11.97
CA VAL F 529 79.37 50.56 12.63
C VAL F 529 78.35 51.41 13.35
N MET F 530 78.56 51.62 14.64
CA MET F 530 77.66 52.36 15.51
C MET F 530 78.40 53.50 16.21
N PRO F 531 77.67 54.52 16.64
CA PRO F 531 78.31 55.61 17.38
C PRO F 531 78.88 55.13 18.71
N LYS F 532 79.81 55.93 19.25
CA LYS F 532 80.53 55.54 20.46
C LYS F 532 79.57 55.24 21.61
N ALA F 533 78.80 56.24 22.04
CA ALA F 533 77.79 56.07 23.08
C ALA F 533 76.43 56.17 22.43
N PRO F 534 75.85 55.05 21.98
CA PRO F 534 74.61 55.11 21.20
C PRO F 534 73.45 55.64 22.04
N ASN F 535 72.57 56.38 21.38
CA ASN F 535 71.34 56.83 22.00
C ASN F 535 70.30 55.71 21.97
N GLU F 536 69.17 55.96 22.63
CA GLU F 536 68.07 54.99 22.59
C GLU F 536 67.59 54.77 21.16
N ALA F 537 67.43 55.86 20.39
CA ALA F 537 67.04 55.71 19.00
C ALA F 537 68.12 55.05 18.15
N GLN F 538 69.39 55.33 18.46
CA GLN F 538 70.48 54.72 17.71
C GLN F 538 70.57 53.22 17.97
N MET F 539 70.21 52.77 19.16
CA MET F 539 70.11 51.34 19.40
C MET F 539 68.84 50.76 18.80
N GLU F 540 67.75 51.54 18.81
CA GLU F 540 66.49 51.07 18.28
C GLU F 540 66.57 50.80 16.78
N THR F 541 67.25 51.68 16.04
CA THR F 541 67.36 51.47 14.60
C THR F 541 68.16 50.20 14.29
N LEU F 542 69.25 49.96 15.02
CA LEU F 542 70.03 48.75 14.82
C LEU F 542 69.21 47.51 15.15
N LEU F 543 68.49 47.54 16.27
CA LEU F 543 67.66 46.40 16.64
C LEU F 543 66.58 46.16 15.59
N ASN F 544 65.95 47.22 15.08
CA ASN F 544 64.90 47.07 14.10
C ASN F 544 65.43 46.51 12.79
N THR F 545 66.57 47.01 12.32
CA THR F 545 67.10 46.53 11.04
C THR F 545 67.58 45.08 11.15
N VAL F 546 68.22 44.72 12.27
CA VAL F 546 68.65 43.35 12.45
C VAL F 546 67.45 42.42 12.59
N GLY F 547 66.39 42.87 13.25
CA GLY F 547 65.19 42.07 13.34
C GLY F 547 64.50 41.89 12.00
N PHE F 548 64.50 42.95 11.17
CA PHE F 548 63.93 42.84 9.82
C PHE F 548 64.72 41.85 8.98
N ILE F 549 66.06 41.90 9.06
CA ILE F 549 66.88 40.95 8.33
C ILE F 549 66.61 39.53 8.82
N GLY F 550 66.51 39.36 10.13
CA GLY F 550 66.21 38.04 10.67
C GLY F 550 64.84 37.53 10.26
N ALA F 551 63.86 38.43 10.17
CA ALA F 551 62.53 38.03 9.72
C ALA F 551 62.56 37.60 8.26
N GLN F 552 63.34 38.29 7.43
CA GLN F 552 63.41 37.91 6.03
C GLN F 552 64.18 36.61 5.84
N THR F 553 65.18 36.36 6.68
CA THR F 553 66.03 35.18 6.50
C THR F 553 65.43 33.93 7.14
N GLY F 554 64.83 34.07 8.31
CA GLY F 554 64.45 32.93 9.11
C GLY F 554 65.55 32.38 10.00
N PHE F 555 66.67 33.09 10.12
CA PHE F 555 67.81 32.63 10.90
C PHE F 555 68.36 33.78 11.74
N PRO F 556 68.82 33.50 12.95
CA PRO F 556 69.45 34.54 13.77
C PRO F 556 70.80 34.96 13.22
N ALA F 557 71.20 36.18 13.56
CA ALA F 557 72.47 36.74 13.11
C ALA F 557 73.53 36.54 14.20
N ILE F 558 73.90 35.27 14.38
CA ILE F 558 74.79 34.91 15.48
C ILE F 558 76.19 35.47 15.24
N ASN F 559 76.64 35.51 14.00
CA ASN F 559 78.00 35.89 13.67
C ASN F 559 78.11 37.35 13.22
N LEU F 560 77.14 38.19 13.60
CA LEU F 560 77.22 39.60 13.26
C LEU F 560 78.33 40.28 14.05
N THR F 561 79.08 41.15 13.37
CA THR F 561 80.17 41.89 13.99
C THR F 561 79.81 43.37 14.04
N VAL F 562 79.86 43.94 15.24
CA VAL F 562 79.60 45.36 15.46
C VAL F 562 80.90 46.02 15.87
N THR F 563 81.03 47.31 15.56
CA THR F 563 82.23 48.06 15.91
C THR F 563 81.86 49.48 16.28
N ASP F 564 82.75 50.12 17.04
CA ASP F 564 82.58 51.50 17.47
C ASP F 564 83.41 52.49 16.67
N ASP F 565 84.55 52.05 16.12
CA ASP F 565 85.43 52.91 15.34
C ASP F 565 85.46 52.41 13.90
N GLY F 566 85.51 53.34 12.96
CA GLY F 566 85.49 52.98 11.55
C GLY F 566 86.79 52.49 11.00
N SER F 567 87.87 52.49 11.78
CA SER F 567 89.18 52.12 11.26
C SER F 567 89.36 50.62 11.09
N THR F 568 88.53 49.79 11.75
CA THR F 568 88.68 48.35 11.63
C THR F 568 88.17 47.83 10.29
N ILE F 569 87.16 48.49 9.70
CA ILE F 569 86.54 48.00 8.47
C ILE F 569 87.43 48.19 7.26
N GLN F 570 88.60 48.81 7.42
CA GLN F 570 89.50 49.03 6.30
C GLN F 570 90.11 47.71 5.84
N GLY F 571 90.07 47.47 4.54
CA GLY F 571 90.67 46.27 3.97
C GLY F 571 90.06 44.97 4.47
N LYS F 572 88.73 44.91 4.53
CA LYS F 572 88.03 43.71 4.98
C LYS F 572 87.01 43.28 3.95
N ASP F 573 87.00 41.99 3.63
CA ASP F 573 86.06 41.43 2.65
C ASP F 573 84.73 41.11 3.37
N ALA F 574 84.01 42.16 3.71
CA ALA F 574 82.73 42.03 4.38
C ALA F 574 81.91 43.28 4.14
N ASP F 575 80.60 43.09 3.99
CA ASP F 575 79.69 44.22 3.81
C ASP F 575 79.60 45.04 5.08
N ILE F 576 79.32 46.34 4.91
CA ILE F 576 79.30 47.29 6.00
C ILE F 576 77.91 47.92 6.08
N MET F 577 77.39 48.03 7.30
CA MET F 577 76.11 48.68 7.56
C MET F 577 76.35 49.78 8.60
N ILE F 578 76.27 51.03 8.16
CA ILE F 578 76.63 52.18 8.98
C ILE F 578 75.36 52.83 9.51
N ILE F 579 75.36 53.15 10.80
CA ILE F 579 74.29 53.91 11.44
C ILE F 579 74.90 55.17 12.02
N GLY F 580 74.37 56.32 11.64
CA GLY F 580 74.91 57.58 12.09
C GLY F 580 73.99 58.73 11.78
N GLY F 581 74.58 59.92 11.73
CA GLY F 581 73.83 61.13 11.43
C GLY F 581 74.29 61.84 10.18
N GLY F 634 61.41 69.03 8.80
CA GLY F 634 62.67 69.30 9.47
C GLY F 634 63.52 68.06 9.66
N ALA F 635 62.94 67.04 10.27
CA ALA F 635 63.65 65.78 10.49
C ALA F 635 63.92 65.10 9.15
N MET F 636 65.14 64.62 8.99
CA MET F 636 65.57 63.97 7.75
C MET F 636 66.20 62.63 8.07
N ALA F 637 65.74 61.58 7.40
CA ALA F 637 66.31 60.25 7.51
C ALA F 637 66.69 59.77 6.12
N ALA F 638 67.91 59.29 5.96
CA ALA F 638 68.44 58.92 4.65
C ALA F 638 69.01 57.51 4.68
N VAL F 639 68.70 56.74 3.64
CA VAL F 639 69.30 55.42 3.41
C VAL F 639 70.12 55.51 2.14
N ILE F 640 71.42 55.22 2.25
CA ILE F 640 72.35 55.37 1.14
C ILE F 640 73.03 54.02 0.89
N GLY F 641 73.08 53.63 -0.37
CA GLY F 641 73.78 52.42 -0.75
C GLY F 641 74.78 52.65 -1.86
N PHE F 642 76.00 52.15 -1.70
CA PHE F 642 77.04 52.34 -2.69
C PHE F 642 78.06 51.21 -2.58
N GLN F 643 78.94 51.16 -3.57
CA GLN F 643 79.93 50.09 -3.64
C GLN F 643 80.98 50.22 -2.53
N SER F 644 81.43 49.07 -2.05
CA SER F 644 82.46 49.06 -1.01
C SER F 644 83.82 49.35 -1.63
N PRO F 645 84.56 50.34 -1.14
CA PRO F 645 85.88 50.63 -1.71
C PRO F 645 86.87 49.49 -1.59
N TYR F 646 86.78 48.69 -0.54
CA TYR F 646 87.79 47.67 -0.25
C TYR F 646 87.53 46.34 -0.92
N ASN F 647 86.42 46.20 -1.64
CA ASN F 647 86.12 44.96 -2.36
C ASN F 647 85.06 45.26 -3.40
N ASP F 648 85.31 44.84 -4.64
CA ASP F 648 84.42 45.19 -5.74
C ASP F 648 83.05 44.52 -5.62
N GLN F 649 83.00 43.33 -5.01
CA GLN F 649 81.76 42.57 -4.91
C GLN F 649 81.00 42.82 -3.61
N ARG F 650 81.47 43.73 -2.76
CA ARG F 650 80.81 44.04 -1.51
C ARG F 650 80.01 45.33 -1.64
N SER F 651 79.38 45.75 -0.55
CA SER F 651 78.53 46.92 -0.58
C SER F 651 78.41 47.53 0.81
N VAL F 652 77.93 48.78 0.83
CA VAL F 652 77.73 49.52 2.06
C VAL F 652 76.34 50.15 2.01
N ILE F 653 75.55 49.94 3.06
CA ILE F 653 74.24 50.56 3.20
C ILE F 653 74.26 51.38 4.49
N ALA F 654 73.98 52.67 4.37
CA ALA F 654 74.07 53.60 5.49
C ALA F 654 72.67 54.00 5.94
N LEU F 655 72.45 53.97 7.25
CA LEU F 655 71.18 54.37 7.85
C LEU F 655 71.45 55.63 8.67
N LEU F 656 71.22 56.78 8.04
CA LEU F 656 71.54 58.07 8.63
C LEU F 656 70.26 58.82 9.00
N ALA F 657 70.29 59.49 10.16
CA ALA F 657 69.19 60.33 10.60
C ALA F 657 69.72 61.34 11.60
N ASP F 658 69.31 62.60 11.45
CA ASP F 658 69.84 63.66 12.29
C ASP F 658 69.09 63.76 13.61
N SER F 659 67.78 64.01 13.55
CA SER F 659 67.00 64.21 14.75
C SER F 659 66.49 62.88 15.31
N PRO F 660 66.16 62.85 16.60
CA PRO F 660 65.47 61.66 17.13
C PRO F 660 64.18 61.37 16.40
N ARG F 661 63.44 62.41 16.01
CA ARG F 661 62.26 62.25 15.17
C ARG F 661 62.63 61.59 13.85
N GLY F 662 63.80 61.97 13.31
CA GLY F 662 64.26 61.35 12.08
C GLY F 662 64.55 59.86 12.27
N TYR F 663 65.18 59.51 13.39
CA TYR F 663 65.40 58.10 13.69
C TYR F 663 64.08 57.35 13.84
N GLU F 664 63.11 57.99 14.51
CA GLU F 664 61.81 57.35 14.70
C GLU F 664 61.10 57.10 13.37
N MET F 665 61.12 58.10 12.47
CA MET F 665 60.46 57.90 11.18
C MET F 665 61.22 56.91 10.31
N LEU F 666 62.56 56.85 10.44
CA LEU F 666 63.31 55.83 9.74
C LEU F 666 62.93 54.44 10.22
N ASN F 667 62.78 54.26 11.53
CA ASN F 667 62.33 52.97 12.06
C ASN F 667 60.93 52.64 11.59
N ASP F 668 60.04 53.64 11.56
CA ASP F 668 58.69 53.41 11.07
C ASP F 668 58.70 52.97 9.62
N ALA F 669 59.53 53.61 8.79
CA ALA F 669 59.63 53.23 7.39
C ALA F 669 60.18 51.82 7.24
N VAL F 670 61.17 51.46 8.06
CA VAL F 670 61.78 50.14 7.91
C VAL F 670 60.84 49.05 8.43
N ASN F 671 59.94 49.38 9.36
CA ASN F 671 59.02 48.37 9.89
C ASN F 671 57.66 48.37 9.22
N ASP F 672 57.36 49.35 8.37
CA ASP F 672 56.10 49.40 7.64
C ASP F 672 56.30 48.83 6.24
N SER F 673 55.53 47.79 5.91
CA SER F 673 55.66 47.14 4.61
C SER F 673 55.29 48.08 3.48
N GLY F 674 54.24 48.87 3.65
CA GLY F 674 53.86 49.81 2.61
C GLY F 674 54.92 50.86 2.34
N LYS F 675 55.53 51.39 3.40
CA LYS F 675 56.61 52.35 3.22
C LYS F 675 57.84 51.68 2.60
N ARG F 676 58.14 50.44 3.00
CA ARG F 676 59.27 49.74 2.40
C ARG F 676 59.04 49.45 0.93
N ALA F 677 57.79 49.27 0.52
CA ALA F 677 57.48 49.06 -0.89
C ALA F 677 57.71 50.29 -1.75
N THR F 678 57.85 51.47 -1.13
CA THR F 678 58.10 52.71 -1.86
C THR F 678 59.57 53.12 -1.80
N MET F 679 60.47 52.19 -1.51
CA MET F 679 61.90 52.46 -1.44
C MET F 679 62.59 51.74 -2.58
N PHE F 680 63.36 52.47 -3.37
CA PHE F 680 64.09 51.92 -4.51
C PHE F 680 65.29 52.81 -4.79
N GLY F 681 65.96 52.55 -5.91
CA GLY F 681 67.10 53.36 -6.27
C GLY F 681 68.30 53.10 -5.36
N SER F 682 69.16 54.12 -5.28
CA SER F 682 70.36 54.06 -4.45
C SER F 682 70.31 54.92 -3.22
N VAL F 683 69.47 55.96 -3.19
CA VAL F 683 69.36 56.85 -2.04
C VAL F 683 67.87 57.11 -1.80
N ALA F 684 67.45 56.93 -0.54
CA ALA F 684 66.09 57.23 -0.13
C ALA F 684 66.13 58.23 1.01
N VAL F 685 65.27 59.25 0.93
CA VAL F 685 65.20 60.31 1.93
C VAL F 685 63.81 60.28 2.53
N ILE F 686 63.73 60.23 3.86
CA ILE F 686 62.48 60.12 4.59
C ILE F 686 62.23 61.44 5.31
N ARG F 687 61.10 62.07 4.99
CA ARG F 687 60.65 63.28 5.66
C ARG F 687 59.16 63.16 5.93
N GLU F 688 58.63 64.10 6.72
CA GLU F 688 57.22 64.06 7.07
C GLU F 688 56.32 64.22 5.85
N SER F 689 56.83 64.81 4.77
CA SER F 689 56.04 64.97 3.55
C SER F 689 55.90 63.68 2.76
N GLY F 690 56.71 62.67 3.04
CA GLY F 690 56.64 61.41 2.34
C GLY F 690 58.01 60.79 2.21
N ILE F 691 58.09 59.77 1.36
CA ILE F 691 59.32 59.04 1.11
C ILE F 691 59.69 59.23 -0.37
N ASN F 692 60.89 59.75 -0.60
CA ASN F 692 61.39 59.98 -1.95
C ASN F 692 62.70 59.22 -2.13
N SER F 693 62.87 58.62 -3.30
CA SER F 693 64.06 57.84 -3.61
C SER F 693 64.48 58.11 -5.04
N LEU F 694 65.72 58.56 -5.21
CA LEU F 694 66.27 58.86 -6.51
C LEU F 694 67.52 58.00 -6.74
N ARG F 695 67.63 57.42 -7.92
CA ARG F 695 68.79 56.61 -8.28
C ARG F 695 69.93 57.54 -8.65
N VAL F 696 70.99 57.52 -7.86
CA VAL F 696 72.16 58.38 -8.07
C VAL F 696 73.41 57.52 -7.99
N GLY F 697 74.50 58.06 -8.52
CA GLY F 697 75.76 57.34 -8.55
C GLY F 697 75.82 56.35 -9.70
N ASP F 698 76.94 55.61 -9.72
CA ASP F 698 77.15 54.63 -10.77
C ASP F 698 76.41 53.34 -10.46
N VAL F 699 76.50 52.37 -11.36
CA VAL F 699 75.85 51.08 -11.23
C VAL F 699 76.88 49.99 -11.46
N TYR F 700 76.97 49.05 -10.52
CA TYR F 700 77.87 47.91 -10.63
C TYR F 700 77.11 46.63 -10.32
N TYR F 701 77.73 45.51 -10.66
CA TYR F 701 77.09 44.21 -10.62
C TYR F 701 77.85 43.27 -9.69
N VAL F 702 77.10 42.39 -9.02
CA VAL F 702 77.65 41.36 -8.15
C VAL F 702 77.17 40.00 -8.62
N GLY F 703 78.06 39.02 -8.53
CA GLY F 703 77.76 37.68 -8.95
C GLY F 703 78.97 37.01 -9.55
N HIS F 704 78.75 35.81 -10.08
CA HIS F 704 79.81 34.98 -10.66
C HIS F 704 79.38 34.43 -12.01
N LEU F 705 78.87 35.31 -12.87
CA LEU F 705 78.41 34.89 -14.18
C LEU F 705 79.55 34.29 -14.99
N PRO F 706 79.37 33.14 -15.63
CA PRO F 706 80.42 32.58 -16.48
C PRO F 706 80.60 33.41 -17.75
N TRP F 707 81.78 33.23 -18.37
CA TRP F 707 82.14 34.03 -19.53
C TRP F 707 81.21 33.76 -20.71
N PHE F 708 80.94 32.48 -20.99
CA PHE F 708 80.13 32.17 -22.17
C PHE F 708 78.69 32.60 -21.98
N GLU F 709 78.17 32.50 -20.75
CA GLU F 709 76.83 33.00 -20.48
C GLU F 709 76.76 34.51 -20.69
N ARG F 710 77.80 35.23 -20.25
CA ARG F 710 77.86 36.66 -20.49
C ARG F 710 77.89 36.97 -21.98
N LEU F 711 78.66 36.21 -22.74
CA LEU F 711 78.74 36.43 -24.18
C LEU F 711 77.39 36.18 -24.85
N TRP F 712 76.70 35.11 -24.46
CA TRP F 712 75.39 34.81 -25.03
C TRP F 712 74.38 35.90 -24.68
N TYR F 713 74.39 36.37 -23.43
CA TYR F 713 73.49 37.44 -23.03
C TYR F 713 73.77 38.72 -23.80
N ALA F 714 75.05 39.05 -24.00
CA ALA F 714 75.40 40.25 -24.75
C ALA F 714 74.97 40.13 -26.21
N LEU F 715 75.17 38.95 -26.82
CA LEU F 715 74.76 38.76 -28.21
C LEU F 715 73.25 38.84 -28.36
N ALA F 716 72.51 38.25 -27.43
CA ALA F 716 71.05 38.25 -27.50
C ALA F 716 70.49 39.66 -27.37
#